data_5HZT
#
_entry.id   5HZT
#
_cell.length_a   72.268
_cell.length_b   105.961
_cell.length_c   108.030
_cell.angle_alpha   115.890
_cell.angle_beta   107.680
_cell.angle_gamma   94.120
#
_symmetry.space_group_name_H-M   'P 1'
#
loop_
_entity.id
_entity.type
_entity.pdbx_description
1 polymer 'Fluorescent protein Dronpa'
2 non-polymer 'COPPER (II) ION'
3 water water
#
_entity_poly.entity_id   1
_entity_poly.type   'polypeptide(L)'
_entity_poly.pdbx_seq_one_letter_code
;SVIKPDMKIKLRMEGAVNGHPFAIEGVGLGKPFEGKQSMDLKVKEGGPLPFAYDILTTVF(GYS)NRVFAKYPENIVDYF
KQSFPEGYSWERSMNYEDGGICNATNDITLDGDCYIYEIRFDGVNFPANGPVMQKRTVKWEPSTEKLYVRDGVLKGDVNM
ALSLEGGGHYRCDFKTTYKAKKVVQLPDYHFVDHHIEIKSHDKDYSNVNLHEHAEAHSE
;
_entity_poly.pdbx_strand_id   A,B,C,D,E,F,G,H,I,J,K,L
#
loop_
_chem_comp.id
_chem_comp.type
_chem_comp.name
_chem_comp.formula
CU non-polymer 'COPPER (II) ION' 'Cu 2'
#
# COMPACT_ATOMS: atom_id res chain seq x y z
N VAL A 2 15.51 0.59 -49.48
CA VAL A 2 15.77 1.59 -48.38
C VAL A 2 15.14 1.10 -47.06
N ILE A 3 14.04 0.35 -47.17
CA ILE A 3 13.46 -0.47 -46.08
C ILE A 3 14.10 -1.89 -46.00
N LYS A 4 14.71 -2.23 -44.87
CA LYS A 4 15.45 -3.50 -44.73
C LYS A 4 14.62 -4.61 -44.06
N PRO A 5 14.95 -5.90 -44.32
CA PRO A 5 14.23 -7.00 -43.67
C PRO A 5 14.22 -7.04 -42.13
N ASP A 6 15.28 -6.50 -41.50
CA ASP A 6 15.34 -6.37 -40.04
C ASP A 6 15.61 -4.91 -39.70
N MET A 7 14.72 -4.29 -38.92
CA MET A 7 14.91 -2.89 -38.52
C MET A 7 14.67 -2.68 -37.04
N LYS A 8 15.37 -1.70 -36.49
CA LYS A 8 15.30 -1.39 -35.07
C LYS A 8 14.34 -0.24 -34.82
N ILE A 9 13.82 -0.16 -33.62
CA ILE A 9 12.90 0.89 -33.26
C ILE A 9 13.36 1.54 -31.96
N LYS A 10 13.43 2.87 -31.97
CA LYS A 10 13.67 3.65 -30.75
C LYS A 10 12.57 4.69 -30.68
N LEU A 11 11.91 4.75 -29.53
CA LEU A 11 10.80 5.68 -29.37
C LEU A 11 10.79 6.32 -28.01
N ARG A 12 10.32 7.56 -27.98
CA ARG A 12 10.00 8.22 -26.73
C ARG A 12 8.59 8.78 -26.84
N MET A 13 7.74 8.47 -25.85
CA MET A 13 6.42 9.05 -25.75
C MET A 13 6.39 10.00 -24.58
N GLU A 14 5.91 11.21 -24.80
CA GLU A 14 5.60 12.12 -23.71
C GLU A 14 4.11 12.36 -23.75
N GLY A 15 3.45 12.24 -22.61
CA GLY A 15 2.02 12.38 -22.59
C GLY A 15 1.38 12.76 -21.27
N ALA A 16 0.04 12.81 -21.26
CA ALA A 16 -0.70 12.97 -20.03
C ALA A 16 -2.06 12.32 -20.18
N VAL A 17 -2.63 11.89 -19.06
CA VAL A 17 -3.96 11.38 -19.04
C VAL A 17 -4.69 12.02 -17.89
N ASN A 18 -5.90 12.52 -18.15
CA ASN A 18 -6.64 13.34 -17.20
C ASN A 18 -5.74 14.32 -16.45
N GLY A 19 -4.82 14.98 -17.15
CA GLY A 19 -3.94 15.95 -16.52
C GLY A 19 -2.69 15.42 -15.80
N HIS A 20 -2.55 14.11 -15.61
CA HIS A 20 -1.38 13.51 -14.94
C HIS A 20 -0.30 13.14 -15.94
N PRO A 21 0.85 13.86 -15.95
CA PRO A 21 1.84 13.66 -17.03
C PRO A 21 2.70 12.45 -16.82
N PHE A 22 3.22 11.89 -17.90
CA PHE A 22 4.11 10.75 -17.82
C PHE A 22 4.99 10.69 -19.06
N ALA A 23 5.97 9.80 -19.04
CA ALA A 23 6.81 9.57 -20.22
C ALA A 23 7.27 8.15 -20.25
N ILE A 24 7.48 7.66 -21.47
CA ILE A 24 7.84 6.26 -21.69
C ILE A 24 8.85 6.23 -22.82
N GLU A 25 9.85 5.38 -22.66
CA GLU A 25 10.86 5.18 -23.70
C GLU A 25 10.84 3.72 -24.05
N GLY A 26 11.23 3.42 -25.27
CA GLY A 26 11.24 2.03 -25.70
C GLY A 26 12.23 1.74 -26.79
N VAL A 27 12.68 0.50 -26.83
CA VAL A 27 13.50 0.01 -27.94
C VAL A 27 12.86 -1.26 -28.43
N GLY A 28 13.04 -1.53 -29.72
CA GLY A 28 12.50 -2.77 -30.27
C GLY A 28 13.07 -3.04 -31.63
N LEU A 29 12.56 -4.10 -32.25
CA LEU A 29 12.96 -4.46 -33.60
C LEU A 29 11.78 -5.11 -34.28
N GLY A 30 11.71 -4.97 -35.61
CA GLY A 30 10.65 -5.62 -36.36
C GLY A 30 11.04 -5.93 -37.78
N LYS A 31 10.20 -6.71 -38.44
CA LYS A 31 10.44 -7.16 -39.80
C LYS A 31 9.38 -6.60 -40.72
N PRO A 32 9.70 -5.49 -41.39
CA PRO A 32 8.70 -4.76 -42.20
C PRO A 32 7.93 -5.62 -43.19
N PHE A 33 8.63 -6.48 -43.90
CA PHE A 33 8.00 -7.28 -44.94
C PHE A 33 7.30 -8.50 -44.35
N GLU A 34 7.72 -8.95 -43.18
CA GLU A 34 7.05 -10.05 -42.49
C GLU A 34 5.87 -9.57 -41.62
N GLY A 35 5.69 -8.25 -41.50
CA GLY A 35 4.60 -7.68 -40.72
C GLY A 35 4.66 -7.99 -39.24
N LYS A 36 5.87 -8.10 -38.71
CA LYS A 36 6.07 -8.38 -37.29
C LYS A 36 6.89 -7.29 -36.62
N GLN A 37 6.58 -7.01 -35.36
CA GLN A 37 7.42 -6.13 -34.55
C GLN A 37 7.24 -6.47 -33.10
N SER A 38 8.22 -6.11 -32.29
CA SER A 38 8.13 -6.27 -30.85
C SER A 38 8.98 -5.21 -30.21
N MET A 39 8.65 -4.83 -28.98
CA MET A 39 9.43 -3.82 -28.29
C MET A 39 9.30 -3.87 -26.79
N ASP A 40 10.29 -3.29 -26.12
CA ASP A 40 10.34 -3.19 -24.65
C ASP A 40 10.21 -1.74 -24.24
N LEU A 41 9.31 -1.49 -23.31
CA LEU A 41 8.89 -0.13 -22.99
C LEU A 41 9.05 0.12 -21.51
N LYS A 42 9.73 1.20 -21.19
CA LYS A 42 9.99 1.60 -19.80
C LYS A 42 9.38 2.92 -19.47
N VAL A 43 8.67 2.98 -18.35
CA VAL A 43 8.13 4.25 -17.85
C VAL A 43 9.25 5.05 -17.19
N LYS A 44 9.64 6.17 -17.80
CA LYS A 44 10.70 7.02 -17.24
C LYS A 44 10.18 8.10 -16.27
N GLU A 45 8.95 8.56 -16.46
CA GLU A 45 8.36 9.56 -15.59
C GLU A 45 6.91 9.21 -15.33
N GLY A 46 6.38 9.71 -14.23
CA GLY A 46 4.97 9.59 -13.90
C GLY A 46 4.51 8.23 -13.46
N GLY A 47 5.44 7.32 -13.22
CA GLY A 47 5.07 5.94 -12.83
C GLY A 47 4.75 5.92 -11.34
N PRO A 48 3.97 4.93 -10.87
CA PRO A 48 3.29 3.90 -11.66
C PRO A 48 2.05 4.51 -12.30
N LEU A 49 1.77 4.13 -13.55
CA LEU A 49 0.72 4.78 -14.28
C LEU A 49 -0.61 4.49 -13.60
N PRO A 50 -1.41 5.54 -13.36
CA PRO A 50 -2.74 5.38 -12.73
C PRO A 50 -3.89 5.08 -13.72
N PHE A 51 -3.58 4.47 -14.86
CA PHE A 51 -4.58 4.15 -15.85
C PHE A 51 -4.17 2.93 -16.65
N ALA A 52 -5.14 2.34 -17.34
CA ALA A 52 -4.93 1.13 -18.10
C ALA A 52 -3.89 1.33 -19.20
N TYR A 53 -2.83 0.54 -19.15
CA TYR A 53 -1.76 0.60 -20.18
C TYR A 53 -2.28 0.39 -21.59
N ASP A 54 -3.38 -0.35 -21.73
CA ASP A 54 -3.90 -0.69 -23.07
C ASP A 54 -4.25 0.49 -23.94
N ILE A 55 -4.67 1.60 -23.35
CA ILE A 55 -4.96 2.79 -24.17
C ILE A 55 -3.73 3.37 -24.88
N LEU A 56 -2.52 3.03 -24.42
CA LEU A 56 -1.28 3.43 -25.06
C LEU A 56 -0.76 2.50 -26.19
N THR A 57 -1.17 1.23 -26.20
CA THR A 57 -0.42 0.22 -26.98
C THR A 57 -0.47 0.41 -28.48
N THR A 58 -1.64 0.76 -29.01
CA THR A 58 -1.76 1.07 -30.42
C THR A 58 -0.99 2.31 -30.87
N VAL A 59 -0.52 3.10 -29.92
CA VAL A 59 0.21 4.32 -30.25
C VAL A 59 1.66 3.97 -30.41
N PHE A 60 2.14 3.07 -29.57
CA PHE A 60 3.45 2.46 -29.74
C PHE A 60 3.44 1.59 -31.01
N1 GYS A 61 2.43 0.94 -31.44
OG1 GYS A 61 3.16 -2.09 -32.89
CB1 GYS A 61 2.16 -1.41 -32.09
CA1 GYS A 61 2.31 0.03 -32.53
C1 GYS A 61 1.18 0.45 -33.37
N2 GYS A 61 -0.07 -0.17 -33.51
N3 GYS A 61 1.32 1.57 -34.12
C2 GYS A 61 0.19 1.71 -34.76
O2 GYS A 61 -0.02 2.70 -35.54
CA2 GYS A 61 -0.74 0.62 -34.41
CA3 GYS A 61 2.44 2.49 -34.19
CB2 GYS A 61 -2.11 0.39 -34.94
CG2 GYS A 61 -3.04 -0.72 -34.52
CD1 GYS A 61 -2.64 -1.74 -33.64
CD2 GYS A 61 -4.38 -0.69 -34.98
CE1 GYS A 61 -3.59 -2.72 -33.26
CE2 GYS A 61 -5.32 -1.66 -34.60
CZ GYS A 61 -4.93 -2.71 -33.72
OH GYS A 61 -5.81 -3.72 -33.30
C3 GYS A 61 2.67 2.98 -35.60
O3 GYS A 61 3.29 4.06 -35.67
N ASN A 62 3.03 2.07 -36.43
CA ASN A 62 3.87 2.13 -37.66
C ASN A 62 3.37 1.11 -38.66
N ARG A 63 2.81 1.62 -39.74
CA ARG A 63 2.12 0.75 -40.64
C ARG A 63 3.06 0.13 -41.66
N VAL A 64 4.34 0.54 -41.67
CA VAL A 64 5.38 -0.07 -42.59
C VAL A 64 5.55 -1.51 -42.21
N PHE A 65 5.49 -1.78 -40.90
CA PHE A 65 5.39 -3.16 -40.38
C PHE A 65 4.07 -3.93 -40.71
N ALA A 66 3.87 -4.17 -42.00
CA ALA A 66 2.66 -4.79 -42.50
C ALA A 66 2.90 -5.73 -43.66
N LYS A 67 2.27 -6.90 -43.69
CA LYS A 67 2.48 -7.91 -44.74
C LYS A 67 1.57 -7.76 -45.98
N TYR A 68 1.93 -8.51 -47.04
CA TYR A 68 1.19 -8.52 -48.31
C TYR A 68 1.10 -9.92 -48.95
N GLU A 82 12.80 9.71 -46.09
CA GLU A 82 12.23 10.90 -45.52
C GLU A 82 11.28 10.59 -44.37
N GLY A 83 10.45 9.55 -44.55
CA GLY A 83 9.52 9.11 -43.53
C GLY A 83 8.13 9.72 -43.65
N TYR A 84 7.36 9.61 -42.57
CA TYR A 84 6.01 10.17 -42.53
C TYR A 84 5.63 10.42 -41.10
N SER A 85 4.48 11.01 -40.90
CA SER A 85 3.94 11.19 -39.53
C SER A 85 2.43 10.89 -39.51
N TRP A 86 1.88 10.67 -38.32
CA TRP A 86 0.43 10.55 -38.21
C TRP A 86 -0.17 11.20 -37.00
N GLU A 87 -1.40 11.66 -37.15
CA GLU A 87 -2.21 12.20 -36.06
C GLU A 87 -3.36 11.23 -35.86
N ARG A 88 -3.83 11.08 -34.65
CA ARG A 88 -4.96 10.21 -34.39
C ARG A 88 -5.86 10.73 -33.26
N SER A 89 -7.16 10.53 -33.43
CA SER A 89 -8.10 10.73 -32.35
C SER A 89 -8.75 9.39 -32.00
N MET A 90 -8.83 9.12 -30.71
CA MET A 90 -9.40 7.90 -30.22
C MET A 90 -10.52 8.31 -29.29
N ASN A 91 -11.75 8.07 -29.74
CA ASN A 91 -12.92 8.47 -29.03
C ASN A 91 -13.58 7.28 -28.36
N TYR A 92 -13.52 7.22 -27.03
CA TYR A 92 -14.04 6.10 -26.28
C TYR A 92 -15.50 6.32 -25.97
N GLU A 93 -16.25 5.23 -25.85
CA GLU A 93 -17.70 5.30 -25.72
C GLU A 93 -18.20 5.99 -24.46
N ASP A 94 -17.39 6.04 -23.41
CA ASP A 94 -17.82 6.68 -22.16
C ASP A 94 -17.33 8.13 -22.06
N GLY A 95 -16.88 8.69 -23.17
CA GLY A 95 -16.51 10.11 -23.23
C GLY A 95 -15.03 10.43 -23.17
N GLY A 96 -14.21 9.46 -22.80
CA GLY A 96 -12.77 9.67 -22.85
C GLY A 96 -12.30 9.91 -24.29
N ILE A 97 -11.42 10.91 -24.46
CA ILE A 97 -10.81 11.19 -25.75
C ILE A 97 -9.31 11.23 -25.61
N CYS A 98 -8.63 10.59 -26.55
CA CYS A 98 -7.19 10.61 -26.61
C CYS A 98 -6.76 11.08 -27.97
N ASN A 99 -5.83 12.03 -27.99
CA ASN A 99 -5.16 12.45 -29.20
C ASN A 99 -3.74 12.00 -29.15
N ALA A 100 -3.23 11.53 -30.28
CA ALA A 100 -1.84 11.16 -30.33
C ALA A 100 -1.22 11.49 -31.67
N THR A 101 0.07 11.78 -31.66
CA THR A 101 0.79 12.02 -32.88
C THR A 101 2.05 11.21 -32.84
N ASN A 102 2.58 10.91 -34.02
CA ASN A 102 3.86 10.25 -34.11
C ASN A 102 4.60 10.77 -35.31
N ASP A 103 5.80 11.29 -35.06
CA ASP A 103 6.66 11.71 -36.15
C ASP A 103 7.69 10.61 -36.34
N ILE A 104 7.71 10.01 -37.52
CA ILE A 104 8.55 8.87 -37.79
C ILE A 104 9.64 9.21 -38.80
N THR A 105 10.89 9.02 -38.38
CA THR A 105 12.04 9.26 -39.24
C THR A 105 12.91 8.03 -39.28
N LEU A 106 13.75 7.96 -40.30
CA LEU A 106 14.62 6.82 -40.50
C LEU A 106 16.07 7.23 -40.33
N ASP A 107 16.79 6.51 -39.48
CA ASP A 107 18.21 6.76 -39.24
C ASP A 107 19.02 5.46 -39.45
N GLY A 108 19.41 5.20 -40.69
CA GLY A 108 20.12 3.97 -41.03
C GLY A 108 19.14 2.81 -41.06
N ASP A 109 19.36 1.84 -40.18
CA ASP A 109 18.48 0.67 -40.08
C ASP A 109 17.52 0.81 -38.88
N CYS A 110 17.29 2.06 -38.49
CA CYS A 110 16.66 2.37 -37.22
C CYS A 110 15.54 3.38 -37.43
N TYR A 111 14.30 2.99 -37.12
CA TYR A 111 13.17 3.93 -37.10
C TYR A 111 13.14 4.68 -35.78
N ILE A 112 12.93 5.98 -35.85
CA ILE A 112 12.80 6.79 -34.65
C ILE A 112 11.41 7.36 -34.56
N TYR A 113 10.72 7.13 -33.44
CA TYR A 113 9.38 7.68 -33.20
C TYR A 113 9.42 8.78 -32.17
N GLU A 114 8.92 9.95 -32.52
CA GLU A 114 8.69 11.04 -31.56
C GLU A 114 7.18 11.09 -31.32
N ILE A 115 6.73 10.59 -30.17
CA ILE A 115 5.31 10.42 -29.90
C ILE A 115 4.75 11.31 -28.79
N ARG A 116 3.62 11.94 -29.07
CA ARG A 116 2.90 12.73 -28.07
C ARG A 116 1.52 12.10 -27.86
N PHE A 117 1.07 12.07 -26.62
CA PHE A 117 -0.18 11.43 -26.26
C PHE A 117 -0.92 12.27 -25.24
N ASP A 118 -2.21 12.52 -25.44
CA ASP A 118 -2.98 13.29 -24.48
C ASP A 118 -4.42 12.86 -24.38
N GLY A 119 -4.79 12.33 -23.21
CA GLY A 119 -6.16 11.86 -22.96
C GLY A 119 -6.86 12.70 -21.92
N VAL A 120 -8.16 12.90 -22.11
CA VAL A 120 -8.96 13.66 -21.13
C VAL A 120 -10.36 13.08 -20.97
N ASN A 121 -11.03 13.49 -19.90
CA ASN A 121 -12.42 13.11 -19.59
C ASN A 121 -12.67 11.63 -19.44
N PHE A 122 -11.68 10.87 -18.99
CA PHE A 122 -11.95 9.49 -18.63
C PHE A 122 -12.58 9.52 -17.26
N PRO A 123 -13.82 9.01 -17.15
CA PRO A 123 -14.42 8.93 -15.82
C PRO A 123 -13.58 8.12 -14.82
N ALA A 124 -13.53 8.58 -13.56
CA ALA A 124 -12.80 7.92 -12.46
C ALA A 124 -13.22 6.47 -12.24
N ASN A 125 -14.52 6.20 -12.39
CA ASN A 125 -15.04 4.83 -12.20
C ASN A 125 -15.06 3.97 -13.46
N GLY A 126 -14.51 4.45 -14.56
CA GLY A 126 -14.58 3.72 -15.79
C GLY A 126 -13.46 2.72 -15.92
N PRO A 127 -13.53 1.88 -16.92
CA PRO A 127 -12.53 0.83 -17.05
C PRO A 127 -11.10 1.27 -17.30
N VAL A 128 -10.89 2.47 -17.81
CA VAL A 128 -9.50 2.92 -18.07
C VAL A 128 -8.84 3.32 -16.75
N MET A 129 -9.49 4.20 -15.99
CA MET A 129 -8.91 4.64 -14.71
C MET A 129 -8.90 3.53 -13.64
N GLN A 130 -9.80 2.56 -13.74
CA GLN A 130 -9.84 1.41 -12.80
C GLN A 130 -9.13 0.20 -13.34
N LYS A 131 -8.42 0.36 -14.44
CA LYS A 131 -7.59 -0.68 -14.98
C LYS A 131 -8.31 -1.99 -15.04
N ARG A 132 -9.46 -2.01 -15.71
CA ARG A 132 -10.23 -3.24 -15.91
C ARG A 132 -10.21 -3.71 -17.34
N THR A 133 -9.18 -3.34 -18.08
CA THR A 133 -9.06 -3.73 -19.50
C THR A 133 -8.08 -4.89 -19.67
N VAL A 134 -8.36 -5.78 -20.60
CA VAL A 134 -7.54 -6.98 -20.83
C VAL A 134 -6.72 -6.85 -22.11
N LYS A 135 -7.41 -6.66 -23.23
CA LYS A 135 -6.73 -6.55 -24.52
C LYS A 135 -7.63 -5.96 -25.60
N TRP A 136 -7.01 -5.48 -26.66
CA TRP A 136 -7.73 -5.03 -27.82
C TRP A 136 -8.13 -6.23 -28.64
N GLU A 137 -9.40 -6.32 -29.06
CA GLU A 137 -9.80 -7.41 -29.96
C GLU A 137 -9.14 -7.11 -31.30
N PRO A 138 -8.76 -8.15 -32.07
CA PRO A 138 -8.14 -7.91 -33.39
C PRO A 138 -9.02 -7.03 -34.22
N SER A 139 -8.43 -6.28 -35.14
CA SER A 139 -9.16 -5.27 -35.87
C SER A 139 -8.73 -5.14 -37.31
N THR A 140 -9.53 -4.42 -38.07
CA THR A 140 -9.29 -4.22 -39.49
C THR A 140 -9.42 -2.74 -39.75
N GLU A 141 -8.32 -2.13 -40.18
CA GLU A 141 -8.29 -0.72 -40.42
C GLU A 141 -8.66 -0.49 -41.88
N LYS A 142 -9.56 0.45 -42.10
CA LYS A 142 -10.03 0.80 -43.44
C LYS A 142 -9.28 2.04 -43.89
N LEU A 143 -8.36 1.89 -44.84
CA LEU A 143 -7.60 3.05 -45.33
C LEU A 143 -8.16 3.61 -46.64
N TYR A 144 -8.29 4.93 -46.73
CA TYR A 144 -8.84 5.61 -47.91
C TYR A 144 -8.23 6.98 -48.03
N VAL A 145 -8.20 7.52 -49.24
CA VAL A 145 -7.61 8.82 -49.49
C VAL A 145 -8.68 9.90 -49.43
N ARG A 146 -8.33 11.04 -48.86
CA ARG A 146 -9.21 12.20 -48.89
C ARG A 146 -8.32 13.43 -48.78
N ASP A 147 -8.58 14.42 -49.63
CA ASP A 147 -7.74 15.63 -49.76
C ASP A 147 -6.25 15.28 -50.00
N GLY A 148 -6.00 14.28 -50.83
CA GLY A 148 -4.64 13.86 -51.16
C GLY A 148 -3.81 13.30 -50.01
N VAL A 149 -4.44 13.01 -48.88
CA VAL A 149 -3.76 12.35 -47.74
C VAL A 149 -4.53 11.11 -47.37
N LEU A 150 -3.83 10.17 -46.73
CA LEU A 150 -4.40 8.89 -46.40
C LEU A 150 -5.07 8.94 -45.03
N LYS A 151 -6.32 8.48 -44.96
CA LYS A 151 -7.02 8.33 -43.69
C LYS A 151 -7.19 6.87 -43.37
N GLY A 152 -7.41 6.58 -42.11
CA GLY A 152 -7.60 5.23 -41.67
C GLY A 152 -8.60 5.29 -40.55
N ASP A 153 -9.69 4.57 -40.69
CA ASP A 153 -10.65 4.45 -39.60
C ASP A 153 -10.78 3.01 -39.15
N VAL A 154 -11.07 2.83 -37.87
CA VAL A 154 -11.30 1.53 -37.33
C VAL A 154 -12.16 1.67 -36.09
N ASN A 155 -13.15 0.77 -35.95
CA ASN A 155 -13.82 0.55 -34.67
C ASN A 155 -13.02 -0.44 -33.89
N MET A 156 -12.64 -0.06 -32.68
CA MET A 156 -11.83 -0.89 -31.86
C MET A 156 -12.67 -1.24 -30.67
N ALA A 157 -12.32 -2.33 -30.01
CA ALA A 157 -12.97 -2.71 -28.79
C ALA A 157 -11.96 -3.32 -27.85
N LEU A 158 -12.00 -2.87 -26.61
CA LEU A 158 -11.20 -3.46 -25.56
C LEU A 158 -12.05 -4.48 -24.86
N SER A 159 -11.50 -5.65 -24.65
CA SER A 159 -12.13 -6.63 -23.82
C SER A 159 -11.99 -6.21 -22.36
N LEU A 160 -13.03 -6.40 -21.56
CA LEU A 160 -12.97 -6.07 -20.15
C LEU A 160 -12.85 -7.31 -19.26
N GLU A 161 -12.17 -7.15 -18.11
CA GLU A 161 -12.01 -8.22 -17.12
C GLU A 161 -13.32 -8.91 -16.72
N GLY A 162 -14.40 -8.17 -16.50
CA GLY A 162 -15.67 -8.82 -16.13
C GLY A 162 -16.49 -9.33 -17.30
N GLY A 163 -15.84 -9.67 -18.41
CA GLY A 163 -16.55 -9.93 -19.66
C GLY A 163 -17.09 -8.62 -20.20
N GLY A 164 -17.55 -8.63 -21.45
CA GLY A 164 -18.02 -7.39 -22.05
C GLY A 164 -16.89 -6.56 -22.64
N HIS A 165 -17.26 -5.57 -23.42
CA HIS A 165 -16.35 -4.87 -24.28
C HIS A 165 -16.54 -3.35 -24.17
N TYR A 166 -15.49 -2.61 -24.51
CA TYR A 166 -15.44 -1.16 -24.33
C TYR A 166 -15.04 -0.59 -25.67
N ARG A 167 -15.97 0.13 -26.28
CA ARG A 167 -15.83 0.54 -27.66
C ARG A 167 -15.02 1.82 -27.78
N CYS A 168 -14.21 1.91 -28.83
CA CYS A 168 -13.47 3.12 -29.14
C CYS A 168 -13.39 3.34 -30.64
N ASP A 169 -13.57 4.57 -31.10
CA ASP A 169 -13.46 4.88 -32.55
C ASP A 169 -12.15 5.60 -32.86
N PHE A 170 -11.40 5.06 -33.81
CA PHE A 170 -10.08 5.58 -34.18
C PHE A 170 -10.20 6.32 -35.48
N LYS A 171 -9.58 7.48 -35.54
CA LYS A 171 -9.55 8.25 -36.79
C LYS A 171 -8.14 8.77 -36.97
N THR A 172 -7.42 8.18 -37.92
CA THR A 172 -6.03 8.48 -38.14
C THR A 172 -5.87 9.22 -39.45
N THR A 173 -5.01 10.23 -39.45
CA THR A 173 -4.51 10.84 -40.68
C THR A 173 -3.03 10.51 -40.84
N TYR A 174 -2.66 9.92 -41.99
CA TYR A 174 -1.27 9.64 -42.30
C TYR A 174 -0.80 10.70 -43.28
N LYS A 175 0.39 11.24 -43.04
CA LYS A 175 0.98 12.27 -43.91
C LYS A 175 2.42 11.95 -44.26
N ALA A 176 2.65 11.61 -45.53
CA ALA A 176 3.98 11.37 -46.04
C ALA A 176 4.73 12.67 -46.25
N LYS A 177 6.04 12.58 -46.12
CA LYS A 177 6.92 13.73 -46.18
C LYS A 177 7.51 13.86 -47.58
N HIS A 186 -8.32 0.15 -49.19
CA HIS A 186 -7.92 -1.20 -48.79
C HIS A 186 -7.98 -1.43 -47.28
N PHE A 187 -7.64 -2.65 -46.85
CA PHE A 187 -7.76 -3.05 -45.44
C PHE A 187 -6.39 -3.41 -44.88
N VAL A 188 -6.27 -3.34 -43.55
CA VAL A 188 -5.10 -3.86 -42.83
C VAL A 188 -5.57 -4.51 -41.53
N ASP A 189 -5.34 -5.81 -41.41
CA ASP A 189 -5.72 -6.57 -40.21
C ASP A 189 -4.62 -6.41 -39.19
N HIS A 190 -5.00 -6.15 -37.95
CA HIS A 190 -4.05 -5.92 -36.86
C HIS A 190 -4.32 -6.90 -35.74
N HIS A 191 -3.25 -7.33 -35.09
CA HIS A 191 -3.37 -8.06 -33.85
C HIS A 191 -2.25 -7.54 -32.94
N ILE A 192 -2.61 -7.07 -31.74
CA ILE A 192 -1.65 -6.48 -30.81
C ILE A 192 -1.81 -7.13 -29.43
N GLU A 193 -0.71 -7.56 -28.83
CA GLU A 193 -0.73 -8.28 -27.54
C GLU A 193 0.39 -7.77 -26.65
N ILE A 194 0.08 -7.57 -25.38
CA ILE A 194 1.11 -7.34 -24.38
C ILE A 194 1.57 -8.71 -23.96
N LYS A 195 2.78 -9.10 -24.35
CA LYS A 195 3.29 -10.44 -24.02
C LYS A 195 3.75 -10.57 -22.56
N SER A 196 4.31 -9.51 -21.99
CA SER A 196 4.77 -9.55 -20.58
C SER A 196 4.88 -8.14 -20.01
N HIS A 197 4.58 -8.02 -18.74
CA HIS A 197 4.69 -6.76 -18.04
C HIS A 197 5.03 -7.02 -16.58
N ASP A 198 5.66 -6.04 -15.93
CA ASP A 198 5.78 -6.10 -14.45
C ASP A 198 4.49 -5.59 -13.79
N LYS A 199 4.49 -5.53 -12.48
CA LYS A 199 3.25 -5.35 -11.69
C LYS A 199 2.52 -4.06 -12.05
N ASP A 200 3.28 -2.97 -12.20
CA ASP A 200 2.74 -1.62 -12.41
C ASP A 200 3.02 -1.11 -13.82
N TYR A 201 3.41 -2.02 -14.69
CA TYR A 201 3.64 -1.75 -16.09
C TYR A 201 4.79 -0.82 -16.42
N SER A 202 5.76 -0.68 -15.51
CA SER A 202 6.99 0.13 -15.74
C SER A 202 7.83 -0.48 -16.82
N ASN A 203 7.68 -1.80 -16.97
CA ASN A 203 8.26 -2.56 -18.06
C ASN A 203 7.21 -3.38 -18.78
N VAL A 204 7.17 -3.27 -20.09
CA VAL A 204 6.16 -3.94 -20.89
C VAL A 204 6.84 -4.46 -22.15
N ASN A 205 6.55 -5.70 -22.49
CA ASN A 205 6.92 -6.21 -23.79
C ASN A 205 5.65 -6.33 -24.62
N LEU A 206 5.73 -5.86 -25.85
CA LEU A 206 4.58 -5.60 -26.69
C LEU A 206 4.84 -6.15 -28.07
N HIS A 207 3.82 -6.81 -28.65
CA HIS A 207 3.97 -7.52 -29.91
C HIS A 207 2.79 -7.21 -30.84
N GLU A 208 3.05 -6.93 -32.12
CA GLU A 208 2.01 -6.71 -33.15
C GLU A 208 2.26 -7.51 -34.43
N HIS A 209 1.22 -8.12 -34.99
CA HIS A 209 1.22 -8.60 -36.38
C HIS A 209 0.33 -7.72 -37.24
N ALA A 210 0.62 -7.61 -38.53
CA ALA A 210 -0.29 -6.88 -39.44
C ALA A 210 -0.13 -7.28 -40.91
N GLU A 211 -1.25 -7.60 -41.58
CA GLU A 211 -1.30 -7.85 -43.02
C GLU A 211 -2.31 -6.93 -43.71
N ALA A 212 -1.99 -6.48 -44.92
CA ALA A 212 -2.95 -5.70 -45.74
C ALA A 212 -3.59 -6.63 -46.77
N HIS A 213 -4.87 -6.39 -47.07
CA HIS A 213 -5.54 -7.09 -48.18
C HIS A 213 -6.50 -6.11 -48.87
N SER A 214 -7.31 -6.58 -49.82
CA SER A 214 -8.28 -5.70 -50.48
C SER A 214 -9.46 -6.48 -51.04
N GLU A 215 -10.27 -5.89 -51.92
CA GLU A 215 -11.55 -6.49 -52.35
C GLU A 215 -12.45 -6.73 -51.14
N VAL B 2 68.26 -6.03 23.24
CA VAL B 2 67.67 -6.26 21.87
C VAL B 2 66.34 -7.13 21.80
N ILE B 3 65.74 -7.06 20.62
CA ILE B 3 64.46 -7.72 20.33
C ILE B 3 64.69 -9.19 19.84
N LYS B 4 64.26 -10.17 20.65
CA LYS B 4 64.47 -11.64 20.32
C LYS B 4 63.19 -12.23 19.67
N PRO B 5 63.35 -13.32 18.90
CA PRO B 5 62.21 -13.94 18.18
C PRO B 5 61.07 -14.45 19.08
N ASP B 6 61.39 -14.80 20.33
CA ASP B 6 60.38 -15.18 21.32
C ASP B 6 60.57 -14.31 22.57
N MET B 7 59.53 -13.57 22.97
CA MET B 7 59.61 -12.71 24.15
C MET B 7 58.42 -12.87 25.08
N LYS B 8 58.65 -12.65 26.36
CA LYS B 8 57.62 -12.83 27.38
C LYS B 8 56.99 -11.49 27.75
N ILE B 9 55.78 -11.55 28.27
CA ILE B 9 55.04 -10.35 28.66
C ILE B 9 54.49 -10.51 30.08
N LYS B 10 54.73 -9.50 30.91
CA LYS B 10 54.21 -9.43 32.29
C LYS B 10 53.55 -8.08 32.64
N LEU B 11 52.23 -8.07 32.81
CA LEU B 11 51.47 -6.82 32.88
C LEU B 11 50.55 -6.75 34.08
N ARG B 12 50.34 -5.54 34.59
CA ARG B 12 49.30 -5.27 35.58
C ARG B 12 48.48 -4.06 35.13
N MET B 13 47.16 -4.21 35.07
CA MET B 13 46.26 -3.10 34.78
C MET B 13 45.47 -2.75 36.03
N GLU B 14 45.45 -1.48 36.39
CA GLU B 14 44.54 -0.97 37.41
C GLU B 14 43.60 0.00 36.75
N GLY B 15 42.31 -0.16 36.98
CA GLY B 15 41.33 0.64 36.29
C GLY B 15 39.98 0.82 36.97
N ALA B 16 39.09 1.52 36.28
CA ALA B 16 37.71 1.59 36.69
C ALA B 16 36.82 1.79 35.46
N VAL B 17 35.57 1.33 35.56
CA VAL B 17 34.57 1.60 34.56
C VAL B 17 33.32 2.09 35.26
N ASN B 18 32.77 3.18 34.78
CA ASN B 18 31.65 3.86 35.44
C ASN B 18 31.82 3.91 36.95
N GLY B 19 33.03 4.21 37.42
CA GLY B 19 33.29 4.32 38.87
C GLY B 19 33.61 3.03 39.62
N HIS B 20 33.39 1.88 39.00
CA HIS B 20 33.61 0.58 39.67
C HIS B 20 35.04 0.11 39.42
N PRO B 21 35.90 0.13 40.46
CA PRO B 21 37.30 -0.20 40.24
C PRO B 21 37.58 -1.67 40.07
N PHE B 22 38.68 -1.98 39.42
CA PHE B 22 39.11 -3.35 39.26
C PHE B 22 40.61 -3.40 38.98
N ALA B 23 41.17 -4.61 38.96
CA ALA B 23 42.56 -4.80 38.57
C ALA B 23 42.73 -6.15 37.94
N ILE B 24 43.70 -6.24 37.04
CA ILE B 24 43.94 -7.43 36.26
C ILE B 24 45.43 -7.58 36.12
N GLU B 25 45.90 -8.83 36.22
CA GLU B 25 47.30 -9.15 36.00
C GLU B 25 47.37 -10.17 34.90
N GLY B 26 48.49 -10.23 34.20
CA GLY B 26 48.61 -11.16 33.09
C GLY B 26 50.04 -11.51 32.75
N VAL B 27 50.20 -12.71 32.19
CA VAL B 27 51.49 -13.16 31.66
C VAL B 27 51.23 -13.64 30.25
N GLY B 28 52.22 -13.51 29.39
CA GLY B 28 52.09 -14.00 28.04
C GLY B 28 53.41 -14.05 27.33
N LEU B 29 53.35 -14.40 26.06
CA LEU B 29 54.53 -14.45 25.22
C LEU B 29 54.11 -14.11 23.79
N GLY B 30 55.03 -13.51 23.04
CA GLY B 30 54.76 -13.18 21.65
C GLY B 30 56.00 -13.19 20.79
N LYS B 31 55.77 -13.12 19.49
CA LYS B 31 56.84 -13.17 18.50
C LYS B 31 56.89 -11.83 17.77
N PRO B 32 57.78 -10.93 18.23
CA PRO B 32 57.87 -9.58 17.67
C PRO B 32 57.92 -9.52 16.14
N PHE B 33 58.78 -10.34 15.54
CA PHE B 33 58.98 -10.28 14.10
C PHE B 33 57.89 -11.01 13.33
N GLU B 34 57.23 -11.97 13.97
CA GLU B 34 56.08 -12.65 13.37
C GLU B 34 54.75 -11.90 13.58
N GLY B 35 54.77 -10.83 14.37
CA GLY B 35 53.59 -10.01 14.63
C GLY B 35 52.48 -10.74 15.36
N LYS B 36 52.82 -11.63 16.27
CA LYS B 36 51.78 -12.21 17.14
C LYS B 36 52.14 -12.18 18.58
N GLN B 37 51.10 -12.34 19.37
CA GLN B 37 51.22 -12.45 20.80
C GLN B 37 49.99 -13.14 21.37
N SER B 38 50.15 -13.68 22.57
CA SER B 38 49.03 -14.25 23.30
C SER B 38 49.31 -14.09 24.77
N MET B 39 48.25 -14.03 25.56
CA MET B 39 48.46 -13.91 27.00
C MET B 39 47.28 -14.41 27.81
N ASP B 40 47.57 -14.69 29.07
CA ASP B 40 46.56 -15.13 30.04
C ASP B 40 46.38 -14.06 31.09
N LEU B 41 45.13 -13.70 31.35
CA LEU B 41 44.81 -12.55 32.16
C LEU B 41 43.88 -12.95 33.27
N LYS B 42 44.25 -12.56 34.49
CA LYS B 42 43.48 -12.86 35.69
C LYS B 42 42.97 -11.60 36.36
N VAL B 43 41.68 -11.58 36.68
CA VAL B 43 41.11 -10.51 37.45
C VAL B 43 41.51 -10.68 38.92
N LYS B 44 42.34 -9.80 39.44
CA LYS B 44 42.74 -9.84 40.85
C LYS B 44 41.80 -9.09 41.78
N GLU B 45 41.13 -8.07 41.27
CA GLU B 45 40.25 -7.31 42.10
C GLU B 45 39.03 -6.86 41.28
N GLY B 46 37.93 -6.60 41.95
CA GLY B 46 36.72 -6.11 41.30
C GLY B 46 35.97 -7.11 40.43
N GLY B 47 36.33 -8.38 40.50
CA GLY B 47 35.62 -9.44 39.75
C GLY B 47 34.35 -9.93 40.43
N PRO B 48 33.40 -10.52 39.69
CA PRO B 48 33.35 -10.62 38.23
C PRO B 48 33.01 -9.27 37.59
N LEU B 49 33.66 -8.95 36.49
CA LEU B 49 33.56 -7.63 35.90
C LEU B 49 32.14 -7.40 35.40
N PRO B 50 31.52 -6.26 35.76
CA PRO B 50 30.14 -5.97 35.36
C PRO B 50 30.03 -5.30 34.00
N PHE B 51 31.02 -5.53 33.13
CA PHE B 51 31.01 -4.91 31.80
C PHE B 51 31.73 -5.81 30.79
N ALA B 52 31.52 -5.53 29.52
CA ALA B 52 32.07 -6.33 28.45
C ALA B 52 33.61 -6.31 28.48
N TYR B 53 34.21 -7.47 28.62
CA TYR B 53 35.66 -7.60 28.61
C TYR B 53 36.32 -7.01 27.39
N ASP B 54 35.61 -7.03 26.27
CA ASP B 54 36.17 -6.58 24.99
C ASP B 54 36.72 -5.15 25.01
N ILE B 55 36.13 -4.26 25.81
CA ILE B 55 36.64 -2.89 25.87
C ILE B 55 38.07 -2.80 26.40
N LEU B 56 38.52 -3.84 27.09
CA LEU B 56 39.88 -3.90 27.64
C LEU B 56 40.91 -4.49 26.71
N THR B 57 40.50 -5.33 25.76
CA THR B 57 41.46 -6.21 25.09
C THR B 57 42.54 -5.48 24.30
N THR B 58 42.14 -4.44 23.57
CA THR B 58 43.10 -3.62 22.82
C THR B 58 44.09 -2.88 23.71
N VAL B 59 43.83 -2.82 25.00
CA VAL B 59 44.71 -2.12 25.92
C VAL B 59 45.80 -3.07 26.39
N PHE B 60 45.41 -4.32 26.59
CA PHE B 60 46.35 -5.39 26.85
C PHE B 60 47.16 -5.64 25.58
N1 GYS B 61 46.61 -5.62 24.42
OG1 GYS B 61 45.35 -7.03 22.10
CB1 GYS B 61 46.71 -7.22 22.54
CA1 GYS B 61 47.28 -5.94 23.17
C1 GYS B 61 47.22 -4.71 22.32
N2 GYS B 61 46.41 -4.44 21.25
N3 GYS B 61 48.03 -3.66 22.60
C2 GYS B 61 47.74 -2.72 21.71
O2 GYS B 61 48.32 -1.58 21.65
CA2 GYS B 61 46.70 -3.20 20.81
CA3 GYS B 61 48.99 -3.58 23.71
CB2 GYS B 61 46.11 -2.48 19.66
CG2 GYS B 61 45.03 -2.94 18.76
CD1 GYS B 61 44.46 -4.21 18.79
CD2 GYS B 61 44.53 -2.00 17.86
CE1 GYS B 61 43.43 -4.54 17.91
CE2 GYS B 61 43.49 -2.33 16.99
CZ GYS B 61 42.94 -3.60 17.01
OH GYS B 61 41.95 -3.94 16.15
C3 GYS B 61 50.15 -2.67 23.40
O3 GYS B 61 50.69 -2.13 24.41
N ASN B 62 50.60 -3.28 22.37
CA ASN B 62 52.05 -3.11 22.20
C ASN B 62 52.38 -3.33 20.75
N ARG B 63 52.69 -2.24 20.04
CA ARG B 63 52.88 -2.30 18.60
C ARG B 63 54.24 -2.89 18.21
N VAL B 64 55.10 -3.15 19.20
CA VAL B 64 56.31 -3.93 18.98
C VAL B 64 56.01 -5.32 18.41
N PHE B 65 54.90 -5.89 18.83
CA PHE B 65 54.42 -7.17 18.32
C PHE B 65 53.59 -6.92 17.07
N ALA B 66 54.27 -6.42 16.04
CA ALA B 66 53.67 -6.20 14.73
C ALA B 66 54.76 -6.45 13.71
N LYS B 67 54.44 -7.21 12.66
CA LYS B 67 55.39 -7.53 11.60
C LYS B 67 55.64 -6.30 10.72
N TYR B 68 56.80 -5.68 10.88
CA TYR B 68 57.20 -4.54 10.05
C TYR B 68 58.14 -4.97 8.93
N PRO B 69 57.78 -4.66 7.66
CA PRO B 69 58.75 -4.89 6.58
C PRO B 69 59.92 -3.90 6.64
N GLU B 70 61.00 -4.21 5.92
CA GLU B 70 62.24 -3.45 5.98
C GLU B 70 62.12 -2.04 5.39
N ASN B 71 61.21 -1.84 4.45
CA ASN B 71 61.05 -0.53 3.81
C ASN B 71 60.26 0.51 4.64
N ILE B 72 59.71 0.10 5.78
CA ILE B 72 59.05 1.01 6.73
C ILE B 72 59.83 1.09 8.05
N VAL B 73 59.95 2.29 8.58
CA VAL B 73 60.61 2.51 9.86
C VAL B 73 59.75 1.93 10.99
N ASP B 74 60.38 1.16 11.88
CA ASP B 74 59.69 0.60 13.03
C ASP B 74 60.07 1.43 14.26
N TYR B 75 59.21 2.42 14.54
CA TYR B 75 59.32 3.33 15.70
C TYR B 75 59.44 2.59 17.03
N PHE B 76 58.74 1.47 17.12
CA PHE B 76 58.53 0.77 18.38
C PHE B 76 59.72 -0.09 18.75
N LYS B 77 60.18 -0.93 17.81
CA LYS B 77 61.35 -1.80 18.03
C LYS B 77 62.62 -0.98 18.27
N GLN B 78 62.77 0.12 17.54
CA GLN B 78 63.84 1.08 17.82
C GLN B 78 63.81 1.68 19.23
N SER B 79 62.62 1.86 19.81
CA SER B 79 62.51 2.60 21.07
C SER B 79 63.18 1.88 22.25
N PHE B 80 63.38 0.58 22.11
CA PHE B 80 63.99 -0.23 23.16
C PHE B 80 65.51 -0.18 23.11
N PRO B 81 66.19 -0.48 24.24
CA PRO B 81 65.69 -1.03 25.53
C PRO B 81 64.96 -0.04 26.43
N GLU B 82 65.14 1.26 26.19
CA GLU B 82 64.50 2.29 27.03
C GLU B 82 62.98 2.15 27.04
N GLY B 83 62.43 1.79 25.89
CA GLY B 83 61.00 1.51 25.75
C GLY B 83 60.20 2.71 25.29
N TYR B 84 58.88 2.62 25.45
CA TYR B 84 57.99 3.71 25.09
C TYR B 84 56.71 3.60 25.89
N SER B 85 55.84 4.60 25.75
CA SER B 85 54.54 4.57 26.39
C SER B 85 53.47 5.10 25.45
N TRP B 86 52.21 4.80 25.72
CA TRP B 86 51.13 5.35 24.92
C TRP B 86 49.93 5.79 25.73
N GLU B 87 49.25 6.84 25.24
CA GLU B 87 47.97 7.28 25.77
C GLU B 87 46.90 7.03 24.70
N ARG B 88 45.68 6.74 25.10
CA ARG B 88 44.64 6.48 24.14
C ARG B 88 43.29 6.92 24.60
N SER B 89 42.49 7.41 23.66
CA SER B 89 41.11 7.69 23.91
C SER B 89 40.25 6.83 23.01
N MET B 90 39.21 6.23 23.58
CA MET B 90 38.32 5.38 22.84
C MET B 90 36.92 5.91 23.02
N ASN B 91 36.39 6.46 21.95
CA ASN B 91 35.11 7.13 21.98
C ASN B 91 34.03 6.27 21.31
N TYR B 92 33.11 5.75 22.11
CA TYR B 92 32.10 4.85 21.61
C TYR B 92 30.89 5.63 21.14
N GLU B 93 30.17 5.09 20.15
CA GLU B 93 29.10 5.85 19.49
C GLU B 93 27.93 6.20 20.39
N ASP B 94 27.73 5.48 21.49
CA ASP B 94 26.61 5.77 22.40
C ASP B 94 27.02 6.66 23.57
N GLY B 95 28.19 7.28 23.47
CA GLY B 95 28.65 8.25 24.48
C GLY B 95 29.65 7.74 25.50
N GLY B 96 29.86 6.44 25.58
CA GLY B 96 30.89 5.90 26.44
C GLY B 96 32.26 6.38 25.98
N ILE B 97 33.10 6.81 26.91
CA ILE B 97 34.49 7.16 26.66
C ILE B 97 35.42 6.40 27.57
N CYS B 98 36.49 5.87 27.01
CA CYS B 98 37.54 5.20 27.77
C CYS B 98 38.87 5.82 27.47
N ASN B 99 39.62 6.12 28.53
CA ASN B 99 40.99 6.58 28.44
C ASN B 99 41.90 5.54 28.99
N ALA B 100 43.02 5.32 28.34
CA ALA B 100 43.97 4.34 28.83
C ALA B 100 45.37 4.77 28.55
N THR B 101 46.28 4.34 29.41
CA THR B 101 47.68 4.58 29.20
C THR B 101 48.44 3.29 29.45
N ASN B 102 49.63 3.21 28.88
CA ASN B 102 50.47 2.07 29.09
C ASN B 102 51.91 2.52 29.08
N ASP B 103 52.63 2.24 30.15
CA ASP B 103 54.04 2.48 30.20
C ASP B 103 54.71 1.14 29.98
N ILE B 104 55.50 1.05 28.92
CA ILE B 104 56.15 -0.21 28.55
C ILE B 104 57.67 -0.13 28.72
N THR B 105 58.19 -1.03 29.53
CA THR B 105 59.63 -1.13 29.77
C THR B 105 60.09 -2.57 29.52
N LEU B 106 61.40 -2.71 29.34
CA LEU B 106 61.99 -4.00 29.01
C LEU B 106 62.89 -4.47 30.14
N ASP B 107 62.68 -5.69 30.62
CA ASP B 107 63.51 -6.28 31.67
C ASP B 107 64.02 -7.66 31.21
N GLY B 108 65.17 -7.66 30.52
CA GLY B 108 65.72 -8.89 29.96
C GLY B 108 64.94 -9.33 28.75
N ASP B 109 64.32 -10.50 28.82
CA ASP B 109 63.48 -11.02 27.73
C ASP B 109 61.99 -10.81 28.02
N CYS B 110 61.70 -9.83 28.87
CA CYS B 110 60.39 -9.65 29.46
C CYS B 110 59.92 -8.20 29.32
N TYR B 111 58.82 -8.00 28.60
CA TYR B 111 58.18 -6.68 28.53
C TYR B 111 57.29 -6.49 29.74
N ILE B 112 57.36 -5.32 30.37
CA ILE B 112 56.52 -5.00 31.52
C ILE B 112 55.58 -3.86 31.18
N TYR B 113 54.29 -4.08 31.35
CA TYR B 113 53.28 -3.06 31.08
C TYR B 113 52.70 -2.54 32.39
N GLU B 114 52.74 -1.24 32.60
CA GLU B 114 52.02 -0.58 33.70
C GLU B 114 50.82 0.14 33.08
N ILE B 115 49.62 -0.41 33.24
CA ILE B 115 48.45 0.07 32.50
C ILE B 115 47.40 0.70 33.39
N ARG B 116 46.88 1.84 32.99
CA ARG B 116 45.76 2.47 33.66
C ARG B 116 44.58 2.54 32.67
N PHE B 117 43.37 2.31 33.16
CA PHE B 117 42.17 2.32 32.32
C PHE B 117 41.02 3.02 33.02
N ASP B 118 40.30 3.91 32.33
CA ASP B 118 39.17 4.60 32.94
C ASP B 118 38.04 4.92 31.96
N GLY B 119 36.88 4.29 32.14
CA GLY B 119 35.73 4.48 31.26
C GLY B 119 34.60 5.14 32.00
N VAL B 120 33.85 5.98 31.31
CA VAL B 120 32.69 6.63 31.90
C VAL B 120 31.55 6.78 30.89
N ASN B 121 30.36 7.08 31.41
CA ASN B 121 29.17 7.34 30.62
C ASN B 121 28.75 6.24 29.66
N PHE B 122 29.02 4.98 30.00
CA PHE B 122 28.40 3.86 29.29
C PHE B 122 26.98 3.70 29.80
N PRO B 123 25.98 3.81 28.91
CA PRO B 123 24.59 3.69 29.35
C PRO B 123 24.31 2.29 29.89
N ALA B 124 23.51 2.23 30.96
CA ALA B 124 23.19 0.97 31.67
C ALA B 124 22.57 -0.06 30.74
N ASN B 125 21.76 0.41 29.81
CA ASN B 125 21.08 -0.47 28.87
C ASN B 125 21.86 -0.71 27.55
N GLY B 126 23.08 -0.21 27.46
CA GLY B 126 23.86 -0.36 26.24
C GLY B 126 24.60 -1.69 26.19
N PRO B 127 25.18 -1.99 25.04
CA PRO B 127 25.86 -3.27 24.87
C PRO B 127 27.08 -3.54 25.75
N VAL B 128 27.73 -2.51 26.27
CA VAL B 128 28.90 -2.75 27.12
C VAL B 128 28.46 -3.19 28.51
N MET B 129 27.59 -2.44 29.15
CA MET B 129 27.11 -2.81 30.48
C MET B 129 26.19 -4.04 30.48
N GLN B 130 25.52 -4.33 29.36
CA GLN B 130 24.68 -5.53 29.22
C GLN B 130 25.45 -6.69 28.57
N LYS B 131 26.76 -6.55 28.39
CA LYS B 131 27.61 -7.62 27.88
C LYS B 131 27.03 -8.29 26.67
N ARG B 132 26.71 -7.51 25.64
CA ARG B 132 26.15 -8.03 24.38
C ARG B 132 27.13 -7.95 23.25
N THR B 133 28.43 -7.93 23.56
CA THR B 133 29.46 -7.79 22.55
C THR B 133 30.11 -9.14 22.29
N VAL B 134 30.48 -9.38 21.05
CA VAL B 134 31.06 -10.66 20.64
C VAL B 134 32.56 -10.51 20.39
N LYS B 135 32.92 -9.65 19.44
CA LYS B 135 34.32 -9.47 19.08
C LYS B 135 34.55 -8.19 18.30
N TRP B 136 35.80 -7.75 18.28
CA TRP B 136 36.19 -6.63 17.45
C TRP B 136 36.35 -7.13 16.04
N GLU B 137 35.77 -6.44 15.07
CA GLU B 137 36.03 -6.79 13.67
C GLU B 137 37.49 -6.41 13.39
N PRO B 138 38.18 -7.15 12.50
CA PRO B 138 39.57 -6.77 12.18
C PRO B 138 39.67 -5.33 11.73
N SER B 139 40.84 -4.72 11.92
CA SER B 139 40.97 -3.29 11.70
C SER B 139 42.32 -2.91 11.12
N THR B 140 42.40 -1.66 10.68
CA THR B 140 43.61 -1.11 10.11
C THR B 140 43.90 0.21 10.81
N GLU B 141 45.04 0.27 11.49
CA GLU B 141 45.41 1.47 12.20
C GLU B 141 46.21 2.35 11.26
N LYS B 142 45.88 3.64 11.20
CA LYS B 142 46.57 4.62 10.36
C LYS B 142 47.57 5.38 11.24
N LEU B 143 48.87 5.14 11.06
CA LEU B 143 49.88 5.84 11.87
C LEU B 143 50.53 6.98 11.13
N TYR B 144 50.67 8.13 11.80
CA TYR B 144 51.23 9.34 11.20
C TYR B 144 51.90 10.18 12.28
N VAL B 145 52.85 11.01 11.87
CA VAL B 145 53.61 11.81 12.81
C VAL B 145 52.98 13.19 12.92
N ARG B 146 52.96 13.74 14.13
CA ARG B 146 52.53 15.09 14.35
C ARG B 146 53.21 15.58 15.61
N ASP B 147 53.76 16.79 15.55
CA ASP B 147 54.56 17.37 16.65
C ASP B 147 55.71 16.44 17.09
N GLY B 148 56.35 15.79 16.12
CA GLY B 148 57.46 14.88 16.41
C GLY B 148 57.13 13.63 17.22
N VAL B 149 55.85 13.32 17.39
CA VAL B 149 55.41 12.07 18.04
C VAL B 149 54.44 11.34 17.12
N LEU B 150 54.34 10.03 17.31
CA LEU B 150 53.56 9.19 16.42
C LEU B 150 52.12 9.09 16.91
N LYS B 151 51.16 9.32 16.02
CA LYS B 151 49.74 9.12 16.32
C LYS B 151 49.24 7.93 15.56
N GLY B 152 48.15 7.35 16.04
CA GLY B 152 47.51 6.24 15.38
C GLY B 152 46.03 6.36 15.56
N ASP B 153 45.29 6.40 14.46
CA ASP B 153 43.84 6.45 14.55
C ASP B 153 43.25 5.21 13.89
N VAL B 154 42.12 4.76 14.39
CA VAL B 154 41.40 3.64 13.80
C VAL B 154 39.94 3.71 14.16
N ASN B 155 39.07 3.45 13.18
CA ASN B 155 37.67 3.19 13.45
C ASN B 155 37.54 1.74 13.76
N MET B 156 36.98 1.45 14.92
CA MET B 156 36.83 0.09 15.33
C MET B 156 35.35 -0.17 15.37
N ALA B 157 34.99 -1.44 15.33
CA ALA B 157 33.61 -1.85 15.49
C ALA B 157 33.55 -3.16 16.24
N LEU B 158 32.67 -3.20 17.23
CA LEU B 158 32.38 -4.43 17.94
C LEU B 158 31.17 -5.06 17.31
N SER B 159 31.27 -6.34 17.04
CA SER B 159 30.17 -7.09 16.55
C SER B 159 29.23 -7.40 17.75
N LEU B 160 27.93 -7.28 17.58
CA LEU B 160 26.96 -7.49 18.68
C LEU B 160 26.24 -8.83 18.56
N GLU B 161 25.90 -9.41 19.71
CA GLU B 161 25.20 -10.70 19.77
C GLU B 161 23.91 -10.76 18.94
N GLY B 162 23.08 -9.72 18.94
CA GLY B 162 21.88 -9.71 18.09
C GLY B 162 22.10 -9.32 16.62
N GLY B 163 23.31 -9.53 16.09
CA GLY B 163 23.68 -8.96 14.80
C GLY B 163 23.87 -7.44 14.96
N GLY B 164 24.43 -6.80 13.95
CA GLY B 164 24.70 -5.38 14.05
C GLY B 164 26.00 -5.07 14.78
N HIS B 165 26.43 -3.81 14.68
CA HIS B 165 27.77 -3.43 15.09
C HIS B 165 27.74 -2.17 15.95
N TYR B 166 28.78 -2.00 16.75
CA TYR B 166 28.86 -0.92 17.73
C TYR B 166 30.18 -0.20 17.46
N ARG B 167 30.08 1.04 17.02
CA ARG B 167 31.22 1.80 16.52
C ARG B 167 32.01 2.49 17.64
N CYS B 168 33.33 2.50 17.52
CA CYS B 168 34.21 3.20 18.47
C CYS B 168 35.37 3.84 17.74
N ASP B 169 35.74 5.07 18.09
CA ASP B 169 36.88 5.75 17.47
C ASP B 169 38.09 5.79 18.40
N PHE B 170 39.23 5.33 17.93
CA PHE B 170 40.44 5.22 18.73
C PHE B 170 41.38 6.31 18.34
N LYS B 171 41.99 6.96 19.32
CA LYS B 171 43.01 7.97 19.06
C LYS B 171 44.17 7.74 20.00
N THR B 172 45.26 7.26 19.46
CA THR B 172 46.41 6.88 20.27
C THR B 172 47.56 7.83 20.01
N THR B 173 48.27 8.18 21.07
CA THR B 173 49.57 8.84 20.95
C THR B 173 50.65 7.92 21.46
N TYR B 174 51.65 7.65 20.62
CA TYR B 174 52.80 6.85 21.02
C TYR B 174 53.96 7.79 21.31
N LYS B 175 54.67 7.55 22.41
CA LYS B 175 55.83 8.37 22.81
C LYS B 175 57.01 7.50 23.17
N ALA B 176 58.04 7.54 22.33
CA ALA B 176 59.30 6.86 22.59
C ALA B 176 60.11 7.62 23.62
N LYS B 177 60.90 6.87 24.38
CA LYS B 177 61.63 7.39 25.51
C LYS B 177 63.06 7.71 25.09
N GLN B 181 64.19 7.42 14.76
CA GLN B 181 63.75 7.81 13.45
C GLN B 181 62.22 7.70 13.34
N LEU B 182 61.62 8.76 12.79
CA LEU B 182 60.19 8.82 12.64
C LEU B 182 59.76 8.24 11.31
N PRO B 183 58.76 7.34 11.32
CA PRO B 183 58.29 6.73 10.08
C PRO B 183 57.38 7.65 9.29
N ASP B 184 57.11 7.29 8.05
CA ASP B 184 56.14 8.00 7.24
C ASP B 184 54.75 7.44 7.53
N TYR B 185 53.73 8.09 6.96
CA TYR B 185 52.36 7.59 7.02
C TYR B 185 52.32 6.12 6.60
N HIS B 186 51.72 5.25 7.42
CA HIS B 186 51.60 3.83 7.07
C HIS B 186 50.43 3.16 7.80
N PHE B 187 50.21 1.89 7.50
CA PHE B 187 49.09 1.13 8.08
C PHE B 187 49.59 -0.02 8.94
N VAL B 188 48.74 -0.47 9.85
CA VAL B 188 48.95 -1.73 10.57
C VAL B 188 47.61 -2.46 10.69
N ASP B 189 47.52 -3.64 10.09
CA ASP B 189 46.32 -4.47 10.16
C ASP B 189 46.35 -5.25 11.48
N HIS B 190 45.23 -5.29 12.17
CA HIS B 190 45.13 -5.97 13.44
C HIS B 190 44.04 -7.02 13.35
N HIS B 191 44.25 -8.13 14.04
CA HIS B 191 43.19 -9.09 14.29
C HIS B 191 43.37 -9.55 15.72
N ILE B 192 42.32 -9.42 16.54
CA ILE B 192 42.39 -9.75 17.95
C ILE B 192 41.21 -10.67 18.30
N GLU B 193 41.49 -11.78 18.98
CA GLU B 193 40.48 -12.79 19.28
C GLU B 193 40.64 -13.24 20.73
N ILE B 194 39.53 -13.35 21.45
CA ILE B 194 39.53 -14.05 22.72
C ILE B 194 39.40 -15.52 22.40
N LYS B 195 40.45 -16.31 22.58
CA LYS B 195 40.18 -17.74 22.33
C LYS B 195 39.15 -18.18 23.31
N SER B 196 39.60 -18.14 24.56
CA SER B 196 39.02 -18.94 25.63
C SER B 196 38.84 -18.07 26.83
N HIS B 197 37.72 -18.28 27.49
CA HIS B 197 37.41 -17.59 28.71
C HIS B 197 36.56 -18.49 29.59
N ASP B 198 36.61 -18.28 30.91
CA ASP B 198 35.64 -18.93 31.77
C ASP B 198 34.32 -18.14 31.76
N LYS B 199 33.37 -18.57 32.57
CA LYS B 199 32.00 -18.08 32.48
C LYS B 199 31.87 -16.57 32.63
N ASP B 200 32.55 -16.04 33.63
CA ASP B 200 32.44 -14.63 34.02
C ASP B 200 33.72 -13.86 33.66
N TYR B 201 34.54 -14.46 32.80
CA TYR B 201 35.74 -13.82 32.25
C TYR B 201 36.84 -13.49 33.26
N SER B 202 36.83 -14.17 34.41
CA SER B 202 37.91 -14.00 35.40
C SER B 202 39.23 -14.53 34.83
N ASN B 203 39.12 -15.47 33.89
CA ASN B 203 40.27 -15.97 33.16
C ASN B 203 39.99 -15.86 31.70
N VAL B 204 40.94 -15.27 30.97
CA VAL B 204 40.78 -15.03 29.55
C VAL B 204 42.11 -15.32 28.88
N ASN B 205 42.04 -16.08 27.78
CA ASN B 205 43.17 -16.22 26.91
C ASN B 205 42.92 -15.41 25.65
N LEU B 206 43.91 -14.61 25.27
CA LEU B 206 43.75 -13.55 24.29
C LEU B 206 44.88 -13.61 23.27
N HIS B 207 44.54 -13.45 21.99
CA HIS B 207 45.49 -13.65 20.88
C HIS B 207 45.38 -12.50 19.88
N GLU B 208 46.51 -11.95 19.44
CA GLU B 208 46.54 -10.89 18.40
C GLU B 208 47.55 -11.20 17.28
N HIS B 209 47.15 -10.99 16.03
CA HIS B 209 48.09 -10.90 14.89
C HIS B 209 48.21 -9.43 14.49
N ALA B 210 49.36 -9.02 13.97
CA ALA B 210 49.47 -7.67 13.38
C ALA B 210 50.61 -7.52 12.34
N GLU B 211 50.27 -7.01 11.16
CA GLU B 211 51.27 -6.70 10.12
C GLU B 211 51.15 -5.24 9.74
N ALA B 212 52.29 -4.61 9.44
CA ALA B 212 52.32 -3.27 8.88
C ALA B 212 52.49 -3.34 7.35
N HIS B 213 51.86 -2.42 6.62
CA HIS B 213 52.10 -2.24 5.19
C HIS B 213 52.05 -0.75 4.85
N SER B 214 52.10 -0.40 3.56
CA SER B 214 52.00 0.99 3.13
C SER B 214 51.56 1.01 1.64
N SER C 1 22.70 -7.97 -18.06
CA SER C 1 21.30 -7.75 -18.59
C SER C 1 20.84 -6.28 -18.62
N VAL C 2 21.23 -5.60 -17.54
CA VAL C 2 21.23 -4.11 -17.33
C VAL C 2 22.62 -3.37 -17.16
N ILE C 3 23.49 -3.92 -16.32
CA ILE C 3 24.86 -3.41 -16.11
C ILE C 3 25.82 -4.00 -17.12
N LYS C 4 26.36 -3.12 -17.97
CA LYS C 4 27.27 -3.53 -19.07
C LYS C 4 28.74 -3.37 -18.69
N PRO C 5 29.63 -4.14 -19.33
CA PRO C 5 31.08 -4.05 -19.02
C PRO C 5 31.72 -2.67 -19.24
N ASP C 6 31.17 -1.88 -20.16
CA ASP C 6 31.61 -0.50 -20.38
C ASP C 6 30.40 0.42 -20.27
N MET C 7 30.45 1.39 -19.37
CA MET C 7 29.33 2.33 -19.21
C MET C 7 29.79 3.77 -19.14
N LYS C 8 28.92 4.68 -19.58
CA LYS C 8 29.22 6.10 -19.61
C LYS C 8 28.64 6.82 -18.40
N ILE C 9 29.22 7.96 -18.06
CA ILE C 9 28.78 8.75 -16.93
C ILE C 9 28.58 10.18 -17.38
N LYS C 10 27.42 10.73 -17.00
CA LYS C 10 27.13 12.15 -17.19
C LYS C 10 26.69 12.69 -15.82
N LEU C 11 27.31 13.78 -15.37
CA LEU C 11 26.99 14.34 -14.07
C LEU C 11 27.00 15.84 -14.06
N ARG C 12 26.14 16.41 -13.22
CA ARG C 12 26.18 17.82 -12.90
C ARG C 12 26.17 17.97 -11.37
N MET C 13 27.12 18.74 -10.84
CA MET C 13 27.14 19.10 -9.42
C MET C 13 26.83 20.57 -9.26
N GLU C 14 25.88 20.90 -8.40
CA GLU C 14 25.64 22.29 -7.99
C GLU C 14 25.94 22.36 -6.52
N GLY C 15 26.73 23.34 -6.12
CA GLY C 15 27.17 23.42 -4.74
C GLY C 15 27.63 24.78 -4.25
N ALA C 16 28.08 24.81 -3.02
CA ALA C 16 28.67 25.99 -2.45
C ALA C 16 29.65 25.58 -1.35
N VAL C 17 30.67 26.41 -1.14
CA VAL C 17 31.61 26.23 -0.06
C VAL C 17 31.75 27.55 0.64
N ASN C 18 31.65 27.53 1.97
CA ASN C 18 31.59 28.74 2.76
C ASN C 18 30.74 29.84 2.11
N GLY C 19 29.58 29.51 1.58
CA GLY C 19 28.70 30.50 0.95
C GLY C 19 28.96 30.86 -0.51
N HIS C 20 30.11 30.48 -1.07
CA HIS C 20 30.47 30.84 -2.47
C HIS C 20 29.97 29.75 -3.40
N PRO C 21 28.93 30.04 -4.21
CA PRO C 21 28.35 28.99 -5.06
C PRO C 21 29.17 28.64 -6.27
N PHE C 22 28.99 27.43 -6.77
CA PHE C 22 29.66 27.00 -7.98
C PHE C 22 28.90 25.85 -8.63
N ALA C 23 29.32 25.45 -9.83
CA ALA C 23 28.74 24.30 -10.50
C ALA C 23 29.77 23.66 -11.38
N ILE C 24 29.63 22.35 -11.56
CA ILE C 24 30.59 21.56 -12.31
C ILE C 24 29.81 20.52 -13.08
N GLU C 25 30.23 20.28 -14.31
CA GLU C 25 29.64 19.25 -15.15
C GLU C 25 30.74 18.31 -15.56
N GLY C 26 30.39 17.07 -15.85
CA GLY C 26 31.39 16.10 -16.20
C GLY C 26 30.85 14.96 -17.03
N VAL C 27 31.73 14.40 -17.84
CA VAL C 27 31.45 13.18 -18.58
C VAL C 27 32.56 12.20 -18.29
N GLY C 28 32.23 10.92 -18.34
CA GLY C 28 33.23 9.90 -18.13
C GLY C 28 32.73 8.53 -18.53
N LEU C 29 33.57 7.54 -18.28
CA LEU C 29 33.22 6.16 -18.56
C LEU C 29 33.92 5.27 -17.54
N GLY C 30 33.32 4.14 -17.23
CA GLY C 30 33.91 3.20 -16.28
C GLY C 30 33.49 1.77 -16.54
N LYS C 31 34.18 0.86 -15.85
CA LYS C 31 33.94 -0.56 -15.99
C LYS C 31 33.40 -1.12 -14.68
N PRO C 32 32.06 -1.25 -14.57
CA PRO C 32 31.42 -1.69 -13.33
C PRO C 32 32.03 -2.93 -12.70
N PHE C 33 32.27 -3.96 -13.50
CA PHE C 33 32.75 -5.24 -12.98
C PHE C 33 34.25 -5.23 -12.71
N GLU C 34 34.98 -4.35 -13.40
CA GLU C 34 36.40 -4.18 -13.15
C GLU C 34 36.69 -3.18 -12.03
N GLY C 35 35.67 -2.50 -11.52
CA GLY C 35 35.82 -1.53 -10.44
C GLY C 35 36.68 -0.33 -10.81
N LYS C 36 36.61 0.09 -12.08
CA LYS C 36 37.38 1.25 -12.57
C LYS C 36 36.45 2.30 -13.15
N GLN C 37 36.82 3.56 -12.98
CA GLN C 37 36.12 4.65 -13.65
C GLN C 37 37.06 5.83 -13.83
N SER C 38 36.75 6.68 -14.80
CA SER C 38 37.49 7.92 -14.99
C SER C 38 36.54 8.94 -15.58
N MET C 39 36.82 10.23 -15.35
CA MET C 39 35.97 11.26 -15.89
C MET C 39 36.66 12.60 -16.03
N ASP C 40 36.08 13.44 -16.87
CA ASP C 40 36.55 14.79 -17.12
C ASP C 40 35.52 15.77 -16.61
N LEU C 41 35.99 16.74 -15.83
CA LEU C 41 35.11 17.63 -15.09
C LEU C 41 35.44 19.08 -15.40
N LYS C 42 34.40 19.85 -15.75
CA LYS C 42 34.53 21.25 -16.11
C LYS C 42 33.76 22.12 -15.15
N VAL C 43 34.40 23.16 -14.66
CA VAL C 43 33.71 24.16 -13.84
C VAL C 43 32.90 25.08 -14.72
N LYS C 44 31.58 25.02 -14.61
CA LYS C 44 30.69 25.88 -15.43
C LYS C 44 30.35 27.20 -14.77
N GLU C 45 30.34 27.23 -13.45
CA GLU C 45 30.04 28.47 -12.71
C GLU C 45 30.95 28.58 -11.51
N GLY C 46 31.14 29.79 -11.04
CA GLY C 46 31.89 30.04 -9.81
C GLY C 46 33.39 29.82 -9.90
N GLY C 47 33.93 29.61 -11.10
CA GLY C 47 35.38 29.41 -11.28
C GLY C 47 36.13 30.73 -11.30
N PRO C 48 37.44 30.72 -10.99
CA PRO C 48 38.23 29.60 -10.50
C PRO C 48 37.89 29.32 -9.02
N LEU C 49 37.81 28.05 -8.66
CA LEU C 49 37.35 27.67 -7.34
C LEU C 49 38.33 28.17 -6.30
N PRO C 50 37.83 28.85 -5.26
CA PRO C 50 38.67 29.37 -4.18
C PRO C 50 38.92 28.38 -3.04
N PHE C 51 38.87 27.08 -3.34
CA PHE C 51 39.13 26.04 -2.34
C PHE C 51 39.71 24.79 -2.99
N ALA C 52 40.29 23.92 -2.16
CA ALA C 52 40.95 22.71 -2.62
C ALA C 52 39.97 21.79 -3.36
N TYR C 53 40.28 21.48 -4.61
CA TYR C 53 39.43 20.59 -5.43
C TYR C 53 39.24 19.21 -4.80
N ASP C 54 40.21 18.77 -4.02
CA ASP C 54 40.15 17.44 -3.42
C ASP C 54 38.91 17.17 -2.57
N ILE C 55 38.34 18.19 -1.91
CA ILE C 55 37.15 17.96 -1.10
C ILE C 55 35.94 17.53 -1.92
N LEU C 56 35.99 17.77 -3.23
CA LEU C 56 34.93 17.36 -4.15
C LEU C 56 35.07 15.96 -4.73
N THR C 57 36.29 15.43 -4.80
CA THR C 57 36.54 14.30 -5.71
C THR C 57 35.77 13.06 -5.36
N THR C 58 35.71 12.73 -4.07
CA THR C 58 34.96 11.55 -3.61
C THR C 58 33.46 11.69 -3.83
N VAL C 59 32.98 12.88 -4.15
CA VAL C 59 31.57 13.10 -4.40
C VAL C 59 31.24 12.80 -5.84
N PHE C 60 32.18 13.15 -6.72
CA PHE C 60 32.13 12.72 -8.12
C PHE C 60 32.38 11.22 -8.22
N1 GYS C 61 33.14 10.55 -7.43
OG1 GYS C 61 35.11 8.81 -9.06
CB1 GYS C 61 35.02 9.00 -7.65
CA1 GYS C 61 33.52 9.15 -7.34
C1 GYS C 61 33.14 8.65 -5.99
N2 GYS C 61 34.02 8.24 -5.02
N3 GYS C 61 31.86 8.54 -5.59
C2 GYS C 61 31.91 8.06 -4.38
O2 GYS C 61 30.89 7.83 -3.64
CA2 GYS C 61 33.29 7.86 -3.97
CA3 GYS C 61 30.63 8.87 -6.31
CB2 GYS C 61 33.81 7.31 -2.71
CG2 GYS C 61 35.24 7.20 -2.34
CD1 GYS C 61 36.30 7.38 -3.23
CD2 GYS C 61 35.50 7.01 -0.98
CE1 GYS C 61 37.61 7.31 -2.75
CE2 GYS C 61 36.81 6.95 -0.50
CZ GYS C 61 37.86 7.10 -1.39
OH GYS C 61 39.14 7.05 -0.92
C3 GYS C 61 29.65 7.73 -6.43
O3 GYS C 61 28.50 8.10 -6.74
N ASN C 62 30.09 6.58 -6.76
CA ASN C 62 29.14 5.57 -7.26
C ASN C 62 29.74 4.20 -6.99
N ARG C 63 29.19 3.50 -6.01
CA ARG C 63 29.77 2.24 -5.57
C ARG C 63 29.43 1.09 -6.53
N VAL C 64 28.61 1.33 -7.54
CA VAL C 64 28.43 0.39 -8.64
C VAL C 64 29.75 0.08 -9.35
N PHE C 65 30.63 1.08 -9.42
CA PHE C 65 31.96 0.92 -9.99
C PHE C 65 32.90 0.44 -8.89
N ALA C 66 32.63 -0.76 -8.41
CA ALA C 66 33.48 -1.43 -7.44
C ALA C 66 33.43 -2.91 -7.76
N LYS C 67 34.59 -3.55 -7.76
CA LYS C 67 34.68 -4.98 -8.03
C LYS C 67 34.15 -5.77 -6.84
N TYR C 68 32.97 -6.35 -6.99
CA TYR C 68 32.37 -7.22 -5.97
C TYR C 68 32.56 -8.70 -6.33
N PRO C 69 33.17 -9.48 -5.41
CA PRO C 69 33.20 -10.93 -5.63
C PRO C 69 31.80 -11.55 -5.46
N GLU C 70 31.64 -12.77 -5.96
CA GLU C 70 30.34 -13.45 -5.97
C GLU C 70 29.81 -13.83 -4.58
N ASN C 71 30.70 -14.03 -3.61
CA ASN C 71 30.27 -14.40 -2.26
C ASN C 71 29.74 -13.25 -1.39
N ILE C 72 29.82 -12.00 -1.90
CA ILE C 72 29.26 -10.82 -1.22
C ILE C 72 28.13 -10.23 -2.05
N VAL C 73 27.04 -9.85 -1.38
CA VAL C 73 25.90 -9.26 -2.05
C VAL C 73 26.30 -7.87 -2.55
N ASP C 74 25.97 -7.57 -3.81
CA ASP C 74 26.21 -6.25 -4.38
C ASP C 74 24.90 -5.47 -4.40
N TYR C 75 24.69 -4.69 -3.33
CA TYR C 75 23.52 -3.81 -3.13
C TYR C 75 23.29 -2.86 -4.29
N PHE C 76 24.39 -2.39 -4.88
CA PHE C 76 24.40 -1.29 -5.83
C PHE C 76 24.00 -1.73 -7.22
N LYS C 77 24.66 -2.79 -7.70
CA LYS C 77 24.36 -3.35 -9.02
C LYS C 77 22.93 -3.90 -9.08
N GLN C 78 22.48 -4.52 -8.00
CA GLN C 78 21.09 -4.96 -7.89
C GLN C 78 20.09 -3.81 -7.96
N SER C 79 20.45 -2.62 -7.48
CA SER C 79 19.48 -1.53 -7.37
C SER C 79 18.96 -1.02 -8.72
N PHE C 80 19.72 -1.28 -9.79
CA PHE C 80 19.36 -0.84 -11.14
C PHE C 80 18.40 -1.82 -11.82
N PRO C 81 17.66 -1.35 -12.84
CA PRO C 81 17.70 -0.05 -13.52
C PRO C 81 17.13 1.16 -12.76
N GLU C 82 16.32 0.91 -11.73
CA GLU C 82 15.70 2.02 -10.96
C GLU C 82 16.76 2.93 -10.36
N GLY C 83 17.85 2.34 -9.90
CA GLY C 83 18.98 3.09 -9.37
C GLY C 83 18.92 3.27 -7.88
N TYR C 84 19.73 4.18 -7.37
CA TYR C 84 19.79 4.46 -5.94
C TYR C 84 20.31 5.87 -5.74
N SER C 85 20.32 6.30 -4.48
CA SER C 85 20.88 7.60 -4.15
C SER C 85 21.67 7.49 -2.86
N TRP C 86 22.53 8.48 -2.60
CA TRP C 86 23.22 8.52 -1.31
C TRP C 86 23.35 9.91 -0.71
N GLU C 87 23.34 9.96 0.62
CA GLU C 87 23.60 11.19 1.37
C GLU C 87 24.92 10.98 2.11
N ARG C 88 25.68 12.04 2.32
CA ARG C 88 26.96 11.89 3.02
C ARG C 88 27.31 13.11 3.83
N SER C 89 27.89 12.86 4.99
CA SER C 89 28.47 13.90 5.78
C SER C 89 29.96 13.71 5.91
N MET C 90 30.73 14.77 5.71
CA MET C 90 32.17 14.70 5.75
C MET C 90 32.63 15.71 6.76
N ASN C 91 33.11 15.21 7.88
CA ASN C 91 33.46 16.05 9.01
C ASN C 91 34.98 16.15 9.10
N TYR C 92 35.52 17.32 8.83
CA TYR C 92 36.96 17.53 8.83
C TYR C 92 37.44 17.93 10.22
N GLU C 93 38.68 17.58 10.54
CA GLU C 93 39.18 17.73 11.90
C GLU C 93 39.28 19.16 12.40
N ASP C 94 39.36 20.13 11.50
CA ASP C 94 39.44 21.54 11.91
C ASP C 94 38.07 22.25 11.97
N GLY C 95 36.99 21.47 11.91
CA GLY C 95 35.63 22.02 12.02
C GLY C 95 34.85 22.20 10.72
N GLY C 96 35.51 22.10 9.57
CA GLY C 96 34.80 22.13 8.30
C GLY C 96 33.88 20.94 8.16
N ILE C 97 32.65 21.18 7.69
CA ILE C 97 31.68 20.13 7.42
C ILE C 97 31.17 20.26 6.00
N CYS C 98 31.10 19.14 5.31
CA CYS C 98 30.51 19.08 3.98
C CYS C 98 29.42 18.04 3.92
N ASN C 99 28.28 18.44 3.39
CA ASN C 99 27.18 17.53 3.12
C ASN C 99 27.03 17.37 1.64
N ALA C 100 26.80 16.16 1.18
CA ALA C 100 26.60 15.94 -0.23
C ALA C 100 25.58 14.86 -0.49
N THR C 101 24.86 14.99 -1.58
CA THR C 101 23.92 13.99 -1.98
C THR C 101 24.16 13.68 -3.43
N ASN C 102 23.75 12.49 -3.85
CA ASN C 102 23.80 12.11 -5.24
C ASN C 102 22.61 11.24 -5.58
N ASP C 103 21.83 11.66 -6.56
CA ASP C 103 20.75 10.85 -7.07
C ASP C 103 21.23 10.23 -8.37
N ILE C 104 21.28 8.90 -8.37
CA ILE C 104 21.84 8.17 -9.51
C ILE C 104 20.75 7.40 -10.25
N THR C 105 20.61 7.70 -11.54
CA THR C 105 19.66 7.01 -12.40
C THR C 105 20.37 6.48 -13.63
N LEU C 106 19.72 5.54 -14.30
CA LEU C 106 20.30 4.87 -15.46
C LEU C 106 19.51 5.20 -16.71
N ASP C 107 20.19 5.66 -17.75
CA ASP C 107 19.55 5.96 -19.02
C ASP C 107 20.30 5.24 -20.16
N GLY C 108 19.89 4.00 -20.43
CA GLY C 108 20.54 3.17 -21.44
C GLY C 108 21.87 2.65 -20.92
N ASP C 109 22.96 3.05 -21.57
CA ASP C 109 24.32 2.67 -21.15
C ASP C 109 25.00 3.83 -20.38
N CYS C 110 24.17 4.71 -19.82
CA CYS C 110 24.63 5.99 -19.28
C CYS C 110 24.09 6.21 -17.87
N TYR C 111 24.99 6.30 -16.88
CA TYR C 111 24.62 6.70 -15.53
C TYR C 111 24.52 8.20 -15.44
N ILE C 112 23.46 8.70 -14.81
CA ILE C 112 23.27 10.14 -14.64
C ILE C 112 23.31 10.48 -13.16
N TYR C 113 24.19 11.40 -12.77
CA TYR C 113 24.31 11.84 -11.38
C TYR C 113 23.76 13.23 -11.22
N GLU C 114 22.81 13.42 -10.32
CA GLU C 114 22.35 14.75 -9.90
C GLU C 114 22.95 15.01 -8.50
N ILE C 115 23.99 15.84 -8.43
CA ILE C 115 24.76 16.00 -7.18
C ILE C 115 24.64 17.37 -6.55
N ARG C 116 24.42 17.39 -5.24
CA ARG C 116 24.39 18.61 -4.48
C ARG C 116 25.53 18.55 -3.45
N PHE C 117 26.22 19.67 -3.24
CA PHE C 117 27.37 19.74 -2.33
C PHE C 117 27.31 21.02 -1.51
N ASP C 118 27.51 20.96 -0.21
CA ASP C 118 27.51 22.16 0.63
C ASP C 118 28.46 22.08 1.82
N GLY C 119 29.50 22.90 1.80
CA GLY C 119 30.49 22.93 2.87
C GLY C 119 30.42 24.24 3.65
N VAL C 120 30.65 24.17 4.96
CA VAL C 120 30.70 25.36 5.79
C VAL C 120 31.80 25.26 6.87
N ASN C 121 32.11 26.41 7.46
CA ASN C 121 33.05 26.52 8.57
C ASN C 121 34.43 26.01 8.31
N PHE C 122 34.88 26.08 7.06
CA PHE C 122 36.30 25.88 6.79
C PHE C 122 37.04 27.16 7.17
N PRO C 123 37.99 27.06 8.13
CA PRO C 123 38.78 28.25 8.49
C PRO C 123 39.56 28.81 7.31
N ALA C 124 39.61 30.13 7.23
CA ALA C 124 40.28 30.85 6.11
C ALA C 124 41.75 30.45 5.97
N ASN C 125 42.40 30.23 7.10
CA ASN C 125 43.81 29.89 7.12
C ASN C 125 44.08 28.36 7.08
N GLY C 126 43.03 27.55 6.91
CA GLY C 126 43.19 26.10 6.90
C GLY C 126 43.57 25.56 5.52
N PRO C 127 43.95 24.29 5.46
CA PRO C 127 44.45 23.73 4.22
C PRO C 127 43.43 23.67 3.08
N VAL C 128 42.13 23.70 3.36
CA VAL C 128 41.15 23.66 2.28
C VAL C 128 41.06 25.02 1.58
N MET C 129 40.84 26.09 2.34
CA MET C 129 40.76 27.44 1.75
C MET C 129 42.09 27.98 1.24
N GLN C 130 43.22 27.50 1.79
CA GLN C 130 44.55 27.87 1.30
C GLN C 130 45.09 26.86 0.26
N LYS C 131 44.26 25.93 -0.18
CA LYS C 131 44.65 24.97 -1.21
C LYS C 131 46.02 24.31 -0.97
N ARG C 132 46.19 23.72 0.20
CA ARG C 132 47.46 23.05 0.55
C ARG C 132 47.32 21.55 0.60
N THR C 133 46.35 21.02 -0.14
CA THR C 133 46.07 19.57 -0.11
C THR C 133 46.65 18.95 -1.35
N VAL C 134 47.14 17.72 -1.22
CA VAL C 134 47.75 17.01 -2.35
C VAL C 134 46.81 15.91 -2.85
N LYS C 135 46.48 14.97 -1.98
CA LYS C 135 45.66 13.83 -2.38
C LYS C 135 45.08 13.09 -1.17
N TRP C 136 44.03 12.32 -1.42
CA TRP C 136 43.46 11.44 -0.42
C TRP C 136 44.34 10.21 -0.32
N GLU C 137 44.72 9.79 0.88
CA GLU C 137 45.43 8.52 1.04
C GLU C 137 44.40 7.43 0.76
N PRO C 138 44.83 6.28 0.21
CA PRO C 138 43.88 5.18 -0.06
C PRO C 138 43.13 4.79 1.19
N SER C 139 41.93 4.25 1.03
CA SER C 139 41.04 4.03 2.18
C SER C 139 40.21 2.77 2.06
N THR C 140 39.58 2.40 3.16
CA THR C 140 38.75 1.21 3.24
C THR C 140 37.43 1.61 3.85
N GLU C 141 36.36 1.47 3.09
CA GLU C 141 35.04 1.84 3.56
C GLU C 141 34.42 0.61 4.23
N LYS C 142 33.87 0.81 5.41
CA LYS C 142 33.20 -0.25 6.17
C LYS C 142 31.69 -0.14 5.92
N LEU C 143 31.11 -1.07 5.18
CA LEU C 143 29.67 -1.03 4.91
C LEU C 143 28.87 -1.99 5.80
N TYR C 144 27.76 -1.51 6.36
CA TYR C 144 26.93 -2.29 7.27
C TYR C 144 25.50 -1.81 7.18
N VAL C 145 24.56 -2.70 7.51
CA VAL C 145 23.15 -2.38 7.41
C VAL C 145 22.63 -1.88 8.74
N ARG C 146 21.74 -0.89 8.69
CA ARG C 146 21.07 -0.42 9.88
C ARG C 146 19.75 0.16 9.44
N ASP C 147 18.67 -0.19 10.14
CA ASP C 147 17.30 0.20 9.77
C ASP C 147 16.97 -0.16 8.33
N GLY C 148 17.41 -1.33 7.89
CA GLY C 148 17.14 -1.82 6.53
C GLY C 148 17.79 -1.05 5.40
N VAL C 149 18.74 -0.21 5.73
CA VAL C 149 19.45 0.50 4.71
C VAL C 149 20.93 0.44 4.94
N LEU C 150 21.72 0.64 3.89
CA LEU C 150 23.16 0.43 3.95
C LEU C 150 23.91 1.69 4.37
N LYS C 151 24.76 1.58 5.37
CA LYS C 151 25.64 2.68 5.78
C LYS C 151 27.06 2.35 5.41
N GLY C 152 27.87 3.37 5.31
CA GLY C 152 29.27 3.20 5.00
C GLY C 152 30.05 4.25 5.73
N ASP C 153 31.01 3.84 6.54
CA ASP C 153 31.86 4.78 7.25
C ASP C 153 33.29 4.57 6.83
N VAL C 154 34.05 5.67 6.83
CA VAL C 154 35.47 5.60 6.54
C VAL C 154 36.18 6.81 7.16
N ASN C 155 37.34 6.55 7.78
CA ASN C 155 38.26 7.62 8.15
C ASN C 155 39.10 7.90 6.95
N MET C 156 39.10 9.15 6.52
CA MET C 156 39.85 9.55 5.37
C MET C 156 40.93 10.49 5.85
N ALA C 157 41.98 10.62 5.05
CA ALA C 157 43.03 11.58 5.35
C ALA C 157 43.53 12.18 4.06
N LEU C 158 43.66 13.50 4.05
CA LEU C 158 44.28 14.20 2.94
C LEU C 158 45.72 14.43 3.28
N SER C 159 46.59 14.12 2.34
CA SER C 159 48.00 14.45 2.50
C SER C 159 48.15 15.96 2.27
N LEU C 160 48.97 16.62 3.08
CA LEU C 160 49.22 18.04 2.91
C LEU C 160 50.56 18.33 2.26
N GLU C 161 50.60 19.43 1.49
CA GLU C 161 51.82 19.93 0.93
C GLU C 161 52.50 20.32 2.26
N GLY C 162 53.76 20.05 2.43
CA GLY C 162 54.47 20.41 3.68
C GLY C 162 54.52 19.21 4.60
N GLY C 163 54.05 18.07 4.10
CA GLY C 163 53.98 16.86 4.90
C GLY C 163 52.86 16.97 5.91
N GLY C 164 52.56 15.86 6.57
CA GLY C 164 51.45 15.83 7.49
C GLY C 164 50.11 15.62 6.81
N HIS C 165 49.11 15.31 7.61
CA HIS C 165 47.84 14.82 7.09
C HIS C 165 46.67 15.55 7.74
N TYR C 166 45.54 15.54 7.04
CA TYR C 166 44.36 16.29 7.46
C TYR C 166 43.20 15.31 7.48
N ARG C 167 42.69 15.05 8.68
CA ARG C 167 41.76 13.98 8.91
C ARG C 167 40.32 14.41 8.62
N CYS C 168 39.53 13.49 8.04
CA CYS C 168 38.11 13.70 7.78
C CYS C 168 37.31 12.43 8.02
N ASP C 169 36.15 12.51 8.66
CA ASP C 169 35.30 11.34 8.89
C ASP C 169 34.10 11.35 7.96
N PHE C 170 33.92 10.26 7.23
CA PHE C 170 32.85 10.14 6.25
C PHE C 170 31.73 9.29 6.82
N LYS C 171 30.48 9.71 6.65
CA LYS C 171 29.32 8.92 7.04
C LYS C 171 28.29 8.94 5.95
N THR C 172 28.16 7.84 5.24
CA THR C 172 27.32 7.78 4.06
C THR C 172 26.12 6.88 4.34
N THR C 173 24.96 7.28 3.85
CA THR C 173 23.78 6.43 3.79
C THR C 173 23.46 6.14 2.34
N TYR C 174 23.40 4.86 1.98
CA TYR C 174 23.00 4.44 0.63
C TYR C 174 21.55 4.00 0.68
N LYS C 175 20.75 4.42 -0.31
CA LYS C 175 19.34 4.08 -0.38
C LYS C 175 18.97 3.64 -1.76
N ALA C 176 18.67 2.35 -1.89
CA ALA C 176 18.17 1.79 -3.14
C ALA C 176 16.70 2.21 -3.38
N LYS C 177 16.36 2.53 -4.62
CA LYS C 177 14.99 2.94 -4.98
C LYS C 177 14.01 1.77 -5.22
N LYS C 178 14.48 0.55 -4.99
CA LYS C 178 13.62 -0.63 -4.94
C LYS C 178 14.20 -1.60 -3.89
N VAL C 179 13.40 -2.59 -3.50
CA VAL C 179 13.82 -3.55 -2.48
C VAL C 179 14.90 -4.52 -3.09
N VAL C 180 16.04 -4.61 -2.42
CA VAL C 180 17.14 -5.48 -2.85
C VAL C 180 17.62 -6.27 -1.64
N GLN C 181 18.28 -7.39 -1.92
CA GLN C 181 18.95 -8.15 -0.86
C GLN C 181 20.03 -7.32 -0.17
N LEU C 182 20.01 -7.36 1.14
CA LEU C 182 20.94 -6.59 1.96
C LEU C 182 22.19 -7.43 2.24
N PRO C 183 23.38 -6.84 2.00
CA PRO C 183 24.62 -7.56 2.26
C PRO C 183 24.98 -7.60 3.75
N ASP C 184 25.95 -8.44 4.08
CA ASP C 184 26.50 -8.46 5.44
C ASP C 184 27.61 -7.43 5.55
N TYR C 185 28.11 -7.23 6.76
CA TYR C 185 29.24 -6.36 7.02
C TYR C 185 30.37 -6.71 6.05
N HIS C 186 30.91 -5.72 5.35
CA HIS C 186 32.04 -5.95 4.44
C HIS C 186 32.85 -4.67 4.18
N PHE C 187 33.93 -4.82 3.41
CA PHE C 187 34.84 -3.71 3.15
C PHE C 187 34.85 -3.36 1.67
N VAL C 188 35.25 -2.13 1.35
CA VAL C 188 35.57 -1.72 -0.02
C VAL C 188 36.82 -0.83 0.01
N ASP C 189 37.90 -1.28 -0.63
CA ASP C 189 39.13 -0.50 -0.72
C ASP C 189 38.98 0.50 -1.85
N HIS C 190 39.40 1.75 -1.62
CA HIS C 190 39.29 2.81 -2.61
C HIS C 190 40.67 3.40 -2.87
N HIS C 191 40.90 3.79 -4.12
CA HIS C 191 42.04 4.61 -4.48
C HIS C 191 41.55 5.64 -5.50
N ILE C 192 41.76 6.93 -5.22
CA ILE C 192 41.27 8.01 -6.07
C ILE C 192 42.42 8.95 -6.36
N GLU C 193 42.61 9.30 -7.63
CA GLU C 193 43.73 10.17 -8.07
C GLU C 193 43.22 11.18 -9.09
N ILE C 194 43.63 12.43 -8.95
CA ILE C 194 43.47 13.40 -10.01
C ILE C 194 44.62 13.17 -10.98
N LYS C 195 44.34 12.63 -12.16
CA LYS C 195 45.39 12.33 -13.14
C LYS C 195 45.90 13.57 -13.91
N SER C 196 45.03 14.54 -14.16
CA SER C 196 45.46 15.79 -14.80
C SER C 196 44.47 16.92 -14.52
N HIS C 197 45.00 18.13 -14.42
CA HIS C 197 44.19 19.32 -14.22
C HIS C 197 44.87 20.50 -14.87
N ASP C 198 44.09 21.51 -15.24
CA ASP C 198 44.68 22.79 -15.63
C ASP C 198 45.01 23.64 -14.38
N LYS C 199 45.49 24.85 -14.60
CA LYS C 199 46.12 25.64 -13.51
C LYS C 199 45.18 25.92 -12.34
N ASP C 200 43.95 26.25 -12.66
CA ASP C 200 42.95 26.67 -11.66
C ASP C 200 41.85 25.61 -11.51
N TYR C 201 42.10 24.41 -12.03
CA TYR C 201 41.22 23.26 -11.87
C TYR C 201 39.86 23.39 -12.55
N SER C 202 39.75 24.27 -13.54
CA SER C 202 38.50 24.37 -14.33
C SER C 202 38.27 23.11 -15.17
N ASN C 203 39.36 22.41 -15.47
CA ASN C 203 39.30 21.09 -16.09
C ASN C 203 40.10 20.11 -15.27
N VAL C 204 39.49 18.97 -14.97
CA VAL C 204 40.11 17.97 -14.14
C VAL C 204 39.78 16.61 -14.72
N ASN C 205 40.79 15.76 -14.83
CA ASN C 205 40.58 14.35 -15.12
C ASN C 205 40.82 13.56 -13.84
N LEU C 206 39.89 12.66 -13.55
CA LEU C 206 39.79 12.03 -12.24
C LEU C 206 39.63 10.54 -12.43
N HIS C 207 40.33 9.76 -11.63
CA HIS C 207 40.37 8.30 -11.78
C HIS C 207 40.20 7.61 -10.43
N GLU C 208 39.34 6.58 -10.35
CA GLU C 208 39.16 5.77 -9.13
C GLU C 208 39.23 4.25 -9.40
N HIS C 209 39.92 3.50 -8.54
CA HIS C 209 39.79 2.03 -8.47
C HIS C 209 39.02 1.67 -7.23
N ALA C 210 38.31 0.55 -7.23
CA ALA C 210 37.66 0.05 -6.01
C ALA C 210 37.34 -1.46 -6.04
N GLU C 211 37.78 -2.19 -5.00
CA GLU C 211 37.45 -3.61 -4.83
C GLU C 211 36.78 -3.81 -3.47
N ALA C 212 35.81 -4.73 -3.42
CA ALA C 212 35.19 -5.16 -2.15
C ALA C 212 35.81 -6.48 -1.69
N HIS C 213 35.97 -6.64 -0.38
CA HIS C 213 36.38 -7.93 0.21
C HIS C 213 35.64 -8.13 1.54
N SER C 214 35.97 -9.16 2.30
CA SER C 214 35.32 -9.38 3.58
C SER C 214 36.15 -10.21 4.51
N SER D 1 -46.69 -15.15 35.95
CA SER D 1 -46.34 -16.42 35.23
C SER D 1 -45.66 -17.46 36.15
N VAL D 2 -45.28 -18.57 35.53
CA VAL D 2 -44.69 -19.72 36.22
C VAL D 2 -43.32 -19.44 36.80
N ILE D 3 -42.64 -18.36 36.38
CA ILE D 3 -41.28 -18.05 36.83
C ILE D 3 -41.28 -17.23 38.13
N LYS D 4 -40.80 -17.83 39.22
CA LYS D 4 -40.80 -17.21 40.55
C LYS D 4 -39.46 -16.55 40.89
N PRO D 5 -39.46 -15.55 41.79
CA PRO D 5 -38.20 -14.87 42.18
C PRO D 5 -37.11 -15.78 42.80
N ASP D 6 -37.50 -16.87 43.45
CA ASP D 6 -36.57 -17.87 43.99
C ASP D 6 -36.97 -19.25 43.43
N MET D 7 -36.05 -19.92 42.75
CA MET D 7 -36.34 -21.24 42.19
C MET D 7 -35.24 -22.23 42.49
N LYS D 8 -35.61 -23.49 42.60
CA LYS D 8 -34.68 -24.57 42.92
C LYS D 8 -34.24 -25.29 41.65
N ILE D 9 -33.08 -25.93 41.72
CA ILE D 9 -32.54 -26.67 40.59
C ILE D 9 -32.15 -28.05 41.04
N LYS D 10 -32.59 -29.05 40.27
CA LYS D 10 -32.17 -30.42 40.46
C LYS D 10 -31.64 -30.91 39.11
N LEU D 11 -30.44 -31.46 39.09
CA LEU D 11 -29.86 -31.95 37.82
C LEU D 11 -29.10 -33.24 37.97
N ARG D 12 -29.12 -34.03 36.91
CA ARG D 12 -28.22 -35.18 36.78
C ARG D 12 -27.53 -35.12 35.42
N MET D 13 -26.20 -35.22 35.43
CA MET D 13 -25.41 -35.31 34.19
C MET D 13 -24.83 -36.69 34.06
N GLU D 14 -25.01 -37.32 32.92
CA GLU D 14 -24.31 -38.55 32.59
C GLU D 14 -23.43 -38.24 31.40
N GLY D 15 -22.16 -38.62 31.48
CA GLY D 15 -21.23 -38.30 30.42
C GLY D 15 -20.00 -39.16 30.29
N ALA D 16 -19.14 -38.80 29.35
CA ALA D 16 -17.82 -39.41 29.23
C ALA D 16 -16.82 -38.41 28.62
N VAL D 17 -15.55 -38.56 28.97
CA VAL D 17 -14.50 -37.79 28.37
C VAL D 17 -13.42 -38.73 27.94
N ASN D 18 -12.96 -38.59 26.71
CA ASN D 18 -12.04 -39.53 26.10
C ASN D 18 -12.36 -40.97 26.43
N GLY D 19 -13.63 -41.34 26.39
CA GLY D 19 -14.04 -42.71 26.69
C GLY D 19 -14.21 -43.13 28.15
N HIS D 20 -13.80 -42.30 29.11
CA HIS D 20 -13.94 -42.61 30.57
C HIS D 20 -15.27 -42.07 31.09
N PRO D 21 -16.22 -42.96 31.42
CA PRO D 21 -17.58 -42.47 31.77
C PRO D 21 -17.65 -41.94 33.17
N PHE D 22 -18.61 -41.09 33.43
CA PHE D 22 -18.85 -40.55 34.76
C PHE D 22 -20.28 -40.04 34.90
N ALA D 23 -20.66 -39.68 36.10
CA ALA D 23 -21.97 -39.08 36.36
C ALA D 23 -21.90 -38.14 37.53
N ILE D 24 -22.73 -37.11 37.49
CA ILE D 24 -22.74 -36.06 38.49
C ILE D 24 -24.15 -35.68 38.75
N GLU D 25 -24.47 -35.44 40.02
CA GLU D 25 -25.80 -34.97 40.41
C GLU D 25 -25.62 -33.68 41.13
N GLY D 26 -26.64 -32.85 41.11
CA GLY D 26 -26.53 -31.55 41.79
C GLY D 26 -27.86 -30.99 42.21
N VAL D 27 -27.82 -30.17 43.24
CA VAL D 27 -28.97 -29.37 43.65
C VAL D 27 -28.53 -27.94 43.76
N GLY D 28 -29.44 -27.02 43.52
CA GLY D 28 -29.12 -25.60 43.68
C GLY D 28 -30.35 -24.75 43.70
N LEU D 29 -30.13 -23.45 43.74
CA LEU D 29 -31.20 -22.48 43.69
C LEU D 29 -30.70 -21.24 42.99
N GLY D 30 -31.61 -20.53 42.33
CA GLY D 30 -31.24 -19.28 41.66
C GLY D 30 -32.38 -18.30 41.61
N LYS D 31 -32.02 -17.08 41.21
CA LYS D 31 -32.98 -16.00 41.10
C LYS D 31 -33.12 -15.58 39.63
N PRO D 32 -34.12 -16.12 38.93
CA PRO D 32 -34.29 -15.84 37.50
C PRO D 32 -34.19 -14.37 37.10
N PHE D 33 -34.88 -13.51 37.83
CA PHE D 33 -34.97 -12.10 37.45
C PHE D 33 -33.72 -11.34 37.88
N GLU D 34 -33.04 -11.84 38.90
CA GLU D 34 -31.79 -11.24 39.35
C GLU D 34 -30.57 -11.76 38.56
N GLY D 35 -30.78 -12.76 37.70
CA GLY D 35 -29.71 -13.35 36.89
C GLY D 35 -28.63 -14.04 37.71
N LYS D 36 -29.00 -14.64 38.84
CA LYS D 36 -28.05 -15.35 39.70
C LYS D 36 -28.47 -16.78 39.89
N GLN D 37 -27.48 -17.67 40.02
CA GLN D 37 -27.73 -19.04 40.41
C GLN D 37 -26.51 -19.59 41.10
N SER D 38 -26.71 -20.61 41.90
CA SER D 38 -25.60 -21.35 42.51
C SER D 38 -26.04 -22.78 42.70
N MET D 39 -25.08 -23.70 42.73
CA MET D 39 -25.42 -25.09 42.96
C MET D 39 -24.27 -25.89 43.53
N ASP D 40 -24.64 -27.01 44.16
CA ASP D 40 -23.68 -27.95 44.74
C ASP D 40 -23.75 -29.24 43.90
N LEU D 41 -22.58 -29.72 43.48
CA LEU D 41 -22.49 -30.81 42.53
C LEU D 41 -21.64 -31.94 43.09
N LYS D 42 -22.18 -33.16 43.04
CA LYS D 42 -21.51 -34.34 43.55
C LYS D 42 -21.24 -35.34 42.46
N VAL D 43 -20.01 -35.84 42.38
CA VAL D 43 -19.67 -36.91 41.45
C VAL D 43 -20.18 -38.25 42.00
N LYS D 44 -21.17 -38.84 41.35
CA LYS D 44 -21.73 -40.12 41.79
C LYS D 44 -21.01 -41.33 41.18
N GLU D 45 -20.46 -41.19 39.98
CA GLU D 45 -19.76 -42.27 39.32
C GLU D 45 -18.53 -41.74 38.63
N GLY D 46 -17.56 -42.61 38.43
CA GLY D 46 -16.36 -42.27 37.67
C GLY D 46 -15.37 -41.36 38.35
N GLY D 47 -15.55 -41.10 39.63
CA GLY D 47 -14.64 -40.20 40.37
C GLY D 47 -13.40 -40.94 40.83
N PRO D 48 -12.29 -40.25 41.11
CA PRO D 48 -12.08 -38.82 40.89
C PRO D 48 -11.87 -38.53 39.40
N LEU D 49 -12.44 -37.43 38.91
CA LEU D 49 -12.44 -37.14 37.49
C LEU D 49 -11.01 -36.91 37.02
N PRO D 50 -10.59 -37.58 35.95
CA PRO D 50 -9.25 -37.45 35.41
C PRO D 50 -9.08 -36.30 34.40
N PHE D 51 -9.91 -35.26 34.52
CA PHE D 51 -9.85 -34.12 33.61
C PHE D 51 -10.33 -32.87 34.33
N ALA D 52 -10.01 -31.73 33.73
CA ALA D 52 -10.36 -30.45 34.30
C ALA D 52 -11.89 -30.28 34.44
N TYR D 53 -12.35 -30.04 35.67
CA TYR D 53 -13.76 -29.79 35.95
C TYR D 53 -14.35 -28.62 35.19
N ASP D 54 -13.53 -27.64 34.86
CA ASP D 54 -14.01 -26.47 34.15
C ASP D 54 -14.71 -26.75 32.84
N ILE D 55 -14.34 -27.79 32.12
CA ILE D 55 -15.04 -28.08 30.84
C ILE D 55 -16.50 -28.44 31.02
N LEU D 56 -16.88 -28.82 32.23
CA LEU D 56 -18.28 -29.15 32.57
C LEU D 56 -19.13 -27.97 33.05
N THR D 57 -18.51 -26.90 33.58
CA THR D 57 -19.26 -25.93 34.37
C THR D 57 -20.33 -25.17 33.58
N THR D 58 -20.01 -24.75 32.37
CA THR D 58 -21.00 -24.09 31.51
C THR D 58 -22.17 -25.00 31.10
N VAL D 59 -22.05 -26.29 31.33
CA VAL D 59 -23.09 -27.21 30.95
C VAL D 59 -24.07 -27.30 32.09
N PHE D 60 -23.54 -27.26 33.30
CA PHE D 60 -24.38 -27.15 34.49
C PHE D 60 -25.04 -25.77 34.52
N1 GYS D 61 -24.51 -24.64 34.25
OG1 GYS D 61 -24.48 -21.94 36.07
CB1 GYS D 61 -23.80 -22.40 34.92
CA1 GYS D 61 -24.81 -23.23 34.14
C1 GYS D 61 -24.79 -22.83 32.74
N2 GYS D 61 -23.90 -21.95 32.15
N3 GYS D 61 -25.69 -23.30 31.85
C2 GYS D 61 -25.39 -22.72 30.69
O2 GYS D 61 -26.02 -22.91 29.56
CA2 GYS D 61 -24.25 -21.83 30.87
CA3 GYS D 61 -26.74 -24.27 32.12
CB2 GYS D 61 -23.55 -20.99 29.84
CG2 GYS D 61 -22.35 -20.13 30.12
CD1 GYS D 61 -21.77 -20.03 31.39
CD2 GYS D 61 -21.79 -19.44 29.04
CE1 GYS D 61 -20.65 -19.21 31.55
CE2 GYS D 61 -20.67 -18.61 29.21
CZ GYS D 61 -20.08 -18.48 30.48
OH GYS D 61 -18.97 -17.67 30.71
C3 GYS D 61 -28.08 -23.90 31.52
O3 GYS D 61 -28.72 -24.85 31.01
N ASN D 62 -28.55 -22.76 31.85
CA ASN D 62 -30.00 -22.43 31.80
C ASN D 62 -30.14 -20.94 31.69
N ARG D 63 -30.53 -20.49 30.50
CA ARG D 63 -30.55 -19.06 30.22
C ARG D 63 -31.77 -18.38 30.83
N VAL D 64 -32.68 -19.15 31.43
CA VAL D 64 -33.74 -18.58 32.23
C VAL D 64 -33.19 -17.75 33.37
N PHE D 65 -32.06 -18.19 33.92
CA PHE D 65 -31.39 -17.46 35.00
C PHE D 65 -30.47 -16.43 34.36
N ALA D 66 -31.09 -15.46 33.70
CA ALA D 66 -30.40 -14.32 33.10
C ALA D 66 -31.31 -13.12 33.21
N LYS D 67 -30.77 -11.99 33.67
CA LYS D 67 -31.54 -10.76 33.81
C LYS D 67 -31.86 -10.19 32.44
N TYR D 68 -33.11 -10.32 32.00
CA TYR D 68 -33.58 -9.74 30.74
C TYR D 68 -34.32 -8.42 30.98
N PRO D 69 -33.89 -7.32 30.33
CA PRO D 69 -34.68 -6.10 30.39
C PRO D 69 -35.96 -6.23 29.57
N GLU D 70 -36.91 -5.32 29.83
CA GLU D 70 -38.23 -5.40 29.23
C GLU D 70 -38.27 -5.16 27.72
N ASN D 71 -37.30 -4.41 27.21
CA ASN D 71 -37.27 -4.11 25.77
C ASN D 71 -36.71 -5.26 24.88
N ILE D 72 -36.24 -6.35 25.48
CA ILE D 72 -35.81 -7.55 24.76
C ILE D 72 -36.74 -8.72 25.09
N VAL D 73 -37.08 -9.50 24.07
CA VAL D 73 -37.88 -10.70 24.24
C VAL D 73 -37.09 -11.78 24.99
N ASP D 74 -37.70 -12.37 26.01
CA ASP D 74 -37.07 -13.45 26.77
C ASP D 74 -37.66 -14.78 26.32
N TYR D 75 -36.99 -15.39 25.35
CA TYR D 75 -37.35 -16.70 24.75
C TYR D 75 -37.50 -17.79 25.80
N PHE D 76 -36.68 -17.70 26.85
CA PHE D 76 -36.50 -18.78 27.80
C PHE D 76 -37.59 -18.78 28.85
N LYS D 77 -37.83 -17.63 29.47
CA LYS D 77 -38.89 -17.49 30.46
C LYS D 77 -40.27 -17.73 29.86
N GLN D 78 -40.48 -17.28 28.63
CA GLN D 78 -41.71 -17.61 27.89
C GLN D 78 -41.91 -19.09 27.63
N SER D 79 -40.83 -19.85 27.49
CA SER D 79 -40.95 -21.27 27.10
C SER D 79 -41.64 -22.14 28.16
N PHE D 80 -41.64 -21.68 29.40
CA PHE D 80 -42.24 -22.42 30.51
C PHE D 80 -43.74 -22.17 30.62
N PRO D 81 -44.49 -23.08 31.27
CA PRO D 81 -44.07 -24.27 32.04
C PRO D 81 -43.58 -25.48 31.22
N GLU D 82 -43.90 -25.53 29.93
CA GLU D 82 -43.49 -26.66 29.08
C GLU D 82 -41.97 -26.85 29.10
N GLY D 83 -41.25 -25.73 29.10
CA GLY D 83 -39.80 -25.73 29.17
C GLY D 83 -39.13 -25.68 27.81
N TYR D 84 -37.83 -25.99 27.80
CA TYR D 84 -37.06 -26.01 26.56
C TYR D 84 -35.87 -26.93 26.73
N SER D 85 -35.13 -27.13 25.65
CA SER D 85 -33.91 -27.90 25.73
C SER D 85 -32.82 -27.23 24.89
N TRP D 86 -31.55 -27.60 25.13
CA TRP D 86 -30.49 -27.15 24.24
C TRP D 86 -29.44 -28.18 23.90
N GLU D 87 -28.88 -28.06 22.69
CA GLU D 87 -27.74 -28.85 22.24
C GLU D 87 -26.55 -27.91 22.10
N ARG D 88 -25.35 -28.39 22.36
CA ARG D 88 -24.17 -27.53 22.26
C ARG D 88 -22.93 -28.28 21.82
N SER D 89 -22.12 -27.60 21.02
CA SER D 89 -20.84 -28.10 20.66
C SER D 89 -19.79 -27.16 21.16
N MET D 90 -18.75 -27.71 21.76
CA MET D 90 -17.68 -26.92 22.30
C MET D 90 -16.41 -27.43 21.67
N ASN D 91 -15.85 -26.60 20.80
CA ASN D 91 -14.68 -26.94 20.04
C ASN D 91 -13.44 -26.26 20.60
N TYR D 92 -12.54 -27.03 21.21
CA TYR D 92 -11.35 -26.48 21.81
C TYR D 92 -10.22 -26.35 20.79
N GLU D 93 -9.35 -25.38 20.98
CA GLU D 93 -8.32 -25.05 20.00
C GLU D 93 -7.29 -26.15 19.75
N ASP D 94 -7.09 -27.05 20.70
CA ASP D 94 -6.13 -28.14 20.51
C ASP D 94 -6.80 -29.43 19.97
N GLY D 95 -8.04 -29.32 19.49
CA GLY D 95 -8.73 -30.46 18.87
C GLY D 95 -9.75 -31.23 19.73
N GLY D 96 -9.75 -30.97 21.03
CA GLY D 96 -10.79 -31.53 21.86
C GLY D 96 -12.15 -31.03 21.43
N ILE D 97 -13.11 -31.93 21.34
CA ILE D 97 -14.52 -31.56 21.13
C ILE D 97 -15.41 -32.11 22.24
N CYS D 98 -16.34 -31.29 22.72
CA CYS D 98 -17.37 -31.73 23.65
C CYS D 98 -18.73 -31.41 23.13
N ASN D 99 -19.62 -32.40 23.17
CA ASN D 99 -21.04 -32.22 22.87
C ASN D 99 -21.83 -32.36 24.10
N ALA D 100 -22.84 -31.52 24.27
CA ALA D 100 -23.68 -31.64 25.43
C ALA D 100 -25.11 -31.28 25.10
N THR D 101 -26.04 -31.90 25.81
CA THR D 101 -27.43 -31.56 25.69
C THR D 101 -28.00 -31.35 27.07
N ASN D 102 -29.10 -30.61 27.14
CA ASN D 102 -29.82 -30.43 28.40
C ASN D 102 -31.30 -30.31 28.15
N ASP D 103 -32.08 -31.21 28.74
CA ASP D 103 -33.51 -31.15 28.63
C ASP D 103 -34.00 -30.55 29.92
N ILE D 104 -34.67 -29.40 29.82
CA ILE D 104 -35.09 -28.66 31.00
C ILE D 104 -36.62 -28.64 31.13
N THR D 105 -37.11 -29.14 32.26
CA THR D 105 -38.53 -29.16 32.56
C THR D 105 -38.77 -28.51 33.92
N LEU D 106 -40.02 -28.11 34.14
CA LEU D 106 -40.40 -27.42 35.37
C LEU D 106 -41.36 -28.26 36.19
N ASP D 107 -41.03 -28.47 37.46
CA ASP D 107 -41.86 -29.25 38.37
C ASP D 107 -42.15 -28.44 39.64
N GLY D 108 -43.20 -27.63 39.57
CA GLY D 108 -43.53 -26.73 40.67
C GLY D 108 -42.57 -25.55 40.72
N ASP D 109 -41.83 -25.42 41.81
CA ASP D 109 -40.83 -24.35 41.95
C ASP D 109 -39.42 -24.88 41.66
N CYS D 110 -39.35 -25.96 40.89
CA CYS D 110 -38.13 -26.74 40.75
C CYS D 110 -37.85 -27.01 39.28
N TYR D 111 -36.71 -26.52 38.80
CA TYR D 111 -36.23 -26.86 37.45
C TYR D 111 -35.51 -28.20 37.49
N ILE D 112 -35.79 -29.06 36.52
CA ILE D 112 -35.11 -30.33 36.41
C ILE D 112 -34.30 -30.39 35.12
N TYR D 113 -33.00 -30.68 35.25
CA TYR D 113 -32.11 -30.80 34.09
C TYR D 113 -31.74 -32.25 33.86
N GLU D 114 -31.98 -32.74 32.66
CA GLU D 114 -31.46 -34.04 32.23
C GLU D 114 -30.31 -33.74 31.27
N ILE D 115 -29.07 -33.92 31.73
CA ILE D 115 -27.89 -33.51 30.96
C ILE D 115 -26.99 -34.67 30.48
N ARG D 116 -26.62 -34.63 29.22
CA ARG D 116 -25.68 -35.58 28.66
C ARG D 116 -24.43 -34.82 28.18
N PHE D 117 -23.26 -35.39 28.38
CA PHE D 117 -22.00 -34.75 28.06
C PHE D 117 -21.03 -35.74 27.45
N ASP D 118 -20.38 -35.41 26.33
CA ASP D 118 -19.42 -36.32 25.70
C ASP D 118 -18.27 -35.62 25.04
N GLY D 119 -17.07 -35.79 25.58
CA GLY D 119 -15.85 -35.17 25.05
C GLY D 119 -14.87 -36.18 24.48
N VAL D 120 -14.19 -35.82 23.39
CA VAL D 120 -13.21 -36.71 22.77
C VAL D 120 -12.02 -35.94 22.23
N ASN D 121 -10.95 -36.66 21.92
CA ASN D 121 -9.73 -36.12 21.34
C ASN D 121 -9.06 -35.00 22.11
N PHE D 122 -9.20 -35.00 23.43
CA PHE D 122 -8.36 -34.14 24.24
C PHE D 122 -6.97 -34.79 24.32
N PRO D 123 -5.93 -34.12 23.82
CA PRO D 123 -4.57 -34.65 24.00
C PRO D 123 -4.17 -34.89 25.44
N ALA D 124 -3.47 -36.00 25.69
CA ALA D 124 -3.04 -36.42 27.04
C ALA D 124 -2.19 -35.37 27.74
N ASN D 125 -1.36 -34.69 26.96
CA ASN D 125 -0.47 -33.65 27.50
C ASN D 125 -1.10 -32.22 27.51
N GLY D 126 -2.36 -32.09 27.15
CA GLY D 126 -2.97 -30.78 27.05
C GLY D 126 -3.54 -30.34 28.39
N PRO D 127 -3.96 -29.09 28.49
CA PRO D 127 -4.40 -28.54 29.75
C PRO D 127 -5.66 -29.14 30.35
N VAL D 128 -6.49 -29.79 29.55
CA VAL D 128 -7.70 -30.45 30.11
C VAL D 128 -7.34 -31.74 30.85
N MET D 129 -6.65 -32.65 30.18
CA MET D 129 -6.24 -33.91 30.81
C MET D 129 -5.17 -33.74 31.89
N GLN D 130 -4.39 -32.66 31.84
CA GLN D 130 -3.40 -32.37 32.89
C GLN D 130 -3.90 -31.40 33.94
N LYS D 131 -5.18 -31.11 33.90
CA LYS D 131 -5.78 -30.26 34.87
C LYS D 131 -4.96 -29.01 35.14
N ARG D 132 -4.67 -28.24 34.09
CA ARG D 132 -3.96 -26.96 34.23
C ARG D 132 -4.85 -25.77 33.95
N THR D 133 -6.17 -25.91 34.16
CA THR D 133 -7.12 -24.83 33.92
C THR D 133 -7.57 -24.16 35.22
N VAL D 134 -7.79 -22.86 35.19
CA VAL D 134 -8.12 -22.09 36.42
C VAL D 134 -9.58 -21.67 36.39
N LYS D 135 -9.96 -20.93 35.35
CA LYS D 135 -11.32 -20.44 35.23
C LYS D 135 -11.64 -19.94 33.82
N TRP D 136 -12.93 -19.86 33.52
CA TRP D 136 -13.40 -19.28 32.29
C TRP D 136 -13.37 -17.78 32.42
N GLU D 137 -12.80 -17.07 31.46
CA GLU D 137 -12.84 -15.60 31.50
C GLU D 137 -14.30 -15.24 31.21
N PRO D 138 -14.79 -14.13 31.77
CA PRO D 138 -16.16 -13.72 31.50
C PRO D 138 -16.42 -13.63 30.03
N SER D 139 -17.67 -13.81 29.62
CA SER D 139 -17.98 -13.88 28.20
C SER D 139 -19.31 -13.24 27.83
N THR D 140 -19.52 -13.08 26.52
CA THR D 140 -20.70 -12.47 26.00
C THR D 140 -21.24 -13.36 24.91
N GLU D 141 -22.44 -13.89 25.13
CA GLU D 141 -23.05 -14.80 24.18
C GLU D 141 -23.85 -13.98 23.21
N LYS D 142 -23.68 -14.26 21.92
CA LYS D 142 -24.42 -13.60 20.85
C LYS D 142 -25.59 -14.49 20.45
N LEU D 143 -26.82 -14.10 20.79
CA LEU D 143 -28.01 -14.88 20.41
C LEU D 143 -28.73 -14.34 19.18
N TYR D 144 -29.08 -15.22 18.25
CA TYR D 144 -29.73 -14.85 16.99
C TYR D 144 -30.61 -15.98 16.53
N VAL D 145 -31.61 -15.68 15.73
CA VAL D 145 -32.56 -16.67 15.25
C VAL D 145 -32.15 -17.16 13.89
N ARG D 146 -32.33 -18.46 13.67
CA ARG D 146 -32.09 -19.05 12.36
C ARG D 146 -32.95 -20.28 12.27
N ASP D 147 -33.66 -20.44 11.15
CA ASP D 147 -34.66 -21.50 10.95
C ASP D 147 -35.70 -21.56 12.09
N GLY D 148 -36.15 -20.39 12.54
CA GLY D 148 -37.16 -20.32 13.61
C GLY D 148 -36.74 -20.86 14.97
N VAL D 149 -35.45 -21.14 15.17
CA VAL D 149 -34.91 -21.51 16.48
C VAL D 149 -33.77 -20.59 16.86
N LEU D 150 -33.51 -20.48 18.16
CA LEU D 150 -32.53 -19.54 18.69
C LEU D 150 -31.15 -20.18 18.74
N LYS D 151 -30.15 -19.52 18.17
CA LYS D 151 -28.77 -19.95 18.29
C LYS D 151 -28.03 -19.01 19.20
N GLY D 152 -26.92 -19.49 19.74
CA GLY D 152 -26.08 -18.68 20.59
C GLY D 152 -24.66 -19.09 20.35
N ASP D 153 -23.81 -18.14 19.97
CA ASP D 153 -22.40 -18.42 19.80
C ASP D 153 -21.60 -17.59 20.76
N VAL D 154 -20.47 -18.14 21.22
CA VAL D 154 -19.56 -17.41 22.07
C VAL D 154 -18.15 -17.98 21.95
N ASN D 155 -17.16 -17.10 21.88
CA ASN D 155 -15.77 -17.48 22.03
C ASN D 155 -15.47 -17.46 23.47
N MET D 156 -15.02 -18.59 23.97
CA MET D 156 -14.72 -18.72 25.38
C MET D 156 -13.24 -18.91 25.49
N ALA D 157 -12.70 -18.61 26.66
CA ALA D 157 -11.32 -18.84 26.92
C ALA D 157 -11.14 -19.26 28.36
N LEU D 158 -10.37 -20.31 28.56
CA LEU D 158 -9.99 -20.74 29.87
C LEU D 158 -8.63 -20.16 30.20
N SER D 159 -8.51 -19.60 31.40
CA SER D 159 -7.24 -19.13 31.87
C SER D 159 -6.45 -20.36 32.30
N LEU D 160 -5.16 -20.38 31.99
CA LEU D 160 -4.30 -21.49 32.39
C LEU D 160 -3.41 -21.13 33.59
N GLU D 161 -3.13 -22.15 34.42
CA GLU D 161 -2.20 -22.03 35.53
C GLU D 161 -0.91 -21.81 34.68
N GLY D 162 -0.08 -20.87 35.08
CA GLY D 162 1.17 -20.58 34.37
C GLY D 162 0.93 -19.50 33.33
N GLY D 163 -0.22 -18.83 33.42
CA GLY D 163 -0.55 -17.74 32.51
C GLY D 163 -0.96 -18.25 31.14
N GLY D 164 -1.50 -17.36 30.32
CA GLY D 164 -1.94 -17.78 28.99
C GLY D 164 -3.32 -18.42 29.01
N HIS D 165 -3.90 -18.57 27.83
CA HIS D 165 -5.30 -18.85 27.70
C HIS D 165 -5.54 -19.97 26.67
N TYR D 166 -6.67 -20.64 26.80
CA TYR D 166 -6.98 -21.82 26.04
C TYR D 166 -8.35 -21.57 25.45
N ARG D 167 -8.39 -21.43 24.13
CA ARG D 167 -9.55 -20.98 23.42
C ARG D 167 -10.53 -22.12 23.13
N CYS D 168 -11.82 -21.82 23.21
CA CYS D 168 -12.89 -22.77 22.85
C CYS D 168 -14.06 -22.07 22.20
N ASP D 169 -14.61 -22.64 21.14
CA ASP D 169 -15.76 -22.05 20.44
C ASP D 169 -17.05 -22.80 20.78
N PHE D 170 -18.06 -22.07 21.24
CA PHE D 170 -19.34 -22.64 21.68
C PHE D 170 -20.37 -22.37 20.63
N LYS D 171 -21.15 -23.38 20.32
CA LYS D 171 -22.26 -23.23 19.37
C LYS D 171 -23.45 -23.93 19.94
N THR D 172 -24.41 -23.15 20.42
CA THR D 172 -25.58 -23.68 21.10
C THR D 172 -26.84 -23.48 20.25
N THR D 173 -27.70 -24.50 20.21
CA THR D 173 -29.04 -24.38 19.67
C THR D 173 -30.04 -24.51 20.81
N TYR D 174 -30.89 -23.50 20.98
CA TYR D 174 -31.95 -23.55 21.98
C TYR D 174 -33.26 -23.87 21.27
N LYS D 175 -34.03 -24.77 21.86
CA LYS D 175 -35.31 -25.17 21.30
C LYS D 175 -36.39 -25.15 22.35
N ALA D 176 -37.31 -24.22 22.21
CA ALA D 176 -38.49 -24.17 23.06
C ALA D 176 -39.49 -25.29 22.69
N LYS D 177 -40.12 -25.89 23.71
CA LYS D 177 -41.08 -26.99 23.50
C LYS D 177 -42.51 -26.53 23.16
N LYS D 178 -42.68 -25.24 22.99
CA LYS D 178 -43.89 -24.67 22.42
C LYS D 178 -43.55 -23.39 21.66
N VAL D 179 -44.51 -22.87 20.92
CA VAL D 179 -44.29 -21.66 20.14
C VAL D 179 -44.20 -20.44 21.06
N VAL D 180 -43.11 -19.69 20.91
CA VAL D 180 -42.90 -18.46 21.66
C VAL D 180 -42.43 -17.39 20.71
N GLN D 181 -42.61 -16.15 21.13
CA GLN D 181 -42.06 -15.03 20.45
C GLN D 181 -40.54 -15.06 20.29
N LEU D 182 -40.06 -14.85 19.07
CA LEU D 182 -38.64 -14.91 18.80
C LEU D 182 -37.98 -13.54 18.99
N PRO D 183 -36.87 -13.48 19.76
CA PRO D 183 -36.19 -12.21 19.99
C PRO D 183 -35.35 -11.78 18.80
N ASP D 184 -34.92 -10.52 18.81
CA ASP D 184 -33.96 -10.04 17.84
C ASP D 184 -32.55 -10.36 18.31
N TYR D 185 -31.57 -10.11 17.44
CA TYR D 185 -30.16 -10.25 17.79
C TYR D 185 -29.88 -9.52 19.10
N HIS D 186 -29.26 -10.20 20.07
CA HIS D 186 -28.91 -9.56 21.33
C HIS D 186 -27.76 -10.27 22.04
N PHE D 187 -27.32 -9.71 23.17
CA PHE D 187 -26.18 -10.24 23.93
C PHE D 187 -26.59 -10.74 25.29
N VAL D 188 -25.79 -11.63 25.87
CA VAL D 188 -25.90 -12.01 27.28
C VAL D 188 -24.50 -12.15 27.86
N ASP D 189 -24.20 -11.33 28.86
CA ASP D 189 -22.90 -11.37 29.54
C ASP D 189 -22.97 -12.44 30.61
N HIS D 190 -21.92 -13.28 30.69
CA HIS D 190 -21.86 -14.37 31.65
C HIS D 190 -20.63 -14.22 32.50
N HIS D 191 -20.76 -14.62 33.76
CA HIS D 191 -19.62 -14.77 34.63
C HIS D 191 -19.89 -16.04 35.43
N ILE D 192 -18.96 -16.99 35.39
CA ILE D 192 -19.12 -18.28 36.07
C ILE D 192 -17.88 -18.56 36.92
N GLU D 193 -18.08 -18.92 38.20
CA GLU D 193 -16.96 -19.13 39.14
C GLU D 193 -17.23 -20.37 39.94
N ILE D 194 -16.21 -21.19 40.11
CA ILE D 194 -16.26 -22.27 41.08
C ILE D 194 -15.90 -21.62 42.39
N LYS D 195 -16.87 -21.48 43.30
CA LYS D 195 -16.61 -20.85 44.60
C LYS D 195 -15.89 -21.78 45.61
N SER D 196 -16.15 -23.08 45.57
CA SER D 196 -15.45 -24.01 46.45
C SER D 196 -15.50 -25.43 45.88
N HIS D 197 -14.43 -26.18 46.12
CA HIS D 197 -14.36 -27.57 45.71
C HIS D 197 -13.47 -28.33 46.68
N ASP D 198 -13.69 -29.63 46.79
CA ASP D 198 -12.74 -30.48 47.50
C ASP D 198 -11.58 -30.86 46.55
N LYS D 199 -10.68 -31.68 47.06
CA LYS D 199 -9.39 -31.89 46.41
C LYS D 199 -9.48 -32.40 44.97
N ASP D 200 -10.35 -33.38 44.78
CA ASP D 200 -10.51 -34.08 43.51
C ASP D 200 -11.83 -33.72 42.84
N TYR D 201 -12.45 -32.65 43.31
CA TYR D 201 -13.66 -32.08 42.72
C TYR D 201 -14.90 -32.97 42.79
N SER D 202 -14.92 -33.91 43.73
CA SER D 202 -16.12 -34.74 43.94
C SER D 202 -17.26 -33.92 44.48
N ASN D 203 -16.91 -32.81 45.13
CA ASN D 203 -17.89 -31.80 45.56
C ASN D 203 -17.46 -30.45 45.07
N VAL D 204 -18.39 -29.75 44.43
CA VAL D 204 -18.11 -28.46 43.84
C VAL D 204 -19.29 -27.55 44.11
N ASN D 205 -19.00 -26.33 44.54
CA ASN D 205 -20.00 -25.30 44.57
C ASN D 205 -19.71 -24.32 43.45
N LEU D 206 -20.75 -23.98 42.72
CA LEU D 206 -20.65 -23.29 41.44
C LEU D 206 -21.63 -22.13 41.40
N HIS D 207 -21.17 -20.99 40.89
CA HIS D 207 -21.95 -19.76 40.91
C HIS D 207 -21.90 -19.06 39.54
N GLU D 208 -23.05 -18.61 39.01
CA GLU D 208 -23.11 -17.85 37.75
C GLU D 208 -23.96 -16.57 37.87
N HIS D 209 -23.47 -15.46 37.30
CA HIS D 209 -24.28 -14.25 37.05
C HIS D 209 -24.53 -14.13 35.56
N ALA D 210 -25.65 -13.54 35.17
CA ALA D 210 -25.90 -13.27 33.75
C ALA D 210 -26.93 -12.15 33.48
N GLU D 211 -26.55 -11.15 32.66
CA GLU D 211 -27.50 -10.12 32.12
C GLU D 211 -27.53 -10.19 30.64
N ALA D 212 -28.69 -9.85 30.10
CA ALA D 212 -28.84 -9.57 28.68
C ALA D 212 -28.86 -8.06 28.40
N HIS D 213 -28.28 -7.65 27.26
CA HIS D 213 -28.37 -6.28 26.78
C HIS D 213 -28.48 -6.30 25.25
N SER D 214 -28.44 -5.14 24.59
CA SER D 214 -28.49 -5.11 23.14
C SER D 214 -27.82 -3.89 22.59
N GLU D 215 -27.86 -3.69 21.28
CA GLU D 215 -27.32 -2.43 20.72
C GLU D 215 -25.85 -2.26 21.12
N SER E 1 2.72 10.95 24.97
CA SER E 1 1.89 11.89 24.15
C SER E 1 2.39 12.12 22.73
N VAL E 2 3.05 11.15 22.07
CA VAL E 2 3.04 11.12 20.60
C VAL E 2 1.62 11.01 20.10
N ILE E 3 0.73 10.47 20.93
CA ILE E 3 -0.68 10.29 20.59
C ILE E 3 -1.48 11.54 20.94
N LYS E 4 -1.99 12.23 19.92
CA LYS E 4 -2.74 13.49 20.08
C LYS E 4 -4.25 13.26 20.10
N PRO E 5 -5.00 14.18 20.73
CA PRO E 5 -6.49 14.04 20.77
C PRO E 5 -7.21 14.01 19.40
N ASP E 6 -6.61 14.63 18.37
CA ASP E 6 -7.14 14.57 17.00
C ASP E 6 -6.01 14.07 16.11
N MET E 7 -6.23 12.98 15.40
CA MET E 7 -5.20 12.45 14.46
C MET E 7 -5.78 12.09 13.10
N LYS E 8 -4.94 12.20 12.07
CA LYS E 8 -5.35 11.97 10.71
C LYS E 8 -4.97 10.55 10.27
N ILE E 9 -5.67 10.04 9.26
CA ILE E 9 -5.42 8.70 8.75
C ILE E 9 -5.29 8.73 7.25
N LYS E 10 -4.23 8.10 6.76
CA LYS E 10 -4.02 7.97 5.34
C LYS E 10 -3.75 6.48 5.09
N LEU E 11 -4.49 5.87 4.16
CA LEU E 11 -4.34 4.43 3.89
C LEU E 11 -4.46 4.09 2.44
N ARG E 12 -3.75 3.05 2.04
CA ARG E 12 -3.93 2.43 0.75
C ARG E 12 -4.09 0.92 0.96
N MET E 13 -5.16 0.33 0.40
CA MET E 13 -5.35 -1.13 0.39
C MET E 13 -5.19 -1.68 -1.01
N GLU E 14 -4.35 -2.70 -1.18
CA GLU E 14 -4.26 -3.46 -2.43
C GLU E 14 -4.69 -4.86 -2.14
N GLY E 15 -5.61 -5.38 -2.94
CA GLY E 15 -6.20 -6.67 -2.65
C GLY E 15 -6.79 -7.42 -3.84
N ALA E 16 -7.35 -8.58 -3.55
CA ALA E 16 -8.14 -9.30 -4.52
C ALA E 16 -9.23 -10.13 -3.82
N VAL E 17 -10.33 -10.38 -4.51
CA VAL E 17 -11.37 -11.28 -4.03
C VAL E 17 -11.72 -12.23 -5.17
N ASN E 18 -11.75 -13.52 -4.86
CA ASN E 18 -11.90 -14.57 -5.87
C ASN E 18 -11.09 -14.29 -7.14
N GLY E 19 -9.84 -13.86 -6.99
CA GLY E 19 -9.00 -13.59 -8.14
C GLY E 19 -9.16 -12.23 -8.83
N HIS E 20 -10.20 -11.44 -8.51
CA HIS E 20 -10.41 -10.11 -9.17
C HIS E 20 -9.69 -9.04 -8.32
N PRO E 21 -8.60 -8.45 -8.85
CA PRO E 21 -7.82 -7.49 -8.07
C PRO E 21 -8.47 -6.13 -7.98
N PHE E 22 -8.14 -5.38 -6.95
CA PHE E 22 -8.65 -4.04 -6.77
C PHE E 22 -7.72 -3.26 -5.85
N ALA E 23 -7.98 -1.96 -5.72
CA ALA E 23 -7.24 -1.13 -4.79
C ALA E 23 -8.13 -0.01 -4.33
N ILE E 24 -7.88 0.43 -3.11
CA ILE E 24 -8.67 1.46 -2.48
C ILE E 24 -7.73 2.37 -1.72
N GLU E 25 -8.00 3.67 -1.77
CA GLU E 25 -7.25 4.65 -1.01
C GLU E 25 -8.23 5.38 -0.12
N GLY E 26 -7.76 5.90 1.00
CA GLY E 26 -8.63 6.62 1.92
C GLY E 26 -7.94 7.60 2.81
N VAL E 27 -8.68 8.60 3.24
CA VAL E 27 -8.21 9.57 4.20
C VAL E 27 -9.27 9.68 5.27
N GLY E 28 -8.84 9.98 6.48
CA GLY E 28 -9.78 10.15 7.57
C GLY E 28 -9.14 10.81 8.76
N LEU E 29 -9.92 10.91 9.84
CA LEU E 29 -9.43 11.44 11.09
C LEU E 29 -10.17 10.76 12.22
N GLY E 30 -9.51 10.65 13.37
CA GLY E 30 -10.12 10.05 14.54
C GLY E 30 -9.59 10.58 15.84
N LYS E 31 -10.27 10.23 16.93
CA LYS E 31 -9.91 10.67 18.26
C LYS E 31 -9.47 9.49 19.12
N PRO E 32 -8.16 9.25 19.21
CA PRO E 32 -7.64 8.05 19.90
C PRO E 32 -8.21 7.82 21.29
N PHE E 33 -8.27 8.88 22.09
CA PHE E 33 -8.70 8.73 23.48
C PHE E 33 -10.22 8.64 23.58
N GLU E 34 -10.93 9.18 22.59
CA GLU E 34 -12.39 9.10 22.58
C GLU E 34 -12.89 7.82 21.91
N GLY E 35 -11.97 7.05 21.34
CA GLY E 35 -12.31 5.80 20.66
C GLY E 35 -13.20 5.97 19.44
N LYS E 36 -13.02 7.07 18.72
CA LYS E 36 -13.81 7.35 17.51
C LYS E 36 -12.90 7.53 16.31
N GLN E 37 -13.40 7.14 15.13
CA GLN E 37 -12.74 7.47 13.88
C GLN E 37 -13.74 7.50 12.76
N SER E 38 -13.39 8.17 11.67
CA SER E 38 -14.18 8.14 10.44
C SER E 38 -13.26 8.32 9.27
N MET E 39 -13.65 7.82 8.10
CA MET E 39 -12.83 8.00 6.92
C MET E 39 -13.60 7.93 5.63
N ASP E 40 -13.00 8.48 4.59
CA ASP E 40 -13.54 8.45 3.23
C ASP E 40 -12.65 7.63 2.32
N LEU E 41 -13.26 6.71 1.57
CA LEU E 41 -12.53 5.65 0.87
C LEU E 41 -12.93 5.63 -0.58
N LYS E 42 -11.94 5.65 -1.45
CA LYS E 42 -12.13 5.70 -2.88
C LYS E 42 -11.55 4.47 -3.54
N VAL E 43 -12.33 3.83 -4.40
CA VAL E 43 -11.81 2.72 -5.20
C VAL E 43 -11.00 3.24 -6.39
N LYS E 44 -9.69 3.01 -6.38
CA LYS E 44 -8.80 3.50 -7.42
C LYS E 44 -8.62 2.51 -8.56
N GLU E 45 -8.73 1.23 -8.27
CA GLU E 45 -8.63 0.21 -9.29
C GLU E 45 -9.69 -0.87 -9.04
N GLY E 46 -10.06 -1.58 -10.11
CA GLY E 46 -10.95 -2.72 -10.01
C GLY E 46 -12.40 -2.41 -9.73
N GLY E 47 -12.78 -1.14 -9.78
CA GLY E 47 -14.19 -0.75 -9.54
C GLY E 47 -15.05 -0.96 -10.77
N PRO E 48 -16.38 -1.10 -10.62
CA PRO E 48 -17.12 -1.19 -9.37
C PRO E 48 -16.94 -2.58 -8.79
N LEU E 49 -16.79 -2.66 -7.48
CA LEU E 49 -16.41 -3.91 -6.83
C LEU E 49 -17.55 -4.89 -7.01
N PRO E 50 -17.25 -6.11 -7.49
CA PRO E 50 -18.24 -7.14 -7.65
C PRO E 50 -18.55 -7.98 -6.39
N PHE E 51 -18.35 -7.41 -5.20
CA PHE E 51 -18.58 -8.13 -3.94
C PHE E 51 -18.93 -7.14 -2.84
N ALA E 52 -19.48 -7.66 -1.76
CA ALA E 52 -20.01 -6.84 -0.70
C ALA E 52 -18.90 -6.05 -0.05
N TYR E 53 -19.04 -4.73 -0.03
CA TYR E 53 -18.06 -3.85 0.60
C TYR E 53 -17.83 -4.16 2.07
N ASP E 54 -18.85 -4.67 2.76
CA ASP E 54 -18.72 -4.97 4.17
C ASP E 54 -17.57 -5.88 4.57
N ILE E 55 -17.17 -6.82 3.71
CA ILE E 55 -16.05 -7.69 4.06
C ILE E 55 -14.71 -6.94 4.21
N LEU E 56 -14.62 -5.73 3.65
CA LEU E 56 -13.44 -4.91 3.78
C LEU E 56 -13.42 -3.98 5.00
N THR E 57 -14.58 -3.64 5.58
CA THR E 57 -14.66 -2.46 6.46
C THR E 57 -13.83 -2.61 7.73
N THR E 58 -13.88 -3.78 8.35
CA THR E 58 -13.07 -4.05 9.55
C THR E 58 -11.58 -4.04 9.28
N VAL E 59 -11.17 -4.07 8.01
CA VAL E 59 -9.76 -4.04 7.66
C VAL E 59 -9.29 -2.60 7.59
N PHE E 60 -10.15 -1.74 7.08
CA PHE E 60 -9.93 -0.31 7.18
C PHE E 60 -10.01 0.15 8.64
N1 GYS E 61 -10.84 -0.33 9.48
OG1 GYS E 61 -12.54 1.81 11.61
CB1 GYS E 61 -12.53 0.48 11.05
CA1 GYS E 61 -11.08 0.01 10.86
C1 GYS E 61 -10.79 -1.19 11.68
N2 GYS E 61 -11.75 -1.91 12.37
N3 GYS E 61 -9.56 -1.69 11.87
C2 GYS E 61 -9.71 -2.72 12.65
O2 GYS E 61 -8.79 -3.46 13.04
CA2 GYS E 61 -11.10 -2.92 13.01
CA3 GYS E 61 -8.31 -1.20 11.30
CB2 GYS E 61 -11.71 -3.98 13.88
CG2 GYS E 61 -13.16 -4.15 14.14
CD1 GYS E 61 -14.10 -3.25 13.69
CD2 GYS E 61 -13.63 -5.31 14.81
CE1 GYS E 61 -15.46 -3.50 13.93
CE2 GYS E 61 -14.99 -5.56 15.06
CZ GYS E 61 -15.92 -4.64 14.59
OH GYS E 61 -17.28 -4.75 14.79
C3 GYS E 61 -7.16 -1.01 12.27
O3 GYS E 61 -6.09 -1.42 11.75
N ASN E 62 -7.54 -0.30 13.29
CA ASN E 62 -6.47 0.31 14.10
C ASN E 62 -6.96 0.47 15.50
N ARG E 63 -6.45 -0.37 16.40
CA ARG E 63 -6.99 -0.43 17.77
C ARG E 63 -6.49 0.74 18.63
N VAL E 64 -5.58 1.55 18.09
CA VAL E 64 -5.21 2.81 18.73
C VAL E 64 -6.42 3.69 18.93
N PHE E 65 -7.36 3.62 17.99
CA PHE E 65 -8.60 4.40 18.09
C PHE E 65 -9.60 3.59 18.86
N ALA E 66 -9.29 3.38 20.14
CA ALA E 66 -10.16 2.70 21.06
C ALA E 66 -9.97 3.33 22.43
N LYS E 67 -11.06 3.65 23.10
CA LYS E 67 -10.99 4.25 24.41
C LYS E 67 -10.53 3.23 25.44
N TYR E 68 -9.30 3.35 25.89
CA TYR E 68 -8.76 2.52 26.97
C TYR E 68 -8.80 3.23 28.33
N PRO E 69 -9.44 2.62 29.35
CA PRO E 69 -9.33 3.16 30.70
C PRO E 69 -7.92 2.96 31.28
N GLU E 70 -7.62 3.70 32.35
CA GLU E 70 -6.28 3.73 32.94
C GLU E 70 -5.86 2.44 33.60
N ASN E 71 -6.82 1.66 34.07
CA ASN E 71 -6.49 0.39 34.73
C ASN E 71 -6.12 -0.79 33.79
N ILE E 72 -6.23 -0.58 32.47
CA ILE E 72 -5.84 -1.58 31.46
C ILE E 72 -4.67 -1.04 30.66
N VAL E 73 -3.71 -1.89 30.39
CA VAL E 73 -2.57 -1.55 29.57
C VAL E 73 -3.01 -1.37 28.11
N ASP E 74 -2.57 -0.28 27.49
CA ASP E 74 -2.88 0.00 26.09
C ASP E 74 -1.65 -0.32 25.27
N TYR E 75 -1.61 -1.56 24.76
CA TYR E 75 -0.54 -2.10 23.89
C TYR E 75 -0.29 -1.22 22.69
N PHE E 76 -1.37 -0.65 22.17
CA PHE E 76 -1.35 -0.01 20.87
C PHE E 76 -0.78 1.40 20.92
N LYS E 77 -1.31 2.21 21.85
CA LYS E 77 -0.83 3.58 22.06
C LYS E 77 0.65 3.59 22.53
N GLN E 78 1.03 2.63 23.37
CA GLN E 78 2.44 2.45 23.72
C GLN E 78 3.36 2.10 22.55
N SER E 79 2.85 1.41 21.54
CA SER E 79 3.70 0.96 20.44
C SER E 79 4.31 2.10 19.62
N PHE E 80 3.69 3.28 19.66
CA PHE E 80 4.13 4.42 18.87
C PHE E 80 5.23 5.20 19.60
N PRO E 81 6.03 5.98 18.86
CA PRO E 81 5.95 6.33 17.43
C PRO E 81 6.36 5.24 16.41
N GLU E 82 7.08 4.21 16.85
CA GLU E 82 7.53 3.13 15.96
C GLU E 82 6.35 2.46 15.26
N GLY E 83 5.25 2.31 16.01
CA GLY E 83 4.02 1.75 15.47
C GLY E 83 3.91 0.25 15.65
N TYR E 84 2.98 -0.36 14.93
CA TYR E 84 2.75 -1.80 15.00
C TYR E 84 2.11 -2.27 13.71
N SER E 85 1.96 -3.58 13.58
CA SER E 85 1.26 -4.15 12.44
C SER E 85 0.38 -5.29 12.88
N TRP E 86 -0.59 -5.67 12.04
CA TRP E 86 -1.41 -6.84 12.33
C TRP E 86 -1.69 -7.73 11.15
N GLU E 87 -1.81 -9.01 11.42
CA GLU E 87 -2.29 -10.01 10.45
C GLU E 87 -3.66 -10.51 10.91
N ARG E 88 -4.53 -10.87 9.99
CA ARG E 88 -5.84 -11.34 10.34
C ARG E 88 -6.38 -12.37 9.39
N SER E 89 -7.09 -13.34 9.94
CA SER E 89 -7.84 -14.28 9.14
C SER E 89 -9.31 -14.17 9.45
N MET E 90 -10.14 -14.14 8.41
CA MET E 90 -11.55 -14.00 8.58
C MET E 90 -12.17 -15.17 7.86
N ASN E 91 -12.72 -16.07 8.66
CA ASN E 91 -13.30 -17.30 8.15
C ASN E 91 -14.82 -17.24 8.16
N TYR E 92 -15.41 -17.17 6.98
CA TYR E 92 -16.86 -17.05 6.87
C TYR E 92 -17.52 -18.41 6.86
N GLU E 93 -18.75 -18.47 7.35
CA GLU E 93 -19.43 -19.76 7.55
C GLU E 93 -19.74 -20.57 6.28
N ASP E 94 -19.81 -19.92 5.11
CA ASP E 94 -20.04 -20.63 3.87
C ASP E 94 -18.73 -21.04 3.13
N GLY E 95 -17.58 -20.93 3.81
CA GLY E 95 -16.30 -21.32 3.23
C GLY E 95 -15.40 -20.22 2.70
N GLY E 96 -15.93 -19.01 2.56
CA GLY E 96 -15.08 -17.88 2.16
C GLY E 96 -14.04 -17.59 3.24
N ILE E 97 -12.79 -17.40 2.83
CA ILE E 97 -11.71 -17.00 3.71
C ILE E 97 -11.07 -15.71 3.20
N CYS E 98 -10.81 -14.76 4.11
CA CYS E 98 -10.09 -13.55 3.81
C CYS E 98 -8.92 -13.39 4.74
N ASN E 99 -7.75 -13.11 4.17
CA ASN E 99 -6.56 -12.76 4.93
C ASN E 99 -6.25 -11.32 4.70
N ALA E 100 -5.84 -10.63 5.75
CA ALA E 100 -5.48 -9.25 5.61
C ALA E 100 -4.34 -8.89 6.52
N THR E 101 -3.54 -7.92 6.10
CA THR E 101 -2.48 -7.39 6.94
C THR E 101 -2.54 -5.89 6.89
N ASN E 102 -2.00 -5.26 7.91
CA ASN E 102 -1.90 -3.83 7.96
C ASN E 102 -0.62 -3.45 8.65
N ASP E 103 0.22 -2.69 7.96
CA ASP E 103 1.41 -2.12 8.58
C ASP E 103 1.10 -0.68 8.91
N ILE E 104 1.16 -0.34 10.19
CA ILE E 104 0.78 1.00 10.64
C ILE E 104 1.98 1.79 11.17
N THR E 105 2.23 2.95 10.55
CA THR E 105 3.33 3.81 10.95
C THR E 105 2.81 5.22 11.22
N LEU E 106 3.60 6.00 11.94
CA LEU E 106 3.18 7.34 12.34
C LEU E 106 4.07 8.38 11.68
N ASP E 107 3.46 9.36 11.00
CA ASP E 107 4.18 10.43 10.33
C ASP E 107 3.61 11.79 10.79
N GLY E 108 4.14 12.29 11.89
CA GLY E 108 3.64 13.52 12.47
C GLY E 108 2.32 13.26 13.16
N ASP E 109 1.27 13.93 12.70
CA ASP E 109 -0.08 13.76 13.29
C ASP E 109 -0.94 12.84 12.40
N CYS E 110 -0.25 12.00 11.63
CA CYS E 110 -0.86 11.25 10.56
C CYS E 110 -0.48 9.79 10.66
N TYR E 111 -1.47 8.92 10.83
CA TYR E 111 -1.24 7.46 10.74
C TYR E 111 -1.27 6.99 9.31
N ILE E 112 -0.33 6.16 8.93
CA ILE E 112 -0.26 5.63 7.57
C ILE E 112 -0.47 4.11 7.61
N TYR E 113 -1.48 3.63 6.86
CA TYR E 113 -1.78 2.20 6.76
C TYR E 113 -1.37 1.63 5.42
N GLU E 114 -0.53 0.61 5.42
CA GLU E 114 -0.20 -0.14 4.21
C GLU E 114 -0.94 -1.49 4.32
N ILE E 115 -2.05 -1.64 3.59
CA ILE E 115 -2.97 -2.78 3.77
C ILE E 115 -3.02 -3.73 2.59
N ARG E 116 -2.91 -5.03 2.86
CA ARG E 116 -3.07 -6.04 1.85
C ARG E 116 -4.29 -6.90 2.23
N PHE E 117 -5.10 -7.29 1.24
CA PHE E 117 -6.33 -8.04 1.46
C PHE E 117 -6.49 -9.15 0.40
N ASP E 118 -6.80 -10.37 0.81
CA ASP E 118 -6.96 -11.47 -0.14
C ASP E 118 -8.01 -12.50 0.25
N GLY E 119 -9.11 -12.55 -0.49
CA GLY E 119 -10.22 -13.43 -0.19
C GLY E 119 -10.36 -14.48 -1.25
N VAL E 120 -10.77 -15.69 -0.85
CA VAL E 120 -11.01 -16.77 -1.79
C VAL E 120 -12.20 -17.63 -1.39
N ASN E 121 -12.66 -18.44 -2.34
CA ASN E 121 -13.73 -19.42 -2.14
C ASN E 121 -15.07 -18.88 -1.67
N PHE E 122 -15.40 -17.65 -2.04
CA PHE E 122 -16.72 -17.14 -1.78
C PHE E 122 -17.60 -17.72 -2.85
N PRO E 123 -18.60 -18.50 -2.48
CA PRO E 123 -19.50 -19.02 -3.48
C PRO E 123 -20.19 -17.92 -4.29
N ALA E 124 -20.36 -18.15 -5.59
CA ALA E 124 -21.01 -17.18 -6.52
C ALA E 124 -22.42 -16.78 -6.09
N ASN E 125 -23.16 -17.72 -5.54
CA ASN E 125 -24.53 -17.49 -5.12
C ASN E 125 -24.66 -17.04 -3.65
N GLY E 126 -23.53 -16.81 -2.97
CA GLY E 126 -23.57 -16.44 -1.55
C GLY E 126 -23.75 -14.96 -1.34
N PRO E 127 -23.99 -14.54 -0.11
CA PRO E 127 -24.32 -13.15 0.16
C PRO E 127 -23.20 -12.16 -0.10
N VAL E 128 -21.94 -12.60 -0.16
CA VAL E 128 -20.86 -11.67 -0.46
C VAL E 128 -20.82 -11.34 -1.96
N MET E 129 -20.74 -12.35 -2.81
CA MET E 129 -20.73 -12.10 -4.26
C MET E 129 -22.07 -11.56 -4.82
N GLN E 130 -23.19 -11.84 -4.16
CA GLN E 130 -24.49 -11.31 -4.57
C GLN E 130 -24.85 -10.02 -3.81
N LYS E 131 -23.90 -9.47 -3.06
CA LYS E 131 -24.11 -8.21 -2.37
C LYS E 131 -25.44 -8.13 -1.64
N ARG E 132 -25.67 -9.07 -0.75
CA ARG E 132 -26.89 -9.09 0.07
C ARG E 132 -26.61 -8.79 1.51
N THR E 133 -25.53 -8.07 1.80
CA THR E 133 -25.15 -7.78 3.18
C THR E 133 -25.53 -6.36 3.54
N VAL E 134 -25.92 -6.14 4.78
CA VAL E 134 -26.35 -4.81 5.22
C VAL E 134 -25.30 -4.16 6.13
N LYS E 135 -24.98 -4.81 7.25
CA LYS E 135 -24.03 -4.27 8.20
C LYS E 135 -23.52 -5.34 9.17
N TRP E 136 -22.39 -5.04 9.81
CA TRP E 136 -21.87 -5.87 10.87
C TRP E 136 -22.61 -5.56 12.13
N GLU E 137 -23.08 -6.58 12.84
CA GLU E 137 -23.69 -6.35 14.15
C GLU E 137 -22.55 -5.94 15.08
N PRO E 138 -22.83 -5.09 16.09
CA PRO E 138 -21.79 -4.71 17.05
C PRO E 138 -21.15 -5.93 17.71
N SER E 139 -19.90 -5.79 18.14
CA SER E 139 -19.12 -6.93 18.56
C SER E 139 -18.17 -6.62 19.70
N THR E 140 -17.63 -7.67 20.29
CA THR E 140 -16.71 -7.55 21.41
C THR E 140 -15.49 -8.42 21.11
N GLU E 141 -14.33 -7.79 21.02
CA GLU E 141 -13.12 -8.47 20.67
C GLU E 141 -12.46 -8.90 21.96
N LYS E 142 -12.03 -10.15 22.02
CA LYS E 142 -11.38 -10.71 23.20
C LYS E 142 -9.87 -10.68 22.95
N LEU E 143 -9.14 -9.83 23.66
CA LEU E 143 -7.68 -9.75 23.48
C LEU E 143 -6.90 -10.46 24.58
N TYR E 144 -5.90 -11.23 24.20
CA TYR E 144 -5.11 -12.02 25.13
C TYR E 144 -3.71 -12.20 24.57
N VAL E 145 -2.75 -12.44 25.45
CA VAL E 145 -1.35 -12.60 25.04
C VAL E 145 -1.01 -14.05 24.85
N ARG E 146 -0.21 -14.34 23.83
CA ARG E 146 0.27 -15.66 23.61
C ARG E 146 1.57 -15.53 22.84
N ASP E 147 2.59 -16.28 23.28
CA ASP E 147 3.96 -16.20 22.72
C ASP E 147 4.50 -14.75 22.71
N GLY E 148 4.20 -14.00 23.78
CA GLY E 148 4.62 -12.61 23.88
C GLY E 148 4.09 -11.65 22.86
N VAL E 149 3.07 -12.06 22.09
CA VAL E 149 2.33 -11.14 21.19
C VAL E 149 0.85 -11.16 21.52
N LEU E 150 0.17 -10.11 21.13
CA LEU E 150 -1.26 -9.95 21.46
C LEU E 150 -2.15 -10.56 20.39
N LYS E 151 -3.09 -11.41 20.79
CA LYS E 151 -4.09 -11.95 19.88
C LYS E 151 -5.43 -11.34 20.19
N GLY E 152 -6.32 -11.38 19.21
CA GLY E 152 -7.66 -10.89 19.38
C GLY E 152 -8.59 -11.77 18.59
N ASP E 153 -9.60 -12.32 19.23
CA ASP E 153 -10.59 -13.10 18.53
C ASP E 153 -11.95 -12.47 18.70
N VAL E 154 -12.79 -12.62 17.67
CA VAL E 154 -14.17 -12.16 17.74
C VAL E 154 -15.03 -12.95 16.77
N ASN E 155 -16.23 -13.33 17.23
CA ASN E 155 -17.28 -13.82 16.35
C ASN E 155 -18.02 -12.64 15.81
N MET E 156 -18.09 -12.54 14.51
CA MET E 156 -18.73 -11.44 13.88
C MET E 156 -19.91 -11.99 13.15
N ALA E 157 -20.88 -11.13 12.88
CA ALA E 157 -22.03 -11.51 12.09
C ALA E 157 -22.48 -10.36 11.22
N LEU E 158 -22.70 -10.64 9.94
CA LEU E 158 -23.25 -9.66 9.01
C LEU E 158 -24.72 -9.88 8.94
N SER E 159 -25.47 -8.79 9.05
CA SER E 159 -26.90 -8.84 8.89
C SER E 159 -27.17 -8.95 7.39
N LEU E 160 -28.14 -9.77 6.99
CA LEU E 160 -28.46 -9.92 5.57
C LEU E 160 -29.75 -9.19 5.20
N GLU E 161 -29.81 -8.72 3.96
CA GLU E 161 -30.98 -8.02 3.43
C GLU E 161 -32.31 -8.79 3.60
N GLY E 162 -32.34 -10.10 3.39
CA GLY E 162 -33.57 -10.86 3.61
C GLY E 162 -33.83 -11.28 5.05
N GLY E 163 -33.29 -10.53 6.02
CA GLY E 163 -33.28 -10.99 7.43
C GLY E 163 -32.29 -12.13 7.55
N GLY E 164 -31.98 -12.50 8.77
CA GLY E 164 -30.96 -13.52 8.98
C GLY E 164 -29.54 -12.99 8.94
N HIS E 165 -28.60 -13.80 9.38
CA HIS E 165 -27.25 -13.36 9.65
C HIS E 165 -26.23 -14.30 9.02
N TYR E 166 -25.04 -13.78 8.78
CA TYR E 166 -23.96 -14.50 8.09
C TYR E 166 -22.74 -14.44 9.00
N ARG E 167 -22.34 -15.58 9.55
CA ARG E 167 -21.35 -15.65 10.60
C ARG E 167 -19.93 -15.65 10.01
N CYS E 168 -19.01 -14.98 10.72
CA CYS E 168 -17.58 -14.98 10.37
C CYS E 168 -16.72 -15.00 11.61
N ASP E 169 -15.64 -15.77 11.62
CA ASP E 169 -14.73 -15.81 12.77
C ASP E 169 -13.43 -15.06 12.46
N PHE E 170 -13.06 -14.13 13.31
CA PHE E 170 -11.90 -13.29 13.13
C PHE E 170 -10.81 -13.77 14.05
N LYS E 171 -9.61 -13.87 13.52
CA LYS E 171 -8.44 -14.20 14.32
C LYS E 171 -7.30 -13.24 13.98
N THR E 172 -6.99 -12.32 14.86
CA THR E 172 -6.03 -11.29 14.60
C THR E 172 -4.79 -11.47 15.48
N THR E 173 -3.62 -11.26 14.90
CA THR E 173 -2.37 -11.15 15.65
C THR E 173 -1.86 -9.73 15.56
N TYR E 174 -1.64 -9.09 16.70
CA TYR E 174 -1.09 -7.77 16.74
C TYR E 174 0.38 -7.88 17.13
N LYS E 175 1.24 -7.14 16.43
CA LYS E 175 2.70 -7.15 16.67
C LYS E 175 3.28 -5.74 16.75
N ALA E 176 3.69 -5.36 17.95
CA ALA E 176 4.33 -4.07 18.17
C ALA E 176 5.77 -4.11 17.66
N LYS E 177 6.22 -3.01 17.06
CA LYS E 177 7.56 -2.94 16.47
C LYS E 177 8.66 -2.57 17.48
N LYS E 178 8.27 -2.49 18.74
CA LYS E 178 9.23 -2.38 19.85
C LYS E 178 8.61 -3.05 21.08
N VAL E 179 9.43 -3.22 22.11
CA VAL E 179 8.98 -3.85 23.34
C VAL E 179 8.06 -2.93 24.13
N VAL E 180 6.89 -3.44 24.46
CA VAL E 180 5.91 -2.70 25.24
C VAL E 180 5.36 -3.63 26.30
N GLN E 181 4.82 -3.03 27.32
CA GLN E 181 4.09 -3.74 28.32
C GLN E 181 2.92 -4.53 27.78
N LEU E 182 2.82 -5.80 28.16
CA LEU E 182 1.74 -6.66 27.68
C LEU E 182 0.52 -6.60 28.61
N PRO E 183 -0.68 -6.38 28.06
CA PRO E 183 -1.88 -6.29 28.89
C PRO E 183 -2.37 -7.66 29.33
N ASP E 184 -3.30 -7.67 30.28
CA ASP E 184 -4.00 -8.88 30.64
C ASP E 184 -5.20 -9.10 29.71
N TYR E 185 -5.84 -10.26 29.84
CA TYR E 185 -7.04 -10.57 29.12
C TYR E 185 -8.04 -9.43 29.28
N HIS E 186 -8.59 -8.92 28.18
CA HIS E 186 -9.60 -7.85 28.25
C HIS E 186 -10.45 -7.78 27.00
N PHE E 187 -11.43 -6.88 27.00
CA PHE E 187 -12.40 -6.78 25.90
C PHE E 187 -12.30 -5.45 25.22
N VAL E 188 -12.77 -5.39 23.98
CA VAL E 188 -13.00 -4.14 23.25
C VAL E 188 -14.31 -4.24 22.48
N ASP E 189 -15.27 -3.38 22.83
CA ASP E 189 -16.54 -3.31 22.11
C ASP E 189 -16.36 -2.47 20.85
N HIS E 190 -16.90 -2.93 19.73
CA HIS E 190 -16.78 -2.23 18.47
C HIS E 190 -18.17 -1.94 17.94
N HIS E 191 -18.30 -0.81 17.24
CA HIS E 191 -19.46 -0.55 16.43
C HIS E 191 -18.94 0.12 15.17
N ILE E 192 -19.28 -0.43 14.01
CA ILE E 192 -18.81 0.08 12.70
C ILE E 192 -19.99 0.27 11.77
N GLU E 193 -20.09 1.44 11.13
CA GLU E 193 -21.23 1.78 10.29
C GLU E 193 -20.70 2.44 9.02
N ILE E 194 -21.25 2.04 7.87
CA ILE E 194 -21.08 2.81 6.66
C ILE E 194 -22.09 3.94 6.69
N LYS E 195 -21.64 5.17 6.89
CA LYS E 195 -22.56 6.31 7.00
C LYS E 195 -23.11 6.78 5.65
N SER E 196 -22.31 6.69 4.59
CA SER E 196 -22.78 7.07 3.27
C SER E 196 -21.93 6.41 2.20
N HIS E 197 -22.57 6.08 1.09
CA HIS E 197 -21.89 5.52 -0.06
C HIS E 197 -22.61 5.91 -1.33
N ASP E 198 -21.89 5.93 -2.44
CA ASP E 198 -22.56 6.09 -3.74
C ASP E 198 -23.10 4.71 -4.21
N LYS E 199 -23.65 4.67 -5.42
CA LYS E 199 -24.44 3.53 -5.92
C LYS E 199 -23.67 2.23 -5.90
N ASP E 200 -22.44 2.28 -6.40
CA ASP E 200 -21.59 1.11 -6.57
C ASP E 200 -20.43 1.07 -5.59
N TYR E 201 -20.51 1.90 -4.55
CA TYR E 201 -19.53 1.94 -3.45
C TYR E 201 -18.13 2.40 -3.81
N SER E 202 -18.00 3.14 -4.92
CA SER E 202 -16.69 3.70 -5.30
C SER E 202 -16.26 4.77 -4.32
N ASN E 203 -17.25 5.37 -3.65
CA ASN E 203 -17.03 6.30 -2.56
C ASN E 203 -17.81 5.86 -1.37
N VAL E 204 -17.13 5.77 -0.24
CA VAL E 204 -17.74 5.29 1.01
C VAL E 204 -17.24 6.12 2.17
N ASN E 205 -18.16 6.54 3.02
CA ASN E 205 -17.79 7.15 4.28
C ASN E 205 -18.08 6.15 5.38
N LEU E 206 -17.10 5.98 6.26
CA LEU E 206 -17.07 4.86 7.20
C LEU E 206 -16.73 5.36 8.58
N HIS E 207 -17.43 4.86 9.58
CA HIS E 207 -17.34 5.37 10.96
C HIS E 207 -17.26 4.21 11.96
N GLU E 208 -16.35 4.29 12.93
CA GLU E 208 -16.22 3.31 14.01
C GLU E 208 -16.17 3.96 15.40
N HIS E 209 -16.88 3.40 16.37
CA HIS E 209 -16.62 3.65 17.81
C HIS E 209 -15.94 2.43 18.42
N ALA E 210 -15.12 2.62 19.46
CA ALA E 210 -14.57 1.48 20.21
C ALA E 210 -14.13 1.82 21.64
N GLU E 211 -14.60 1.04 22.62
CA GLU E 211 -14.18 1.15 24.02
C GLU E 211 -13.64 -0.18 24.49
N ALA E 212 -12.62 -0.13 25.35
CA ALA E 212 -12.11 -1.32 26.05
C ALA E 212 -12.66 -1.37 27.48
N HIS E 213 -12.95 -2.57 27.97
CA HIS E 213 -13.31 -2.79 29.36
C HIS E 213 -12.69 -4.12 29.83
N SER E 214 -13.00 -4.56 31.05
CA SER E 214 -12.48 -5.84 31.54
C SER E 214 -13.37 -6.48 32.57
N GLU E 215 -12.94 -7.63 33.08
CA GLU E 215 -13.57 -8.43 34.12
C GLU E 215 -13.18 -9.88 33.84
N VAL F 2 21.43 54.20 10.48
CA VAL F 2 21.13 53.27 9.37
C VAL F 2 20.27 52.09 9.92
N ILE F 3 20.51 51.68 11.16
CA ILE F 3 19.66 50.71 11.88
C ILE F 3 18.49 51.44 12.55
N LYS F 4 17.28 51.20 12.06
CA LYS F 4 16.07 51.86 12.54
C LYS F 4 15.35 51.01 13.63
N PRO F 5 14.55 51.64 14.52
CA PRO F 5 13.80 50.89 15.55
C PRO F 5 12.79 49.85 15.03
N ASP F 6 12.26 50.04 13.83
CA ASP F 6 11.38 49.07 13.18
C ASP F 6 11.95 48.75 11.81
N MET F 7 12.24 47.47 11.54
CA MET F 7 12.80 47.08 10.24
C MET F 7 12.10 45.88 9.67
N LYS F 8 12.06 45.81 8.35
CA LYS F 8 11.39 44.73 7.65
C LYS F 8 12.38 43.64 7.22
N ILE F 9 11.86 42.44 7.01
CA ILE F 9 12.68 41.30 6.61
C ILE F 9 12.06 40.63 5.42
N LYS F 10 12.88 40.38 4.41
CA LYS F 10 12.49 39.60 3.26
C LYS F 10 13.53 38.50 3.07
N LEU F 11 13.07 37.26 2.97
CA LEU F 11 13.99 36.15 2.82
C LEU F 11 13.51 35.09 1.87
N ARG F 12 14.45 34.45 1.20
CA ARG F 12 14.19 33.25 0.44
C ARG F 12 15.20 32.17 0.85
N MET F 13 14.70 30.98 1.19
CA MET F 13 15.55 29.83 1.48
C MET F 13 15.37 28.80 0.41
N GLU F 14 16.47 28.33 -0.15
CA GLU F 14 16.44 27.19 -1.04
C GLU F 14 17.24 26.11 -0.35
N GLY F 15 16.70 24.89 -0.30
CA GLY F 15 17.35 23.83 0.42
C GLY F 15 16.95 22.42 0.04
N ALA F 16 17.51 21.45 0.77
CA ALA F 16 17.13 20.08 0.63
C ALA F 16 17.36 19.36 1.96
N VAL F 17 16.57 18.32 2.21
CA VAL F 17 16.77 17.44 3.36
C VAL F 17 16.73 16.00 2.87
N ASN F 18 17.72 15.21 3.27
CA ASN F 18 17.91 13.86 2.74
C ASN F 18 17.68 13.77 1.22
N GLY F 19 18.16 14.76 0.46
CA GLY F 19 18.01 14.74 -1.00
C GLY F 19 16.71 15.30 -1.57
N HIS F 20 15.71 15.57 -0.74
CA HIS F 20 14.43 16.11 -1.21
C HIS F 20 14.43 17.64 -1.18
N PRO F 21 14.48 18.28 -2.36
CA PRO F 21 14.58 19.74 -2.40
C PRO F 21 13.32 20.47 -2.06
N PHE F 22 13.47 21.69 -1.59
CA PHE F 22 12.33 22.54 -1.25
C PHE F 22 12.76 24.02 -1.27
N ALA F 23 11.79 24.92 -1.15
CA ALA F 23 12.07 26.35 -1.06
C ALA F 23 11.00 27.02 -0.25
N ILE F 24 11.40 28.09 0.42
CA ILE F 24 10.53 28.80 1.33
C ILE F 24 10.83 30.28 1.17
N GLU F 25 9.78 31.10 1.19
CA GLU F 25 9.92 32.53 1.14
C GLU F 25 9.25 33.09 2.36
N GLY F 26 9.68 34.26 2.81
CA GLY F 26 9.11 34.84 4.00
C GLY F 26 9.26 36.35 4.07
N VAL F 27 8.31 36.98 4.75
CA VAL F 27 8.38 38.39 5.05
C VAL F 27 8.18 38.53 6.53
N GLY F 28 8.79 39.56 7.10
CA GLY F 28 8.60 39.83 8.52
C GLY F 28 9.07 41.21 8.90
N LEU F 29 9.02 41.48 10.19
CA LEU F 29 9.50 42.73 10.73
C LEU F 29 10.05 42.49 12.12
N GLY F 30 11.03 43.28 12.53
CA GLY F 30 11.60 43.16 13.86
C GLY F 30 12.14 44.45 14.40
N LYS F 31 12.47 44.44 15.68
CA LYS F 31 12.96 45.61 16.39
C LYS F 31 14.40 45.36 16.83
N PRO F 32 15.38 45.80 16.02
CA PRO F 32 16.79 45.56 16.30
C PRO F 32 17.22 45.85 17.73
N PHE F 33 16.82 47.00 18.27
CA PHE F 33 17.29 47.43 19.59
C PHE F 33 16.51 46.76 20.71
N GLU F 34 15.29 46.32 20.41
CA GLU F 34 14.50 45.57 21.38
C GLU F 34 14.79 44.06 21.35
N GLY F 35 15.61 43.61 20.39
CA GLY F 35 15.95 42.20 20.24
C GLY F 35 14.76 41.30 19.92
N LYS F 36 13.78 41.81 19.17
CA LYS F 36 12.60 41.04 18.80
C LYS F 36 12.45 40.96 17.28
N GLN F 37 11.88 39.86 16.80
CA GLN F 37 11.51 39.74 15.39
C GLN F 37 10.41 38.72 15.23
N SER F 38 9.68 38.83 14.13
CA SER F 38 8.66 37.84 13.79
C SER F 38 8.52 37.82 12.30
N MET F 39 8.08 36.68 11.76
CA MET F 39 7.94 36.56 10.32
C MET F 39 6.95 35.50 9.90
N ASP F 40 6.46 35.64 8.68
CA ASP F 40 5.55 34.70 8.07
C ASP F 40 6.26 34.01 6.92
N LEU F 41 6.18 32.68 6.90
CA LEU F 41 6.95 31.87 5.99
C LEU F 41 6.05 30.97 5.18
N LYS F 42 6.22 31.00 3.85
CA LYS F 42 5.45 30.18 2.92
C LYS F 42 6.33 29.20 2.18
N VAL F 43 5.92 27.94 2.13
CA VAL F 43 6.60 26.94 1.32
C VAL F 43 6.22 27.11 -0.14
N LYS F 44 7.17 27.52 -0.98
CA LYS F 44 6.89 27.72 -2.41
C LYS F 44 7.14 26.47 -3.25
N GLU F 45 8.04 25.62 -2.82
CA GLU F 45 8.37 24.39 -3.55
C GLU F 45 8.58 23.26 -2.58
N GLY F 46 8.38 22.04 -3.06
CA GLY F 46 8.65 20.84 -2.28
C GLY F 46 7.68 20.56 -1.14
N GLY F 47 6.57 21.28 -1.06
CA GLY F 47 5.59 21.09 0.02
C GLY F 47 4.67 19.91 -0.29
N PRO F 48 4.05 19.30 0.72
CA PRO F 48 4.24 19.54 2.14
C PRO F 48 5.55 18.91 2.61
N LEU F 49 6.26 19.61 3.49
CA LEU F 49 7.59 19.18 3.86
C LEU F 49 7.50 17.84 4.58
N PRO F 50 8.30 16.85 4.16
CA PRO F 50 8.36 15.56 4.81
C PRO F 50 9.32 15.48 6.01
N PHE F 51 9.54 16.60 6.70
CA PHE F 51 10.40 16.60 7.89
C PHE F 51 9.99 17.69 8.86
N ALA F 52 10.49 17.60 10.08
CA ALA F 52 10.14 18.53 11.15
C ALA F 52 10.58 19.95 10.80
N TYR F 53 9.63 20.87 10.77
CA TYR F 53 9.90 22.29 10.47
C TYR F 53 10.90 22.92 11.41
N ASP F 54 10.96 22.42 12.64
CA ASP F 54 11.85 22.98 13.64
C ASP F 54 13.33 23.03 13.24
N ILE F 55 13.80 22.07 12.45
CA ILE F 55 15.21 22.11 12.03
C ILE F 55 15.56 23.33 11.17
N LEU F 56 14.56 23.97 10.59
CA LEU F 56 14.75 25.18 9.81
C LEU F 56 14.70 26.49 10.61
N THR F 57 14.05 26.51 11.76
CA THR F 57 13.62 27.79 12.34
C THR F 57 14.79 28.69 12.75
N THR F 58 15.81 28.11 13.34
CA THR F 58 17.00 28.87 13.72
C THR F 58 17.77 29.41 12.53
N VAL F 59 17.47 28.94 11.33
CA VAL F 59 18.12 29.43 10.12
C VAL F 59 17.41 30.67 9.61
N PHE F 60 16.09 30.67 9.70
CA PHE F 60 15.28 31.86 9.47
C PHE F 60 15.52 32.88 10.58
N1 GYS F 61 15.78 32.60 11.82
OG1 GYS F 61 13.74 33.90 13.87
CB1 GYS F 61 14.85 33.02 14.01
CA1 GYS F 61 15.96 33.39 13.02
C1 GYS F 61 17.31 33.08 13.54
N2 GYS F 61 17.56 32.47 14.75
N3 GYS F 61 18.46 33.36 12.87
C2 GYS F 61 19.44 32.93 13.67
O2 GYS F 61 20.72 32.97 13.46
CA2 GYS F 61 18.89 32.35 14.86
CA3 GYS F 61 18.63 34.01 11.56
CB2 GYS F 61 19.61 31.75 16.00
CG2 GYS F 61 18.97 31.12 17.17
CD1 GYS F 61 17.60 31.17 17.42
CD2 GYS F 61 19.79 30.37 18.02
CE1 GYS F 61 17.05 30.54 18.53
CE2 GYS F 61 19.23 29.71 19.13
CZ GYS F 61 17.85 29.79 19.39
OH GYS F 61 17.29 29.18 20.48
C3 GYS F 61 19.68 35.12 11.57
O3 GYS F 61 20.54 35.14 10.65
N ASN F 62 19.45 36.04 12.41
CA ASN F 62 20.03 37.39 12.21
C ASN F 62 20.25 38.01 13.55
N ARG F 63 21.52 38.09 13.94
CA ARG F 63 21.84 38.51 15.30
C ARG F 63 21.75 40.02 15.48
N VAL F 64 21.50 40.74 14.38
CA VAL F 64 21.16 42.15 14.48
C VAL F 64 19.92 42.37 15.34
N PHE F 65 18.99 41.43 15.29
CA PHE F 65 17.79 41.47 16.10
C PHE F 65 18.09 40.81 17.42
N ALA F 66 18.99 41.45 18.16
CA ALA F 66 19.31 41.05 19.53
C ALA F 66 19.59 42.33 20.31
N LYS F 67 19.01 42.43 21.50
CA LYS F 67 19.21 43.58 22.35
C LYS F 67 20.63 43.57 22.92
N TYR F 68 21.48 44.45 22.40
CA TYR F 68 22.85 44.62 22.91
C TYR F 68 22.94 45.83 23.87
N PRO F 69 23.42 45.62 25.10
CA PRO F 69 23.72 46.77 25.95
C PRO F 69 24.93 47.55 25.45
N GLU F 70 25.06 48.79 25.93
CA GLU F 70 26.09 49.73 25.46
C GLU F 70 27.52 49.29 25.82
N ASN F 71 27.70 48.52 26.89
CA ASN F 71 29.04 48.08 27.32
C ASN F 71 29.63 46.89 26.52
N ILE F 72 28.84 46.30 25.61
CA ILE F 72 29.31 45.23 24.72
C ILE F 72 29.28 45.72 23.27
N VAL F 73 30.33 45.38 22.51
CA VAL F 73 30.41 45.72 21.10
C VAL F 73 29.37 44.91 20.32
N ASP F 74 28.61 45.60 19.47
CA ASP F 74 27.63 44.93 18.61
C ASP F 74 28.22 44.82 17.20
N TYR F 75 28.87 43.67 16.95
CA TYR F 75 29.48 43.31 15.66
C TYR F 75 28.51 43.44 14.49
N PHE F 76 27.26 43.11 14.76
CA PHE F 76 26.26 42.91 13.73
C PHE F 76 25.68 44.22 13.25
N LYS F 77 25.23 45.06 14.19
CA LYS F 77 24.68 46.38 13.86
C LYS F 77 25.74 47.28 13.20
N GLN F 78 26.97 47.19 13.66
CA GLN F 78 28.08 47.88 13.00
C GLN F 78 28.33 47.43 11.57
N SER F 79 28.05 46.17 11.25
CA SER F 79 28.40 45.63 9.93
C SER F 79 27.64 46.28 8.78
N PHE F 80 26.49 46.88 9.09
CA PHE F 80 25.65 47.54 8.09
C PHE F 80 26.09 48.98 7.82
N PRO F 81 25.71 49.53 6.65
CA PRO F 81 24.81 49.01 5.60
C PRO F 81 25.34 47.86 4.73
N GLU F 82 26.66 47.66 4.68
CA GLU F 82 27.27 46.61 3.84
C GLU F 82 26.72 45.23 4.19
N GLY F 83 26.50 45.01 5.48
CA GLY F 83 25.89 43.78 5.97
C GLY F 83 26.92 42.74 6.36
N TYR F 84 26.46 41.51 6.53
CA TYR F 84 27.31 40.39 6.90
C TYR F 84 26.66 39.08 6.45
N SER F 85 27.40 37.99 6.61
CA SER F 85 26.86 36.68 6.29
C SER F 85 27.28 35.68 7.37
N TRP F 86 26.60 34.54 7.44
CA TRP F 86 27.03 33.47 8.33
C TRP F 86 26.92 32.06 7.75
N GLU F 87 27.83 31.20 8.17
CA GLU F 87 27.80 29.78 7.86
C GLU F 87 27.53 29.04 9.16
N ARG F 88 26.84 27.91 9.10
CA ARG F 88 26.54 27.16 10.31
C ARG F 88 26.47 25.68 10.08
N SER F 89 26.96 24.94 11.05
CA SER F 89 26.81 23.51 11.06
C SER F 89 26.00 23.10 12.26
N MET F 90 25.02 22.23 12.03
CA MET F 90 24.16 21.78 13.11
C MET F 90 24.23 20.28 13.13
N ASN F 91 24.86 19.77 14.16
CA ASN F 91 25.15 18.35 14.28
C ASN F 91 24.21 17.71 15.30
N TYR F 92 23.29 16.90 14.83
CA TYR F 92 22.28 16.30 15.70
C TYR F 92 22.81 14.97 16.28
N GLU F 93 22.36 14.63 17.48
CA GLU F 93 22.93 13.49 18.20
C GLU F 93 22.75 12.13 17.53
N ASP F 94 21.76 11.99 16.66
CA ASP F 94 21.52 10.71 15.97
C ASP F 94 22.20 10.63 14.60
N GLY F 95 23.10 11.56 14.32
CA GLY F 95 23.86 11.53 13.07
C GLY F 95 23.42 12.48 11.96
N GLY F 96 22.24 13.06 12.09
CA GLY F 96 21.81 14.08 11.14
C GLY F 96 22.71 15.29 11.20
N ILE F 97 23.11 15.78 10.03
CA ILE F 97 23.88 17.02 9.91
C ILE F 97 23.17 17.99 9.00
N CYS F 98 23.09 19.24 9.42
CA CYS F 98 22.59 20.31 8.58
C CYS F 98 23.61 21.42 8.45
N ASN F 99 23.87 21.83 7.22
CA ASN F 99 24.66 23.02 6.94
C ASN F 99 23.78 24.12 6.42
N ALA F 100 24.01 25.34 6.86
CA ALA F 100 23.24 26.44 6.35
C ALA F 100 24.08 27.68 6.23
N THR F 101 23.74 28.51 5.27
CA THR F 101 24.38 29.80 5.11
C THR F 101 23.31 30.86 4.97
N ASN F 102 23.66 32.09 5.31
CA ASN F 102 22.78 33.20 5.11
C ASN F 102 23.59 34.41 4.72
N ASP F 103 23.28 34.98 3.55
CA ASP F 103 23.89 36.22 3.12
C ASP F 103 22.87 37.31 3.40
N ILE F 104 23.26 38.25 4.26
CA ILE F 104 22.35 39.31 4.70
C ILE F 104 22.78 40.68 4.18
N THR F 105 21.87 41.33 3.45
CA THR F 105 22.11 42.66 2.91
C THR F 105 20.97 43.58 3.30
N LEU F 106 21.22 44.88 3.22
CA LEU F 106 20.25 45.88 3.62
C LEU F 106 19.81 46.68 2.41
N ASP F 107 18.50 46.78 2.21
CA ASP F 107 17.92 47.56 1.13
C ASP F 107 16.89 48.54 1.70
N GLY F 108 17.36 49.72 2.11
CA GLY F 108 16.47 50.71 2.71
C GLY F 108 16.14 50.33 4.13
N ASP F 109 14.85 50.10 4.41
CA ASP F 109 14.39 49.66 5.72
C ASP F 109 14.12 48.14 5.75
N CYS F 110 14.77 47.43 4.82
CA CYS F 110 14.43 46.04 4.52
C CYS F 110 15.71 45.18 4.52
N TYR F 111 15.78 44.20 5.43
CA TYR F 111 16.84 43.19 5.41
C TYR F 111 16.49 42.09 4.44
N ILE F 112 17.46 41.70 3.63
CA ILE F 112 17.23 40.65 2.65
C ILE F 112 18.15 39.47 2.99
N TYR F 113 17.55 38.30 3.17
CA TYR F 113 18.29 37.08 3.46
C TYR F 113 18.30 36.17 2.25
N GLU F 114 19.49 35.78 1.80
CA GLU F 114 19.65 34.71 0.81
C GLU F 114 20.14 33.47 1.56
N ILE F 115 19.25 32.50 1.80
CA ILE F 115 19.57 31.36 2.67
C ILE F 115 19.64 30.01 1.93
N ARG F 116 20.68 29.26 2.21
CA ARG F 116 20.83 27.94 1.67
C ARG F 116 20.85 26.96 2.86
N PHE F 117 20.18 25.81 2.70
CA PHE F 117 20.04 24.82 3.76
C PHE F 117 20.21 23.41 3.21
N ASP F 118 21.02 22.58 3.85
CA ASP F 118 21.22 21.21 3.37
C ASP F 118 21.47 20.22 4.48
N GLY F 119 20.51 19.33 4.68
CA GLY F 119 20.59 18.32 5.73
C GLY F 119 20.74 16.94 5.12
N VAL F 120 21.51 16.08 5.79
CA VAL F 120 21.66 14.70 5.36
C VAL F 120 21.71 13.73 6.56
N ASN F 121 21.55 12.45 6.26
CA ASN F 121 21.70 11.36 7.23
C ASN F 121 20.78 11.44 8.43
N PHE F 122 19.60 12.02 8.25
CA PHE F 122 18.57 11.91 9.28
C PHE F 122 17.93 10.53 9.12
N PRO F 123 17.98 9.71 10.18
CA PRO F 123 17.37 8.39 10.08
C PRO F 123 15.88 8.49 9.84
N ALA F 124 15.35 7.61 9.00
CA ALA F 124 13.91 7.58 8.63
C ALA F 124 13.00 7.45 9.84
N ASN F 125 13.44 6.69 10.83
CA ASN F 125 12.66 6.46 12.05
C ASN F 125 12.96 7.48 13.19
N GLY F 126 13.77 8.49 12.91
CA GLY F 126 14.13 9.47 13.93
C GLY F 126 13.13 10.60 14.05
N PRO F 127 13.27 11.41 15.09
CA PRO F 127 12.26 12.43 15.36
C PRO F 127 12.13 13.52 14.29
N VAL F 128 13.15 13.73 13.46
CA VAL F 128 13.05 14.76 12.44
C VAL F 128 12.18 14.29 11.28
N MET F 129 12.50 13.13 10.71
CA MET F 129 11.71 12.58 9.60
C MET F 129 10.32 12.10 10.01
N GLN F 130 10.13 11.72 11.29
CA GLN F 130 8.80 11.33 11.80
C GLN F 130 8.07 12.52 12.45
N LYS F 131 8.60 13.73 12.31
CA LYS F 131 7.95 14.92 12.83
C LYS F 131 7.45 14.76 14.27
N ARG F 132 8.34 14.40 15.18
CA ARG F 132 8.00 14.25 16.59
C ARG F 132 8.63 15.31 17.45
N THR F 133 8.92 16.48 16.87
CA THR F 133 9.57 17.57 17.60
C THR F 133 8.54 18.61 17.98
N VAL F 134 8.70 19.22 19.13
CA VAL F 134 7.77 20.25 19.61
C VAL F 134 8.36 21.65 19.49
N LYS F 135 9.50 21.87 20.17
CA LYS F 135 10.13 23.18 20.18
C LYS F 135 11.56 23.12 20.66
N TRP F 136 12.30 24.16 20.33
CA TRP F 136 13.66 24.32 20.83
C TRP F 136 13.56 24.85 22.25
N GLU F 137 14.28 24.26 23.19
CA GLU F 137 14.35 24.83 24.53
C GLU F 137 15.15 26.13 24.39
N PRO F 138 14.86 27.15 25.21
CA PRO F 138 15.65 28.38 25.17
C PRO F 138 17.13 28.11 25.34
N SER F 139 17.97 28.99 24.79
CA SER F 139 19.39 28.72 24.73
C SER F 139 20.24 29.95 24.93
N THR F 140 21.52 29.74 25.11
CA THR F 140 22.49 30.80 25.29
C THR F 140 23.63 30.55 24.33
N GLU F 141 23.84 31.49 23.42
CA GLU F 141 24.90 31.36 22.44
C GLU F 141 26.16 32.01 23.01
N LYS F 142 27.28 31.32 22.91
CA LYS F 142 28.57 31.80 23.40
C LYS F 142 29.35 32.36 22.21
N LEU F 143 29.51 33.68 22.13
CA LEU F 143 30.24 34.30 21.00
C LEU F 143 31.66 34.68 21.37
N TYR F 144 32.60 34.35 20.51
CA TYR F 144 34.03 34.60 20.75
C TYR F 144 34.74 34.79 19.42
N VAL F 145 35.86 35.51 19.44
CA VAL F 145 36.60 35.80 18.22
C VAL F 145 37.69 34.78 18.01
N ARG F 146 37.91 34.40 16.77
CA ARG F 146 39.01 33.54 16.43
C ARG F 146 39.35 33.82 14.97
N ASP F 147 40.64 33.98 14.68
CA ASP F 147 41.14 34.37 13.35
C ASP F 147 40.46 35.66 12.83
N GLY F 148 40.25 36.62 13.73
CA GLY F 148 39.63 37.90 13.36
C GLY F 148 38.18 37.83 12.89
N VAL F 149 37.52 36.68 13.06
CA VAL F 149 36.08 36.54 12.77
C VAL F 149 35.36 36.01 13.99
N LEU F 150 34.07 36.30 14.07
CA LEU F 150 33.28 35.98 15.25
C LEU F 150 32.69 34.58 15.11
N LYS F 151 32.87 33.74 16.13
CA LYS F 151 32.24 32.41 16.19
C LYS F 151 31.17 32.42 17.25
N GLY F 152 30.25 31.49 17.13
CA GLY F 152 29.18 31.35 18.10
C GLY F 152 28.87 29.89 18.24
N ASP F 153 28.96 29.36 19.44
CA ASP F 153 28.60 27.97 19.69
C ASP F 153 27.46 27.90 20.67
N VAL F 154 26.61 26.90 20.50
CA VAL F 154 25.50 26.66 21.41
C VAL F 154 25.09 25.18 21.36
N ASN F 155 24.86 24.59 22.54
CA ASN F 155 24.18 23.33 22.63
C ASN F 155 22.71 23.60 22.62
N MET F 156 22.02 22.98 21.68
CA MET F 156 20.61 23.18 21.54
C MET F 156 19.94 21.86 21.86
N ALA F 157 18.68 21.92 22.22
CA ALA F 157 17.90 20.72 22.45
C ALA F 157 16.49 20.96 21.96
N LEU F 158 15.97 19.99 21.18
CA LEU F 158 14.56 19.98 20.79
C LEU F 158 13.79 19.12 21.76
N SER F 159 12.68 19.66 22.24
CA SER F 159 11.79 18.88 23.08
C SER F 159 11.06 17.91 22.15
N LEU F 160 10.85 16.69 22.60
CA LEU F 160 10.11 15.72 21.81
C LEU F 160 8.71 15.47 22.34
N GLU F 161 7.80 15.16 21.43
CA GLU F 161 6.44 14.83 21.76
C GLU F 161 6.25 13.87 22.90
N GLY F 162 6.97 12.76 22.89
CA GLY F 162 6.81 11.77 23.94
C GLY F 162 7.57 12.08 25.21
N GLY F 163 7.83 13.36 25.48
CA GLY F 163 8.78 13.75 26.51
C GLY F 163 10.20 13.43 26.05
N GLY F 164 11.20 13.91 26.78
CA GLY F 164 12.56 13.69 26.36
C GLY F 164 13.02 14.69 25.31
N HIS F 165 14.33 14.72 25.08
CA HIS F 165 14.95 15.79 24.35
C HIS F 165 15.91 15.24 23.31
N TYR F 166 16.17 16.04 22.27
CA TYR F 166 16.97 15.65 21.12
C TYR F 166 18.05 16.69 20.97
N ARG F 167 19.28 16.28 21.20
CA ARG F 167 20.41 17.20 21.31
C ARG F 167 20.99 17.55 19.94
N CYS F 168 21.38 18.81 19.78
CA CYS F 168 22.06 19.27 18.56
C CYS F 168 23.16 20.27 18.91
N ASP F 169 24.32 20.18 18.26
CA ASP F 169 25.40 21.15 18.49
C ASP F 169 25.52 22.13 17.33
N PHE F 170 25.50 23.43 17.63
CA PHE F 170 25.54 24.49 16.61
C PHE F 170 26.91 25.10 16.60
N LYS F 171 27.45 25.30 15.41
CA LYS F 171 28.73 25.98 15.26
C LYS F 171 28.60 26.98 14.14
N THR F 172 28.56 28.26 14.50
CA THR F 172 28.33 29.32 13.54
C THR F 172 29.56 30.17 13.37
N THR F 173 29.84 30.55 12.13
CA THR F 173 30.85 31.58 11.84
C THR F 173 30.15 32.80 11.29
N TYR F 174 30.37 33.95 11.92
CA TYR F 174 29.83 35.21 11.42
C TYR F 174 30.94 35.97 10.70
N LYS F 175 30.64 36.53 9.53
CA LYS F 175 31.60 37.30 8.75
C LYS F 175 31.02 38.61 8.29
N ALA F 176 31.53 39.70 8.85
CA ALA F 176 31.15 41.06 8.44
C ALA F 176 31.82 41.40 7.09
N LYS F 177 31.08 42.08 6.23
CA LYS F 177 31.59 42.44 4.89
C LYS F 177 32.44 43.72 4.88
N LYS F 178 32.65 44.27 6.06
CA LYS F 178 33.45 45.44 6.30
C LYS F 178 34.25 45.19 7.58
N VAL F 179 35.36 45.89 7.78
CA VAL F 179 36.10 45.78 9.04
C VAL F 179 35.33 46.46 10.17
N VAL F 180 35.08 45.71 11.23
CA VAL F 180 34.27 46.14 12.35
C VAL F 180 35.09 45.95 13.62
N GLN F 181 34.83 46.75 14.66
CA GLN F 181 35.37 46.44 15.99
C GLN F 181 34.90 45.07 16.48
N LEU F 182 35.85 44.27 16.97
CA LEU F 182 35.58 42.94 17.42
C LEU F 182 35.20 42.94 18.91
N PRO F 183 34.08 42.29 19.27
CA PRO F 183 33.69 42.22 20.68
C PRO F 183 34.50 41.22 21.49
N ASP F 184 34.39 41.29 22.80
CA ASP F 184 34.97 40.30 23.67
C ASP F 184 34.02 39.12 23.81
N TYR F 185 34.49 38.07 24.48
CA TYR F 185 33.64 36.92 24.80
C TYR F 185 32.36 37.40 25.46
N HIS F 186 31.20 36.98 24.96
CA HIS F 186 29.91 37.34 25.56
C HIS F 186 28.80 36.32 25.22
N PHE F 187 27.62 36.55 25.77
CA PHE F 187 26.51 35.63 25.63
C PHE F 187 25.36 36.29 24.91
N VAL F 188 24.49 35.48 24.32
CA VAL F 188 23.20 35.94 23.79
C VAL F 188 22.13 34.89 24.08
N ASP F 189 21.14 35.26 24.88
CA ASP F 189 20.02 34.36 25.22
C ASP F 189 19.01 34.43 24.10
N HIS F 190 18.52 33.25 23.69
CA HIS F 190 17.56 33.15 22.59
C HIS F 190 16.32 32.44 23.09
N HIS F 191 15.18 32.86 22.56
CA HIS F 191 13.96 32.13 22.71
C HIS F 191 13.25 32.21 21.37
N ILE F 192 12.90 31.05 20.79
CA ILE F 192 12.28 30.99 19.47
C ILE F 192 11.02 30.13 19.56
N GLU F 193 9.90 30.62 19.03
CA GLU F 193 8.60 29.92 19.12
C GLU F 193 7.88 30.00 17.78
N ILE F 194 7.29 28.90 17.34
CA ILE F 194 6.36 28.92 16.21
C ILE F 194 5.02 29.31 16.79
N LYS F 195 4.56 30.53 16.52
CA LYS F 195 3.31 31.02 17.12
C LYS F 195 2.07 30.46 16.44
N SER F 196 2.15 30.22 15.14
CA SER F 196 1.00 29.61 14.43
C SER F 196 1.47 28.95 13.15
N HIS F 197 0.81 27.87 12.79
CA HIS F 197 1.09 27.18 11.55
C HIS F 197 -0.19 26.54 11.04
N ASP F 198 -0.28 26.31 9.74
CA ASP F 198 -1.36 25.47 9.21
C ASP F 198 -0.98 23.99 9.36
N LYS F 199 -1.84 23.11 8.86
CA LYS F 199 -1.74 21.67 9.16
C LYS F 199 -0.42 21.04 8.74
N ASP F 200 0.05 21.39 7.55
CA ASP F 200 1.25 20.80 6.95
C ASP F 200 2.41 21.79 6.89
N TYR F 201 2.28 22.88 7.66
CA TYR F 201 3.33 23.88 7.83
C TYR F 201 3.70 24.66 6.56
N SER F 202 2.80 24.71 5.57
CA SER F 202 3.04 25.53 4.37
C SER F 202 3.03 27.01 4.73
N ASN F 203 2.34 27.34 5.82
CA ASN F 203 2.36 28.67 6.39
C ASN F 203 2.73 28.59 7.84
N VAL F 204 3.72 29.40 8.23
CA VAL F 204 4.23 29.39 9.59
C VAL F 204 4.46 30.82 10.01
N ASN F 205 4.01 31.15 11.21
CA ASN F 205 4.40 32.40 11.85
C ASN F 205 5.39 32.09 12.96
N LEU F 206 6.48 32.82 12.97
CA LEU F 206 7.65 32.49 13.76
C LEU F 206 8.14 33.72 14.50
N HIS F 207 8.48 33.54 15.77
CA HIS F 207 8.80 34.65 16.66
C HIS F 207 10.06 34.35 17.46
N GLU F 208 10.98 35.32 17.56
CA GLU F 208 12.21 35.19 18.36
C GLU F 208 12.44 36.40 19.27
N HIS F 209 12.81 36.17 20.53
CA HIS F 209 13.41 37.20 21.39
C HIS F 209 14.90 36.93 21.52
N ALA F 210 15.70 37.97 21.73
CA ALA F 210 17.13 37.77 22.02
C ALA F 210 17.79 38.96 22.73
N GLU F 211 18.46 38.67 23.85
CA GLU F 211 19.25 39.68 24.57
C GLU F 211 20.68 39.20 24.71
N ALA F 212 21.63 40.13 24.64
CA ALA F 212 23.04 39.83 24.93
C ALA F 212 23.38 40.28 26.35
N HIS F 213 24.25 39.53 27.03
CA HIS F 213 24.80 39.95 28.33
C HIS F 213 26.29 39.54 28.39
N SER F 214 26.97 39.76 29.50
CA SER F 214 28.42 39.42 29.54
C SER F 214 28.79 39.72 30.97
N GLU F 215 29.52 38.83 31.63
CA GLU F 215 29.56 38.92 33.10
C GLU F 215 30.96 39.22 33.67
N SER G 1 15.97 18.90 57.32
CA SER G 1 17.11 19.20 58.24
C SER G 1 18.36 18.33 58.04
N VAL G 2 18.32 17.31 57.19
CA VAL G 2 19.53 16.56 56.88
C VAL G 2 20.56 17.44 56.19
N ILE G 3 20.07 18.21 55.22
CA ILE G 3 20.85 19.24 54.54
C ILE G 3 20.80 20.52 55.39
N LYS G 4 21.95 20.90 55.95
CA LYS G 4 22.05 22.08 56.83
C LYS G 4 22.52 23.32 56.08
N PRO G 5 22.19 24.52 56.60
CA PRO G 5 22.60 25.77 55.94
C PRO G 5 24.13 25.96 55.79
N ASP G 6 24.92 25.38 56.69
CA ASP G 6 26.38 25.40 56.58
C ASP G 6 26.88 23.96 56.63
N MET G 7 27.61 23.52 55.59
CA MET G 7 28.14 22.15 55.57
C MET G 7 29.60 22.11 55.17
N LYS G 8 30.31 21.11 55.66
CA LYS G 8 31.73 20.97 55.41
C LYS G 8 32.00 20.00 54.28
N ILE G 9 33.18 20.14 53.65
CA ILE G 9 33.58 19.28 52.55
C ILE G 9 34.97 18.74 52.80
N LYS G 10 35.11 17.44 52.62
CA LYS G 10 36.39 16.78 52.67
C LYS G 10 36.54 15.94 51.41
N LEU G 11 37.65 16.11 50.70
CA LEU G 11 37.86 15.39 49.44
C LEU G 11 39.27 14.96 49.21
N ARG G 12 39.40 13.83 48.53
CA ARG G 12 40.69 13.39 48.02
C ARG G 12 40.52 13.07 46.54
N MET G 13 41.40 13.63 45.71
CA MET G 13 41.48 13.26 44.30
C MET G 13 42.77 12.52 44.02
N GLU G 14 42.67 11.38 43.36
CA GLU G 14 43.85 10.70 42.83
C GLU G 14 43.71 10.67 41.35
N GLY G 15 44.77 11.04 40.65
CA GLY G 15 44.69 11.15 39.20
C GLY G 15 45.99 11.08 38.43
N ALA G 16 45.89 11.27 37.13
CA ALA G 16 47.06 11.39 36.28
C ALA G 16 46.71 12.23 35.06
N VAL G 17 47.71 12.90 34.51
CA VAL G 17 47.56 13.64 33.26
C VAL G 17 48.71 13.26 32.38
N ASN G 18 48.41 12.92 31.16
CA ASN G 18 49.42 12.39 30.23
C ASN G 18 50.38 11.41 30.89
N GLY G 19 49.84 10.52 31.72
CA GLY G 19 50.67 9.50 32.38
C GLY G 19 51.39 9.92 33.67
N HIS G 20 51.43 11.21 34.00
CA HIS G 20 52.12 11.69 35.19
C HIS G 20 51.13 11.72 36.39
N PRO G 21 51.30 10.82 37.37
CA PRO G 21 50.33 10.74 38.44
C PRO G 21 50.44 11.85 39.47
N PHE G 22 49.35 12.14 40.16
CA PHE G 22 49.34 13.10 41.24
C PHE G 22 48.18 12.82 42.20
N ALA G 23 48.16 13.54 43.33
CA ALA G 23 47.04 13.45 44.27
C ALA G 23 46.86 14.76 44.98
N ILE G 24 45.63 15.05 45.36
CA ILE G 24 45.27 16.30 45.94
C ILE G 24 44.24 16.04 46.99
N GLU G 25 44.37 16.74 48.12
CA GLU G 25 43.40 16.64 49.20
C GLU G 25 42.86 18.03 49.45
N GLY G 26 41.66 18.11 49.97
CA GLY G 26 41.06 19.40 50.22
C GLY G 26 40.00 19.38 51.31
N VAL G 27 39.84 20.54 51.96
CA VAL G 27 38.77 20.74 52.92
C VAL G 27 38.08 22.00 52.51
N GLY G 28 36.80 22.08 52.81
CA GLY G 28 36.06 23.30 52.51
C GLY G 28 34.72 23.31 53.20
N LEU G 29 33.95 24.34 52.89
CA LEU G 29 32.62 24.49 53.44
C LEU G 29 31.77 25.20 52.41
N GLY G 30 30.48 24.91 52.41
CA GLY G 30 29.56 25.58 51.51
C GLY G 30 28.16 25.70 52.08
N LYS G 31 27.35 26.51 51.41
CA LYS G 31 25.99 26.78 51.83
C LYS G 31 25.04 26.21 50.77
N PRO G 32 24.54 24.98 51.00
CA PRO G 32 23.67 24.29 50.04
C PRO G 32 22.53 25.14 49.49
N PHE G 33 21.81 25.83 50.36
CA PHE G 33 20.63 26.59 49.94
C PHE G 33 20.99 27.93 49.33
N GLU G 34 22.16 28.46 49.69
CA GLU G 34 22.65 29.70 49.10
C GLU G 34 23.43 29.46 47.78
N GLY G 35 23.67 28.19 47.44
CA GLY G 35 24.38 27.83 46.21
C GLY G 35 25.83 28.30 46.17
N LYS G 36 26.48 28.33 47.33
CA LYS G 36 27.88 28.77 47.43
C LYS G 36 28.74 27.68 48.04
N GLN G 37 29.99 27.60 47.62
CA GLN G 37 30.98 26.74 48.26
C GLN G 37 32.36 27.30 48.04
N SER G 38 33.28 26.94 48.93
CA SER G 38 34.67 27.30 48.77
C SER G 38 35.51 26.23 49.42
N MET G 39 36.75 26.07 48.96
CA MET G 39 37.60 25.06 49.53
C MET G 39 39.06 25.34 49.32
N ASP G 40 39.87 24.70 50.17
CA ASP G 40 41.31 24.79 50.09
C ASP G 40 41.85 23.44 49.69
N LEU G 41 42.74 23.45 48.71
CA LEU G 41 43.22 22.23 48.09
C LEU G 41 44.72 22.17 48.12
N LYS G 42 45.23 21.05 48.57
CA LYS G 42 46.64 20.85 48.74
C LYS G 42 47.14 19.65 47.89
N VAL G 43 48.19 19.87 47.10
CA VAL G 43 48.79 18.79 46.32
C VAL G 43 49.63 17.93 47.25
N LYS G 44 49.22 16.69 47.48
CA LYS G 44 49.97 15.78 48.34
C LYS G 44 51.03 14.96 47.59
N GLU G 45 50.80 14.70 46.31
CA GLU G 45 51.74 13.92 45.51
C GLU G 45 51.84 14.52 44.13
N GLY G 46 52.96 14.27 43.47
CA GLY G 46 53.15 14.65 42.08
C GLY G 46 53.32 16.14 41.83
N GLY G 47 53.48 16.93 42.90
CA GLY G 47 53.69 18.38 42.78
C GLY G 47 55.14 18.73 42.47
N PRO G 48 55.39 19.93 41.91
CA PRO G 48 54.42 20.87 41.37
C PRO G 48 53.80 20.34 40.05
N LEU G 49 52.51 20.56 39.88
CA LEU G 49 51.79 19.99 38.75
C LEU G 49 52.30 20.58 37.45
N PRO G 50 52.64 19.72 36.48
CA PRO G 50 53.15 20.19 35.18
C PRO G 50 52.06 20.51 34.17
N PHE G 51 50.87 20.90 34.65
CA PHE G 51 49.76 21.23 33.74
C PHE G 51 48.85 22.27 34.39
N ALA G 52 48.02 22.90 33.59
CA ALA G 52 47.12 23.93 34.05
C ALA G 52 46.13 23.42 35.10
N TYR G 53 46.15 24.01 36.28
CA TYR G 53 45.26 23.64 37.37
C TYR G 53 43.79 23.73 36.98
N ASP G 54 43.46 24.63 36.07
CA ASP G 54 42.07 24.85 35.69
C ASP G 54 41.34 23.60 35.19
N ILE G 55 42.04 22.65 34.56
CA ILE G 55 41.37 21.44 34.10
C ILE G 55 40.82 20.58 35.23
N LEU G 56 41.31 20.79 36.46
CA LEU G 56 40.82 20.09 37.64
C LEU G 56 39.65 20.77 38.37
N THR G 57 39.48 22.07 38.22
CA THR G 57 38.63 22.80 39.17
C THR G 57 37.17 22.38 39.15
N THR G 58 36.61 22.19 37.98
CA THR G 58 35.21 21.72 37.85
C THR G 58 34.99 20.31 38.41
N VAL G 59 36.06 19.59 38.68
CA VAL G 59 35.95 18.25 39.23
C VAL G 59 35.85 18.33 40.73
N PHE G 60 36.60 19.27 41.33
CA PHE G 60 36.46 19.59 42.74
C PHE G 60 35.12 20.28 42.97
N1 GYS G 61 34.57 21.13 42.19
OG1 GYS G 61 34.02 23.81 43.51
CB1 GYS G 61 33.64 23.36 42.21
CA1 GYS G 61 33.31 21.88 42.28
C1 GYS G 61 32.45 21.43 41.14
N2 GYS G 61 32.09 22.19 40.05
N3 GYS G 61 31.94 20.18 41.06
C2 GYS G 61 31.29 20.12 39.92
O2 GYS G 61 30.68 19.10 39.46
CA2 GYS G 61 31.36 21.41 39.25
CA3 GYS G 61 32.10 19.06 41.99
CB2 GYS G 61 30.76 21.77 37.96
CG2 GYS G 61 30.89 23.07 37.27
CD1 GYS G 61 31.52 24.16 37.84
CD2 GYS G 61 30.42 23.15 35.97
CE1 GYS G 61 31.65 25.35 37.14
CE2 GYS G 61 30.55 24.33 35.26
CZ GYS G 61 31.17 25.43 35.85
OH GYS G 61 31.31 26.61 35.18
C3 GYS G 61 30.81 18.48 42.48
O3 GYS G 61 30.87 17.24 42.68
N ASN G 62 29.97 19.38 42.80
CA ASN G 62 28.86 18.89 43.65
C ASN G 62 27.69 19.81 43.46
N ARG G 63 26.67 19.33 42.76
CA ARG G 63 25.55 20.16 42.39
C ARG G 63 24.57 20.37 43.56
N VAL G 64 24.80 19.71 44.69
CA VAL G 64 24.09 20.04 45.93
C VAL G 64 24.30 21.50 46.33
N PHE G 65 25.49 22.03 46.06
CA PHE G 65 25.79 23.42 46.33
C PHE G 65 25.38 24.23 45.11
N ALA G 66 24.06 24.26 44.90
CA ALA G 66 23.45 25.08 43.87
C ALA G 66 22.09 25.54 44.41
N LYS G 67 21.80 26.82 44.25
CA LYS G 67 20.54 27.39 44.71
C LYS G 67 19.39 26.93 43.80
N TYR G 68 18.58 26.00 44.29
CA TYR G 68 17.40 25.53 43.58
C TYR G 68 16.14 26.23 44.08
N PRO G 69 15.37 26.88 43.18
CA PRO G 69 14.06 27.38 43.59
C PRO G 69 13.07 26.25 43.83
N GLU G 70 11.98 26.57 44.53
CA GLU G 70 11.00 25.57 44.96
C GLU G 70 10.23 24.91 43.82
N ASN G 71 10.07 25.61 42.70
CA ASN G 71 9.31 25.07 41.56
C ASN G 71 10.08 24.04 40.70
N ILE G 72 11.38 23.84 40.98
CA ILE G 72 12.18 22.83 40.29
C ILE G 72 12.59 21.74 41.28
N VAL G 73 12.53 20.50 40.84
CA VAL G 73 12.96 19.36 41.64
C VAL G 73 14.48 19.39 41.81
N ASP G 74 14.94 19.23 43.06
CA ASP G 74 16.37 19.16 43.34
C ASP G 74 16.75 17.70 43.56
N TYR G 75 17.20 17.08 42.47
CA TYR G 75 17.68 15.70 42.42
C TYR G 75 18.77 15.40 43.46
N PHE G 76 19.62 16.40 43.68
CA PHE G 76 20.86 16.24 44.42
C PHE G 76 20.62 16.27 45.92
N LYS G 77 19.91 17.29 46.39
CA LYS G 77 19.57 17.43 47.82
C LYS G 77 18.69 16.27 48.30
N GLN G 78 17.78 15.84 47.46
CA GLN G 78 16.99 14.64 47.74
C GLN G 78 17.82 13.37 47.88
N SER G 79 18.94 13.27 47.16
CA SER G 79 19.69 12.02 47.10
C SER G 79 20.31 11.63 48.45
N PHE G 80 20.48 12.62 49.34
CA PHE G 80 21.08 12.39 50.66
C PHE G 80 20.06 11.91 51.67
N PRO G 81 20.51 11.26 52.76
CA PRO G 81 21.89 11.03 53.21
C PRO G 81 22.71 9.99 52.43
N GLU G 82 22.05 9.11 51.68
CA GLU G 82 22.74 8.06 50.92
C GLU G 82 23.77 8.65 49.96
N GLY G 83 23.42 9.79 49.37
CA GLY G 83 24.32 10.53 48.48
C GLY G 83 24.14 10.14 47.02
N TYR G 84 25.12 10.54 46.20
CA TYR G 84 25.11 10.24 44.78
C TYR G 84 26.52 10.26 44.24
N SER G 85 26.68 9.89 42.99
CA SER G 85 27.98 9.94 42.34
C SER G 85 27.81 10.46 40.91
N TRP G 86 28.92 10.92 40.30
CA TRP G 86 28.88 11.32 38.90
C TRP G 86 30.10 10.91 38.10
N GLU G 87 29.87 10.65 36.81
CA GLU G 87 30.93 10.38 35.84
C GLU G 87 30.91 11.53 34.84
N ARG G 88 32.07 11.88 34.30
CA ARG G 88 32.13 12.99 33.37
C ARG G 88 33.21 12.79 32.34
N SER G 89 32.93 13.22 31.10
CA SER G 89 33.95 13.31 30.06
C SER G 89 34.08 14.75 29.63
N MET G 90 35.33 15.19 29.52
CA MET G 90 35.62 16.55 29.15
C MET G 90 36.49 16.49 27.93
N ASN G 91 35.91 16.88 26.80
CA ASN G 91 36.56 16.77 25.52
C ASN G 91 37.04 18.14 25.05
N TYR G 92 38.35 18.35 25.04
CA TYR G 92 38.92 19.64 24.69
C TYR G 92 39.12 19.72 23.19
N GLU G 93 39.03 20.94 22.66
CA GLU G 93 39.04 21.12 21.20
C GLU G 93 40.34 20.69 20.49
N ASP G 94 41.46 20.64 21.21
CA ASP G 94 42.73 20.24 20.59
C ASP G 94 43.01 18.73 20.76
N GLY G 95 42.01 17.96 21.17
CA GLY G 95 42.15 16.52 21.29
C GLY G 95 42.40 15.96 22.68
N GLY G 96 42.73 16.81 23.64
CA GLY G 96 42.80 16.36 25.03
C GLY G 96 41.45 15.85 25.53
N ILE G 97 41.45 14.70 26.19
CA ILE G 97 40.26 14.16 26.85
C ILE G 97 40.53 13.87 28.31
N CYS G 98 39.59 14.27 29.16
CA CYS G 98 39.67 13.99 30.59
C CYS G 98 38.41 13.29 31.02
N ASN G 99 38.60 12.19 31.75
CA ASN G 99 37.51 11.50 32.41
C ASN G 99 37.63 11.67 33.90
N ALA G 100 36.51 11.87 34.55
CA ALA G 100 36.54 12.00 35.99
C ALA G 100 35.31 11.39 36.60
N THR G 101 35.48 10.92 37.82
CA THR G 101 34.35 10.44 38.60
C THR G 101 34.42 11.02 39.99
N ASN G 102 33.28 11.07 40.65
CA ASN G 102 33.23 11.52 42.02
C ASN G 102 32.17 10.73 42.76
N ASP G 103 32.56 10.05 43.83
CA ASP G 103 31.62 9.37 44.69
C ASP G 103 31.42 10.27 45.88
N ILE G 104 30.19 10.73 46.08
CA ILE G 104 29.88 11.69 47.15
C ILE G 104 29.00 11.07 48.25
N THR G 105 29.52 11.09 49.47
CA THR G 105 28.80 10.54 50.62
C THR G 105 28.73 11.59 51.71
N LEU G 106 27.81 11.40 52.63
CA LEU G 106 27.59 12.34 53.72
C LEU G 106 27.95 11.73 55.07
N ASP G 107 28.79 12.42 55.84
CA ASP G 107 29.20 11.96 57.16
C ASP G 107 28.96 13.08 58.19
N GLY G 108 27.74 13.11 58.74
CA GLY G 108 27.36 14.17 59.66
C GLY G 108 27.11 15.47 58.92
N ASP G 109 27.91 16.49 59.23
CA ASP G 109 27.82 17.79 58.55
C ASP G 109 28.92 17.95 57.48
N CYS G 110 29.41 16.80 57.01
CA CYS G 110 30.62 16.74 56.21
C CYS G 110 30.38 15.91 54.94
N TYR G 111 30.51 16.53 53.77
CA TYR G 111 30.49 15.80 52.50
C TYR G 111 31.86 15.23 52.23
N ILE G 112 31.92 13.98 51.81
CA ILE G 112 33.18 13.35 51.45
C ILE G 112 33.20 13.01 49.97
N TYR G 113 34.22 13.49 49.25
CA TYR G 113 34.37 13.21 47.83
C TYR G 113 35.51 12.25 47.61
N GLU G 114 35.23 11.14 46.93
CA GLU G 114 36.28 10.25 46.45
C GLU G 114 36.39 10.48 44.93
N ILE G 115 37.44 11.19 44.48
CA ILE G 115 37.54 11.62 43.09
C ILE G 115 38.67 10.98 42.33
N ARG G 116 38.38 10.54 41.12
CA ARG G 116 39.37 10.00 40.24
C ARG G 116 39.40 10.89 38.98
N PHE G 117 40.61 11.15 38.46
CA PHE G 117 40.77 12.02 37.29
C PHE G 117 41.82 11.48 36.33
N ASP G 118 41.52 11.44 35.03
CA ASP G 118 42.47 10.89 34.06
C ASP G 118 42.40 11.57 32.71
N GLY G 119 43.46 12.30 32.37
CA GLY G 119 43.51 13.03 31.11
C GLY G 119 44.58 12.46 30.20
N VAL G 120 44.32 12.50 28.90
CA VAL G 120 45.28 12.01 27.91
C VAL G 120 45.27 12.86 26.66
N ASN G 121 46.30 12.71 25.85
CA ASN G 121 46.43 13.35 24.54
C ASN G 121 46.35 14.86 24.56
N PHE G 122 46.80 15.48 25.64
CA PHE G 122 47.02 16.91 25.61
C PHE G 122 48.33 17.16 24.89
N PRO G 123 48.30 17.88 23.76
CA PRO G 123 49.56 18.22 23.08
C PRO G 123 50.53 19.00 23.97
N ALA G 124 51.82 18.67 23.85
CA ALA G 124 52.89 19.29 24.66
C ALA G 124 52.94 20.82 24.51
N ASN G 125 52.64 21.29 23.31
CA ASN G 125 52.67 22.70 23.00
C ASN G 125 51.32 23.42 23.21
N GLY G 126 50.32 22.71 23.71
CA GLY G 126 49.01 23.31 23.88
C GLY G 126 48.89 24.07 25.19
N PRO G 127 47.80 24.81 25.36
CA PRO G 127 47.64 25.64 26.53
C PRO G 127 47.57 24.91 27.87
N VAL G 128 47.21 23.63 27.89
CA VAL G 128 47.11 22.93 29.17
C VAL G 128 48.52 22.57 29.66
N MET G 129 49.31 21.91 28.84
CA MET G 129 50.67 21.54 29.25
C MET G 129 51.61 22.73 29.37
N GLN G 130 51.34 23.83 28.65
CA GLN G 130 52.14 25.05 28.75
C GLN G 130 51.54 26.05 29.77
N LYS G 131 50.54 25.62 30.52
CA LYS G 131 49.93 26.45 31.55
C LYS G 131 49.63 27.88 31.10
N ARG G 132 48.87 28.01 30.01
CA ARG G 132 48.50 29.32 29.47
C ARG G 132 47.05 29.63 29.67
N THR G 133 46.43 29.02 30.68
CA THR G 133 45.02 29.21 30.93
C THR G 133 44.81 30.15 32.09
N VAL G 134 43.75 30.95 32.03
CA VAL G 134 43.47 31.93 33.07
C VAL G 134 42.29 31.50 33.92
N LYS G 135 41.13 31.32 33.28
CA LYS G 135 39.91 30.95 34.00
C LYS G 135 38.82 30.42 33.09
N TRP G 136 37.87 29.72 33.68
CA TRP G 136 36.70 29.27 32.96
C TRP G 136 35.73 30.41 32.84
N GLU G 137 35.22 30.67 31.64
CA GLU G 137 34.18 31.70 31.51
C GLU G 137 32.92 31.10 32.15
N PRO G 138 32.05 31.95 32.72
CA PRO G 138 30.84 31.44 33.38
C PRO G 138 30.04 30.61 32.40
N SER G 139 29.25 29.68 32.91
CA SER G 139 28.57 28.74 32.07
C SER G 139 27.18 28.38 32.55
N THR G 140 26.45 27.70 31.69
CA THR G 140 25.10 27.25 31.98
C THR G 140 25.01 25.79 31.65
N GLU G 141 24.75 24.96 32.66
CA GLU G 141 24.65 23.53 32.46
C GLU G 141 23.21 23.19 32.15
N LYS G 142 23.00 22.38 31.11
CA LYS G 142 21.67 21.95 30.69
C LYS G 142 21.42 20.56 31.25
N LEU G 143 20.53 20.43 32.24
CA LEU G 143 20.25 19.11 32.84
C LEU G 143 18.95 18.50 32.32
N TYR G 144 19.01 17.23 31.96
CA TYR G 144 17.86 16.50 31.41
C TYR G 144 17.95 15.03 31.79
N VAL G 145 16.81 14.36 31.82
CA VAL G 145 16.75 12.97 32.21
C VAL G 145 16.81 12.10 30.98
N ARG G 146 17.51 10.99 31.08
CA ARG G 146 17.53 9.99 30.03
C ARG G 146 17.85 8.66 30.69
N ASP G 147 17.09 7.62 30.32
CA ASP G 147 17.19 6.28 30.95
C ASP G 147 17.05 6.33 32.47
N GLY G 148 16.14 7.18 32.96
CA GLY G 148 15.92 7.34 34.39
C GLY G 148 17.08 7.90 35.22
N VAL G 149 18.12 8.42 34.56
CA VAL G 149 19.24 9.09 35.25
C VAL G 149 19.42 10.49 34.66
N LEU G 150 20.01 11.37 35.46
CA LEU G 150 20.13 12.77 35.09
C LEU G 150 21.42 12.99 34.32
N LYS G 151 21.33 13.65 33.16
CA LYS G 151 22.51 14.07 32.40
C LYS G 151 22.65 15.57 32.48
N GLY G 152 23.87 16.05 32.25
CA GLY G 152 24.13 17.47 32.24
C GLY G 152 25.19 17.75 31.20
N ASP G 153 24.87 18.61 30.25
CA ASP G 153 25.83 18.98 29.22
C ASP G 153 26.10 20.46 29.30
N VAL G 154 27.34 20.84 28.96
CA VAL G 154 27.72 22.25 28.93
C VAL G 154 28.92 22.44 28.00
N ASN G 155 28.86 23.49 27.18
CA ASN G 155 30.03 23.97 26.46
C ASN G 155 30.76 24.89 27.38
N MET G 156 32.02 24.60 27.60
CA MET G 156 32.83 25.39 28.49
C MET G 156 33.89 26.02 27.65
N ALA G 157 34.46 27.10 28.15
CA ALA G 157 35.59 27.74 27.49
C ALA G 157 36.55 28.26 28.53
N LEU G 158 37.83 27.96 28.34
CA LEU G 158 38.87 28.55 29.16
C LEU G 158 39.40 29.79 28.45
N SER G 159 39.54 30.86 29.21
CA SER G 159 40.14 32.06 28.72
C SER G 159 41.67 31.83 28.70
N LEU G 160 42.35 32.25 27.65
CA LEU G 160 43.80 32.06 27.55
C LEU G 160 44.56 33.36 27.82
N GLU G 161 45.77 33.22 28.37
CA GLU G 161 46.64 34.36 28.63
C GLU G 161 46.85 35.33 27.48
N GLY G 162 47.10 34.83 26.28
CA GLY G 162 47.29 35.71 25.13
C GLY G 162 46.01 36.24 24.50
N GLY G 163 44.93 36.32 25.27
CA GLY G 163 43.59 36.52 24.71
C GLY G 163 43.14 35.26 24.00
N GLY G 164 41.89 35.22 23.61
CA GLY G 164 41.38 34.02 22.95
C GLY G 164 40.96 32.95 23.94
N HIS G 165 40.24 31.94 23.43
CA HIS G 165 39.56 31.00 24.27
C HIS G 165 39.83 29.56 23.81
N TYR G 166 39.65 28.62 24.72
CA TYR G 166 39.97 27.22 24.49
C TYR G 166 38.72 26.45 24.87
N ARG G 167 38.12 25.82 23.86
CA ARG G 167 36.79 25.21 24.01
C ARG G 167 36.88 23.79 24.57
N CYS G 168 35.92 23.43 25.43
CA CYS G 168 35.80 22.07 25.96
C CYS G 168 34.35 21.65 26.10
N ASP G 169 34.02 20.42 25.74
CA ASP G 169 32.63 19.93 25.89
C ASP G 169 32.51 18.97 27.06
N PHE G 170 31.57 19.25 27.96
CA PHE G 170 31.37 18.46 29.19
C PHE G 170 30.14 17.59 29.03
N LYS G 171 30.26 16.33 29.43
CA LYS G 171 29.13 15.42 29.42
C LYS G 171 29.12 14.64 30.70
N THR G 172 28.18 14.99 31.58
CA THR G 172 28.13 14.43 32.91
C THR G 172 26.92 13.52 33.05
N THR G 173 27.11 12.39 33.72
CA THR G 173 26.00 11.56 34.19
C THR G 173 25.94 11.60 35.71
N TYR G 174 24.79 11.97 36.25
CA TYR G 174 24.61 11.97 37.69
C TYR G 174 23.79 10.73 38.04
N LYS G 175 24.19 10.04 39.10
CA LYS G 175 23.48 8.84 39.58
C LYS G 175 23.24 8.88 41.08
N ALA G 176 21.97 9.01 41.46
CA ALA G 176 21.57 8.98 42.87
C ALA G 176 21.61 7.54 43.38
N LYS G 177 22.05 7.36 44.63
CA LYS G 177 22.19 6.01 45.23
C LYS G 177 20.89 5.48 45.84
N LYS G 178 19.82 6.23 45.65
CA LYS G 178 18.46 5.74 45.95
C LYS G 178 17.48 6.40 44.98
N VAL G 179 16.25 5.92 44.98
CA VAL G 179 15.22 6.47 44.11
C VAL G 179 14.78 7.86 44.59
N VAL G 180 14.84 8.81 43.67
CA VAL G 180 14.40 10.18 43.94
C VAL G 180 13.53 10.65 42.79
N GLN G 181 12.70 11.65 43.05
CA GLN G 181 11.94 12.31 42.00
C GLN G 181 12.84 12.95 40.93
N LEU G 182 12.52 12.69 39.67
CA LEU G 182 13.32 13.18 38.57
C LEU G 182 12.82 14.55 38.12
N PRO G 183 13.73 15.53 37.99
CA PRO G 183 13.33 16.86 37.54
C PRO G 183 13.06 16.93 36.05
N ASP G 184 12.45 18.03 35.61
CA ASP G 184 12.30 18.30 34.19
C ASP G 184 13.55 19.00 33.66
N TYR G 185 13.61 19.18 32.35
CA TYR G 185 14.68 19.94 31.71
C TYR G 185 14.85 21.29 32.43
N HIS G 186 16.06 21.62 32.85
CA HIS G 186 16.33 22.91 33.47
C HIS G 186 17.80 23.32 33.35
N PHE G 187 18.12 24.51 33.84
CA PHE G 187 19.46 25.07 33.72
C PHE G 187 20.10 25.26 35.08
N VAL G 188 21.42 25.33 35.10
CA VAL G 188 22.18 25.77 36.29
C VAL G 188 23.34 26.65 35.83
N ASP G 189 23.33 27.92 36.26
CA ASP G 189 24.41 28.86 35.95
C ASP G 189 25.54 28.63 36.94
N HIS G 190 26.77 28.60 36.45
CA HIS G 190 27.94 28.37 37.27
C HIS G 190 28.88 29.51 37.12
N HIS G 191 29.57 29.84 38.20
CA HIS G 191 30.71 30.73 38.15
C HIS G 191 31.75 30.15 39.10
N ILE G 192 32.95 29.91 38.59
CA ILE G 192 34.02 29.28 39.37
C ILE G 192 35.28 30.13 39.23
N GLU G 193 35.91 30.45 40.36
CA GLU G 193 37.09 31.33 40.39
C GLU G 193 38.12 30.73 41.32
N ILE G 194 39.38 30.75 40.89
CA ILE G 194 40.49 30.51 41.81
C ILE G 194 40.76 31.83 42.51
N LYS G 195 40.41 31.95 43.79
CA LYS G 195 40.60 33.22 44.53
C LYS G 195 42.06 33.46 44.95
N SER G 196 42.80 32.41 45.25
CA SER G 196 44.23 32.56 45.59
C SER G 196 44.98 31.26 45.37
N HIS G 197 46.23 31.38 44.96
CA HIS G 197 47.11 30.25 44.79
C HIS G 197 48.54 30.66 45.06
N ASP G 198 49.37 29.71 45.46
CA ASP G 198 50.81 29.98 45.51
C ASP G 198 51.42 29.80 44.11
N LYS G 199 52.74 29.93 44.02
CA LYS G 199 53.43 30.05 42.74
C LYS G 199 53.17 28.89 41.79
N ASP G 200 53.26 27.68 42.34
CA ASP G 200 53.19 26.45 41.55
C ASP G 200 51.89 25.70 41.83
N TYR G 201 50.94 26.39 42.45
CA TYR G 201 49.60 25.87 42.70
C TYR G 201 49.51 24.68 43.68
N SER G 202 50.54 24.48 44.53
CA SER G 202 50.52 23.41 45.58
C SER G 202 49.42 23.77 46.60
N ASN G 203 49.10 25.07 46.70
CA ASN G 203 47.96 25.53 47.51
C ASN G 203 47.05 26.42 46.69
N VAL G 204 45.77 26.10 46.71
CA VAL G 204 44.79 26.81 45.90
C VAL G 204 43.54 27.00 46.74
N ASN G 205 43.02 28.22 46.73
CA ASN G 205 41.70 28.47 47.26
C ASN G 205 40.76 28.68 46.10
N LEU G 206 39.62 28.01 46.18
CA LEU G 206 38.72 27.86 45.05
C LEU G 206 37.32 28.16 45.48
N HIS G 207 36.60 28.92 44.65
CA HIS G 207 35.27 29.40 45.01
C HIS G 207 34.29 29.19 43.85
N GLU G 208 33.11 28.66 44.15
CA GLU G 208 32.05 28.51 43.14
C GLU G 208 30.74 29.08 43.64
N HIS G 209 29.99 29.68 42.74
CA HIS G 209 28.58 29.60 42.98
C HIS G 209 27.68 29.45 41.82
N ALA G 210 26.49 28.99 42.19
CA ALA G 210 25.60 28.30 41.28
C ALA G 210 24.12 28.45 41.61
N GLU G 211 23.33 28.87 40.62
CA GLU G 211 21.87 28.97 40.74
C GLU G 211 21.23 28.16 39.63
N ALA G 212 20.10 27.52 39.94
CA ALA G 212 19.29 26.85 38.93
C ALA G 212 18.12 27.75 38.54
N HIS G 213 17.73 27.71 37.26
CA HIS G 213 16.50 28.36 36.78
C HIS G 213 15.84 27.48 35.72
N SER G 214 14.79 27.96 35.06
CA SER G 214 14.12 27.22 33.98
C SER G 214 13.34 28.25 33.12
N SER H 1 -33.18 -29.27 -39.48
CA SER H 1 -33.31 -28.03 -38.66
C SER H 1 -34.48 -27.16 -39.11
N VAL H 2 -34.88 -26.18 -38.33
CA VAL H 2 -35.85 -25.17 -38.81
C VAL H 2 -35.31 -24.40 -40.05
N ILE H 3 -34.01 -24.19 -40.06
CA ILE H 3 -33.32 -23.44 -41.11
C ILE H 3 -32.96 -24.38 -42.28
N LYS H 4 -33.58 -24.15 -43.44
CA LYS H 4 -33.37 -24.97 -44.64
C LYS H 4 -32.33 -24.36 -45.59
N PRO H 5 -31.71 -25.19 -46.44
CA PRO H 5 -30.69 -24.68 -47.38
C PRO H 5 -31.18 -23.63 -48.39
N ASP H 6 -32.46 -23.67 -48.73
CA ASP H 6 -33.08 -22.66 -49.62
C ASP H 6 -34.29 -22.08 -48.88
N MET H 7 -34.30 -20.76 -48.67
CA MET H 7 -35.42 -20.11 -47.99
C MET H 7 -35.88 -18.85 -48.71
N LYS H 8 -37.18 -18.56 -48.57
CA LYS H 8 -37.78 -17.44 -49.26
C LYS H 8 -37.89 -16.26 -48.35
N ILE H 9 -37.99 -15.07 -48.93
CA ILE H 9 -38.08 -13.85 -48.17
C ILE H 9 -39.23 -13.01 -48.67
N LYS H 10 -40.05 -12.57 -47.72
CA LYS H 10 -41.13 -11.65 -48.02
C LYS H 10 -41.00 -10.48 -47.06
N LEU H 11 -41.00 -9.26 -47.58
CA LEU H 11 -40.83 -8.07 -46.72
C LEU H 11 -41.66 -6.90 -47.14
N ARG H 12 -42.07 -6.10 -46.17
CA ARG H 12 -42.64 -4.81 -46.41
C ARG H 12 -41.92 -3.79 -45.55
N MET H 13 -41.47 -2.69 -46.17
CA MET H 13 -40.88 -1.56 -45.45
C MET H 13 -41.81 -0.38 -45.54
N GLU H 14 -42.12 0.24 -44.40
CA GLU H 14 -42.81 1.55 -44.39
C GLU H 14 -41.87 2.54 -43.76
N GLY H 15 -41.71 3.70 -44.41
CA GLY H 15 -40.71 4.67 -43.97
C GLY H 15 -40.92 6.10 -44.39
N ALA H 16 -39.99 6.97 -44.01
CA ALA H 16 -39.92 8.31 -44.52
C ALA H 16 -38.48 8.80 -44.53
N VAL H 17 -38.19 9.74 -45.44
CA VAL H 17 -36.89 10.42 -45.47
C VAL H 17 -37.12 11.91 -45.61
N ASN H 18 -36.47 12.69 -44.75
CA ASN H 18 -36.77 14.11 -44.62
C ASN H 18 -38.27 14.42 -44.71
N GLY H 19 -39.09 13.63 -44.03
CA GLY H 19 -40.53 13.90 -44.01
C GLY H 19 -41.36 13.36 -45.19
N HIS H 20 -40.74 12.89 -46.27
CA HIS H 20 -41.45 12.35 -47.44
C HIS H 20 -41.68 10.85 -47.22
N PRO H 21 -42.94 10.43 -46.96
CA PRO H 21 -43.19 9.01 -46.70
C PRO H 21 -43.14 8.13 -47.93
N PHE H 22 -42.85 6.87 -47.74
CA PHE H 22 -42.83 5.91 -48.83
C PHE H 22 -43.03 4.48 -48.27
N ALA H 23 -43.23 3.52 -49.17
CA ALA H 23 -43.33 2.11 -48.78
C ALA H 23 -42.81 1.25 -49.91
N ILE H 24 -42.24 0.12 -49.53
CA ILE H 24 -41.60 -0.78 -50.46
C ILE H 24 -41.93 -2.20 -50.03
N GLU H 25 -42.21 -3.06 -51.01
CA GLU H 25 -42.47 -4.46 -50.77
C GLU H 25 -41.47 -5.24 -51.57
N GLY H 26 -41.14 -6.44 -51.10
CA GLY H 26 -40.17 -7.24 -51.79
C GLY H 26 -40.32 -8.72 -51.55
N VAL H 27 -39.85 -9.50 -52.52
CA VAL H 27 -39.77 -10.93 -52.37
C VAL H 27 -38.36 -11.32 -52.74
N GLY H 28 -37.88 -12.40 -52.16
CA GLY H 28 -36.58 -12.93 -52.54
C GLY H 28 -36.36 -14.32 -52.04
N LEU H 29 -35.16 -14.81 -52.24
CA LEU H 29 -34.76 -16.11 -51.74
C LEU H 29 -33.27 -16.06 -51.40
N GLY H 30 -32.86 -16.85 -50.41
CA GLY H 30 -31.45 -16.94 -50.06
C GLY H 30 -31.07 -18.25 -49.45
N LYS H 31 -29.76 -18.45 -49.32
CA LYS H 31 -29.20 -19.70 -48.82
C LYS H 31 -28.49 -19.42 -47.49
N PRO H 32 -29.21 -19.65 -46.37
CA PRO H 32 -28.68 -19.34 -45.05
C PRO H 32 -27.23 -19.86 -44.80
N PHE H 33 -26.96 -21.11 -45.14
CA PHE H 33 -25.67 -21.70 -44.82
C PHE H 33 -24.59 -21.28 -45.83
N GLU H 34 -25.01 -20.91 -47.03
CA GLU H 34 -24.09 -20.41 -48.04
C GLU H 34 -23.83 -18.90 -47.92
N GLY H 35 -24.57 -18.22 -47.03
CA GLY H 35 -24.43 -16.79 -46.80
C GLY H 35 -24.78 -15.94 -48.02
N LYS H 36 -25.74 -16.39 -48.82
CA LYS H 36 -26.15 -15.65 -50.02
C LYS H 36 -27.63 -15.32 -49.94
N GLN H 37 -28.01 -14.18 -50.50
CA GLN H 37 -29.43 -13.85 -50.69
C GLN H 37 -29.57 -12.91 -51.84
N SER H 38 -30.77 -12.86 -52.41
CA SER H 38 -31.10 -11.87 -53.43
C SER H 38 -32.58 -11.57 -53.32
N MET H 39 -32.99 -10.37 -53.74
CA MET H 39 -34.40 -10.03 -53.69
C MET H 39 -34.80 -8.95 -54.67
N ASP H 40 -36.09 -8.92 -54.97
CA ASP H 40 -36.66 -7.94 -55.86
C ASP H 40 -37.58 -7.05 -55.06
N LEU H 41 -37.42 -5.75 -55.24
CA LEU H 41 -38.08 -4.78 -54.39
C LEU H 41 -38.86 -3.80 -55.25
N LYS H 42 -40.11 -3.58 -54.88
CA LYS H 42 -41.02 -2.66 -55.58
C LYS H 42 -41.46 -1.52 -54.68
N VAL H 43 -41.34 -0.29 -55.18
CA VAL H 43 -41.87 0.87 -54.46
C VAL H 43 -43.40 0.94 -54.64
N LYS H 44 -44.15 0.73 -53.56
CA LYS H 44 -45.63 0.73 -53.60
C LYS H 44 -46.22 2.10 -53.32
N GLU H 45 -45.52 2.91 -52.54
CA GLU H 45 -45.99 4.28 -52.24
C GLU H 45 -44.81 5.23 -52.26
N GLY H 46 -45.10 6.50 -52.53
CA GLY H 46 -44.10 7.55 -52.48
C GLY H 46 -43.08 7.57 -53.59
N GLY H 47 -43.27 6.77 -54.64
CA GLY H 47 -42.33 6.74 -55.76
C GLY H 47 -42.59 7.86 -56.76
N PRO H 48 -41.60 8.22 -57.59
CA PRO H 48 -40.21 7.80 -57.54
C PRO H 48 -39.49 8.43 -56.33
N LEU H 49 -38.64 7.65 -55.67
CA LEU H 49 -37.99 8.09 -54.45
C LEU H 49 -37.05 9.25 -54.74
N PRO H 50 -37.17 10.33 -53.98
CA PRO H 50 -36.34 11.51 -54.18
C PRO H 50 -35.00 11.46 -53.44
N PHE H 51 -34.48 10.26 -53.17
CA PHE H 51 -33.23 10.11 -52.44
C PHE H 51 -32.53 8.82 -52.87
N ALA H 52 -31.25 8.74 -52.55
CA ALA H 52 -30.43 7.62 -52.95
C ALA H 52 -30.93 6.30 -52.36
N TYR H 53 -31.24 5.35 -53.23
CA TYR H 53 -31.71 4.03 -52.82
C TYR H 53 -30.74 3.31 -51.89
N ASP H 54 -29.45 3.58 -52.05
CA ASP H 54 -28.44 2.91 -51.25
C ASP H 54 -28.63 3.02 -49.74
N ILE H 55 -29.18 4.12 -49.24
CA ILE H 55 -29.38 4.22 -47.79
C ILE H 55 -30.36 3.18 -47.24
N LEU H 56 -31.18 2.59 -48.10
CA LEU H 56 -32.14 1.55 -47.73
C LEU H 56 -31.59 0.12 -47.80
N THR H 57 -30.57 -0.14 -48.59
CA THR H 57 -30.25 -1.52 -48.97
C THR H 57 -29.83 -2.40 -47.81
N THR H 58 -29.01 -1.89 -46.92
CA THR H 58 -28.60 -2.64 -45.72
C THR H 58 -29.76 -2.92 -44.76
N VAL H 59 -30.91 -2.28 -44.96
CA VAL H 59 -32.05 -2.50 -44.08
C VAL H 59 -32.85 -3.65 -44.63
N PHE H 60 -32.90 -3.75 -45.96
CA PHE H 60 -33.45 -4.92 -46.61
C PHE H 60 -32.54 -6.10 -46.41
N1 GYS H 61 -31.27 -6.00 -46.39
OG1 GYS H 61 -28.88 -8.45 -47.47
CB1 GYS H 61 -29.39 -7.11 -47.47
CA1 GYS H 61 -30.30 -7.08 -46.25
C1 GYS H 61 -29.55 -6.79 -45.03
N2 GYS H 61 -28.24 -6.36 -45.01
N3 GYS H 61 -30.13 -6.87 -43.82
C2 GYS H 61 -29.17 -6.49 -42.99
O2 GYS H 61 -29.32 -6.43 -41.72
CA2 GYS H 61 -27.93 -6.17 -43.71
CA3 GYS H 61 -31.50 -7.27 -43.47
CB2 GYS H 61 -26.64 -5.68 -43.17
CG2 GYS H 61 -25.43 -5.30 -43.97
CD1 GYS H 61 -25.36 -5.44 -45.36
CD2 GYS H 61 -24.33 -4.75 -43.29
CE1 GYS H 61 -24.20 -5.05 -46.01
CE2 GYS H 61 -23.18 -4.35 -43.96
CZ GYS H 61 -23.10 -4.50 -45.34
OH GYS H 61 -21.98 -4.15 -46.05
C3 GYS H 61 -31.61 -8.34 -42.41
O3 GYS H 61 -32.46 -8.10 -41.53
N ASN H 62 -30.70 -9.28 -42.54
CA ASN H 62 -31.01 -10.53 -41.83
C ASN H 62 -29.75 -11.33 -41.75
N ARG H 63 -29.19 -11.41 -40.56
CA ARG H 63 -27.88 -12.04 -40.38
C ARG H 63 -27.97 -13.58 -40.40
N VAL H 64 -29.19 -14.13 -40.46
CA VAL H 64 -29.37 -15.54 -40.68
C VAL H 64 -28.75 -15.97 -41.98
N PHE H 65 -28.76 -15.07 -42.95
CA PHE H 65 -28.15 -15.35 -44.26
C PHE H 65 -26.69 -14.95 -44.21
N ALA H 66 -25.95 -15.65 -43.37
CA ALA H 66 -24.53 -15.44 -43.22
C ALA H 66 -23.92 -16.80 -42.93
N LYS H 67 -22.85 -17.12 -43.63
CA LYS H 67 -22.15 -18.39 -43.45
C LYS H 67 -21.38 -18.39 -42.11
N TYR H 68 -21.91 -19.10 -41.12
CA TYR H 68 -21.23 -19.27 -39.84
C TYR H 68 -20.47 -20.62 -39.75
N PRO H 69 -19.17 -20.59 -39.43
CA PRO H 69 -18.46 -21.84 -39.17
C PRO H 69 -18.88 -22.46 -37.85
N GLU H 70 -18.55 -23.75 -37.68
CA GLU H 70 -19.00 -24.53 -36.51
C GLU H 70 -18.41 -24.03 -35.17
N ASN H 71 -17.22 -23.43 -35.22
CA ASN H 71 -16.55 -22.99 -33.99
C ASN H 71 -17.09 -21.68 -33.40
N ILE H 72 -18.00 -21.01 -34.12
CA ILE H 72 -18.65 -19.79 -33.63
C ILE H 72 -20.13 -20.05 -33.43
N VAL H 73 -20.68 -19.54 -32.33
CA VAL H 73 -22.10 -19.63 -32.06
C VAL H 73 -22.90 -18.75 -33.03
N ASP H 74 -23.95 -19.32 -33.62
CA ASP H 74 -24.82 -18.58 -34.54
C ASP H 74 -26.11 -18.21 -33.79
N TYR H 75 -26.08 -17.01 -33.22
CA TYR H 75 -27.20 -16.39 -32.46
C TYR H 75 -28.50 -16.37 -33.27
N PHE H 76 -28.36 -16.16 -34.57
CA PHE H 76 -29.48 -15.87 -35.44
C PHE H 76 -30.24 -17.13 -35.85
N LYS H 77 -29.51 -18.12 -36.35
CA LYS H 77 -30.11 -19.40 -36.73
C LYS H 77 -30.75 -20.09 -35.54
N GLN H 78 -30.10 -20.01 -34.39
CA GLN H 78 -30.70 -20.53 -33.15
C GLN H 78 -31.98 -19.85 -32.75
N SER H 79 -32.13 -18.58 -33.08
CA SER H 79 -33.29 -17.82 -32.61
C SER H 79 -34.64 -18.33 -33.17
N PHE H 80 -34.60 -19.04 -34.28
CA PHE H 80 -35.80 -19.55 -34.94
C PHE H 80 -36.23 -20.89 -34.34
N PRO H 81 -37.51 -21.26 -34.52
CA PRO H 81 -38.56 -20.64 -35.34
C PRO H 81 -39.17 -19.34 -34.80
N GLU H 82 -38.99 -19.05 -33.51
CA GLU H 82 -39.57 -17.84 -32.88
C GLU H 82 -39.09 -16.57 -33.58
N GLY H 83 -37.82 -16.60 -33.99
CA GLY H 83 -37.23 -15.49 -34.75
C GLY H 83 -36.53 -14.47 -33.87
N TYR H 84 -36.25 -13.30 -34.44
CA TYR H 84 -35.62 -12.24 -33.73
C TYR H 84 -35.96 -10.91 -34.41
N SER H 85 -35.55 -9.81 -33.78
CA SER H 85 -35.73 -8.50 -34.37
C SER H 85 -34.47 -7.64 -34.14
N TRP H 86 -34.33 -6.56 -34.91
CA TRP H 86 -33.22 -5.64 -34.70
C TRP H 86 -33.58 -4.18 -34.84
N GLU H 87 -32.91 -3.35 -34.05
CA GLU H 87 -32.98 -1.89 -34.16
C GLU H 87 -31.62 -1.39 -34.65
N ARG H 88 -31.59 -0.31 -35.42
CA ARG H 88 -30.36 0.21 -35.94
C ARG H 88 -30.35 1.69 -36.09
N SER H 89 -29.20 2.29 -35.80
CA SER H 89 -28.96 3.69 -36.10
C SER H 89 -27.84 3.85 -37.08
N MET H 90 -28.05 4.69 -38.09
CA MET H 90 -27.06 4.89 -39.13
C MET H 90 -26.80 6.38 -39.15
N ASN H 91 -25.61 6.73 -38.69
CA ASN H 91 -25.21 8.10 -38.58
C ASN H 91 -24.22 8.51 -39.67
N TYR H 92 -24.67 9.35 -40.59
CA TYR H 92 -23.87 9.72 -41.74
C TYR H 92 -23.03 10.92 -41.41
N GLU H 93 -21.88 11.03 -42.05
CA GLU H 93 -20.90 12.07 -41.69
C GLU H 93 -21.36 13.51 -41.90
N ASP H 94 -22.32 13.74 -42.78
CA ASP H 94 -22.80 15.11 -43.02
C ASP H 94 -24.04 15.47 -42.16
N GLY H 95 -24.34 14.64 -41.16
CA GLY H 95 -25.43 14.93 -40.24
C GLY H 95 -26.72 14.17 -40.46
N GLY H 96 -26.86 13.51 -41.60
CA GLY H 96 -28.03 12.65 -41.82
C GLY H 96 -28.04 11.51 -40.82
N ILE H 97 -29.20 11.26 -40.20
CA ILE H 97 -29.41 10.10 -39.33
C ILE H 97 -30.59 9.26 -39.83
N CYS H 98 -30.41 7.93 -39.84
CA CYS H 98 -31.48 7.01 -40.16
C CYS H 98 -31.62 6.01 -39.08
N ASN H 99 -32.87 5.81 -38.66
CA ASN H 99 -33.23 4.74 -37.73
C ASN H 99 -34.05 3.71 -38.42
N ALA H 100 -33.82 2.44 -38.12
CA ALA H 100 -34.59 1.40 -38.74
C ALA H 100 -34.78 0.25 -37.79
N THR H 101 -35.89 -0.45 -37.96
CA THR H 101 -36.14 -1.65 -37.21
C THR H 101 -36.62 -2.73 -38.14
N ASN H 102 -36.47 -3.98 -37.72
CA ASN H 102 -36.95 -5.11 -38.49
C ASN H 102 -37.39 -6.19 -37.57
N ASP H 103 -38.65 -6.59 -37.70
CA ASP H 103 -39.16 -7.72 -36.94
C ASP H 103 -39.19 -8.89 -37.88
N ILE H 104 -38.45 -9.93 -37.55
CA ILE H 104 -38.30 -11.09 -38.43
C ILE H 104 -38.94 -12.34 -37.85
N THR H 105 -39.88 -12.91 -38.61
CA THR H 105 -40.59 -14.12 -38.19
C THR H 105 -40.49 -15.15 -39.28
N LEU H 106 -40.74 -16.40 -38.91
CA LEU H 106 -40.65 -17.51 -39.86
C LEU H 106 -42.00 -18.15 -40.11
N ASP H 107 -42.38 -18.26 -41.37
CA ASP H 107 -43.65 -18.88 -41.76
C ASP H 107 -43.40 -19.99 -42.80
N GLY H 108 -43.12 -21.19 -42.30
CA GLY H 108 -42.79 -22.30 -43.17
C GLY H 108 -41.38 -22.16 -43.69
N ASP H 109 -41.23 -22.05 -45.00
CA ASP H 109 -39.91 -21.88 -45.63
C ASP H 109 -39.67 -20.40 -46.01
N CYS H 110 -40.38 -19.51 -45.33
CA CYS H 110 -40.53 -18.12 -45.73
C CYS H 110 -40.25 -17.20 -44.54
N TYR H 111 -39.23 -16.37 -44.66
CA TYR H 111 -38.98 -15.33 -43.68
C TYR H 111 -39.84 -14.12 -43.98
N ILE H 112 -40.45 -13.56 -42.95
CA ILE H 112 -41.26 -12.35 -43.10
C ILE H 112 -40.64 -11.19 -42.34
N TYR H 113 -40.37 -10.08 -43.04
CA TYR H 113 -39.77 -8.90 -42.44
C TYR H 113 -40.80 -7.78 -42.32
N GLU H 114 -41.00 -7.26 -41.12
CA GLU H 114 -41.80 -6.06 -40.92
C GLU H 114 -40.81 -4.92 -40.61
N ILE H 115 -40.58 -4.04 -41.57
CA ILE H 115 -39.52 -3.05 -41.47
C ILE H 115 -40.02 -1.62 -41.39
N ARG H 116 -39.47 -0.85 -40.48
CA ARG H 116 -39.73 0.58 -40.39
C ARG H 116 -38.42 1.35 -40.60
N PHE H 117 -38.48 2.46 -41.34
CA PHE H 117 -37.29 3.24 -41.69
C PHE H 117 -37.56 4.74 -41.58
N ASP H 118 -36.69 5.51 -40.93
CA ASP H 118 -36.90 6.97 -40.77
C ASP H 118 -35.62 7.76 -40.74
N GLY H 119 -35.41 8.56 -41.79
CA GLY H 119 -34.20 9.36 -41.92
C GLY H 119 -34.52 10.83 -41.81
N VAL H 120 -33.60 11.60 -41.24
CA VAL H 120 -33.77 13.05 -41.13
C VAL H 120 -32.45 13.79 -41.32
N ASN H 121 -32.56 15.10 -41.54
CA ASN H 121 -31.41 16.00 -41.62
C ASN H 121 -30.38 15.67 -42.68
N PHE H 122 -30.82 15.06 -43.77
CA PHE H 122 -29.94 14.94 -44.93
C PHE H 122 -29.95 16.26 -45.65
N PRO H 123 -28.79 16.90 -45.78
CA PRO H 123 -28.75 18.18 -46.48
C PRO H 123 -29.22 18.04 -47.93
N ALA H 124 -29.95 19.05 -48.41
CA ALA H 124 -30.49 19.09 -49.78
C ALA H 124 -29.42 18.94 -50.85
N ASN H 125 -28.26 19.52 -50.60
CA ASN H 125 -27.16 19.47 -51.54
C ASN H 125 -26.20 18.31 -51.33
N GLY H 126 -26.50 17.40 -50.41
CA GLY H 126 -25.61 16.29 -50.12
C GLY H 126 -25.82 15.12 -51.05
N PRO H 127 -24.89 14.16 -51.02
CA PRO H 127 -24.97 13.04 -51.94
C PRO H 127 -26.23 12.14 -51.83
N VAL H 128 -26.93 12.12 -50.70
CA VAL H 128 -28.12 11.29 -50.58
C VAL H 128 -29.31 11.92 -51.32
N MET H 129 -29.63 13.16 -51.01
CA MET H 129 -30.71 13.85 -51.70
C MET H 129 -30.42 14.16 -53.18
N GLN H 130 -29.14 14.30 -53.56
CA GLN H 130 -28.76 14.54 -54.97
C GLN H 130 -28.42 13.23 -55.69
N LYS H 131 -28.68 12.10 -55.05
CA LYS H 131 -28.47 10.81 -55.67
C LYS H 131 -27.12 10.70 -56.35
N ARG H 132 -26.04 10.92 -55.61
CA ARG H 132 -24.68 10.80 -56.15
C ARG H 132 -23.92 9.63 -55.58
N THR H 133 -24.65 8.61 -55.12
CA THR H 133 -24.02 7.45 -54.49
C THR H 133 -23.98 6.28 -55.46
N VAL H 134 -22.93 5.48 -55.41
CA VAL H 134 -22.76 4.35 -56.33
C VAL H 134 -23.00 3.02 -55.62
N LYS H 135 -22.23 2.76 -54.58
CA LYS H 135 -22.34 1.51 -53.85
C LYS H 135 -21.66 1.55 -52.48
N TRP H 136 -22.05 0.64 -51.61
CA TRP H 136 -21.39 0.47 -50.36
C TRP H 136 -20.13 -0.29 -50.58
N GLU H 137 -19.02 0.18 -50.04
CA GLU H 137 -17.77 -0.61 -50.09
C GLU H 137 -17.96 -1.82 -49.16
N PRO H 138 -17.33 -2.97 -49.46
CA PRO H 138 -17.50 -4.14 -48.59
C PRO H 138 -17.10 -3.83 -47.18
N SER H 139 -17.65 -4.54 -46.21
CA SER H 139 -17.49 -4.17 -44.83
C SER H 139 -17.40 -5.37 -43.90
N THR H 140 -17.02 -5.09 -42.66
CA THR H 140 -16.86 -6.11 -41.64
C THR H 140 -17.58 -5.63 -40.40
N GLU H 141 -18.59 -6.38 -39.99
CA GLU H 141 -19.39 -6.03 -38.83
C GLU H 141 -18.75 -6.69 -37.62
N LYS H 142 -18.60 -5.94 -36.55
CA LYS H 142 -18.02 -6.43 -35.31
C LYS H 142 -19.16 -6.73 -34.36
N LEU H 143 -19.41 -7.99 -34.07
CA LEU H 143 -20.49 -8.37 -33.14
C LEU H 143 -19.99 -8.74 -31.75
N TYR H 144 -20.66 -8.23 -30.73
CA TYR H 144 -20.26 -8.44 -29.34
C TYR H 144 -21.50 -8.37 -28.46
N VAL H 145 -21.44 -9.02 -27.30
CA VAL H 145 -22.58 -9.07 -26.38
C VAL H 145 -22.47 -7.97 -25.34
N ARG H 146 -23.60 -7.38 -25.01
CA ARG H 146 -23.66 -6.41 -23.94
C ARG H 146 -25.07 -6.44 -23.41
N ASP H 147 -25.19 -6.45 -22.09
CA ASP H 147 -26.49 -6.58 -21.40
C ASP H 147 -27.28 -7.81 -21.90
N GLY H 148 -26.59 -8.91 -22.12
CA GLY H 148 -27.22 -10.14 -22.59
C GLY H 148 -27.88 -10.09 -23.96
N VAL H 149 -27.61 -9.03 -24.74
CA VAL H 149 -28.07 -8.94 -26.13
C VAL H 149 -26.89 -8.69 -27.02
N LEU H 150 -27.04 -9.04 -28.29
CA LEU H 150 -25.96 -8.92 -29.27
C LEU H 150 -25.95 -7.56 -29.95
N LYS H 151 -24.80 -6.89 -29.94
CA LYS H 151 -24.62 -5.63 -30.67
C LYS H 151 -23.74 -5.88 -31.87
N GLY H 152 -23.85 -5.02 -32.87
CA GLY H 152 -23.02 -5.08 -34.04
C GLY H 152 -22.71 -3.68 -34.49
N ASP H 153 -21.44 -3.37 -34.63
CA ASP H 153 -21.04 -2.07 -35.14
C ASP H 153 -20.26 -2.24 -36.41
N VAL H 154 -20.40 -1.28 -37.31
CA VAL H 154 -19.60 -1.25 -38.52
C VAL H 154 -19.46 0.17 -39.06
N ASN H 155 -18.25 0.52 -39.48
CA ASN H 155 -18.02 1.74 -40.25
C ASN H 155 -18.28 1.38 -41.69
N MET H 156 -19.18 2.11 -42.31
CA MET H 156 -19.55 1.86 -43.66
C MET H 156 -19.11 3.04 -44.45
N ALA H 157 -18.96 2.86 -45.76
CA ALA H 157 -18.64 3.94 -46.65
C ALA H 157 -19.32 3.73 -47.99
N LEU H 158 -19.98 4.77 -48.47
CA LEU H 158 -20.59 4.76 -49.80
C LEU H 158 -19.61 5.38 -50.73
N SER H 159 -19.39 4.74 -51.85
CA SER H 159 -18.58 5.31 -52.90
C SER H 159 -19.44 6.39 -53.57
N LEU H 160 -18.83 7.51 -53.94
CA LEU H 160 -19.55 8.56 -54.64
C LEU H 160 -19.19 8.64 -56.13
N GLU H 161 -20.15 9.07 -56.94
CA GLU H 161 -19.95 9.22 -58.38
C GLU H 161 -18.72 9.99 -58.78
N GLY H 162 -18.44 11.12 -58.15
CA GLY H 162 -17.28 11.91 -58.50
C GLY H 162 -15.97 11.42 -57.88
N GLY H 163 -15.89 10.13 -57.56
CA GLY H 163 -14.79 9.61 -56.72
C GLY H 163 -15.00 10.08 -55.30
N GLY H 164 -14.24 9.52 -54.38
CA GLY H 164 -14.41 9.87 -52.98
C GLY H 164 -15.51 9.07 -52.30
N HIS H 165 -15.56 9.18 -50.99
CA HIS H 165 -16.38 8.31 -50.20
C HIS H 165 -17.20 9.08 -49.18
N TYR H 166 -18.28 8.49 -48.73
CA TYR H 166 -19.21 9.12 -47.81
C TYR H 166 -19.38 8.17 -46.63
N ARG H 167 -18.92 8.59 -45.46
CA ARG H 167 -18.83 7.73 -44.30
C ARG H 167 -20.15 7.66 -43.53
N CYS H 168 -20.45 6.48 -42.98
CA CYS H 168 -21.61 6.28 -42.12
C CYS H 168 -21.31 5.29 -41.02
N ASP H 169 -21.78 5.56 -39.80
CA ASP H 169 -21.54 4.63 -38.67
C ASP H 169 -22.83 3.89 -38.32
N PHE H 170 -22.75 2.58 -38.28
CA PHE H 170 -23.91 1.71 -38.02
C PHE H 170 -23.83 1.19 -36.61
N LYS H 171 -24.95 1.25 -35.89
CA LYS H 171 -25.02 0.68 -34.54
C LYS H 171 -26.29 -0.15 -34.41
N THR H 172 -26.16 -1.47 -34.37
CA THR H 172 -27.28 -2.35 -34.43
C THR H 172 -27.41 -3.06 -33.13
N THR H 173 -28.64 -3.24 -32.66
CA THR H 173 -28.93 -4.16 -31.57
C THR H 173 -29.77 -5.32 -32.10
N TYR H 174 -29.32 -6.54 -31.88
CA TYR H 174 -30.07 -7.72 -32.23
C TYR H 174 -30.70 -8.31 -30.99
N LYS H 175 -31.97 -8.69 -31.09
CA LYS H 175 -32.71 -9.26 -29.96
C LYS H 175 -33.45 -10.51 -30.40
N ALA H 176 -32.99 -11.64 -29.88
CA ALA H 176 -33.67 -12.92 -30.08
C ALA H 176 -34.95 -13.00 -29.21
N LYS H 177 -36.01 -13.57 -29.77
CA LYS H 177 -37.32 -13.67 -29.08
C LYS H 177 -37.43 -14.88 -28.14
N LYS H 178 -36.33 -15.60 -27.99
CA LYS H 178 -36.21 -16.61 -26.94
C LYS H 178 -34.73 -16.67 -26.50
N VAL H 179 -34.48 -17.38 -25.41
CA VAL H 179 -33.12 -17.53 -24.90
C VAL H 179 -32.27 -18.44 -25.81
N VAL H 180 -31.12 -17.93 -26.22
CA VAL H 180 -30.17 -18.67 -27.06
C VAL H 180 -28.78 -18.48 -26.48
N GLN H 181 -27.88 -19.42 -26.81
CA GLN H 181 -26.44 -19.25 -26.42
C GLN H 181 -25.81 -18.00 -27.09
N LEU H 182 -25.13 -17.23 -26.27
CA LEU H 182 -24.55 -15.98 -26.71
C LEU H 182 -23.15 -16.21 -27.24
N PRO H 183 -22.84 -15.68 -28.44
CA PRO H 183 -21.53 -15.91 -29.03
C PRO H 183 -20.47 -14.99 -28.41
N ASP H 184 -19.20 -15.29 -28.69
CA ASP H 184 -18.11 -14.42 -28.32
C ASP H 184 -17.91 -13.37 -29.39
N TYR H 185 -17.04 -12.42 -29.12
CA TYR H 185 -16.70 -11.38 -30.06
C TYR H 185 -16.31 -12.03 -31.37
N HIS H 186 -16.90 -11.59 -32.48
CA HIS H 186 -16.52 -12.11 -33.80
C HIS H 186 -16.86 -11.13 -34.93
N PHE H 187 -16.52 -11.52 -36.14
CA PHE H 187 -16.70 -10.66 -37.31
C PHE H 187 -17.68 -11.26 -38.30
N VAL H 188 -18.26 -10.42 -39.15
CA VAL H 188 -19.01 -10.85 -40.32
C VAL H 188 -18.69 -9.93 -41.50
N ASP H 189 -18.11 -10.50 -42.55
CA ASP H 189 -17.82 -9.75 -43.75
C ASP H 189 -19.10 -9.67 -44.59
N HIS H 190 -19.37 -8.49 -45.13
CA HIS H 190 -20.53 -8.28 -45.96
C HIS H 190 -20.12 -7.77 -47.33
N HIS H 191 -20.87 -8.15 -48.35
CA HIS H 191 -20.78 -7.52 -49.65
C HIS H 191 -22.22 -7.40 -50.16
N ILE H 192 -22.63 -6.20 -50.52
CA ILE H 192 -24.01 -5.93 -50.98
C ILE H 192 -23.95 -5.18 -52.31
N GLU H 193 -24.70 -5.63 -53.31
CA GLU H 193 -24.67 -5.03 -54.65
C GLU H 193 -26.10 -4.92 -55.15
N ILE H 194 -26.42 -3.79 -55.75
CA ILE H 194 -27.64 -3.68 -56.55
C ILE H 194 -27.28 -4.25 -57.91
N LYS H 195 -27.81 -5.43 -58.24
CA LYS H 195 -27.53 -6.06 -59.54
C LYS H 195 -28.29 -5.45 -60.71
N SER H 196 -29.51 -4.97 -60.50
CA SER H 196 -30.28 -4.31 -61.56
C SER H 196 -31.37 -3.43 -60.98
N HIS H 197 -31.64 -2.34 -61.68
CA HIS H 197 -32.70 -1.42 -61.30
C HIS H 197 -33.27 -0.76 -62.53
N ASP H 198 -34.52 -0.32 -62.47
CA ASP H 198 -35.05 0.53 -63.53
C ASP H 198 -34.60 1.98 -63.28
N LYS H 199 -35.07 2.89 -64.13
CA LYS H 199 -34.58 4.25 -64.20
C LYS H 199 -34.63 5.01 -62.87
N ASP H 200 -35.79 4.92 -62.22
CA ASP H 200 -36.08 5.68 -61.01
C ASP H 200 -36.11 4.77 -59.77
N TYR H 201 -35.58 3.56 -59.92
CA TYR H 201 -35.45 2.58 -58.82
C TYR H 201 -36.75 2.04 -58.24
N SER H 202 -37.85 2.12 -59.00
CA SER H 202 -39.12 1.55 -58.54
C SER H 202 -39.04 0.03 -58.48
N ASN H 203 -38.11 -0.53 -59.29
CA ASN H 203 -37.79 -1.93 -59.25
C ASN H 203 -36.31 -2.09 -59.08
N VAL H 204 -35.93 -2.91 -58.11
CA VAL H 204 -34.52 -3.10 -57.79
C VAL H 204 -34.29 -4.57 -57.49
N ASN H 205 -33.23 -5.13 -58.07
CA ASN H 205 -32.76 -6.44 -57.67
C ASN H 205 -31.48 -6.28 -56.88
N LEU H 206 -31.44 -6.95 -55.73
CA LEU H 206 -30.47 -6.69 -54.68
C LEU H 206 -29.88 -7.99 -54.20
N HIS H 207 -28.56 -8.01 -54.04
CA HIS H 207 -27.82 -9.24 -53.77
C HIS H 207 -26.80 -9.01 -52.64
N GLU H 208 -26.73 -9.93 -51.67
CA GLU H 208 -25.76 -9.86 -50.57
C GLU H 208 -25.05 -11.18 -50.34
N HIS H 209 -23.74 -11.14 -50.13
CA HIS H 209 -22.97 -12.28 -49.57
C HIS H 209 -22.59 -11.96 -48.14
N ALA H 210 -22.43 -12.96 -47.28
CA ALA H 210 -21.90 -12.73 -45.93
C ALA H 210 -21.29 -13.97 -45.27
N GLU H 211 -20.04 -13.85 -44.77
CA GLU H 211 -19.40 -14.92 -43.92
C GLU H 211 -19.06 -14.34 -42.61
N ALA H 212 -19.10 -15.19 -41.60
CA ALA H 212 -18.52 -14.90 -40.30
C ALA H 212 -17.14 -15.54 -40.11
N HIS H 213 -16.24 -14.86 -39.42
CA HIS H 213 -14.96 -15.45 -39.00
C HIS H 213 -14.64 -15.00 -37.55
N SER H 214 -13.47 -15.42 -37.00
CA SER H 214 -13.20 -15.36 -35.53
C SER H 214 -11.86 -14.76 -34.94
N GLU H 215 -10.71 -15.02 -35.53
CA GLU H 215 -9.45 -14.75 -34.78
C GLU H 215 -8.48 -13.82 -35.48
N VAL I 2 -4.19 -65.85 18.05
CA VAL I 2 -5.26 -65.06 18.74
C VAL I 2 -6.32 -64.52 17.79
N ILE I 3 -5.86 -63.87 16.72
CA ILE I 3 -6.70 -63.39 15.64
C ILE I 3 -6.95 -64.53 14.64
N LYS I 4 -8.20 -64.99 14.57
CA LYS I 4 -8.60 -66.12 13.71
C LYS I 4 -9.15 -65.66 12.36
N PRO I 5 -9.06 -66.51 11.32
CA PRO I 5 -9.56 -66.15 9.99
C PRO I 5 -11.07 -65.81 9.93
N ASP I 6 -11.88 -66.37 10.83
CA ASP I 6 -13.31 -66.06 10.93
C ASP I 6 -13.60 -65.64 12.36
N MET I 7 -14.12 -64.42 12.56
CA MET I 7 -14.42 -63.93 13.91
C MET I 7 -15.79 -63.30 13.99
N LYS I 8 -16.39 -63.39 15.16
CA LYS I 8 -17.74 -62.88 15.38
C LYS I 8 -17.69 -61.50 16.01
N ILE I 9 -18.76 -60.75 15.84
CA ILE I 9 -18.85 -59.41 16.40
C ILE I 9 -20.15 -59.27 17.14
N LYS I 10 -20.06 -58.77 18.37
CA LYS I 10 -21.20 -58.46 19.17
C LYS I 10 -21.01 -57.00 19.63
N LEU I 11 -22.03 -56.16 19.40
CA LEU I 11 -21.92 -54.76 19.78
C LEU I 11 -23.20 -54.23 20.33
N ARG I 12 -23.05 -53.28 21.25
CA ARG I 12 -24.16 -52.43 21.68
C ARG I 12 -23.75 -50.97 21.57
N MET I 13 -24.56 -50.15 20.92
CA MET I 13 -24.37 -48.69 20.88
C MET I 13 -25.46 -48.02 21.69
N GLU I 14 -25.06 -47.13 22.59
CA GLU I 14 -26.00 -46.23 23.26
C GLU I 14 -25.65 -44.82 22.86
N GLY I 15 -26.63 -44.06 22.43
CA GLY I 15 -26.38 -42.74 21.89
C GLY I 15 -27.53 -41.75 21.92
N ALA I 16 -27.28 -40.56 21.40
CA ALA I 16 -28.33 -39.57 21.18
C ALA I 16 -27.97 -38.69 19.98
N VAL I 17 -28.99 -38.18 19.31
CA VAL I 17 -28.80 -37.20 18.25
C VAL I 17 -29.74 -36.04 18.48
N ASN I 18 -29.21 -34.82 18.42
CA ASN I 18 -29.95 -33.65 18.83
C ASN I 18 -30.80 -33.87 20.09
N GLY I 19 -30.25 -34.54 21.10
CA GLY I 19 -30.96 -34.74 22.36
C GLY I 19 -31.90 -35.94 22.42
N HIS I 20 -32.20 -36.56 21.29
CA HIS I 20 -33.12 -37.72 21.25
C HIS I 20 -32.36 -39.03 21.42
N PRO I 21 -32.50 -39.69 22.58
CA PRO I 21 -31.68 -40.90 22.85
C PRO I 21 -32.14 -42.13 22.11
N PHE I 22 -31.21 -43.04 21.87
CA PHE I 22 -31.53 -44.31 21.21
C PHE I 22 -30.50 -45.36 21.59
N ALA I 23 -30.75 -46.60 21.19
CA ALA I 23 -29.79 -47.70 21.39
C ALA I 23 -29.95 -48.72 20.32
N ILE I 24 -28.84 -49.38 19.99
CA ILE I 24 -28.78 -50.31 18.87
C ILE I 24 -27.88 -51.43 19.29
N GLU I 25 -28.28 -52.65 18.95
CA GLU I 25 -27.47 -53.83 19.21
C GLU I 25 -27.22 -54.48 17.89
N GLY I 26 -26.13 -55.22 17.80
CA GLY I 26 -25.81 -55.89 16.55
C GLY I 26 -24.93 -57.11 16.72
N VAL I 27 -25.08 -58.05 15.79
CA VAL I 27 -24.21 -59.21 15.73
C VAL I 27 -23.71 -59.30 14.32
N GLY I 28 -22.51 -59.83 14.17
CA GLY I 28 -21.94 -59.97 12.85
C GLY I 28 -20.72 -60.86 12.87
N LEU I 29 -20.09 -60.97 11.72
CA LEU I 29 -18.90 -61.75 11.59
C LEU I 29 -18.04 -61.12 10.53
N GLY I 30 -16.73 -61.27 10.66
CA GLY I 30 -15.81 -60.78 9.64
C GLY I 30 -14.52 -61.55 9.55
N LYS I 31 -13.76 -61.27 8.51
CA LYS I 31 -12.53 -61.97 8.23
C LYS I 31 -11.37 -60.98 8.35
N PRO I 32 -10.72 -60.95 9.53
CA PRO I 32 -9.66 -59.98 9.81
C PRO I 32 -8.60 -59.86 8.74
N PHE I 33 -8.10 -60.99 8.25
CA PHE I 33 -6.99 -60.98 7.31
C PHE I 33 -7.47 -60.69 5.88
N GLU I 34 -8.72 -61.00 5.61
CA GLU I 34 -9.32 -60.68 4.31
C GLU I 34 -9.87 -59.25 4.24
N GLY I 35 -9.89 -58.55 5.37
CA GLY I 35 -10.39 -57.18 5.43
C GLY I 35 -11.88 -57.05 5.11
N LYS I 36 -12.66 -58.05 5.48
CA LYS I 36 -14.10 -58.02 5.25
C LYS I 36 -14.87 -58.17 6.56
N GLN I 37 -16.04 -57.55 6.64
CA GLN I 37 -16.95 -57.79 7.73
C GLN I 37 -18.37 -57.51 7.30
N SER I 38 -19.33 -58.04 8.05
CA SER I 38 -20.73 -57.70 7.85
C SER I 38 -21.45 -57.88 9.15
N MET I 39 -22.57 -57.18 9.32
CA MET I 39 -23.33 -57.30 10.55
C MET I 39 -24.78 -56.89 10.42
N ASP I 40 -25.57 -57.37 11.36
CA ASP I 40 -26.98 -57.06 11.43
C ASP I 40 -27.24 -56.24 12.67
N LEU I 41 -27.96 -55.15 12.51
CA LEU I 41 -28.12 -54.18 13.56
C LEU I 41 -29.59 -53.90 13.82
N LYS I 42 -29.97 -53.99 15.09
CA LYS I 42 -31.36 -53.78 15.51
C LYS I 42 -31.48 -52.60 16.46
N VAL I 43 -32.44 -51.73 16.19
CA VAL I 43 -32.73 -50.63 17.09
C VAL I 43 -33.56 -51.12 18.29
N LYS I 44 -32.99 -51.11 19.47
CA LYS I 44 -33.66 -51.59 20.67
C LYS I 44 -34.44 -50.49 21.38
N GLU I 45 -33.98 -49.26 21.26
CA GLU I 45 -34.65 -48.13 21.92
C GLU I 45 -34.65 -46.94 20.98
N GLY I 46 -35.61 -46.05 21.18
CA GLY I 46 -35.66 -44.80 20.45
C GLY I 46 -36.06 -44.88 19.01
N GLY I 47 -36.51 -46.05 18.55
CA GLY I 47 -36.93 -46.24 17.16
C GLY I 47 -38.34 -45.71 16.95
N PRO I 48 -38.72 -45.38 15.70
CA PRO I 48 -37.88 -45.34 14.52
C PRO I 48 -36.99 -44.09 14.57
N LEU I 49 -35.74 -44.25 14.14
CA LEU I 49 -34.78 -43.18 14.27
C LEU I 49 -35.18 -42.00 13.41
N PRO I 50 -35.20 -40.79 14.00
CA PRO I 50 -35.60 -39.59 13.28
C PRO I 50 -34.47 -38.92 12.52
N PHE I 51 -33.46 -39.68 12.13
CA PHE I 51 -32.29 -39.12 11.44
C PHE I 51 -31.64 -40.16 10.54
N ALA I 52 -30.81 -39.70 9.62
CA ALA I 52 -30.20 -40.56 8.63
C ALA I 52 -29.32 -41.60 9.29
N TYR I 53 -29.61 -42.86 9.02
CA TYR I 53 -28.82 -43.98 9.56
C TYR I 53 -27.34 -43.93 9.16
N ASP I 54 -27.05 -43.33 8.02
CA ASP I 54 -25.69 -43.27 7.55
C ASP I 54 -24.68 -42.62 8.51
N ILE I 55 -25.10 -41.67 9.32
CA ILE I 55 -24.16 -41.03 10.26
C ILE I 55 -23.63 -42.00 11.30
N LEU I 56 -24.32 -43.12 11.49
CA LEU I 56 -23.91 -44.17 12.45
C LEU I 56 -22.97 -45.24 11.86
N THR I 57 -23.00 -45.43 10.54
CA THR I 57 -22.44 -46.67 9.98
C THR I 57 -20.95 -46.84 10.15
N THR I 58 -20.20 -45.77 9.94
CA THR I 58 -18.75 -45.78 10.20
C THR I 58 -18.38 -46.01 11.67
N VAL I 59 -19.33 -45.89 12.59
CA VAL I 59 -19.06 -46.10 14.01
C VAL I 59 -19.20 -47.58 14.33
N PHE I 60 -20.19 -48.23 13.73
CA PHE I 60 -20.31 -49.68 13.76
C PHE I 60 -19.16 -50.31 13.00
N1 GYS I 61 -18.65 -49.89 11.92
OG1 GYS I 61 -18.67 -51.87 9.65
CB1 GYS I 61 -18.14 -50.54 9.66
CA1 GYS I 61 -17.59 -50.36 11.05
C1 GYS I 61 -16.54 -49.35 11.09
N2 GYS I 61 -16.20 -48.52 10.04
N3 GYS I 61 -15.78 -49.15 12.19
C2 GYS I 61 -14.95 -48.19 11.89
O2 GYS I 61 -14.06 -47.71 12.68
CA2 GYS I 61 -15.18 -47.77 10.51
CA3 GYS I 61 -15.86 -49.83 13.49
CB2 GYS I 61 -14.46 -46.69 9.79
CG2 GYS I 61 -14.74 -46.26 8.42
CD1 GYS I 61 -15.76 -46.79 7.64
CD2 GYS I 61 -13.93 -45.24 7.89
CE1 GYS I 61 -15.94 -46.32 6.33
CE2 GYS I 61 -14.10 -44.76 6.58
CZ GYS I 61 -15.13 -45.30 5.78
OH GYS I 61 -15.32 -44.89 4.49
C3 GYS I 61 -14.50 -50.12 14.08
O3 GYS I 61 -14.46 -50.04 15.35
N ASN I 62 -13.75 -50.81 13.31
CA ASN I 62 -12.71 -51.69 13.89
C ASN I 62 -11.68 -51.96 12.82
N ARG I 63 -10.52 -51.35 12.98
CA ARG I 63 -9.52 -51.39 11.95
C ARG I 63 -8.77 -52.73 11.93
N VAL I 64 -9.05 -53.62 12.90
CA VAL I 64 -8.54 -55.01 12.77
C VAL I 64 -9.00 -55.65 11.52
N PHE I 65 -10.23 -55.33 11.11
CA PHE I 65 -10.80 -55.89 9.91
C PHE I 65 -10.35 -55.03 8.74
N ALA I 66 -9.06 -55.04 8.51
CA ALA I 66 -8.44 -54.36 7.38
C ALA I 66 -7.27 -55.21 6.92
N LYS I 67 -7.17 -55.44 5.62
CA LYS I 67 -6.07 -56.22 5.05
C LYS I 67 -4.75 -55.44 5.11
N TYR I 68 -3.87 -55.82 6.03
CA TYR I 68 -2.55 -55.20 6.15
C TYR I 68 -1.49 -56.07 5.48
N PRO I 69 -0.72 -55.49 4.53
CA PRO I 69 0.44 -56.22 4.03
C PRO I 69 1.56 -56.34 5.07
N GLU I 70 2.49 -57.27 4.83
CA GLU I 70 3.55 -57.57 5.81
C GLU I 70 4.55 -56.45 6.00
N ASN I 71 4.73 -55.58 5.00
CA ASN I 71 5.71 -54.48 5.11
C ASN I 71 5.23 -53.26 5.93
N ILE I 72 3.97 -53.26 6.35
CA ILE I 72 3.41 -52.22 7.24
C ILE I 72 3.05 -52.85 8.60
N VAL I 73 3.37 -52.12 9.66
CA VAL I 73 3.02 -52.54 11.01
C VAL I 73 1.50 -52.46 11.20
N ASP I 74 0.91 -53.52 11.75
CA ASP I 74 -0.51 -53.55 12.06
C ASP I 74 -0.69 -53.33 13.56
N TYR I 75 -0.88 -52.05 13.92
CA TYR I 75 -1.12 -51.57 15.29
C TYR I 75 -2.28 -52.32 15.96
N PHE I 76 -3.29 -52.64 15.18
CA PHE I 76 -4.58 -53.10 15.69
C PHE I 76 -4.55 -54.57 16.04
N LYS I 77 -4.07 -55.39 15.11
CA LYS I 77 -3.95 -56.84 15.32
C LYS I 77 -2.96 -57.16 16.45
N GLN I 78 -1.87 -56.40 16.52
CA GLN I 78 -0.94 -56.50 17.66
C GLN I 78 -1.57 -56.16 19.02
N SER I 79 -2.56 -55.27 19.04
CA SER I 79 -3.10 -54.79 20.32
C SER I 79 -3.83 -55.88 21.11
N PHE I 80 -4.26 -56.93 20.42
CA PHE I 80 -4.97 -58.03 21.07
C PHE I 80 -4.03 -59.05 21.69
N PRO I 81 -4.51 -59.85 22.67
CA PRO I 81 -5.89 -60.00 23.16
C PRO I 81 -6.44 -58.87 24.04
N GLU I 82 -5.56 -58.04 24.59
CA GLU I 82 -5.97 -56.94 25.48
C GLU I 82 -6.96 -56.00 24.77
N GLY I 83 -6.70 -55.77 23.48
CA GLY I 83 -7.59 -54.96 22.65
C GLY I 83 -7.17 -53.50 22.61
N TYR I 84 -8.09 -52.67 22.13
CA TYR I 84 -7.84 -51.23 22.01
C TYR I 84 -9.15 -50.50 22.00
N SER I 85 -9.07 -49.18 22.01
CA SER I 85 -10.27 -48.37 21.94
C SER I 85 -10.02 -47.17 21.03
N TRP I 86 -11.09 -46.53 20.57
CA TRP I 86 -10.94 -45.29 19.81
C TRP I 86 -11.96 -44.22 20.12
N GLU I 87 -11.52 -42.96 20.00
CA GLU I 87 -12.40 -41.80 20.10
C GLU I 87 -12.46 -41.15 18.73
N ARG I 88 -13.57 -40.53 18.38
CA ARG I 88 -13.68 -39.89 17.07
C ARG I 88 -14.59 -38.69 17.08
N SER I 89 -14.21 -37.67 16.31
CA SER I 89 -15.09 -36.52 16.07
C SER I 89 -15.37 -36.42 14.61
N MET I 90 -16.64 -36.20 14.30
CA MET I 90 -17.08 -36.16 12.95
C MET I 90 -17.78 -34.82 12.79
N ASN I 91 -17.13 -33.95 12.04
CA ASN I 91 -17.59 -32.60 11.88
C ASN I 91 -18.20 -32.41 10.50
N TYR I 92 -19.50 -32.22 10.46
CA TYR I 92 -20.23 -32.11 9.18
C TYR I 92 -20.26 -30.66 8.71
N GLU I 93 -20.28 -30.45 7.40
CA GLU I 93 -20.11 -29.11 6.83
C GLU I 93 -21.22 -28.11 7.19
N ASP I 94 -22.40 -28.60 7.57
CA ASP I 94 -23.49 -27.71 7.94
C ASP I 94 -23.57 -27.46 9.45
N GLY I 95 -22.53 -27.84 10.19
CA GLY I 95 -22.49 -27.58 11.64
C GLY I 95 -22.83 -28.73 12.57
N GLY I 96 -23.37 -29.81 12.04
CA GLY I 96 -23.58 -30.99 12.85
C GLY I 96 -22.27 -31.59 13.31
N ILE I 97 -22.19 -31.96 14.57
CA ILE I 97 -21.01 -32.63 15.13
C ILE I 97 -21.42 -33.92 15.82
N CYS I 98 -20.66 -34.98 15.57
CA CYS I 98 -20.86 -36.25 16.23
C CYS I 98 -19.58 -36.72 16.87
N ASN I 99 -19.68 -37.10 18.14
CA ASN I 99 -18.60 -37.73 18.86
C ASN I 99 -18.93 -39.16 19.11
N ALA I 100 -17.93 -40.03 18.96
CA ALA I 100 -18.18 -41.43 19.22
C ALA I 100 -16.96 -42.07 19.81
N THR I 101 -17.20 -43.07 20.64
CA THR I 101 -16.12 -43.86 21.21
C THR I 101 -16.47 -45.33 21.05
N ASN I 102 -15.44 -46.16 21.05
CA ASN I 102 -15.63 -47.58 21.00
C ASN I 102 -14.56 -48.25 21.80
N ASP I 103 -14.98 -49.04 22.77
CA ASP I 103 -14.07 -49.84 23.54
C ASP I 103 -14.17 -51.26 23.00
N ILE I 104 -13.06 -51.78 22.50
CA ILE I 104 -13.05 -53.09 21.85
C ILE I 104 -12.24 -54.12 22.64
N THR I 105 -12.90 -55.20 23.01
CA THR I 105 -12.27 -56.29 23.74
C THR I 105 -12.50 -57.59 23.01
N LEU I 106 -11.68 -58.59 23.33
CA LEU I 106 -11.74 -59.90 22.69
C LEU I 106 -12.17 -60.98 23.67
N ASP I 107 -13.19 -61.74 23.31
CA ASP I 107 -13.69 -62.83 24.16
C ASP I 107 -13.76 -64.11 23.32
N GLY I 108 -12.65 -64.83 23.27
CA GLY I 108 -12.56 -66.04 22.44
C GLY I 108 -12.44 -65.67 20.99
N ASP I 109 -13.42 -66.07 20.18
CA ASP I 109 -13.44 -65.77 18.75
C ASP I 109 -14.38 -64.59 18.46
N CYS I 110 -14.64 -63.79 19.49
CA CYS I 110 -15.71 -62.82 19.48
C CYS I 110 -15.17 -61.47 19.92
N TYR I 111 -15.25 -60.48 19.02
CA TYR I 111 -14.97 -59.10 19.39
C TYR I 111 -16.20 -58.48 20.02
N ILE I 112 -15.99 -57.75 21.11
CA ILE I 112 -17.09 -57.05 21.76
C ILE I 112 -16.85 -55.54 21.69
N TYR I 113 -17.84 -54.81 21.17
CA TYR I 113 -17.77 -53.35 21.08
C TYR I 113 -18.70 -52.71 22.08
N GLU I 114 -18.16 -51.83 22.93
CA GLU I 114 -18.98 -50.99 23.78
C GLU I 114 -18.93 -49.59 23.15
N ILE I 115 -20.00 -49.16 22.47
CA ILE I 115 -20.00 -47.92 21.69
C ILE I 115 -20.92 -46.82 22.23
N ARG I 116 -20.40 -45.60 22.31
CA ARG I 116 -21.17 -44.44 22.68
C ARG I 116 -21.18 -43.48 21.50
N PHE I 117 -22.33 -42.86 21.22
CA PHE I 117 -22.49 -41.96 20.07
C PHE I 117 -23.30 -40.74 20.45
N ASP I 118 -22.85 -39.55 20.09
CA ASP I 118 -23.58 -38.32 20.45
C ASP I 118 -23.43 -37.21 19.42
N GLY I 119 -24.54 -36.89 18.75
CA GLY I 119 -24.57 -35.88 17.72
C GLY I 119 -25.42 -34.70 18.13
N VAL I 120 -25.00 -33.50 17.75
CA VAL I 120 -25.76 -32.29 18.04
C VAL I 120 -25.70 -31.30 16.89
N ASN I 121 -26.60 -30.33 16.94
CA ASN I 121 -26.65 -29.20 15.99
C ASN I 121 -26.82 -29.57 14.54
N PHE I 122 -27.48 -30.68 14.29
CA PHE I 122 -27.89 -30.98 12.93
C PHE I 122 -29.11 -30.14 12.64
N PRO I 123 -29.03 -29.27 11.64
CA PRO I 123 -30.21 -28.47 11.30
C PRO I 123 -31.42 -29.35 10.91
N ALA I 124 -32.61 -28.93 11.34
CA ALA I 124 -33.87 -29.64 11.04
C ALA I 124 -34.12 -29.85 9.55
N ASN I 125 -33.75 -28.86 8.75
CA ASN I 125 -33.94 -28.92 7.30
C ASN I 125 -32.74 -29.50 6.53
N GLY I 126 -31.73 -29.99 7.24
CA GLY I 126 -30.54 -30.55 6.57
C GLY I 126 -30.70 -32.01 6.18
N PRO I 127 -29.77 -32.53 5.39
CA PRO I 127 -29.90 -33.88 4.87
C PRO I 127 -29.89 -34.99 5.89
N VAL I 128 -29.34 -34.77 7.09
CA VAL I 128 -29.32 -35.83 8.10
C VAL I 128 -30.72 -35.96 8.73
N MET I 129 -31.28 -34.89 9.25
CA MET I 129 -32.62 -34.95 9.84
C MET I 129 -33.75 -35.21 8.83
N GLN I 130 -33.54 -34.86 7.57
CA GLN I 130 -34.52 -35.13 6.51
C GLN I 130 -34.20 -36.38 5.73
N LYS I 131 -33.26 -37.16 6.23
CA LYS I 131 -32.95 -38.45 5.63
C LYS I 131 -32.82 -38.39 4.12
N ARG I 132 -31.97 -37.49 3.64
CA ARG I 132 -31.76 -37.32 2.21
C ARG I 132 -30.37 -37.89 1.82
N THR I 133 -29.81 -38.80 2.60
CA THR I 133 -28.46 -39.34 2.34
C THR I 133 -28.55 -40.72 1.70
N VAL I 134 -27.63 -41.05 0.82
CA VAL I 134 -27.64 -42.33 0.12
C VAL I 134 -26.52 -43.24 0.64
N LYS I 135 -25.28 -42.79 0.52
CA LYS I 135 -24.16 -43.59 0.94
C LYS I 135 -22.89 -42.77 1.09
N TRP I 136 -21.93 -43.32 1.82
CA TRP I 136 -20.61 -42.73 1.93
C TRP I 136 -19.83 -43.06 0.69
N GLU I 137 -19.19 -42.08 0.06
CA GLU I 137 -18.31 -42.38 -1.05
C GLU I 137 -17.11 -43.09 -0.45
N PRO I 138 -16.50 -44.02 -1.19
CA PRO I 138 -15.30 -44.69 -0.67
C PRO I 138 -14.23 -43.69 -0.24
N SER I 139 -13.39 -44.08 0.70
CA SER I 139 -12.47 -43.14 1.31
C SER I 139 -11.13 -43.76 1.62
N THR I 140 -10.18 -42.88 1.95
CA THR I 140 -8.83 -43.29 2.29
C THR I 140 -8.46 -42.61 3.59
N GLU I 141 -8.22 -43.41 4.62
CA GLU I 141 -7.87 -42.88 5.92
C GLU I 141 -6.36 -42.75 6.01
N LYS I 142 -5.90 -41.59 6.49
CA LYS I 142 -4.48 -41.31 6.62
C LYS I 142 -4.09 -41.53 8.07
N LEU I 143 -3.33 -42.59 8.36
CA LEU I 143 -2.91 -42.88 9.74
C LEU I 143 -1.49 -42.44 10.02
N TYR I 144 -1.28 -41.77 11.16
CA TYR I 144 0.01 -41.25 11.56
C TYR I 144 0.12 -41.24 13.07
N VAL I 145 1.34 -41.28 13.59
CA VAL I 145 1.56 -41.30 15.03
C VAL I 145 1.82 -39.90 15.55
N ARG I 146 1.29 -39.61 16.73
CA ARG I 146 1.55 -38.37 17.39
C ARG I 146 1.36 -38.61 18.86
N ASP I 147 2.30 -38.13 19.66
CA ASP I 147 2.33 -38.37 21.12
C ASP I 147 2.26 -39.88 21.47
N GLY I 148 2.96 -40.70 20.67
CA GLY I 148 2.96 -42.14 20.88
C GLY I 148 1.63 -42.88 20.70
N VAL I 149 0.63 -42.21 20.14
CA VAL I 149 -0.68 -42.85 19.83
C VAL I 149 -0.99 -42.60 18.36
N LEU I 150 -1.82 -43.46 17.81
CA LEU I 150 -2.10 -43.43 16.40
C LEU I 150 -3.29 -42.54 16.12
N LYS I 151 -3.17 -41.62 15.18
CA LYS I 151 -4.29 -40.81 14.70
C LYS I 151 -4.65 -41.20 13.30
N GLY I 152 -5.88 -40.89 12.91
CA GLY I 152 -6.38 -41.21 11.60
C GLY I 152 -7.29 -40.09 11.20
N ASP I 153 -7.00 -39.46 10.08
CA ASP I 153 -7.88 -38.44 9.55
C ASP I 153 -8.40 -38.85 8.17
N VAL I 154 -9.62 -38.43 7.87
CA VAL I 154 -10.19 -38.68 6.56
C VAL I 154 -11.26 -37.62 6.28
N ASN I 155 -11.26 -37.10 5.05
CA ASN I 155 -12.39 -36.36 4.52
C ASN I 155 -13.35 -37.34 3.98
N MET I 156 -14.57 -37.29 4.48
CA MET I 156 -15.60 -38.16 4.03
C MET I 156 -16.63 -37.34 3.30
N ALA I 157 -17.43 -37.99 2.47
CA ALA I 157 -18.53 -37.34 1.81
C ALA I 157 -19.68 -38.30 1.68
N LEU I 158 -20.86 -37.82 2.03
CA LEU I 158 -22.09 -38.57 1.80
C LEU I 158 -22.70 -38.11 0.51
N SER I 159 -23.08 -39.07 -0.32
CA SER I 159 -23.82 -38.76 -1.53
C SER I 159 -25.25 -38.42 -1.13
N LEU I 160 -25.83 -37.41 -1.76
CA LEU I 160 -27.21 -37.04 -1.46
C LEU I 160 -28.18 -37.51 -2.53
N GLU I 161 -29.43 -37.82 -2.11
CA GLU I 161 -30.50 -38.17 -3.01
C GLU I 161 -30.66 -36.77 -3.68
N GLY I 162 -30.79 -36.73 -5.00
CA GLY I 162 -30.94 -35.46 -5.73
C GLY I 162 -29.58 -34.95 -6.18
N GLY I 163 -28.56 -35.81 -6.09
CA GLY I 163 -27.22 -35.47 -6.53
C GLY I 163 -26.52 -34.54 -5.54
N GLY I 164 -25.23 -34.35 -5.73
CA GLY I 164 -24.46 -33.53 -4.81
C GLY I 164 -24.05 -34.28 -3.55
N HIS I 165 -23.14 -33.67 -2.80
CA HIS I 165 -22.43 -34.35 -1.74
C HIS I 165 -22.42 -33.53 -0.45
N TYR I 166 -22.25 -34.20 0.67
CA TYR I 166 -22.33 -33.58 1.98
C TYR I 166 -21.05 -33.96 2.70
N ARG I 167 -20.21 -32.95 2.96
CA ARG I 167 -18.86 -33.17 3.44
C ARG I 167 -18.81 -33.34 4.95
N CYS I 168 -17.96 -34.26 5.42
CA CYS I 168 -17.72 -34.45 6.86
C CYS I 168 -16.23 -34.73 7.13
N ASP I 169 -15.66 -34.14 8.18
CA ASP I 169 -14.24 -34.38 8.53
C ASP I 169 -14.13 -35.27 9.75
N PHE I 170 -13.37 -36.36 9.61
CA PHE I 170 -13.22 -37.36 10.64
C PHE I 170 -11.88 -37.20 11.30
N LYS I 171 -11.85 -37.25 12.63
CA LYS I 171 -10.60 -37.21 13.37
C LYS I 171 -10.63 -38.26 14.44
N THR I 172 -9.87 -39.33 14.24
CA THR I 172 -9.92 -40.49 15.13
C THR I 172 -8.62 -40.63 15.88
N THR I 173 -8.72 -40.97 17.16
CA THR I 173 -7.55 -41.34 17.97
C THR I 173 -7.68 -42.80 18.34
N TYR I 174 -6.68 -43.60 18.01
CA TYR I 174 -6.67 -45.01 18.37
C TYR I 174 -5.73 -45.20 19.53
N LYS I 175 -6.15 -45.95 20.54
CA LYS I 175 -5.34 -46.20 21.73
C LYS I 175 -5.32 -47.69 22.08
N ALA I 176 -4.14 -48.29 21.92
CA ALA I 176 -3.93 -49.68 22.27
C ALA I 176 -3.82 -49.80 23.80
N LYS I 177 -4.40 -50.85 24.36
CA LYS I 177 -4.39 -51.07 25.83
C LYS I 177 -3.10 -51.73 26.34
N LYS I 178 -2.14 -51.92 25.45
CA LYS I 178 -0.79 -52.31 25.84
C LYS I 178 0.19 -51.72 24.83
N VAL I 179 1.48 -51.80 25.15
CA VAL I 179 2.50 -51.27 24.27
C VAL I 179 2.66 -52.15 23.03
N VAL I 180 2.58 -51.51 21.87
CA VAL I 180 2.76 -52.18 20.60
C VAL I 180 3.67 -51.33 19.73
N GLN I 181 4.26 -51.99 18.76
CA GLN I 181 5.00 -51.32 17.73
C GLN I 181 4.21 -50.29 16.96
N LEU I 182 4.75 -49.09 16.83
CA LEU I 182 4.04 -48.01 16.14
C LEU I 182 4.38 -48.01 14.65
N PRO I 183 3.35 -47.94 13.79
CA PRO I 183 3.59 -47.94 12.34
C PRO I 183 4.04 -46.58 11.84
N ASP I 184 4.51 -46.54 10.61
CA ASP I 184 4.82 -45.29 9.93
C ASP I 184 3.55 -44.75 9.26
N TYR I 185 3.65 -43.54 8.73
CA TYR I 185 2.55 -42.93 7.97
C TYR I 185 2.07 -43.91 6.90
N HIS I 186 0.78 -44.19 6.84
CA HIS I 186 0.23 -45.07 5.81
C HIS I 186 -1.27 -44.82 5.57
N PHE I 187 -1.83 -45.56 4.60
CA PHE I 187 -3.21 -45.36 4.19
C PHE I 187 -4.05 -46.59 4.43
N VAL I 188 -5.36 -46.41 4.51
CA VAL I 188 -6.31 -47.51 4.53
C VAL I 188 -7.53 -47.11 3.69
N ASP I 189 -7.78 -47.84 2.61
CA ASP I 189 -8.94 -47.60 1.76
C ASP I 189 -10.16 -48.29 2.38
N HIS I 190 -11.29 -47.61 2.41
CA HIS I 190 -12.51 -48.13 3.00
C HIS I 190 -13.63 -48.09 1.99
N HIS I 191 -14.50 -49.07 2.06
CA HIS I 191 -15.74 -49.05 1.33
C HIS I 191 -16.80 -49.63 2.25
N ILE I 192 -17.87 -48.88 2.48
CA ILE I 192 -18.92 -49.29 3.40
C ILE I 192 -20.27 -49.18 2.69
N GLU I 193 -21.10 -50.21 2.77
CA GLU I 193 -22.40 -50.25 2.09
C GLU I 193 -23.45 -50.82 3.03
N ILE I 194 -24.63 -50.21 3.06
CA ILE I 194 -25.80 -50.83 3.69
C ILE I 194 -26.38 -51.77 2.64
N LYS I 195 -26.24 -53.08 2.85
CA LYS I 195 -26.74 -54.06 1.88
C LYS I 195 -28.24 -54.28 1.93
N SER I 196 -28.85 -54.17 3.10
CA SER I 196 -30.30 -54.29 3.20
C SER I 196 -30.81 -53.64 4.48
N HIS I 197 -32.01 -53.07 4.38
CA HIS I 197 -32.66 -52.46 5.53
C HIS I 197 -34.14 -52.58 5.38
N ASP I 198 -34.87 -52.56 6.50
CA ASP I 198 -36.33 -52.43 6.43
C ASP I 198 -36.72 -50.95 6.26
N LYS I 199 -38.03 -50.68 6.26
CA LYS I 199 -38.57 -49.37 5.85
C LYS I 199 -38.02 -48.21 6.67
N ASP I 200 -37.99 -48.40 7.98
CA ASP I 200 -37.59 -47.36 8.93
C ASP I 200 -36.23 -47.64 9.58
N TYR I 201 -35.47 -48.55 8.98
CA TYR I 201 -34.10 -48.88 9.39
C TYR I 201 -33.97 -49.49 10.79
N SER I 202 -35.03 -50.08 11.32
CA SER I 202 -34.95 -50.81 12.61
C SER I 202 -34.10 -52.05 12.46
N ASN I 203 -34.00 -52.56 11.23
CA ASN I 203 -33.08 -53.64 10.89
C ASN I 203 -32.24 -53.23 9.73
N VAL I 204 -30.94 -53.43 9.87
CA VAL I 204 -30.00 -53.03 8.85
C VAL I 204 -28.93 -54.09 8.75
N ASN I 205 -28.60 -54.46 7.53
CA ASN I 205 -27.42 -55.26 7.28
C ASN I 205 -26.37 -54.37 6.66
N LEU I 206 -25.16 -54.47 7.18
CA LEU I 206 -24.10 -53.52 6.88
C LEU I 206 -22.82 -54.26 6.53
N HIS I 207 -22.10 -53.79 5.51
CA HIS I 207 -20.93 -54.48 4.98
C HIS I 207 -19.77 -53.50 4.75
N GLU I 208 -18.54 -53.86 5.14
CA GLU I 208 -17.34 -53.04 4.89
C GLU I 208 -16.18 -53.87 4.31
N HIS I 209 -15.47 -53.32 3.33
CA HIS I 209 -14.15 -53.82 2.91
C HIS I 209 -13.09 -52.83 3.34
N ALA I 210 -11.87 -53.29 3.58
CA ALA I 210 -10.76 -52.37 3.83
C ALA I 210 -9.36 -52.97 3.56
N GLU I 211 -8.52 -52.27 2.79
CA GLU I 211 -7.06 -52.58 2.68
C GLU I 211 -6.23 -51.42 3.12
N ALA I 212 -5.04 -51.75 3.63
CA ALA I 212 -4.00 -50.78 3.88
C ALA I 212 -2.94 -50.82 2.78
N HIS I 213 -2.37 -49.66 2.44
CA HIS I 213 -1.23 -49.57 1.55
C HIS I 213 -0.30 -48.45 2.02
N SER I 214 0.74 -48.12 1.25
CA SER I 214 1.61 -47.01 1.58
C SER I 214 2.26 -46.46 0.28
N SER J 1 -7.09 -31.47 -27.66
CA SER J 1 -5.95 -31.82 -28.58
C SER J 1 -4.92 -30.67 -28.83
N VAL J 2 -5.36 -29.43 -28.58
CA VAL J 2 -4.43 -28.30 -28.37
C VAL J 2 -3.58 -28.61 -27.16
N ILE J 3 -3.91 -29.66 -26.40
CA ILE J 3 -3.03 -30.18 -25.35
C ILE J 3 -2.01 -31.13 -25.99
N LYS J 4 -0.73 -30.75 -25.96
CA LYS J 4 0.36 -31.52 -26.59
C LYS J 4 1.09 -32.40 -25.60
N PRO J 5 1.72 -33.50 -26.07
CA PRO J 5 2.45 -34.40 -25.19
C PRO J 5 3.60 -33.77 -24.38
N ASP J 6 4.21 -32.71 -24.91
CA ASP J 6 5.25 -31.95 -24.20
C ASP J 6 4.83 -30.48 -24.17
N MET J 7 4.71 -29.90 -22.98
CA MET J 7 4.33 -28.49 -22.87
C MET J 7 5.21 -27.75 -21.88
N LYS J 8 5.37 -26.45 -22.11
CA LYS J 8 6.23 -25.62 -21.29
C LYS J 8 5.41 -24.85 -20.26
N ILE J 9 6.08 -24.42 -19.20
CA ILE J 9 5.43 -23.68 -18.14
C ILE J 9 6.23 -22.44 -17.82
N LYS J 10 5.54 -21.32 -17.77
CA LYS J 10 6.10 -20.07 -17.32
C LYS J 10 5.20 -19.53 -16.23
N LEU J 11 5.77 -19.17 -15.09
CA LEU J 11 4.97 -18.66 -13.98
C LEU J 11 5.65 -17.54 -13.20
N ARG J 12 4.84 -16.63 -12.70
CA ARG J 12 5.29 -15.65 -11.74
C ARG J 12 4.36 -15.68 -10.55
N MET J 13 4.93 -15.81 -9.34
CA MET J 13 4.16 -15.69 -8.09
C MET J 13 4.53 -14.43 -7.35
N GLU J 14 3.53 -13.64 -6.97
CA GLU J 14 3.74 -12.50 -6.09
C GLU J 14 2.97 -12.78 -4.83
N GLY J 15 3.61 -12.63 -3.69
CA GLY J 15 3.00 -13.03 -2.45
C GLY J 15 3.55 -12.38 -1.20
N ALA J 16 3.00 -12.78 -0.06
CA ALA J 16 3.52 -12.36 1.24
C ALA J 16 3.21 -13.40 2.29
N VAL J 17 4.05 -13.48 3.30
CA VAL J 17 3.82 -14.37 4.43
C VAL J 17 4.05 -13.55 5.67
N ASN J 18 3.10 -13.64 6.59
CA ASN J 18 3.09 -12.79 7.77
C ASN J 18 3.51 -11.36 7.46
N GLY J 19 3.01 -10.80 6.36
CA GLY J 19 3.30 -9.41 6.01
C GLY J 19 4.58 -9.16 5.20
N HIS J 20 5.47 -10.15 5.12
CA HIS J 20 6.76 -9.97 4.42
C HIS J 20 6.64 -10.36 2.95
N PRO J 21 6.70 -9.36 2.05
CA PRO J 21 6.41 -9.65 0.64
C PRO J 21 7.56 -10.31 -0.09
N PHE J 22 7.25 -11.04 -1.14
CA PHE J 22 8.27 -11.69 -1.94
C PHE J 22 7.72 -11.96 -3.33
N ALA J 23 8.59 -12.40 -4.23
CA ALA J 23 8.16 -12.81 -5.58
C ALA J 23 9.08 -13.89 -6.10
N ILE J 24 8.52 -14.74 -6.94
CA ILE J 24 9.23 -15.88 -7.47
C ILE J 24 8.81 -16.04 -8.92
N GLU J 25 9.78 -16.38 -9.77
CA GLU J 25 9.51 -16.65 -11.17
C GLU J 25 10.02 -18.04 -11.46
N GLY J 26 9.43 -18.69 -12.45
CA GLY J 26 9.83 -20.05 -12.78
C GLY J 26 9.52 -20.45 -14.20
N VAL J 27 10.34 -21.38 -14.70
CA VAL J 27 10.11 -21.99 -16.01
C VAL J 27 10.16 -23.47 -15.81
N GLY J 28 9.42 -24.20 -16.63
CA GLY J 28 9.43 -25.64 -16.54
C GLY J 28 8.78 -26.27 -17.75
N LEU J 29 8.68 -27.59 -17.72
CA LEU J 29 8.02 -28.34 -18.77
C LEU J 29 7.39 -29.58 -18.16
N GLY J 30 6.31 -30.05 -18.77
CA GLY J 30 5.63 -31.24 -18.28
C GLY J 30 4.91 -31.99 -19.37
N LYS J 31 4.48 -33.19 -19.03
CA LYS J 31 3.80 -34.06 -19.96
C LYS J 31 2.36 -34.28 -19.47
N PRO J 32 1.42 -33.50 -20.01
CA PRO J 32 0.02 -33.57 -19.59
C PRO J 32 -0.58 -34.98 -19.49
N PHE J 33 -0.36 -35.80 -20.51
CA PHE J 33 -0.98 -37.13 -20.57
C PHE J 33 -0.22 -38.14 -19.72
N GLU J 34 1.07 -37.88 -19.49
CA GLU J 34 1.86 -38.73 -18.62
C GLU J 34 1.74 -38.33 -17.14
N GLY J 35 1.07 -37.21 -16.86
CA GLY J 35 0.90 -36.72 -15.49
C GLY J 35 2.20 -36.34 -14.80
N LYS J 36 3.18 -35.84 -15.56
CA LYS J 36 4.48 -35.43 -15.00
C LYS J 36 4.76 -33.96 -15.31
N GLN J 37 5.45 -33.30 -14.39
CA GLN J 37 5.94 -31.95 -14.62
C GLN J 37 7.14 -31.67 -13.76
N SER J 38 7.95 -30.72 -14.16
CA SER J 38 9.08 -30.27 -13.36
C SER J 38 9.35 -28.82 -13.69
N MET J 39 9.95 -28.10 -12.76
CA MET J 39 10.24 -26.70 -13.00
C MET J 39 11.33 -26.15 -12.12
N ASP J 40 11.90 -25.05 -12.57
CA ASP J 40 12.96 -24.36 -11.86
C ASP J 40 12.44 -23.00 -11.44
N LEU J 41 12.65 -22.68 -10.17
CA LEU J 41 12.03 -21.51 -9.55
C LEU J 41 13.08 -20.63 -8.90
N LYS J 42 13.03 -19.35 -9.23
CA LYS J 42 13.97 -18.35 -8.72
C LYS J 42 13.26 -17.27 -7.91
N VAL J 43 13.79 -16.99 -6.73
CA VAL J 43 13.29 -15.89 -5.91
C VAL J 43 13.80 -14.56 -6.45
N LYS J 44 12.92 -13.74 -7.02
CA LYS J 44 13.31 -12.45 -7.59
C LYS J 44 13.27 -11.32 -6.56
N GLU J 45 12.40 -11.41 -5.57
CA GLU J 45 12.27 -10.38 -4.54
C GLU J 45 12.06 -11.03 -3.20
N GLY J 46 12.42 -10.31 -2.14
CA GLY J 46 12.18 -10.75 -0.78
C GLY J 46 13.03 -11.92 -0.28
N GLY J 47 14.06 -12.30 -1.03
CA GLY J 47 14.95 -13.40 -0.62
C GLY J 47 16.00 -12.91 0.35
N PRO J 48 16.57 -13.82 1.15
CA PRO J 48 16.21 -15.22 1.29
C PRO J 48 14.92 -15.36 2.10
N LEU J 49 14.07 -16.28 1.69
CA LEU J 49 12.76 -16.39 2.28
C LEU J 49 12.89 -16.77 3.74
N PRO J 50 12.21 -16.04 4.64
CA PRO J 50 12.23 -16.35 6.08
C PRO J 50 11.19 -17.39 6.53
N PHE J 51 10.78 -18.28 5.62
CA PHE J 51 9.81 -19.31 5.96
C PHE J 51 10.01 -20.55 5.10
N ALA J 52 9.41 -21.65 5.52
CA ALA J 52 9.56 -22.91 4.85
C ALA J 52 9.04 -22.84 3.41
N TYR J 53 9.91 -23.15 2.46
CA TYR J 53 9.55 -23.20 1.05
C TYR J 53 8.39 -24.15 0.74
N ASP J 54 8.26 -25.21 1.52
CA ASP J 54 7.22 -26.21 1.28
C ASP J 54 5.80 -25.68 1.22
N ILE J 55 5.49 -24.63 1.98
CA ILE J 55 4.13 -24.08 1.92
C ILE J 55 3.75 -23.51 0.55
N LEU J 56 4.76 -23.23 -0.27
CA LEU J 56 4.55 -22.72 -1.62
C LEU J 56 4.41 -23.79 -2.71
N THR J 57 4.94 -24.99 -2.50
CA THR J 57 5.16 -25.90 -3.61
C THR J 57 3.89 -26.36 -4.30
N THR J 58 2.87 -26.67 -3.53
CA THR J 58 1.57 -27.08 -4.10
C THR J 58 0.89 -25.97 -4.88
N VAL J 59 1.37 -24.74 -4.73
CA VAL J 59 0.78 -23.61 -5.45
C VAL J 59 1.43 -23.49 -6.82
N PHE J 60 2.73 -23.75 -6.88
CA PHE J 60 3.45 -23.90 -8.16
C PHE J 60 2.99 -25.16 -8.86
N1 GYS J 61 2.68 -26.27 -8.35
OG1 GYS J 61 4.61 -28.34 -8.89
CB1 GYS J 61 3.34 -28.57 -8.25
CA1 GYS J 61 2.30 -27.59 -8.78
C1 GYS J 61 0.94 -27.89 -8.27
N2 GYS J 61 0.62 -28.85 -7.34
N3 GYS J 61 -0.16 -27.21 -8.71
C2 GYS J 61 -1.17 -27.73 -8.05
O2 GYS J 61 -2.38 -27.39 -8.16
CA2 GYS J 61 -0.71 -28.79 -7.17
CA3 GYS J 61 -0.19 -26.11 -9.69
CB2 GYS J 61 -1.54 -29.61 -6.27
CG2 GYS J 61 -1.02 -30.66 -5.37
CD1 GYS J 61 0.35 -30.95 -5.25
CD2 GYS J 61 -1.95 -31.36 -4.59
CE1 GYS J 61 0.76 -31.95 -4.38
CE2 GYS J 61 -1.52 -32.36 -3.72
CZ GYS J 61 -0.16 -32.65 -3.62
OH GYS J 61 0.29 -33.64 -2.77
C3 GYS J 61 -1.42 -26.13 -10.58
O3 GYS J 61 -1.96 -25.02 -10.83
N ASN J 62 -1.45 -27.20 -11.25
CA ASN J 62 -2.15 -27.27 -12.56
C ASN J 62 -2.56 -28.69 -12.79
N ARG J 63 -3.86 -28.94 -12.69
CA ARG J 63 -4.37 -30.29 -12.75
C ARG J 63 -4.43 -30.83 -14.18
N VAL J 64 -4.13 -29.99 -15.18
CA VAL J 64 -3.93 -30.54 -16.56
C VAL J 64 -2.86 -31.56 -16.58
N PHE J 65 -1.83 -31.36 -15.76
CA PHE J 65 -0.72 -32.29 -15.70
C PHE J 65 -1.08 -33.39 -14.73
N ALA J 66 -2.10 -34.15 -15.11
CA ALA J 66 -2.55 -35.29 -14.35
C ALA J 66 -3.04 -36.32 -15.36
N LYS J 67 -2.62 -37.57 -15.19
CA LYS J 67 -3.05 -38.65 -16.07
C LYS J 67 -4.52 -39.02 -15.82
N TYR J 68 -5.39 -38.62 -16.73
CA TYR J 68 -6.82 -38.97 -16.66
C TYR J 68 -7.14 -40.15 -17.58
N PRO J 69 -7.74 -41.22 -17.03
CA PRO J 69 -8.25 -42.28 -17.91
C PRO J 69 -9.48 -41.83 -18.70
N GLU J 70 -9.80 -42.58 -19.76
CA GLU J 70 -10.88 -42.21 -20.68
C GLU J 70 -12.27 -42.27 -20.05
N ASN J 71 -12.45 -43.11 -19.03
CA ASN J 71 -13.79 -43.25 -18.39
C ASN J 71 -14.16 -42.12 -17.42
N ILE J 72 -13.21 -41.21 -17.14
CA ILE J 72 -13.47 -40.02 -16.31
C ILE J 72 -13.33 -38.74 -17.16
N VAL J 73 -14.25 -37.81 -16.94
CA VAL J 73 -14.21 -36.52 -17.62
C VAL J 73 -13.02 -35.70 -17.10
N ASP J 74 -12.24 -35.13 -18.03
CA ASP J 74 -11.12 -34.26 -17.68
C ASP J 74 -11.53 -32.82 -17.89
N TYR J 75 -12.03 -32.22 -16.81
CA TYR J 75 -12.47 -30.82 -16.73
C TYR J 75 -11.40 -29.85 -17.22
N PHE J 76 -10.14 -30.19 -16.92
CA PHE J 76 -9.02 -29.26 -17.05
C PHE J 76 -8.54 -29.19 -18.49
N LYS J 77 -8.29 -30.35 -19.10
CA LYS J 77 -7.85 -30.43 -20.48
C LYS J 77 -8.91 -29.88 -21.44
N GLN J 78 -10.17 -30.14 -21.15
CA GLN J 78 -11.28 -29.53 -21.90
C GLN J 78 -11.33 -28.01 -21.81
N SER J 79 -10.87 -27.43 -20.71
CA SER J 79 -11.02 -26.00 -20.50
C SER J 79 -10.19 -25.15 -21.47
N PHE J 80 -9.16 -25.75 -22.06
CA PHE J 80 -8.28 -25.04 -22.99
C PHE J 80 -8.83 -25.06 -24.42
N PRO J 81 -8.38 -24.11 -25.27
CA PRO J 81 -7.31 -23.10 -25.10
C PRO J 81 -7.64 -21.92 -24.19
N GLU J 82 -8.92 -21.67 -23.91
CA GLU J 82 -9.32 -20.52 -23.06
C GLU J 82 -8.67 -20.61 -21.68
N GLY J 83 -8.58 -21.83 -21.15
CA GLY J 83 -7.91 -22.09 -19.88
C GLY J 83 -8.87 -22.09 -18.71
N TYR J 84 -8.30 -22.01 -17.51
CA TYR J 84 -9.08 -21.97 -16.28
C TYR J 84 -8.28 -21.29 -15.18
N SER J 85 -8.90 -21.08 -14.03
CA SER J 85 -8.21 -20.53 -12.88
C SER J 85 -8.67 -21.24 -11.62
N TRP J 86 -7.87 -21.12 -10.55
CA TRP J 86 -8.29 -21.68 -9.26
C TRP J 86 -7.99 -20.79 -8.06
N GLU J 87 -8.85 -20.86 -7.06
CA GLU J 87 -8.63 -20.25 -5.76
C GLU J 87 -8.44 -21.36 -4.74
N ARG J 88 -7.64 -21.13 -3.71
CA ARG J 88 -7.41 -22.15 -2.71
C ARG J 88 -7.18 -21.57 -1.33
N SER J 89 -7.69 -22.26 -0.31
CA SER J 89 -7.36 -21.93 1.10
C SER J 89 -6.67 -23.11 1.71
N MET J 90 -5.60 -22.82 2.42
CA MET J 90 -4.79 -23.85 3.04
C MET J 90 -4.72 -23.52 4.51
N ASN J 91 -5.41 -24.32 5.31
CA ASN J 91 -5.57 -24.07 6.72
C ASN J 91 -4.68 -25.02 7.52
N TYR J 92 -3.63 -24.49 8.13
CA TYR J 92 -2.67 -25.29 8.86
C TYR J 92 -3.12 -25.46 10.31
N GLU J 93 -2.77 -26.59 10.89
CA GLU J 93 -3.30 -26.97 12.22
C GLU J 93 -2.92 -26.04 13.35
N ASP J 94 -1.83 -25.27 13.20
CA ASP J 94 -1.41 -24.35 14.25
C ASP J 94 -1.96 -22.92 14.07
N GLY J 95 -2.94 -22.75 13.17
CA GLY J 95 -3.54 -21.46 12.92
C GLY J 95 -3.08 -20.67 11.70
N GLY J 96 -1.97 -21.05 11.09
CA GLY J 96 -1.54 -20.42 9.85
C GLY J 96 -2.55 -20.65 8.75
N ILE J 97 -2.89 -19.61 8.01
CA ILE J 97 -3.76 -19.70 6.84
C ILE J 97 -3.06 -19.11 5.62
N CYS J 98 -3.15 -19.82 4.50
CA CYS J 98 -2.67 -19.35 3.23
C CYS J 98 -3.74 -19.38 2.18
N ASN J 99 -3.89 -18.28 1.47
CA ASN J 99 -4.78 -18.17 0.33
C ASN J 99 -3.97 -18.03 -0.91
N ALA J 100 -4.38 -18.70 -1.99
CA ALA J 100 -3.66 -18.58 -3.21
C ALA J 100 -4.59 -18.64 -4.36
N THR J 101 -4.21 -17.96 -5.43
CA THR J 101 -4.95 -18.06 -6.69
C THR J 101 -3.98 -18.32 -7.82
N ASN J 102 -4.49 -18.88 -8.90
CA ASN J 102 -3.70 -19.05 -10.10
C ASN J 102 -4.59 -18.86 -11.30
N ASP J 103 -4.21 -17.92 -12.17
CA ASP J 103 -4.89 -17.74 -13.43
C ASP J 103 -4.03 -18.41 -14.50
N ILE J 104 -4.59 -19.41 -15.19
CA ILE J 104 -3.84 -20.20 -16.14
C ILE J 104 -4.34 -19.98 -17.56
N THR J 105 -3.43 -19.55 -18.43
CA THR J 105 -3.74 -19.33 -19.83
C THR J 105 -2.75 -20.08 -20.70
N LEU J 106 -3.11 -20.27 -21.96
CA LEU J 106 -2.29 -21.02 -22.90
C LEU J 106 -1.77 -20.12 -24.02
N ASP J 107 -0.47 -20.13 -24.25
CA ASP J 107 0.16 -19.34 -25.33
C ASP J 107 1.02 -20.26 -26.20
N GLY J 108 0.40 -20.87 -27.20
CA GLY J 108 1.09 -21.83 -28.05
C GLY J 108 1.30 -23.15 -27.34
N ASP J 109 2.56 -23.53 -27.13
CA ASP J 109 2.91 -24.77 -26.40
C ASP J 109 3.32 -24.45 -24.95
N CYS J 110 2.85 -23.30 -24.46
CA CYS J 110 3.35 -22.73 -23.23
C CYS J 110 2.18 -22.34 -22.31
N TYR J 111 2.11 -22.95 -21.14
CA TYR J 111 1.15 -22.54 -20.10
C TYR J 111 1.72 -21.37 -19.30
N ILE J 112 0.88 -20.37 -19.05
CA ILE J 112 1.30 -19.21 -18.29
C ILE J 112 0.50 -19.11 -17.00
N TYR J 113 1.18 -19.04 -15.87
CA TYR J 113 0.54 -18.96 -14.57
C TYR J 113 0.74 -17.60 -13.97
N GLU J 114 -0.35 -16.92 -13.62
CA GLU J 114 -0.30 -15.69 -12.85
C GLU J 114 -0.73 -16.04 -11.43
N ILE J 115 0.21 -16.13 -10.49
CA ILE J 115 -0.08 -16.65 -9.14
C ILE J 115 0.05 -15.62 -8.04
N ARG J 116 -0.95 -15.57 -7.17
CA ARG J 116 -0.90 -14.74 -5.98
C ARG J 116 -0.95 -15.65 -4.73
N PHE J 117 -0.17 -15.31 -3.70
CA PHE J 117 -0.06 -16.11 -2.50
C PHE J 117 -0.03 -15.23 -1.25
N ASP J 118 -0.83 -15.54 -0.23
CA ASP J 118 -0.86 -14.71 1.00
C ASP J 118 -1.13 -15.52 2.26
N GLY J 119 -0.12 -15.60 3.12
CA GLY J 119 -0.19 -16.38 4.34
C GLY J 119 -0.11 -15.48 5.55
N VAL J 120 -0.88 -15.82 6.58
CA VAL J 120 -0.87 -15.05 7.83
C VAL J 120 -0.98 -15.94 9.05
N ASN J 121 -0.67 -15.37 10.20
CA ASN J 121 -0.79 -16.04 11.50
C ASN J 121 -0.02 -17.34 11.64
N PHE J 122 1.10 -17.46 10.96
CA PHE J 122 2.04 -18.53 11.27
C PHE J 122 2.83 -18.14 12.53
N PRO J 123 2.73 -18.94 13.59
CA PRO J 123 3.49 -18.64 14.80
C PRO J 123 5.00 -18.61 14.56
N ALA J 124 5.69 -17.67 15.19
CA ALA J 124 7.15 -17.47 15.04
C ALA J 124 7.96 -18.71 15.40
N ASN J 125 7.49 -19.45 16.40
CA ASN J 125 8.15 -20.67 16.85
C ASN J 125 7.64 -21.95 16.17
N GLY J 126 6.76 -21.83 15.17
CA GLY J 126 6.20 -23.00 14.50
C GLY J 126 7.10 -23.50 13.37
N PRO J 127 6.78 -24.69 12.85
CA PRO J 127 7.64 -25.29 11.85
C PRO J 127 7.77 -24.53 10.52
N VAL J 128 6.83 -23.66 10.19
CA VAL J 128 6.94 -22.92 8.91
C VAL J 128 7.95 -21.79 9.04
N MET J 129 7.80 -20.94 10.04
CA MET J 129 8.75 -19.85 10.25
C MET J 129 10.14 -20.31 10.72
N GLN J 130 10.23 -21.45 11.38
CA GLN J 130 11.52 -22.02 11.80
C GLN J 130 12.06 -23.03 10.75
N LYS J 131 11.44 -23.11 9.59
CA LYS J 131 11.91 -23.98 8.51
C LYS J 131 12.27 -25.38 8.97
N ARG J 132 11.33 -26.06 9.61
CA ARG J 132 11.55 -27.43 10.09
C ARG J 132 10.76 -28.44 9.30
N THR J 133 10.42 -28.12 8.06
CA THR J 133 9.60 -28.98 7.23
C THR J 133 10.47 -29.70 6.22
N VAL J 134 10.15 -30.94 5.92
CA VAL J 134 10.94 -31.75 5.00
C VAL J 134 10.22 -31.92 3.65
N LYS J 135 9.01 -32.48 3.69
CA LYS J 135 8.26 -32.71 2.45
C LYS J 135 6.78 -32.96 2.73
N TRP J 136 5.97 -32.80 1.69
CA TRP J 136 4.58 -33.18 1.74
C TRP J 136 4.47 -34.66 1.57
N GLU J 137 3.72 -35.35 2.43
CA GLU J 137 3.46 -36.78 2.21
C GLU J 137 2.53 -36.87 0.99
N PRO J 138 2.63 -37.95 0.21
CA PRO J 138 1.75 -38.09 -0.97
C PRO J 138 0.31 -37.98 -0.56
N SER J 139 -0.55 -37.56 -1.47
CA SER J 139 -1.93 -37.27 -1.14
C SER J 139 -2.92 -37.64 -2.23
N THR J 140 -4.19 -37.60 -1.87
CA THR J 140 -5.27 -37.92 -2.77
C THR J 140 -6.31 -36.81 -2.69
N GLU J 141 -6.51 -36.12 -3.80
CA GLU J 141 -7.44 -35.03 -3.85
C GLU J 141 -8.80 -35.57 -4.24
N LYS J 142 -9.83 -35.17 -3.51
CA LYS J 142 -11.20 -35.58 -3.77
C LYS J 142 -11.90 -34.47 -4.55
N LEU J 143 -12.20 -34.69 -5.83
CA LEU J 143 -12.87 -33.69 -6.63
C LEU J 143 -14.35 -33.97 -6.78
N TYR J 144 -15.16 -32.93 -6.63
CA TYR J 144 -16.62 -33.03 -6.73
C TYR J 144 -17.20 -31.71 -7.22
N VAL J 145 -18.38 -31.76 -7.82
CA VAL J 145 -19.01 -30.57 -8.35
C VAL J 145 -19.96 -29.99 -7.35
N ARG J 146 -20.03 -28.69 -7.29
CA ARG J 146 -21.01 -28.01 -6.47
C ARG J 146 -21.22 -26.64 -7.10
N ASP J 147 -22.49 -26.24 -7.23
CA ASP J 147 -22.87 -24.99 -7.90
C ASP J 147 -22.28 -24.87 -9.31
N GLY J 148 -22.26 -25.99 -10.04
CA GLY J 148 -21.73 -26.02 -11.39
C GLY J 148 -20.24 -25.74 -11.55
N VAL J 149 -19.49 -25.71 -10.44
CA VAL J 149 -18.02 -25.58 -10.50
C VAL J 149 -17.39 -26.72 -9.73
N LEU J 150 -16.15 -27.01 -10.07
CA LEU J 150 -15.45 -28.16 -9.51
C LEU J 150 -14.71 -27.77 -8.22
N LYS J 151 -14.93 -28.52 -7.15
CA LYS J 151 -14.17 -28.34 -5.90
C LYS J 151 -13.22 -29.51 -5.73
N GLY J 152 -12.19 -29.28 -4.93
CA GLY J 152 -11.22 -30.31 -4.62
C GLY J 152 -10.76 -30.13 -3.20
N ASP J 153 -10.92 -31.16 -2.39
CA ASP J 153 -10.47 -31.10 -1.02
C ASP J 153 -9.42 -32.16 -0.79
N VAL J 154 -8.47 -31.88 0.09
CA VAL J 154 -7.46 -32.84 0.46
C VAL J 154 -6.91 -32.49 1.86
N ASN J 155 -6.73 -33.52 2.69
CA ASN J 155 -5.93 -33.40 3.89
C ASN J 155 -4.49 -33.62 3.52
N MET J 156 -3.66 -32.67 3.84
CA MET J 156 -2.27 -32.76 3.51
C MET J 156 -1.52 -32.85 4.80
N ALA J 157 -0.30 -33.35 4.74
CA ALA J 157 0.55 -33.38 5.90
C ALA J 157 2.00 -33.14 5.46
N LEU J 158 2.68 -32.24 6.17
CA LEU J 158 4.10 -32.03 5.99
C LEU J 158 4.83 -32.88 7.01
N SER J 159 5.84 -33.59 6.55
CA SER J 159 6.72 -34.32 7.43
C SER J 159 7.65 -33.29 8.08
N LEU J 160 7.92 -33.45 9.37
CA LEU J 160 8.82 -32.54 10.07
C LEU J 160 10.18 -33.15 10.34
N GLU J 161 11.21 -32.30 10.36
CA GLU J 161 12.57 -32.75 10.66
C GLU J 161 12.74 -33.63 11.89
N GLY J 162 12.12 -33.25 13.00
CA GLY J 162 12.24 -34.06 14.21
C GLY J 162 11.31 -35.26 14.27
N GLY J 163 10.90 -35.78 13.10
CA GLY J 163 9.83 -36.77 13.05
C GLY J 163 8.50 -36.08 13.33
N GLY J 164 7.41 -36.78 13.11
CA GLY J 164 6.11 -36.17 13.31
C GLY J 164 5.67 -35.34 12.12
N HIS J 165 4.40 -34.97 12.12
CA HIS J 165 3.77 -34.42 10.94
C HIS J 165 2.99 -33.15 11.28
N TYR J 166 2.75 -32.32 10.27
CA TYR J 166 2.11 -31.02 10.44
C TYR J 166 0.96 -31.00 9.46
N ARG J 167 -0.26 -30.98 9.99
CA ARG J 167 -1.46 -31.16 9.20
C ARG J 167 -1.92 -29.85 8.57
N CYS J 168 -2.42 -29.93 7.34
CA CYS J 168 -3.03 -28.79 6.64
C CYS J 168 -4.24 -29.22 5.83
N ASP J 169 -5.32 -28.43 5.84
CA ASP J 169 -6.52 -28.74 5.05
C ASP J 169 -6.61 -27.83 3.83
N PHE J 170 -6.75 -28.42 2.65
CA PHE J 170 -6.78 -27.69 1.38
C PHE J 170 -8.21 -27.66 0.88
N LYS J 171 -8.65 -26.50 0.44
CA LYS J 171 -9.96 -26.36 -0.18
C LYS J 171 -9.83 -25.53 -1.44
N THR J 172 -9.97 -26.18 -2.58
CA THR J 172 -9.72 -25.54 -3.87
C THR J 172 -11.00 -25.42 -4.64
N THR J 173 -11.19 -24.29 -5.30
CA THR J 173 -12.26 -24.13 -6.30
C THR J 173 -11.63 -23.97 -7.67
N TYR J 174 -12.02 -24.82 -8.62
CA TYR J 174 -11.54 -24.73 -9.98
C TYR J 174 -12.65 -24.10 -10.82
N LYS J 175 -12.28 -23.15 -11.68
CA LYS J 175 -13.25 -22.46 -12.55
C LYS J 175 -12.76 -22.39 -13.98
N ALA J 176 -13.44 -23.14 -14.84
CA ALA J 176 -13.14 -23.13 -16.26
C ALA J 176 -13.74 -21.88 -16.91
N LYS J 177 -13.07 -21.43 -17.96
CA LYS J 177 -13.38 -20.18 -18.59
C LYS J 177 -14.32 -20.51 -19.75
N GLN J 181 -17.99 -30.13 -19.97
CA GLN J 181 -18.65 -31.20 -19.28
C GLN J 181 -18.10 -31.37 -17.86
N LEU J 182 -19.00 -31.51 -16.91
CA LEU J 182 -18.64 -31.66 -15.53
C LEU J 182 -18.44 -33.13 -15.17
N PRO J 183 -17.31 -33.46 -14.51
CA PRO J 183 -17.06 -34.86 -14.12
C PRO J 183 -17.85 -35.27 -12.89
N ASP J 184 -17.87 -36.58 -12.62
CA ASP J 184 -18.46 -37.10 -11.39
C ASP J 184 -17.39 -37.07 -10.29
N TYR J 185 -17.82 -37.39 -9.07
CA TYR J 185 -16.91 -37.54 -7.93
C TYR J 185 -15.75 -38.45 -8.32
N HIS J 186 -14.51 -38.01 -8.11
CA HIS J 186 -13.34 -38.84 -8.42
C HIS J 186 -12.11 -38.42 -7.62
N PHE J 187 -11.01 -39.16 -7.79
CA PHE J 187 -9.79 -38.93 -7.03
C PHE J 187 -8.64 -38.54 -7.95
N VAL J 188 -7.64 -37.87 -7.38
CA VAL J 188 -6.36 -37.66 -8.04
C VAL J 188 -5.24 -37.83 -7.03
N ASP J 189 -4.36 -38.81 -7.27
CA ASP J 189 -3.19 -39.05 -6.40
C ASP J 189 -2.08 -38.11 -6.81
N HIS J 190 -1.42 -37.49 -5.83
CA HIS J 190 -0.35 -36.55 -6.09
C HIS J 190 0.90 -36.99 -5.38
N HIS J 191 2.04 -36.71 -6.00
CA HIS J 191 3.31 -36.83 -5.33
C HIS J 191 4.16 -35.64 -5.79
N ILE J 192 4.67 -34.86 -4.83
CA ILE J 192 5.43 -33.64 -5.13
C ILE J 192 6.73 -33.67 -4.36
N GLU J 193 7.84 -33.41 -5.02
CA GLU J 193 9.17 -33.50 -4.41
C GLU J 193 10.00 -32.30 -4.85
N ILE J 194 10.71 -31.69 -3.91
CA ILE J 194 11.75 -30.75 -4.25
C ILE J 194 12.98 -31.59 -4.57
N LYS J 195 13.36 -31.67 -5.84
CA LYS J 195 14.52 -32.48 -6.25
C LYS J 195 15.88 -31.84 -5.94
N SER J 196 15.97 -30.51 -6.00
CA SER J 196 17.20 -29.83 -5.63
C SER J 196 16.93 -28.38 -5.26
N HIS J 197 17.72 -27.88 -4.32
CA HIS J 197 17.63 -26.50 -3.90
C HIS J 197 18.99 -26.04 -3.43
N ASP J 198 19.20 -24.74 -3.48
CA ASP J 198 20.28 -24.12 -2.83
C ASP J 198 20.14 -24.02 -1.34
N LYS J 199 21.11 -23.43 -0.66
CA LYS J 199 21.09 -23.32 0.78
C LYS J 199 19.85 -22.64 1.36
N ASP J 200 19.51 -21.49 0.78
CA ASP J 200 18.44 -20.62 1.27
C ASP J 200 17.24 -20.65 0.34
N TYR J 201 17.21 -21.63 -0.55
CA TYR J 201 16.07 -21.88 -1.45
C TYR J 201 15.80 -20.76 -2.48
N SER J 202 16.81 -19.94 -2.78
CA SER J 202 16.67 -18.95 -3.86
C SER J 202 16.53 -19.64 -5.22
N ASN J 203 17.06 -20.86 -5.32
CA ASN J 203 16.87 -21.69 -6.50
C ASN J 203 16.34 -23.03 -6.07
N VAL J 204 15.27 -23.47 -6.73
CA VAL J 204 14.61 -24.71 -6.37
C VAL J 204 14.18 -25.42 -7.65
N ASN J 205 14.47 -26.71 -7.71
CA ASN J 205 13.92 -27.55 -8.75
C ASN J 205 12.84 -28.43 -8.14
N LEU J 206 11.69 -28.50 -8.80
CA LEU J 206 10.47 -29.04 -8.23
C LEU J 206 9.82 -29.98 -9.22
N HIS J 207 9.34 -31.13 -8.74
CA HIS J 207 8.84 -32.23 -9.61
C HIS J 207 7.51 -32.79 -9.03
N GLU J 208 6.50 -32.99 -9.87
CA GLU J 208 5.20 -33.57 -9.46
C GLU J 208 4.76 -34.71 -10.40
N HIS J 209 4.26 -35.81 -9.84
CA HIS J 209 3.47 -36.83 -10.59
C HIS J 209 2.01 -36.74 -10.19
N ALA J 210 1.09 -37.10 -11.08
CA ALA J 210 -0.33 -37.17 -10.71
C ALA J 210 -1.18 -38.06 -11.63
N GLU J 211 -1.94 -38.97 -11.03
CA GLU J 211 -2.92 -39.79 -11.75
C GLU J 211 -4.31 -39.63 -11.13
N ALA J 212 -5.34 -39.68 -11.98
CA ALA J 212 -6.72 -39.72 -11.53
C ALA J 212 -7.25 -41.15 -11.58
N HIS J 213 -8.10 -41.51 -10.60
CA HIS J 213 -8.83 -42.79 -10.64
C HIS J 213 -10.24 -42.57 -10.09
N SER J 214 -11.03 -43.63 -9.91
CA SER J 214 -12.38 -43.50 -9.33
C SER J 214 -12.94 -44.75 -8.68
N VAL K 2 -53.61 36.28 -39.96
CA VAL K 2 -52.24 35.62 -40.04
C VAL K 2 -51.85 34.64 -38.89
N ILE K 3 -51.36 35.23 -37.81
CA ILE K 3 -51.03 34.59 -36.57
C ILE K 3 -51.85 35.39 -35.55
N LYS K 4 -52.80 34.73 -34.90
CA LYS K 4 -53.71 35.39 -33.95
C LYS K 4 -53.22 35.27 -32.52
N PRO K 5 -53.63 36.20 -31.65
CA PRO K 5 -53.22 36.13 -30.23
C PRO K 5 -53.62 34.85 -29.46
N ASP K 6 -54.72 34.20 -29.87
CA ASP K 6 -55.14 32.91 -29.28
C ASP K 6 -55.30 31.92 -30.42
N MET K 7 -54.57 30.80 -30.37
CA MET K 7 -54.68 29.78 -31.41
C MET K 7 -54.82 28.38 -30.84
N LYS K 8 -55.52 27.54 -31.57
CA LYS K 8 -55.78 26.17 -31.15
C LYS K 8 -54.79 25.20 -31.80
N ILE K 9 -54.60 24.04 -31.16
CA ILE K 9 -53.67 23.06 -31.64
C ILE K 9 -54.35 21.72 -31.67
N LYS K 10 -54.23 21.06 -32.80
CA LYS K 10 -54.66 19.66 -32.94
C LYS K 10 -53.46 18.90 -33.47
N LEU K 11 -53.14 17.78 -32.85
CA LEU K 11 -52.01 16.97 -33.31
C LEU K 11 -52.26 15.51 -33.19
N ARG K 12 -51.66 14.77 -34.12
CA ARG K 12 -51.57 13.33 -34.01
C ARG K 12 -50.12 12.90 -34.19
N MET K 13 -49.60 12.11 -33.27
CA MET K 13 -48.27 11.52 -33.39
C MET K 13 -48.38 10.04 -33.60
N GLU K 14 -47.70 9.52 -34.61
CA GLU K 14 -47.57 8.09 -34.79
C GLU K 14 -46.11 7.78 -34.70
N GLY K 15 -45.76 6.76 -33.90
CA GLY K 15 -44.37 6.48 -33.64
C GLY K 15 -44.05 5.08 -33.15
N ALA K 16 -42.78 4.86 -32.86
CA ALA K 16 -42.34 3.64 -32.22
C ALA K 16 -41.07 3.90 -31.42
N VAL K 17 -40.87 3.10 -30.38
CA VAL K 17 -39.67 3.15 -29.60
C VAL K 17 -39.18 1.73 -29.46
N ASN K 18 -37.89 1.51 -29.73
CA ASN K 18 -37.32 0.18 -29.77
C ASN K 18 -38.21 -0.83 -30.46
N GLY K 19 -38.84 -0.45 -31.56
CA GLY K 19 -39.74 -1.35 -32.28
C GLY K 19 -41.20 -1.46 -31.81
N HIS K 20 -41.53 -0.93 -30.62
CA HIS K 20 -42.89 -1.01 -30.08
C HIS K 20 -43.72 0.18 -30.52
N PRO K 21 -44.69 -0.04 -31.43
CA PRO K 21 -45.42 1.11 -31.99
C PRO K 21 -46.46 1.70 -31.05
N PHE K 22 -46.78 2.97 -31.26
CA PHE K 22 -47.80 3.64 -30.47
C PHE K 22 -48.34 4.84 -31.24
N ALA K 23 -49.40 5.45 -30.71
CA ALA K 23 -49.93 6.68 -31.27
C ALA K 23 -50.56 7.51 -30.19
N ILE K 24 -50.55 8.82 -30.41
CA ILE K 24 -51.01 9.77 -29.43
C ILE K 24 -51.71 10.88 -30.17
N GLU K 25 -52.82 11.35 -29.62
CA GLU K 25 -53.56 12.48 -30.18
C GLU K 25 -53.66 13.52 -29.11
N GLY K 26 -53.79 14.78 -29.53
CA GLY K 26 -53.84 15.86 -28.57
C GLY K 26 -54.53 17.10 -29.09
N VAL K 27 -55.12 17.84 -28.17
CA VAL K 27 -55.70 19.15 -28.48
C VAL K 27 -55.15 20.12 -27.48
N GLY K 28 -55.03 21.38 -27.91
CA GLY K 28 -54.50 22.39 -27.03
C GLY K 28 -54.72 23.78 -27.59
N LEU K 29 -54.22 24.76 -26.87
CA LEU K 29 -54.30 26.14 -27.30
C LEU K 29 -53.07 26.87 -26.77
N GLY K 30 -52.65 27.90 -27.50
CA GLY K 30 -51.52 28.71 -27.07
C GLY K 30 -51.58 30.13 -27.56
N LYS K 31 -50.69 30.95 -27.00
CA LYS K 31 -50.61 32.36 -27.34
C LYS K 31 -49.28 32.63 -28.03
N PRO K 32 -49.28 32.64 -29.37
CA PRO K 32 -48.05 32.83 -30.13
C PRO K 32 -47.15 33.99 -29.68
N PHE K 33 -47.74 35.15 -29.47
CA PHE K 33 -46.96 36.34 -29.14
C PHE K 33 -46.57 36.39 -27.67
N GLU K 34 -47.33 35.69 -26.83
CA GLU K 34 -46.99 35.56 -25.41
C GLU K 34 -46.04 34.39 -25.13
N GLY K 35 -45.75 33.57 -26.14
CA GLY K 35 -44.83 32.45 -26.00
C GLY K 35 -45.32 31.40 -25.04
N LYS K 36 -46.63 31.20 -24.96
CA LYS K 36 -47.22 30.19 -24.08
C LYS K 36 -48.05 29.20 -24.88
N GLN K 37 -48.05 27.95 -24.45
CA GLN K 37 -48.95 26.95 -25.00
C GLN K 37 -49.20 25.86 -23.99
N SER K 38 -50.31 25.17 -24.14
CA SER K 38 -50.62 24.02 -23.30
C SER K 38 -51.47 23.07 -24.09
N MET K 39 -51.41 21.78 -23.74
CA MET K 39 -52.19 20.80 -24.46
C MET K 39 -52.42 19.54 -23.67
N ASP K 40 -53.47 18.84 -24.07
CA ASP K 40 -53.86 17.58 -23.46
C ASP K 40 -53.65 16.49 -24.46
N LEU K 41 -53.00 15.42 -24.01
CA LEU K 41 -52.53 14.37 -24.90
C LEU K 41 -53.02 13.03 -24.43
N LYS K 42 -53.61 12.30 -25.36
CA LYS K 42 -54.13 10.96 -25.08
C LYS K 42 -53.46 9.87 -25.91
N VAL K 43 -53.06 8.80 -25.25
CA VAL K 43 -52.50 7.65 -25.95
C VAL K 43 -53.62 6.83 -26.57
N LYS K 44 -53.71 6.81 -27.91
CA LYS K 44 -54.75 6.08 -28.60
C LYS K 44 -54.35 4.64 -28.90
N GLU K 45 -53.06 4.39 -29.08
CA GLU K 45 -52.57 3.04 -29.39
C GLU K 45 -51.28 2.78 -28.63
N GLY K 46 -51.00 1.50 -28.40
CA GLY K 46 -49.76 1.08 -27.79
C GLY K 46 -49.59 1.39 -26.32
N GLY K 47 -50.66 1.83 -25.66
CA GLY K 47 -50.60 2.13 -24.21
C GLY K 47 -50.72 0.87 -23.37
N PRO K 48 -50.24 0.89 -22.12
CA PRO K 48 -49.47 1.96 -21.49
C PRO K 48 -48.03 1.97 -22.02
N LEU K 49 -47.49 3.15 -22.24
CA LEU K 49 -46.20 3.29 -22.90
C LEU K 49 -45.13 2.69 -22.02
N PRO K 50 -44.29 1.81 -22.59
CA PRO K 50 -43.22 1.17 -21.82
C PRO K 50 -41.91 1.98 -21.78
N PHE K 51 -42.01 3.30 -21.89
CA PHE K 51 -40.84 4.16 -21.86
C PHE K 51 -41.19 5.54 -21.30
N ALA K 52 -40.17 6.29 -20.91
CA ALA K 52 -40.33 7.56 -20.31
C ALA K 52 -41.03 8.53 -21.24
N TYR K 53 -42.16 9.06 -20.81
CA TYR K 53 -42.92 10.06 -21.60
C TYR K 53 -42.09 11.28 -21.98
N ASP K 54 -41.12 11.62 -21.16
CA ASP K 54 -40.33 12.83 -21.38
C ASP K 54 -39.62 12.90 -22.73
N ILE K 55 -39.23 11.76 -23.28
CA ILE K 55 -38.58 11.79 -24.59
C ILE K 55 -39.49 12.29 -25.73
N LEU K 56 -40.81 12.26 -25.51
CA LEU K 56 -41.78 12.76 -26.47
C LEU K 56 -42.12 14.25 -26.33
N THR K 57 -41.93 14.84 -25.17
CA THR K 57 -42.58 16.13 -24.88
C THR K 57 -42.10 17.27 -25.79
N THR K 58 -40.81 17.35 -26.03
CA THR K 58 -40.24 18.38 -26.93
C THR K 58 -40.70 18.22 -28.36
N VAL K 59 -41.31 17.10 -28.69
CA VAL K 59 -41.79 16.87 -30.04
C VAL K 59 -43.18 17.40 -30.18
N PHE K 60 -43.98 17.22 -29.14
CA PHE K 60 -45.30 17.88 -29.03
C PHE K 60 -45.10 19.38 -28.84
N1 GYS K 61 -44.08 20.02 -28.36
OG1 GYS K 61 -44.66 22.52 -26.18
CB1 GYS K 61 -43.61 21.60 -26.53
CA1 GYS K 61 -43.63 21.37 -28.05
C1 GYS K 61 -42.30 21.68 -28.65
N2 GYS K 61 -41.12 21.96 -27.96
N3 GYS K 61 -42.10 21.74 -30.00
C2 GYS K 61 -40.86 22.05 -30.17
O2 GYS K 61 -40.34 22.16 -31.31
CA2 GYS K 61 -40.17 22.19 -28.89
CA3 GYS K 61 -43.09 21.47 -31.07
CB2 GYS K 61 -38.73 22.53 -28.63
CG2 GYS K 61 -38.12 22.63 -27.28
CD1 GYS K 61 -38.86 22.41 -26.11
CD2 GYS K 61 -36.74 22.89 -27.15
CE1 GYS K 61 -38.26 22.50 -24.85
CE2 GYS K 61 -36.13 22.97 -25.89
CZ GYS K 61 -36.89 22.79 -24.72
OH GYS K 61 -36.38 22.85 -23.44
C3 GYS K 61 -43.07 22.47 -32.21
O3 GYS K 61 -43.68 22.07 -33.25
N ASN K 62 -43.22 23.64 -31.75
CA ASN K 62 -43.69 24.78 -32.57
C ASN K 62 -43.05 26.05 -32.05
N ARG K 63 -42.16 26.61 -32.84
CA ARG K 63 -41.31 27.70 -32.36
C ARG K 63 -41.99 29.07 -32.62
N VAL K 64 -43.14 29.02 -33.30
CA VAL K 64 -43.99 30.19 -33.54
C VAL K 64 -44.55 30.72 -32.19
N PHE K 65 -44.90 29.78 -31.31
CA PHE K 65 -45.16 30.10 -29.89
C PHE K 65 -43.93 30.57 -29.05
N ALA K 66 -43.46 31.76 -29.37
CA ALA K 66 -42.31 32.38 -28.72
C ALA K 66 -42.52 33.92 -28.59
N LYS K 67 -41.87 34.54 -27.62
CA LYS K 67 -41.89 36.00 -27.42
C LYS K 67 -40.83 36.84 -28.14
N TYR K 68 -40.90 38.16 -27.99
CA TYR K 68 -39.81 39.05 -28.48
C TYR K 68 -39.92 40.60 -28.10
N PRO K 81 -44.23 31.60 -42.26
CA PRO K 81 -45.19 31.90 -41.17
C PRO K 81 -46.57 31.22 -41.23
N GLU K 82 -46.97 30.73 -42.40
CA GLU K 82 -48.24 30.05 -42.56
C GLU K 82 -47.91 28.69 -43.15
N GLY K 83 -47.08 27.95 -42.41
CA GLY K 83 -46.86 26.56 -42.67
C GLY K 83 -45.41 26.29 -42.98
N TYR K 84 -44.89 25.41 -42.15
CA TYR K 84 -43.53 24.94 -42.25
C TYR K 84 -43.48 23.55 -41.66
N SER K 85 -42.33 22.90 -41.78
CA SER K 85 -42.12 21.61 -41.14
C SER K 85 -40.73 21.54 -40.53
N TRP K 86 -40.51 20.59 -39.63
CA TRP K 86 -39.17 20.36 -39.11
C TRP K 86 -38.81 18.88 -38.95
N GLU K 87 -37.53 18.58 -39.14
CA GLU K 87 -36.96 17.28 -38.86
C GLU K 87 -36.00 17.44 -37.68
N ARG K 88 -35.85 16.40 -36.87
CA ARG K 88 -34.99 16.49 -35.71
C ARG K 88 -34.35 15.17 -35.36
N SER K 89 -33.10 15.22 -34.92
CA SER K 89 -32.44 14.06 -34.34
C SER K 89 -32.08 14.37 -32.90
N MET K 90 -32.35 13.41 -32.02
CA MET K 90 -32.10 13.56 -30.62
C MET K 90 -31.23 12.42 -30.22
N ASN K 91 -29.98 12.74 -29.92
CA ASN K 91 -28.98 11.74 -29.64
C ASN K 91 -28.68 11.70 -28.17
N TYR K 92 -29.08 10.63 -27.50
CA TYR K 92 -28.91 10.51 -26.07
C TYR K 92 -27.56 9.92 -25.73
N GLU K 93 -27.01 10.29 -24.58
CA GLU K 93 -25.63 9.93 -24.22
C GLU K 93 -25.38 8.45 -24.03
N ASP K 94 -26.40 7.66 -23.76
CA ASP K 94 -26.23 6.21 -23.62
C ASP K 94 -26.48 5.42 -24.95
N GLY K 95 -26.55 6.13 -26.07
CA GLY K 95 -26.73 5.49 -27.36
C GLY K 95 -28.14 5.47 -27.96
N GLY K 96 -29.15 5.79 -27.17
CA GLY K 96 -30.47 5.96 -27.73
C GLY K 96 -30.53 7.11 -28.75
N ILE K 97 -31.18 6.87 -29.89
CA ILE K 97 -31.42 7.89 -30.88
C ILE K 97 -32.90 7.99 -31.19
N CYS K 98 -33.39 9.21 -31.28
CA CYS K 98 -34.76 9.47 -31.70
C CYS K 98 -34.79 10.44 -32.85
N ASN K 99 -35.54 10.07 -33.89
CA ASN K 99 -35.80 10.95 -35.01
C ASN K 99 -37.23 11.35 -34.99
N ALA K 100 -37.49 12.61 -35.27
CA ALA K 100 -38.86 13.06 -35.30
C ALA K 100 -39.07 14.09 -36.37
N THR K 101 -40.27 14.11 -36.92
CA THR K 101 -40.64 15.13 -37.88
C THR K 101 -41.98 15.72 -37.48
N ASN K 102 -42.25 16.92 -37.93
CA ASN K 102 -43.53 17.54 -37.72
C ASN K 102 -43.88 18.38 -38.92
N ASP K 103 -45.02 18.09 -39.55
CA ASP K 103 -45.53 18.91 -40.63
C ASP K 103 -46.62 19.78 -40.04
N ILE K 104 -46.42 21.09 -40.10
CA ILE K 104 -47.32 22.03 -39.46
C ILE K 104 -48.05 22.85 -40.52
N THR K 105 -49.37 22.78 -40.47
CA THR K 105 -50.20 23.54 -41.37
C THR K 105 -51.20 24.35 -40.57
N LEU K 106 -51.73 25.37 -41.23
CA LEU K 106 -52.66 26.29 -40.57
C LEU K 106 -54.04 26.19 -41.21
N ASP K 107 -55.05 25.97 -40.37
CA ASP K 107 -56.43 25.86 -40.83
C ASP K 107 -57.29 26.84 -40.04
N GLY K 108 -57.37 28.08 -40.51
CA GLY K 108 -58.10 29.12 -39.81
C GLY K 108 -57.35 29.60 -38.59
N ASP K 109 -57.94 29.41 -37.41
CA ASP K 109 -57.28 29.76 -36.14
C ASP K 109 -56.68 28.53 -35.45
N CYS K 110 -56.39 27.50 -36.26
CA CYS K 110 -56.06 26.18 -35.76
C CYS K 110 -54.79 25.67 -36.43
N TYR K 111 -53.74 25.42 -35.62
CA TYR K 111 -52.54 24.73 -36.12
C TYR K 111 -52.74 23.23 -36.11
N ILE K 112 -52.34 22.56 -37.18
CA ILE K 112 -52.44 21.11 -37.24
C ILE K 112 -51.05 20.52 -37.35
N TYR K 113 -50.71 19.60 -36.45
CA TYR K 113 -49.41 18.92 -36.47
C TYR K 113 -49.54 17.48 -36.89
N GLU K 114 -48.80 17.09 -37.92
CA GLU K 114 -48.69 15.68 -38.32
C GLU K 114 -47.29 15.23 -37.89
N ILE K 115 -47.21 14.45 -36.81
CA ILE K 115 -45.93 14.11 -36.19
C ILE K 115 -45.56 12.65 -36.29
N ARG K 116 -44.32 12.39 -36.68
CA ARG K 116 -43.78 11.03 -36.70
C ARG K 116 -42.60 10.97 -35.72
N PHE K 117 -42.48 9.88 -34.97
CA PHE K 117 -41.46 9.73 -33.92
C PHE K 117 -40.89 8.33 -33.91
N ASP K 118 -39.57 8.18 -33.90
CA ASP K 118 -38.95 6.84 -33.96
C ASP K 118 -37.65 6.76 -33.21
N GLY K 119 -37.66 6.02 -32.10
CA GLY K 119 -36.50 5.87 -31.26
C GLY K 119 -35.97 4.46 -31.29
N VAL K 120 -34.65 4.31 -31.22
CA VAL K 120 -34.03 3.01 -31.20
C VAL K 120 -32.81 2.96 -30.28
N ASN K 121 -32.38 1.74 -29.97
CA ASN K 121 -31.19 1.50 -29.17
C ASN K 121 -31.17 2.15 -27.80
N PHE K 122 -32.34 2.31 -27.19
CA PHE K 122 -32.40 2.64 -25.78
C PHE K 122 -32.12 1.36 -24.99
N PRO K 123 -31.05 1.35 -24.18
CA PRO K 123 -30.79 0.18 -23.35
C PRO K 123 -31.95 -0.11 -22.40
N ALA K 124 -32.23 -1.40 -22.21
CA ALA K 124 -33.31 -1.88 -21.30
C ALA K 124 -33.18 -1.37 -19.87
N ASN K 125 -31.94 -1.30 -19.40
CA ASN K 125 -31.66 -0.86 -18.03
C ASN K 125 -31.41 0.65 -17.90
N GLY K 126 -31.60 1.41 -18.99
CA GLY K 126 -31.35 2.84 -18.94
C GLY K 126 -32.55 3.63 -18.45
N PRO K 127 -32.35 4.92 -18.16
CA PRO K 127 -33.41 5.73 -17.58
C PRO K 127 -34.66 5.94 -18.44
N VAL K 128 -34.57 5.76 -19.75
CA VAL K 128 -35.76 5.92 -20.60
C VAL K 128 -36.69 4.70 -20.50
N MET K 129 -36.16 3.52 -20.73
CA MET K 129 -36.97 2.30 -20.59
C MET K 129 -37.36 1.95 -19.15
N GLN K 130 -36.59 2.39 -18.16
CA GLN K 130 -36.93 2.18 -16.73
C GLN K 130 -37.69 3.38 -16.15
N LYS K 131 -38.10 4.32 -17.00
CA LYS K 131 -38.88 5.47 -16.56
C LYS K 131 -38.35 6.13 -15.31
N ARG K 132 -37.09 6.54 -15.33
CA ARG K 132 -36.46 7.20 -14.19
C ARG K 132 -36.19 8.66 -14.47
N THR K 133 -36.95 9.26 -15.38
CA THR K 133 -36.74 10.65 -15.77
C THR K 133 -37.78 11.54 -15.12
N VAL K 134 -37.40 12.75 -14.76
CA VAL K 134 -38.29 13.66 -14.07
C VAL K 134 -38.71 14.79 -15.00
N LYS K 135 -37.74 15.54 -15.50
CA LYS K 135 -38.06 16.68 -16.35
C LYS K 135 -36.85 17.17 -17.14
N TRP K 136 -37.12 17.92 -18.20
CA TRP K 136 -36.06 18.56 -18.97
C TRP K 136 -35.65 19.80 -18.26
N GLU K 137 -34.35 20.00 -18.07
CA GLU K 137 -33.89 21.26 -17.47
C GLU K 137 -34.12 22.34 -18.55
N PRO K 138 -34.39 23.59 -18.15
CA PRO K 138 -34.65 24.63 -19.13
C PRO K 138 -33.49 24.74 -20.07
N SER K 139 -33.74 25.23 -21.27
CA SER K 139 -32.72 25.20 -22.29
C SER K 139 -32.76 26.41 -23.20
N THR K 140 -31.70 26.55 -23.98
CA THR K 140 -31.56 27.68 -24.90
C THR K 140 -31.17 27.11 -26.23
N GLU K 141 -32.04 27.32 -27.21
CA GLU K 141 -31.81 26.79 -28.54
C GLU K 141 -31.05 27.84 -29.34
N LYS K 142 -29.99 27.41 -30.01
CA LYS K 142 -29.15 28.28 -30.84
C LYS K 142 -29.58 28.13 -32.30
N LEU K 143 -30.23 29.14 -32.85
CA LEU K 143 -30.68 29.06 -34.24
C LEU K 143 -29.77 29.80 -35.18
N TYR K 144 -29.42 29.16 -36.32
CA TYR K 144 -28.52 29.73 -37.32
C TYR K 144 -28.89 29.20 -38.69
N VAL K 145 -28.54 29.96 -39.72
CA VAL K 145 -28.88 29.59 -41.08
C VAL K 145 -27.72 28.84 -41.72
N ARG K 146 -28.04 27.84 -42.52
CA ARG K 146 -27.04 27.15 -43.29
C ARG K 146 -27.78 26.57 -44.49
N ASP K 147 -27.17 26.73 -45.66
CA ASP K 147 -27.77 26.30 -46.94
C ASP K 147 -29.18 26.89 -47.13
N GLY K 148 -29.35 28.15 -46.73
CA GLY K 148 -30.64 28.83 -46.85
C GLY K 148 -31.79 28.27 -46.04
N VAL K 149 -31.51 27.36 -45.11
CA VAL K 149 -32.52 26.85 -44.18
C VAL K 149 -32.04 27.06 -42.76
N LEU K 150 -33.00 27.13 -41.84
CA LEU K 150 -32.70 27.42 -40.46
C LEU K 150 -32.38 26.12 -39.70
N LYS K 151 -31.27 26.10 -38.98
CA LYS K 151 -30.94 25.01 -38.05
C LYS K 151 -31.02 25.49 -36.62
N GLY K 152 -31.18 24.55 -35.71
CA GLY K 152 -31.32 24.85 -34.31
C GLY K 152 -30.66 23.73 -33.57
N ASP K 153 -29.68 24.06 -32.75
CA ASP K 153 -29.04 23.05 -31.92
C ASP K 153 -29.22 23.41 -30.46
N VAL K 154 -29.29 22.39 -29.63
CA VAL K 154 -29.38 22.59 -28.20
C VAL K 154 -28.85 21.34 -27.50
N ASN K 155 -28.06 21.54 -26.45
CA ASN K 155 -27.78 20.49 -25.49
C ASN K 155 -28.88 20.47 -24.47
N MET K 156 -29.49 19.31 -24.30
CA MET K 156 -30.58 19.18 -23.41
C MET K 156 -30.12 18.24 -22.35
N ALA K 157 -30.79 18.29 -21.21
CA ALA K 157 -30.52 17.36 -20.14
C ALA K 157 -31.83 17.04 -19.44
N LEU K 158 -32.05 15.75 -19.20
CA LEU K 158 -33.13 15.30 -18.38
C LEU K 158 -32.62 15.11 -16.97
N SER K 159 -33.37 15.63 -16.01
CA SER K 159 -33.09 15.36 -14.61
C SER K 159 -33.53 13.93 -14.31
N LEU K 160 -32.76 13.21 -13.52
CA LEU K 160 -33.13 11.85 -13.15
C LEU K 160 -33.63 11.76 -11.71
N GLU K 161 -34.53 10.81 -11.47
CA GLU K 161 -35.03 10.56 -10.13
C GLU K 161 -34.00 10.43 -9.02
N GLY K 162 -32.94 9.69 -9.25
CA GLY K 162 -31.92 9.52 -8.22
C GLY K 162 -30.93 10.65 -8.13
N GLY K 163 -31.32 11.86 -8.55
CA GLY K 163 -30.36 12.94 -8.78
C GLY K 163 -29.54 12.64 -10.02
N GLY K 164 -28.77 13.61 -10.48
CA GLY K 164 -27.98 13.39 -11.70
C GLY K 164 -28.80 13.63 -12.96
N HIS K 165 -28.10 13.72 -14.07
CA HIS K 165 -28.70 14.20 -15.29
C HIS K 165 -28.36 13.27 -16.47
N TYR K 166 -29.18 13.33 -17.52
CA TYR K 166 -29.06 12.45 -18.69
C TYR K 166 -29.04 13.33 -19.91
N ARG K 167 -27.90 13.34 -20.58
CA ARG K 167 -27.62 14.32 -21.62
C ARG K 167 -28.17 13.85 -22.96
N CYS K 168 -28.65 14.80 -23.74
CA CYS K 168 -29.12 14.55 -25.10
C CYS K 168 -28.80 15.72 -26.02
N ASP K 169 -28.36 15.44 -27.23
CA ASP K 169 -28.05 16.51 -28.19
C ASP K 169 -29.13 16.59 -29.29
N PHE K 170 -29.68 17.78 -29.49
CA PHE K 170 -30.78 18.00 -30.42
C PHE K 170 -30.24 18.69 -31.63
N LYS K 171 -30.65 18.23 -32.80
CA LYS K 171 -30.26 18.87 -34.06
C LYS K 171 -31.49 18.98 -34.94
N THR K 172 -32.00 20.20 -35.09
CA THR K 172 -33.26 20.43 -35.77
C THR K 172 -33.03 21.19 -37.04
N THR K 173 -33.74 20.79 -38.10
CA THR K 173 -33.78 21.56 -39.35
C THR K 173 -35.20 22.08 -39.54
N TYR K 174 -35.34 23.40 -39.69
CA TYR K 174 -36.65 24.01 -39.96
C TYR K 174 -36.69 24.34 -41.45
N LYS K 175 -37.72 23.97 -42.21
CA LYS K 175 -37.89 24.39 -43.59
C LYS K 175 -39.25 24.98 -43.71
N HIS K 186 -33.01 37.74 -28.26
CA HIS K 186 -32.18 37.21 -29.35
C HIS K 186 -32.60 35.87 -29.88
N PHE K 187 -32.20 34.81 -29.16
CA PHE K 187 -32.54 33.39 -29.48
C PHE K 187 -33.09 32.59 -28.27
N VAL K 188 -33.35 31.24 -28.26
CA VAL K 188 -34.68 30.93 -27.77
C VAL K 188 -34.63 30.10 -26.51
N ASP K 189 -35.04 30.70 -25.39
CA ASP K 189 -35.09 30.02 -24.10
C ASP K 189 -36.39 29.24 -24.02
N HIS K 190 -36.32 27.99 -23.55
CA HIS K 190 -37.47 27.10 -23.47
C HIS K 190 -37.62 26.61 -22.05
N HIS K 191 -38.86 26.46 -21.61
CA HIS K 191 -39.18 25.77 -20.36
C HIS K 191 -40.39 24.92 -20.66
N ILE K 192 -40.29 23.62 -20.39
CA ILE K 192 -41.37 22.68 -20.69
C ILE K 192 -41.64 21.84 -19.45
N GLU K 193 -42.90 21.71 -19.07
CA GLU K 193 -43.28 21.00 -17.85
C GLU K 193 -44.50 20.13 -18.15
N ILE K 194 -44.49 18.91 -17.65
CA ILE K 194 -45.71 18.12 -17.57
C ILE K 194 -46.44 18.56 -16.31
N LYS K 195 -47.55 19.30 -16.46
CA LYS K 195 -48.29 19.84 -15.30
C LYS K 195 -49.15 18.73 -14.63
N SER K 196 -49.69 17.76 -15.38
CA SER K 196 -50.45 16.66 -14.78
C SER K 196 -50.50 15.45 -15.71
N HIS K 197 -50.52 14.26 -15.11
CA HIS K 197 -50.63 13.02 -15.86
C HIS K 197 -51.36 11.99 -15.01
N ASP K 198 -51.99 11.02 -15.65
CA ASP K 198 -52.49 9.85 -14.94
C ASP K 198 -51.34 8.83 -14.74
N LYS K 199 -51.68 7.69 -14.15
CA LYS K 199 -50.67 6.76 -13.63
C LYS K 199 -49.69 6.27 -14.68
N ASP K 200 -50.24 5.91 -15.83
CA ASP K 200 -49.48 5.31 -16.93
C ASP K 200 -49.34 6.27 -18.11
N TYR K 201 -49.62 7.54 -17.88
CA TYR K 201 -49.42 8.61 -18.84
C TYR K 201 -50.30 8.52 -20.08
N SER K 202 -51.42 7.81 -19.99
CA SER K 202 -52.38 7.78 -21.10
C SER K 202 -53.02 9.17 -21.31
N ASN K 203 -53.04 9.96 -20.23
CA ASN K 203 -53.46 11.34 -20.28
C ASN K 203 -52.39 12.21 -19.69
N VAL K 204 -52.03 13.27 -20.41
CA VAL K 204 -50.97 14.15 -19.98
C VAL K 204 -51.38 15.56 -20.32
N ASN K 205 -51.18 16.46 -19.36
CA ASN K 205 -51.28 17.88 -19.63
C ASN K 205 -49.86 18.46 -19.64
N LEU K 206 -49.58 19.25 -20.67
CA LEU K 206 -48.23 19.66 -20.99
C LEU K 206 -48.20 21.15 -21.25
N HIS K 207 -47.19 21.83 -20.74
CA HIS K 207 -47.11 23.29 -20.78
C HIS K 207 -45.69 23.74 -21.18
N GLU K 208 -45.58 24.71 -22.09
CA GLU K 208 -44.30 25.30 -22.51
C GLU K 208 -44.33 26.83 -22.48
N HIS K 209 -43.28 27.46 -21.97
CA HIS K 209 -42.98 28.89 -22.22
C HIS K 209 -41.79 29.02 -23.18
N ALA K 210 -41.71 30.11 -23.95
CA ALA K 210 -40.54 30.36 -24.78
C ALA K 210 -40.37 31.84 -25.17
N GLU K 211 -39.17 32.39 -24.95
CA GLU K 211 -38.79 33.73 -25.41
C GLU K 211 -37.51 33.68 -26.26
N ALA K 212 -37.42 34.53 -27.29
CA ALA K 212 -36.17 34.65 -28.07
C ALA K 212 -35.41 35.85 -27.56
N VAL L 2 -9.42 35.32 0.70
CA VAL L 2 -8.50 34.66 -0.28
C VAL L 2 -8.60 35.22 -1.70
N ILE L 3 -9.84 35.29 -2.19
CA ILE L 3 -10.17 35.86 -3.48
C ILE L 3 -10.32 37.39 -3.34
N LYS L 4 -9.43 38.15 -3.97
CA LYS L 4 -9.43 39.62 -3.92
C LYS L 4 -10.14 40.24 -5.14
N PRO L 5 -10.67 41.47 -4.99
CA PRO L 5 -11.34 42.15 -6.12
C PRO L 5 -10.49 42.37 -7.39
N ASP L 6 -9.18 42.48 -7.24
CA ASP L 6 -8.25 42.59 -8.39
C ASP L 6 -7.20 41.51 -8.24
N MET L 7 -7.08 40.64 -9.24
CA MET L 7 -6.07 39.57 -9.19
C MET L 7 -5.30 39.43 -10.49
N LYS L 8 -4.06 38.97 -10.37
CA LYS L 8 -3.18 38.84 -11.51
C LYS L 8 -3.18 37.42 -12.04
N ILE L 9 -2.80 37.27 -13.29
CA ILE L 9 -2.74 35.98 -13.93
C ILE L 9 -1.39 35.81 -14.60
N LYS L 10 -0.76 34.67 -14.34
CA LYS L 10 0.45 34.27 -15.02
C LYS L 10 0.20 32.86 -15.58
N LEU L 11 0.47 32.66 -16.87
CA LEU L 11 0.24 31.37 -17.47
C LEU L 11 1.32 31.00 -18.46
N ARG L 12 1.56 29.70 -18.56
CA ARG L 12 2.31 29.13 -19.66
C ARG L 12 1.51 27.99 -20.31
N MET L 13 1.37 28.02 -21.63
CA MET L 13 0.78 26.90 -22.38
C MET L 13 1.84 26.22 -23.21
N GLU L 14 1.93 24.90 -23.10
CA GLU L 14 2.73 24.10 -24.04
C GLU L 14 1.78 23.21 -24.80
N GLY L 15 1.91 23.18 -26.11
CA GLY L 15 0.96 22.45 -26.93
C GLY L 15 1.44 22.04 -28.31
N ALA L 16 0.54 21.41 -29.05
CA ALA L 16 0.78 21.11 -30.45
C ALA L 16 -0.53 21.05 -31.20
N VAL L 17 -0.47 21.37 -32.49
CA VAL L 17 -1.64 21.23 -33.37
C VAL L 17 -1.22 20.51 -34.62
N ASN L 18 -1.98 19.49 -35.00
CA ASN L 18 -1.57 18.57 -36.07
C ASN L 18 -0.08 18.22 -36.03
N GLY L 19 0.46 17.96 -34.84
CA GLY L 19 1.87 17.56 -34.72
C GLY L 19 2.90 18.68 -34.64
N HIS L 20 2.51 19.93 -34.91
CA HIS L 20 3.44 21.07 -34.85
C HIS L 20 3.44 21.71 -33.47
N PRO L 21 4.53 21.55 -32.71
CA PRO L 21 4.55 22.03 -31.33
C PRO L 21 4.75 23.53 -31.20
N PHE L 22 4.29 24.09 -30.09
CA PHE L 22 4.41 25.51 -29.83
C PHE L 22 4.28 25.77 -28.34
N ALA L 23 4.54 27.01 -27.93
CA ALA L 23 4.39 27.41 -26.54
C ALA L 23 4.07 28.89 -26.48
N ILE L 24 3.30 29.25 -25.46
CA ILE L 24 2.79 30.59 -25.29
C ILE L 24 2.85 30.90 -23.82
N GLU L 25 3.25 32.12 -23.51
CA GLU L 25 3.25 32.60 -22.14
C GLU L 25 2.35 33.82 -22.10
N GLY L 26 1.78 34.09 -20.94
CA GLY L 26 0.92 35.27 -20.81
C GLY L 26 0.83 35.82 -19.41
N VAL L 27 0.55 37.11 -19.33
CA VAL L 27 0.27 37.77 -18.06
C VAL L 27 -1.01 38.52 -18.22
N GLY L 28 -1.74 38.67 -17.12
CA GLY L 28 -2.98 39.41 -17.17
C GLY L 28 -3.50 39.71 -15.80
N LEU L 29 -4.67 40.33 -15.76
CA LEU L 29 -5.33 40.65 -14.51
C LEU L 29 -6.84 40.58 -14.74
N GLY L 30 -7.57 40.25 -13.69
CA GLY L 30 -9.02 40.19 -13.78
C GLY L 30 -9.71 40.44 -12.46
N LYS L 31 -11.02 40.62 -12.53
CA LYS L 31 -11.84 40.93 -11.39
C LYS L 31 -12.78 39.76 -11.14
N PRO L 32 -12.39 38.83 -10.26
CA PRO L 32 -13.21 37.67 -9.94
C PRO L 32 -14.70 37.92 -9.71
N PHE L 33 -15.04 38.91 -8.89
CA PHE L 33 -16.42 39.15 -8.50
C PHE L 33 -17.16 39.90 -9.60
N GLU L 34 -16.43 40.63 -10.41
CA GLU L 34 -17.03 41.31 -11.55
C GLU L 34 -17.12 40.46 -12.81
N GLY L 35 -16.53 39.27 -12.78
CA GLY L 35 -16.55 38.36 -13.92
C GLY L 35 -15.80 38.87 -15.14
N LYS L 36 -14.74 39.63 -14.92
CA LYS L 36 -13.97 40.19 -16.03
C LYS L 36 -12.53 39.78 -15.94
N GLN L 37 -11.88 39.65 -17.09
CA GLN L 37 -10.45 39.42 -17.13
C GLN L 37 -9.90 39.88 -18.45
N SER L 38 -8.59 40.12 -18.48
CA SER L 38 -7.90 40.39 -19.74
C SER L 38 -6.47 39.95 -19.62
N MET L 39 -5.84 39.64 -20.73
CA MET L 39 -4.44 39.20 -20.68
C MET L 39 -3.70 39.38 -21.97
N ASP L 40 -2.38 39.40 -21.84
CA ASP L 40 -1.48 39.57 -22.99
C ASP L 40 -0.68 38.32 -23.16
N LEU L 41 -0.66 37.81 -24.38
CA LEU L 41 -0.12 36.49 -24.65
C LEU L 41 0.93 36.55 -25.72
N LYS L 42 2.08 35.96 -25.42
CA LYS L 42 3.21 35.95 -26.34
C LYS L 42 3.59 34.54 -26.75
N VAL L 43 3.75 34.33 -28.05
CA VAL L 43 4.25 33.05 -28.56
C VAL L 43 5.76 32.94 -28.34
N LYS L 44 6.18 32.05 -27.45
CA LYS L 44 7.61 31.86 -27.17
C LYS L 44 8.29 30.83 -28.07
N GLU L 45 7.53 29.85 -28.54
CA GLU L 45 8.07 28.81 -29.43
C GLU L 45 7.07 28.50 -30.53
N GLY L 46 7.57 27.99 -31.64
CA GLY L 46 6.73 27.50 -32.73
C GLY L 46 6.04 28.56 -33.54
N GLY L 47 6.39 29.83 -33.33
CA GLY L 47 5.75 30.93 -34.09
C GLY L 47 6.36 31.06 -35.47
N PRO L 48 5.66 31.66 -36.43
CA PRO L 48 4.28 32.13 -36.33
C PRO L 48 3.33 30.94 -36.44
N LEU L 49 2.25 30.96 -35.65
CA LEU L 49 1.38 29.80 -35.55
C LEU L 49 0.69 29.55 -36.88
N PRO L 50 0.75 28.30 -37.38
CA PRO L 50 0.15 27.97 -38.68
C PRO L 50 -1.31 27.60 -38.59
N PHE L 51 -2.01 28.12 -37.59
CA PHE L 51 -3.44 27.79 -37.39
C PHE L 51 -4.16 28.94 -36.69
N ALA L 52 -5.48 28.92 -36.77
CA ALA L 52 -6.30 29.97 -36.22
C ALA L 52 -6.13 30.08 -34.71
N TYR L 53 -5.73 31.26 -34.26
CA TYR L 53 -5.53 31.53 -32.83
C TYR L 53 -6.79 31.29 -32.00
N ASP L 54 -7.95 31.47 -32.60
CA ASP L 54 -9.20 31.31 -31.87
C ASP L 54 -9.37 29.96 -31.16
N ILE L 55 -8.81 28.88 -31.72
CA ILE L 55 -8.98 27.56 -31.08
C ILE L 55 -8.29 27.48 -29.72
N LEU L 56 -7.36 28.40 -29.45
CA LEU L 56 -6.68 28.50 -28.15
C LEU L 56 -7.36 29.39 -27.11
N THR L 57 -8.19 30.34 -27.52
CA THR L 57 -8.58 31.41 -26.61
C THR L 57 -9.38 30.95 -25.39
N THR L 58 -10.35 30.08 -25.60
CA THR L 58 -11.13 29.53 -24.48
C THR L 58 -10.30 28.70 -23.52
N VAL L 59 -9.08 28.34 -23.88
CA VAL L 59 -8.21 27.57 -23.02
C VAL L 59 -7.45 28.51 -22.10
N PHE L 60 -7.01 29.63 -22.64
CA PHE L 60 -6.46 30.73 -21.84
C PHE L 60 -7.56 31.36 -20.99
N1 GYS L 61 -8.76 31.49 -21.39
OG1 GYS L 61 -11.05 34.11 -20.65
CB1 GYS L 61 -10.38 33.24 -21.54
CA1 GYS L 61 -9.88 32.06 -20.73
C1 GYS L 61 -10.89 31.02 -20.58
N2 GYS L 61 -12.10 30.94 -21.24
N3 GYS L 61 -10.72 30.01 -19.70
C2 GYS L 61 -11.82 29.27 -19.77
O2 GYS L 61 -12.09 28.20 -19.11
CA2 GYS L 61 -12.71 29.85 -20.75
CA3 GYS L 61 -9.54 29.79 -18.86
CB2 GYS L 61 -14.03 29.31 -21.14
CG2 GYS L 61 -14.92 29.90 -22.15
CD1 GYS L 61 -14.62 31.10 -22.82
CD2 GYS L 61 -16.09 29.19 -22.43
CE1 GYS L 61 -15.51 31.58 -23.78
CE2 GYS L 61 -16.99 29.68 -23.39
CZ GYS L 61 -16.69 30.88 -24.06
OH GYS L 61 -17.56 31.39 -24.98
C3 GYS L 61 -9.89 29.32 -17.48
O3 GYS L 61 -8.99 28.59 -17.01
N ASN L 62 -10.73 30.01 -16.80
CA ASN L 62 -10.76 30.02 -15.31
C ASN L 62 -12.06 30.56 -14.87
N ARG L 63 -12.90 29.68 -14.37
CA ARG L 63 -14.28 30.03 -14.06
C ARG L 63 -14.38 30.82 -12.74
N VAL L 64 -13.26 30.98 -12.01
CA VAL L 64 -13.26 31.97 -10.89
C VAL L 64 -13.62 33.32 -11.34
N PHE L 65 -13.19 33.68 -12.56
CA PHE L 65 -13.49 34.98 -13.12
C PHE L 65 -14.84 34.90 -13.79
N ALA L 66 -15.86 34.67 -12.97
CA ALA L 66 -17.25 34.68 -13.39
C ALA L 66 -18.09 35.25 -12.23
N LYS L 67 -18.99 36.20 -12.55
CA LYS L 67 -19.84 36.80 -11.57
C LYS L 67 -20.90 35.80 -11.10
N TYR L 68 -20.73 35.27 -9.88
CA TYR L 68 -21.71 34.38 -9.26
C TYR L 68 -22.61 35.10 -8.28
N PRO L 69 -23.93 35.01 -8.45
CA PRO L 69 -24.83 35.54 -7.42
C PRO L 69 -24.83 34.68 -6.16
N GLU L 70 -25.33 35.23 -5.06
CA GLU L 70 -25.27 34.57 -3.74
C GLU L 70 -26.16 33.35 -3.64
N ASN L 71 -27.21 33.27 -4.44
CA ASN L 71 -28.11 32.10 -4.39
C ASN L 71 -27.60 30.83 -5.12
N ILE L 72 -26.46 30.94 -5.81
CA ILE L 72 -25.79 29.80 -6.46
C ILE L 72 -24.44 29.55 -5.77
N VAL L 73 -24.11 28.28 -5.56
CA VAL L 73 -22.84 27.88 -5.03
C VAL L 73 -21.73 28.13 -6.05
N ASP L 74 -20.64 28.76 -5.61
CA ASP L 74 -19.49 29.01 -6.45
C ASP L 74 -18.41 28.01 -6.11
N TYR L 75 -18.42 26.90 -6.86
CA TYR L 75 -17.46 25.78 -6.76
C TYR L 75 -16.02 26.26 -6.84
N PHE L 76 -15.80 27.26 -7.67
CA PHE L 76 -14.46 27.66 -8.08
C PHE L 76 -13.80 28.53 -7.05
N LYS L 77 -14.50 29.57 -6.62
CA LYS L 77 -13.98 30.50 -5.60
C LYS L 77 -13.76 29.79 -4.28
N GLN L 78 -14.66 28.88 -3.94
CA GLN L 78 -14.50 28.09 -2.75
C GLN L 78 -13.32 27.04 -2.85
N SER L 79 -12.88 26.65 -4.04
CA SER L 79 -11.76 25.71 -4.19
C SER L 79 -10.37 26.24 -3.74
N PHE L 80 -10.22 27.57 -3.70
CA PHE L 80 -8.97 28.20 -3.29
C PHE L 80 -8.87 28.33 -1.77
N PRO L 81 -7.65 28.47 -1.25
CA PRO L 81 -6.34 28.66 -1.91
C PRO L 81 -5.73 27.44 -2.60
N GLU L 82 -6.19 26.23 -2.26
CA GLU L 82 -5.63 24.99 -2.84
C GLU L 82 -5.77 24.99 -4.36
N GLY L 83 -6.89 25.52 -4.84
CA GLY L 83 -7.13 25.67 -6.27
C GLY L 83 -7.87 24.49 -6.88
N TYR L 84 -7.87 24.42 -8.21
CA TYR L 84 -8.56 23.35 -8.93
C TYR L 84 -7.91 23.18 -10.28
N SER L 85 -8.33 22.15 -11.01
CA SER L 85 -7.86 21.95 -12.36
C SER L 85 -9.01 21.53 -13.26
N TRP L 86 -8.82 21.66 -14.58
CA TRP L 86 -9.82 21.18 -15.51
C TRP L 86 -9.27 20.47 -16.74
N GLU L 87 -10.04 19.51 -17.24
CA GLU L 87 -9.75 18.81 -18.49
C GLU L 87 -10.87 19.16 -19.48
N ARG L 88 -10.56 19.24 -20.77
CA ARG L 88 -11.56 19.59 -21.73
C ARG L 88 -11.33 18.95 -23.09
N SER L 89 -12.42 18.53 -23.73
CA SER L 89 -12.36 18.07 -25.12
C SER L 89 -13.22 18.98 -25.98
N MET L 90 -12.67 19.35 -27.11
CA MET L 90 -13.33 20.28 -27.99
C MET L 90 -13.40 19.60 -29.34
N ASN L 91 -14.61 19.22 -29.71
CA ASN L 91 -14.84 18.43 -30.87
C ASN L 91 -15.45 19.29 -31.96
N TYR L 92 -14.69 19.57 -33.01
CA TYR L 92 -15.12 20.43 -34.08
C TYR L 92 -15.87 19.64 -35.12
N GLU L 93 -16.82 20.28 -35.80
CA GLU L 93 -17.75 19.58 -36.72
C GLU L 93 -17.09 18.96 -37.94
N ASP L 94 -15.92 19.44 -38.34
CA ASP L 94 -15.20 18.84 -39.47
C ASP L 94 -14.17 17.76 -39.07
N GLY L 95 -14.24 17.29 -37.82
CA GLY L 95 -13.35 16.22 -37.36
C GLY L 95 -12.12 16.61 -36.55
N GLY L 96 -11.78 17.89 -36.51
CA GLY L 96 -10.72 18.34 -35.60
C GLY L 96 -11.10 18.13 -34.15
N ILE L 97 -10.17 17.58 -33.37
CA ILE L 97 -10.34 17.43 -31.94
C ILE L 97 -9.20 18.10 -31.20
N CYS L 98 -9.54 18.83 -30.15
CA CYS L 98 -8.56 19.43 -29.27
C CYS L 98 -8.82 19.01 -27.83
N ASN L 99 -7.75 18.56 -27.15
CA ASN L 99 -7.79 18.29 -25.73
C ASN L 99 -6.96 19.29 -25.00
N ALA L 100 -7.42 19.73 -23.84
CA ALA L 100 -6.66 20.67 -23.09
C ALA L 100 -6.85 20.45 -21.63
N THR L 101 -5.82 20.76 -20.87
CA THR L 101 -5.92 20.71 -19.42
C THR L 101 -5.37 22.01 -18.85
N ASN L 102 -5.77 22.35 -17.63
CA ASN L 102 -5.23 23.49 -16.94
C ASN L 102 -5.17 23.20 -15.46
N ASP L 103 -3.97 23.32 -14.89
CA ASP L 103 -3.80 23.19 -13.45
C ASP L 103 -3.67 24.59 -12.89
N ILE L 104 -4.58 24.96 -12.01
CA ILE L 104 -4.65 26.33 -11.51
C ILE L 104 -4.34 26.40 -10.01
N THR L 105 -3.31 27.16 -9.67
CA THR L 105 -2.89 27.34 -8.29
C THR L 105 -2.81 28.83 -7.97
N LEU L 106 -2.81 29.14 -6.68
CA LEU L 106 -2.81 30.53 -6.21
C LEU L 106 -1.53 30.85 -5.47
N ASP L 107 -0.86 31.92 -5.87
CA ASP L 107 0.38 32.39 -5.22
C ASP L 107 0.23 33.87 -4.84
N GLY L 108 -0.32 34.12 -3.66
CA GLY L 108 -0.57 35.47 -3.22
C GLY L 108 -1.76 36.05 -3.95
N ASP L 109 -1.54 37.12 -4.71
CA ASP L 109 -2.60 37.76 -5.49
C ASP L 109 -2.52 37.34 -6.97
N CYS L 110 -1.90 36.18 -7.20
CA CYS L 110 -1.51 35.77 -8.53
C CYS L 110 -2.00 34.35 -8.78
N TYR L 111 -2.86 34.18 -9.77
CA TYR L 111 -3.22 32.83 -10.27
C TYR L 111 -2.18 32.33 -11.24
N ILE L 112 -1.76 31.09 -11.07
CA ILE L 112 -0.78 30.51 -12.02
C ILE L 112 -1.44 29.32 -12.76
N TYR L 113 -1.42 29.38 -14.09
CA TYR L 113 -1.99 28.33 -14.94
C TYR L 113 -0.87 27.50 -15.58
N GLU L 114 -0.91 26.19 -15.40
CA GLU L 114 -0.06 25.28 -16.15
C GLU L 114 -0.96 24.60 -17.19
N ILE L 115 -0.85 24.98 -18.45
CA ILE L 115 -1.76 24.53 -19.50
C ILE L 115 -1.13 23.65 -20.55
N ARG L 116 -1.80 22.55 -20.88
CA ARG L 116 -1.38 21.69 -21.99
C ARG L 116 -2.50 21.68 -23.04
N PHE L 117 -2.13 21.70 -24.33
CA PHE L 117 -3.09 21.78 -25.43
C PHE L 117 -2.66 20.88 -26.57
N ASP L 118 -3.58 20.08 -27.13
CA ASP L 118 -3.22 19.15 -28.22
C ASP L 118 -4.36 18.91 -29.20
N GLY L 119 -4.19 19.39 -30.42
CA GLY L 119 -5.21 19.27 -31.44
C GLY L 119 -4.74 18.37 -32.56
N VAL L 120 -5.66 17.62 -33.15
CA VAL L 120 -5.35 16.74 -34.28
C VAL L 120 -6.48 16.69 -35.28
N ASN L 121 -6.16 16.19 -36.46
CA ASN L 121 -7.12 15.96 -37.53
C ASN L 121 -7.89 17.16 -38.01
N PHE L 122 -7.27 18.34 -37.93
CA PHE L 122 -7.85 19.50 -38.59
C PHE L 122 -7.50 19.41 -40.06
N PRO L 123 -8.51 19.36 -40.93
CA PRO L 123 -8.23 19.28 -42.35
C PRO L 123 -7.46 20.51 -42.84
N ALA L 124 -6.51 20.29 -43.76
CA ALA L 124 -5.65 21.34 -44.32
C ALA L 124 -6.44 22.45 -44.98
N ASN L 125 -7.53 22.09 -45.63
CA ASN L 125 -8.38 23.06 -46.30
C ASN L 125 -9.54 23.64 -45.41
N GLY L 126 -9.58 23.29 -44.13
CA GLY L 126 -10.64 23.77 -43.27
C GLY L 126 -10.36 25.12 -42.66
N PRO L 127 -11.33 25.71 -41.98
CA PRO L 127 -11.21 27.08 -41.52
C PRO L 127 -10.15 27.30 -40.44
N VAL L 128 -9.76 26.28 -39.72
CA VAL L 128 -8.74 26.44 -38.67
C VAL L 128 -7.35 26.56 -39.29
N MET L 129 -6.94 25.59 -40.10
CA MET L 129 -5.65 25.66 -40.78
C MET L 129 -5.54 26.79 -41.84
N GLN L 130 -6.66 27.22 -42.39
CA GLN L 130 -6.68 28.35 -43.36
C GLN L 130 -7.03 29.67 -42.72
N LYS L 131 -7.07 29.69 -41.39
CA LYS L 131 -7.28 30.92 -40.66
C LYS L 131 -8.42 31.74 -41.21
N ARG L 132 -9.59 31.13 -41.31
CA ARG L 132 -10.77 31.84 -41.78
C ARG L 132 -11.77 32.09 -40.69
N THR L 133 -11.31 32.12 -39.45
CA THR L 133 -12.20 32.29 -38.32
C THR L 133 -12.14 33.74 -37.82
N VAL L 134 -13.27 34.26 -37.36
CA VAL L 134 -13.33 35.64 -36.87
C VAL L 134 -13.43 35.69 -35.33
N LYS L 135 -14.45 35.06 -34.77
CA LYS L 135 -14.66 35.09 -33.34
C LYS L 135 -15.63 34.02 -32.89
N TRP L 136 -15.58 33.71 -31.60
CA TRP L 136 -16.55 32.84 -30.98
C TRP L 136 -17.83 33.61 -30.72
N GLU L 137 -18.98 33.07 -31.10
CA GLU L 137 -20.24 33.73 -30.77
C GLU L 137 -20.41 33.55 -29.27
N PRO L 138 -21.06 34.51 -28.59
CA PRO L 138 -21.26 34.36 -27.15
C PRO L 138 -21.96 33.06 -26.83
N SER L 139 -21.73 32.53 -25.65
CA SER L 139 -22.21 31.20 -25.31
C SER L 139 -22.70 31.08 -23.88
N THR L 140 -23.34 29.96 -23.61
CA THR L 140 -23.87 29.65 -22.30
C THR L 140 -23.43 28.26 -21.93
N GLU L 141 -22.66 28.16 -20.86
CA GLU L 141 -22.13 26.89 -20.41
C GLU L 141 -23.13 26.32 -19.42
N LYS L 142 -23.45 25.04 -19.57
CA LYS L 142 -24.37 24.33 -18.69
C LYS L 142 -23.52 23.53 -17.71
N LEU L 143 -23.51 23.92 -16.43
CA LEU L 143 -22.77 23.17 -15.42
C LEU L 143 -23.65 22.27 -14.56
N TYR L 144 -23.21 21.03 -14.35
CA TYR L 144 -23.95 20.04 -13.60
C TYR L 144 -22.95 19.08 -12.93
N VAL L 145 -23.38 18.44 -11.85
CA VAL L 145 -22.53 17.52 -11.11
C VAL L 145 -22.76 16.09 -11.58
N ARG L 146 -21.69 15.32 -11.65
CA ARG L 146 -21.79 13.90 -11.94
C ARG L 146 -20.57 13.24 -11.35
N ASP L 147 -20.79 12.13 -10.66
CA ASP L 147 -19.74 11.44 -9.90
C ASP L 147 -19.00 12.37 -8.92
N GLY L 148 -19.76 13.25 -8.26
CA GLY L 148 -19.17 14.19 -7.29
C GLY L 148 -18.17 15.20 -7.84
N VAL L 149 -18.10 15.34 -9.17
CA VAL L 149 -17.29 16.41 -9.81
C VAL L 149 -18.17 17.20 -10.74
N LEU L 150 -17.75 18.42 -11.02
CA LEU L 150 -18.55 19.34 -11.83
C LEU L 150 -18.22 19.19 -13.30
N LYS L 151 -19.25 19.05 -14.15
CA LYS L 151 -19.08 19.03 -15.61
C LYS L 151 -19.66 20.29 -16.17
N GLY L 152 -19.21 20.64 -17.37
CA GLY L 152 -19.71 21.81 -18.06
C GLY L 152 -19.72 21.50 -19.52
N ASP L 153 -20.89 21.63 -20.14
CA ASP L 153 -21.00 21.43 -21.58
C ASP L 153 -21.45 22.70 -22.23
N VAL L 154 -20.98 22.94 -23.46
CA VAL L 154 -21.42 24.08 -24.24
C VAL L 154 -21.25 23.80 -25.74
N ASN L 155 -22.27 24.16 -26.53
CA ASN L 155 -22.13 24.22 -27.97
C ASN L 155 -21.58 25.55 -28.31
N MET L 156 -20.46 25.56 -29.00
CA MET L 156 -19.80 26.76 -29.35
C MET L 156 -19.87 26.86 -30.84
N ALA L 157 -19.73 28.08 -31.35
CA ALA L 157 -19.68 28.31 -32.78
C ALA L 157 -18.72 29.43 -33.05
N LEU L 158 -17.85 29.20 -34.02
CA LEU L 158 -16.97 30.24 -34.53
C LEU L 158 -17.62 30.85 -35.74
N SER L 159 -17.62 32.17 -35.79
CA SER L 159 -18.07 32.88 -36.96
C SER L 159 -16.97 32.80 -38.00
N LEU L 160 -17.33 32.60 -39.25
CA LEU L 160 -16.34 32.53 -40.33
C LEU L 160 -16.30 33.80 -41.18
N GLU L 161 -15.12 34.12 -41.73
CA GLU L 161 -14.93 35.29 -42.62
C GLU L 161 -15.96 35.37 -43.75
N GLY L 162 -16.26 34.29 -44.43
CA GLY L 162 -17.23 34.34 -45.52
C GLY L 162 -18.70 34.28 -45.11
N GLY L 163 -19.02 34.71 -43.89
CA GLY L 163 -20.31 34.41 -43.28
C GLY L 163 -20.40 32.92 -42.96
N GLY L 164 -21.44 32.53 -42.24
CA GLY L 164 -21.54 31.15 -41.81
C GLY L 164 -20.71 30.82 -40.56
N HIS L 165 -20.98 29.67 -39.99
CA HIS L 165 -20.48 29.35 -38.67
C HIS L 165 -19.84 27.96 -38.67
N TYR L 166 -18.96 27.74 -37.70
CA TYR L 166 -18.21 26.50 -37.57
C TYR L 166 -18.45 25.98 -36.15
N ARG L 167 -19.14 24.84 -36.05
CA ARG L 167 -19.65 24.32 -34.79
C ARG L 167 -18.59 23.50 -34.05
N CYS L 168 -18.55 23.65 -32.73
CA CYS L 168 -17.64 22.86 -31.85
C CYS L 168 -18.32 22.50 -30.55
N ASP L 169 -18.17 21.26 -30.08
CA ASP L 169 -18.80 20.84 -28.81
C ASP L 169 -17.76 20.72 -27.73
N PHE L 170 -18.02 21.38 -26.61
CA PHE L 170 -17.07 21.48 -25.50
C PHE L 170 -17.55 20.60 -24.39
N LYS L 171 -16.63 19.83 -23.81
CA LYS L 171 -16.94 18.98 -22.67
C LYS L 171 -15.87 19.13 -21.65
N THR L 172 -16.18 19.82 -20.56
CA THR L 172 -15.20 20.14 -19.54
C THR L 172 -15.51 19.41 -18.25
N THR L 173 -14.46 18.91 -17.59
CA THR L 173 -14.55 18.39 -16.24
C THR L 173 -13.75 19.31 -15.33
N TYR L 174 -14.37 19.82 -14.30
CA TYR L 174 -13.70 20.62 -13.30
C TYR L 174 -13.47 19.78 -12.06
N LYS L 175 -12.28 19.89 -11.49
CA LYS L 175 -11.92 19.12 -10.30
C LYS L 175 -11.26 20.01 -9.26
N ALA L 176 -11.95 20.23 -8.15
CA ALA L 176 -11.41 20.95 -7.02
C ALA L 176 -10.39 20.09 -6.27
N LYS L 177 -9.30 20.70 -5.81
CA LYS L 177 -8.22 19.99 -5.08
C LYS L 177 -8.52 19.83 -3.57
N LYS L 178 -9.71 20.24 -3.15
CA LYS L 178 -10.22 19.95 -1.80
C LYS L 178 -11.75 19.83 -1.87
N VAL L 179 -12.35 19.34 -0.79
CA VAL L 179 -13.79 19.15 -0.73
C VAL L 179 -14.48 20.53 -0.63
N VAL L 180 -15.42 20.76 -1.54
CA VAL L 180 -16.23 21.97 -1.55
C VAL L 180 -17.68 21.57 -1.78
N GLN L 181 -18.57 22.45 -1.36
CA GLN L 181 -19.99 22.30 -1.63
C GLN L 181 -20.28 22.28 -3.14
N LEU L 182 -21.07 21.32 -3.54
CA LEU L 182 -21.38 21.14 -4.95
C LEU L 182 -22.61 21.93 -5.32
N PRO L 183 -22.54 22.71 -6.41
CA PRO L 183 -23.70 23.48 -6.84
C PRO L 183 -24.76 22.65 -7.55
N ASP L 184 -25.94 23.23 -7.74
CA ASP L 184 -26.96 22.61 -8.54
C ASP L 184 -26.74 22.96 -10.00
N TYR L 185 -27.54 22.37 -10.88
CA TYR L 185 -27.53 22.71 -12.29
C TYR L 185 -27.67 24.21 -12.47
N HIS L 186 -26.79 24.81 -13.25
CA HIS L 186 -26.87 26.25 -13.51
C HIS L 186 -26.16 26.64 -14.82
N PHE L 187 -26.22 27.93 -15.17
CA PHE L 187 -25.65 28.44 -16.40
C PHE L 187 -24.54 29.43 -16.14
N VAL L 188 -23.66 29.61 -17.12
CA VAL L 188 -22.70 30.71 -17.14
C VAL L 188 -22.58 31.27 -18.56
N ASP L 189 -22.95 32.54 -18.74
CA ASP L 189 -22.86 33.21 -20.03
C ASP L 189 -21.43 33.72 -20.20
N HIS L 190 -20.87 33.52 -21.40
CA HIS L 190 -19.51 33.90 -21.70
C HIS L 190 -19.50 34.83 -22.90
N HIS L 191 -18.58 35.79 -22.91
CA HIS L 191 -18.26 36.56 -24.10
C HIS L 191 -16.75 36.69 -24.08
N ILE L 192 -16.11 36.29 -25.17
CA ILE L 192 -14.66 36.35 -25.29
C ILE L 192 -14.32 37.09 -26.58
N GLU L 193 -13.40 38.06 -26.50
CA GLU L 193 -13.01 38.87 -27.66
C GLU L 193 -11.49 39.04 -27.68
N ILE L 194 -10.89 38.91 -28.86
CA ILE L 194 -9.50 39.31 -29.07
C ILE L 194 -9.55 40.81 -29.33
N LYS L 195 -9.11 41.63 -28.37
CA LYS L 195 -9.17 43.10 -28.50
C LYS L 195 -8.04 43.64 -29.42
N SER L 196 -6.88 43.01 -29.46
CA SER L 196 -5.80 43.44 -30.37
C SER L 196 -4.80 42.33 -30.60
N HIS L 197 -4.24 42.30 -31.80
CA HIS L 197 -3.20 41.34 -32.15
C HIS L 197 -2.27 41.96 -33.18
N ASP L 198 -1.03 41.49 -33.23
CA ASP L 198 -0.16 41.82 -34.35
C ASP L 198 -0.47 40.90 -35.58
N LYS L 199 0.30 41.07 -36.66
CA LYS L 199 -0.08 40.50 -37.99
C LYS L 199 -0.18 38.97 -37.94
N ASP L 200 0.75 38.32 -37.24
CA ASP L 200 0.83 36.85 -37.19
C ASP L 200 0.45 36.29 -35.81
N TYR L 201 -0.19 37.12 -34.99
CA TYR L 201 -0.70 36.73 -33.68
C TYR L 201 0.36 36.33 -32.65
N SER L 202 1.62 36.75 -32.83
CA SER L 202 2.64 36.50 -31.81
C SER L 202 2.35 37.28 -30.54
N ASN L 203 1.60 38.37 -30.68
CA ASN L 203 1.13 39.14 -29.55
C ASN L 203 -0.36 39.31 -29.66
N VAL L 204 -1.07 39.00 -28.59
CA VAL L 204 -2.51 39.03 -28.59
C VAL L 204 -2.97 39.57 -27.24
N ASN L 205 -3.92 40.48 -27.28
CA ASN L 205 -4.60 40.91 -26.11
C ASN L 205 -6.00 40.34 -26.17
N LEU L 206 -6.42 39.76 -25.06
CA LEU L 206 -7.60 38.92 -24.99
C LEU L 206 -8.44 39.31 -23.79
N HIS L 207 -9.76 39.37 -23.98
CA HIS L 207 -10.69 39.86 -22.96
C HIS L 207 -11.91 38.92 -22.84
N GLU L 208 -12.33 38.59 -21.61
CA GLU L 208 -13.53 37.79 -21.37
C GLU L 208 -14.44 38.40 -20.29
N HIS L 209 -15.76 38.39 -20.53
CA HIS L 209 -16.76 38.62 -19.47
C HIS L 209 -17.43 37.30 -19.15
N ALA L 210 -17.92 37.12 -17.92
CA ALA L 210 -18.75 35.95 -17.60
C ALA L 210 -19.64 36.13 -16.37
N GLU L 211 -20.93 35.83 -16.51
CA GLU L 211 -21.90 35.86 -15.41
C GLU L 211 -22.58 34.51 -15.30
N ALA L 212 -22.88 34.09 -14.08
CA ALA L 212 -23.68 32.89 -13.84
C ALA L 212 -25.12 33.27 -13.52
N HIS L 213 -26.08 32.46 -13.95
CA HIS L 213 -27.47 32.60 -13.55
C HIS L 213 -28.09 31.22 -13.37
N SER L 214 -29.39 31.13 -13.15
CA SER L 214 -30.06 29.83 -13.05
C SER L 214 -31.51 29.89 -13.41
N GLU L 215 -32.22 28.77 -13.20
CA GLU L 215 -33.68 28.73 -13.09
C GLU L 215 -34.37 29.88 -13.79
CU CU M . 4.46 -13.27 -33.34
CU CU N . -1.31 -9.13 -17.14
CU CU O . 47.01 -17.19 15.78
CU CU P . 32.89 -17.04 24.06
CU CU Q . 43.07 2.21 -13.79
CU CU R . 48.35 18.62 -9.36
CU CU S . -22.62 -13.52 42.93
CU CU T . -9.13 -24.54 43.67
CU CU U . -19.72 8.71 16.12
CU CU V . -26.74 1.69 1.73
CU CU W . 7.42 38.03 21.93
CU CU X . 1.63 23.43 16.65
CU CU Y . 31.65 34.87 46.44
CU CU Z . 46.23 34.21 39.75
CU CU AA . -23.27 -13.65 -55.77
CU CU BA . -27.20 1.90 -61.76
CU CU CA . -18.77 -57.87 -0.09
CU CU DA . -32.33 -48.43 0.48
CU CU EA . 9.88 -38.67 -11.88
CU CU FA . 17.39 -29.76 1.86
CU CU GA . -47.78 29.11 -17.56
CU CU HA . -45.16 13.23 -12.12
CU CU IA . -14.93 44.32 -21.18
CU CU JA . -8.07 41.13 -36.07
#